data_9CU6
#
_entry.id   9CU6
#
_cell.length_a   1.00
_cell.length_b   1.00
_cell.length_c   1.00
_cell.angle_alpha   90.00
_cell.angle_beta   90.00
_cell.angle_gamma   90.00
#
_symmetry.space_group_name_H-M   'P 1'
#
loop_
_entity.id
_entity.type
_entity.pdbx_description
1 polymer 'JRFL NFL TD CC3+ gp140'
2 polymer '35O22 heavy chain Fv'
3 polymer 'LJF-034 heavy chain Fv'
4 polymer '35O22 light chain Fv'
5 polymer 'LJF-034 light chain Fv'
6 branched alpha-D-mannopyranose-(1-3)-[alpha-D-mannopyranose-(1-6)]beta-D-mannopyranose-(1-4)-2-acetamido-2-deoxy-beta-D-glucopyranose-(1-4)-2-acetamido-2-deoxy-beta-D-glucopyranose
7 branched 2-acetamido-2-deoxy-beta-D-glucopyranose-(1-4)-2-acetamido-2-deoxy-beta-D-glucopyranose
8 branched alpha-D-mannopyranose-(1-2)-alpha-D-mannopyranose-(1-3)-beta-D-mannopyranose-(1-4)-2-acetamido-2-deoxy-beta-D-glucopyranose-(1-4)-2-acetamido-2-deoxy-beta-D-glucopyranose
9 branched 2-acetamido-2-deoxy-beta-D-glucopyranose-(1-4)-[alpha-L-fucopyranose-(1-6)]2-acetamido-2-deoxy-beta-D-glucopyranose
10 branched alpha-D-mannopyranose-(1-3)-beta-D-mannopyranose-(1-4)-2-acetamido-2-deoxy-beta-D-glucopyranose-(1-4)-2-acetamido-2-deoxy-beta-D-glucopyranose
11 non-polymer 2-acetamido-2-deoxy-beta-D-glucopyranose
#
loop_
_entity_poly.entity_id
_entity_poly.type
_entity_poly.pdbx_seq_one_letter_code
_entity_poly.pdbx_strand_id
1 'polypeptide(L)'
;VEKLWVTVYYGVPVWKDAETTLFCASDAKAYDTEKHNVWATHACVPTDPNPQEVVLENVTEHFNMWKNNMVEQMQTDIIS
LWDQSLKPCVKLTPLCVTLNCKDVNATNTTNDSEGTMERGEIKNCSFNITTELRDKVQKVYALFYKLDVVPIDNNNTSYR
LISCDTSVITQACPKISFEPIPIHYCAPAGFAILKCNDKTFNGKGPCKNVSTVQCTHGIRPVVSTQLLLNGSLAEEEVVI
RSDNFTNNAKTIIVQLKESVEINCTRPNNYTRKSIRIGPGRAFYTMGEIIGDIRQAHCNISRAKWNDTLKQIVIKLREQF
ENKTIVFNHSSGGDPEIVMHSFNCGGEFFYCNSTQLFNSTWNNNTEGSNNTEGNTITLPCRIKQIINMWQRVGQAMYAPP
IRGQIRCSSNITGLLLTRDGGINENGTEIFRPGGGDMRDNWRSELYKYKVVKIEPLGVAPTRCKRRVVQGGGGSGGGGSA
VGIGAVRRGFLGAAGSTMGAASMTLTVQARNLLSGIVQPQSNLLRAPEAQQRMLQLGVWGIKQLQARVLAVERYLRDQQL
LGIWGCSGKLICTTAVPWNASWSNKSLDRIWNNMTWMEWEREIDNYTSEIYTLIEESQNQQEKNEQELLCLDGGGGSHHH
HHHHHGSGC
;
A,B,C
2 'polypeptide(L)'
;QGQLVQSGAELKKPGASVKISCKTSGYRFNFYHINWIRQTAGRGPEWMGWISPYSGDKNLAPAFQDRVIMTTDTEVPVTS
FTSTGAAYMEIRNLKFDDTGTYFCAKGLLRDGSSTWLPYLWGQGTLLTVSS
;
D,F,J
3 'polypeptide(L)'
;QVQLQESGPGLVRPSETLSLACGVSYGSVDHYYWSWVRQPPGKGLEWIGYIDGYDGATNYSPSLKNRVTITIDTPNQFSL
KMTSVSAADTAVYFCGRWNLYDDDHAYKSLAVWGRGILVVVSS
;
H,I
4 'polypeptide(L)'
;QSVLTQSASVSGSLGQSVTISCTGPNSVCCSHKSISWYQWPPGRAPTLIIYEDNERAPGISPRFSGYKSYWSAYLTISDL
RPEDETTYYCCSYTHNSGCVFGTGTKVSVLGQSK
;
E,G,K
5 'polypeptide(L)'
;DIQMTQSPSSLSASVGDTVTITCRARHGVGENLNWYQQKPGKAPKVLIYMASSRQSGIPSRFRGGGSGTEFTLTISSLQP
EDFGTYHCQQSYSYPWTFGQGTKVEIK
;
L,M
#
# COMPACT_ATOMS: atom_id res chain seq x y z
N GLU A 2 52.21 2.34 1.63
CA GLU A 2 51.88 2.88 0.32
C GLU A 2 50.65 2.21 -0.31
N LYS A 3 50.13 1.18 0.35
CA LYS A 3 48.94 0.48 -0.11
C LYS A 3 47.69 1.16 0.42
N LEU A 4 46.76 1.48 -0.47
CA LEU A 4 45.49 2.10 -0.14
C LEU A 4 44.37 1.08 -0.29
N TRP A 5 43.37 1.21 0.57
CA TRP A 5 42.25 0.26 0.64
C TRP A 5 40.94 1.02 0.52
N VAL A 6 39.93 0.33 0.01
CA VAL A 6 38.60 0.90 -0.17
C VAL A 6 37.93 1.00 1.20
N THR A 7 37.39 2.17 1.52
CA THR A 7 36.60 2.36 2.73
C THR A 7 35.26 3.00 2.36
N VAL A 8 34.21 2.50 3.00
CA VAL A 8 32.83 2.89 2.75
C VAL A 8 32.41 3.92 3.79
N TYR A 9 31.76 4.98 3.32
CA TYR A 9 31.20 6.03 4.15
C TYR A 9 29.70 6.07 3.96
N TYR A 10 28.98 6.32 5.05
CA TYR A 10 27.53 6.46 5.08
C TYR A 10 27.22 7.82 5.67
N GLY A 11 26.39 8.58 4.97
CA GLY A 11 26.06 9.94 5.37
C GLY A 11 26.78 10.99 4.55
N VAL A 12 27.20 10.65 3.35
CA VAL A 12 27.99 11.54 2.50
C VAL A 12 27.12 12.71 2.05
N PRO A 13 27.54 13.98 2.24
CA PRO A 13 26.67 15.10 1.82
C PRO A 13 26.72 15.30 0.31
N VAL A 14 26.21 14.31 -0.41
CA VAL A 14 26.18 14.31 -1.87
C VAL A 14 24.74 14.21 -2.30
N TRP A 15 24.34 15.05 -3.25
CA TRP A 15 23.00 15.03 -3.81
C TRP A 15 23.06 15.07 -5.32
N LYS A 16 22.01 14.56 -5.96
CA LYS A 16 21.87 14.61 -7.40
C LYS A 16 20.52 15.19 -7.74
N ASP A 17 20.41 15.76 -8.94
CA ASP A 17 19.13 16.30 -9.38
C ASP A 17 18.13 15.17 -9.47
N ALA A 18 16.89 15.44 -9.07
CA ALA A 18 15.88 14.40 -9.10
C ALA A 18 14.49 15.02 -9.21
N GLU A 19 13.55 14.19 -9.62
CA GLU A 19 12.13 14.55 -9.67
C GLU A 19 11.41 13.58 -8.74
N THR A 20 10.76 14.12 -7.70
CA THR A 20 10.08 13.30 -6.70
C THR A 20 8.71 13.88 -6.40
N THR A 21 7.91 13.07 -5.72
CA THR A 21 6.64 13.51 -5.16
C THR A 21 6.90 14.26 -3.87
N LEU A 22 6.36 15.46 -3.76
CA LEU A 22 6.47 16.29 -2.56
C LEU A 22 5.16 16.24 -1.82
N PHE A 23 5.20 16.43 -0.50
CA PHE A 23 3.98 16.43 0.30
C PHE A 23 3.75 17.84 0.85
N CYS A 24 2.51 18.11 1.22
CA CYS A 24 2.16 19.43 1.69
C CYS A 24 2.24 19.54 3.20
N ALA A 25 2.45 20.77 3.65
CA ALA A 25 2.39 21.14 5.05
C ALA A 25 1.70 22.50 5.13
N SER A 26 1.11 22.79 6.28
CA SER A 26 0.41 24.05 6.47
C SER A 26 0.52 24.46 7.93
N ASP A 27 0.17 25.72 8.19
CA ASP A 27 0.17 26.27 9.54
C ASP A 27 -1.16 25.92 10.19
N ALA A 28 -1.13 24.98 11.13
CA ALA A 28 -2.37 24.48 11.74
C ALA A 28 -3.11 25.55 12.53
N LYS A 29 -2.44 26.66 12.88
CA LYS A 29 -3.03 27.74 13.64
C LYS A 29 -3.30 28.99 12.80
N ALA A 30 -3.19 28.89 11.47
CA ALA A 30 -3.41 30.01 10.55
C ALA A 30 -4.71 30.76 10.83
N THR A 33 -7.84 28.50 8.77
CA THR A 33 -7.97 27.09 9.16
C THR A 33 -9.41 26.63 9.00
N GLU A 34 -10.08 27.13 7.96
CA GLU A 34 -11.46 26.78 7.68
C GLU A 34 -11.51 25.50 6.85
N LYS A 35 -12.57 24.71 7.05
CA LYS A 35 -12.79 23.51 6.28
C LYS A 35 -13.64 23.83 5.06
N HIS A 36 -13.66 22.91 4.10
CA HIS A 36 -14.31 23.13 2.81
C HIS A 36 -13.62 24.22 2.02
N ASN A 37 -12.33 24.39 2.25
CA ASN A 37 -11.50 25.27 1.44
C ASN A 37 -11.05 24.46 0.23
N VAL A 38 -11.07 25.09 -0.94
CA VAL A 38 -10.75 24.37 -2.17
C VAL A 38 -9.35 23.78 -2.14
N TRP A 39 -8.44 24.35 -1.33
CA TRP A 39 -7.06 23.88 -1.31
C TRP A 39 -6.85 22.71 -0.36
N ALA A 40 -7.88 22.34 0.43
CA ALA A 40 -7.83 21.20 1.34
C ALA A 40 -6.58 21.22 2.23
N THR A 41 -6.26 22.40 2.77
CA THR A 41 -5.06 22.53 3.60
C THR A 41 -5.23 21.87 4.97
N HIS A 42 -6.44 21.49 5.35
CA HIS A 42 -6.63 20.80 6.62
C HIS A 42 -6.06 19.38 6.60
N ALA A 43 -5.83 18.81 5.41
CA ALA A 43 -5.28 17.47 5.29
C ALA A 43 -3.77 17.45 5.28
N CYS A 44 -3.11 18.59 5.39
CA CYS A 44 -1.66 18.68 5.34
C CYS A 44 -1.05 18.47 6.73
N VAL A 45 0.20 18.05 6.75
CA VAL A 45 0.91 17.84 8.02
C VAL A 45 1.24 19.19 8.65
N PRO A 46 0.96 19.41 9.94
CA PRO A 46 1.31 20.70 10.56
C PRO A 46 2.80 20.97 10.44
N THR A 47 3.13 22.24 10.16
CA THR A 47 4.53 22.65 10.07
C THR A 47 5.16 22.76 11.44
N ASP A 48 6.48 22.70 11.46
CA ASP A 48 7.24 22.90 12.69
C ASP A 48 7.39 24.41 12.95
N PRO A 49 7.21 24.88 14.19
CA PRO A 49 7.57 26.29 14.46
C PRO A 49 9.02 26.62 14.18
N ASN A 50 9.91 25.64 14.18
CA ASN A 50 11.33 25.88 13.92
C ASN A 50 11.62 25.43 12.49
N PRO A 51 11.84 26.34 11.54
CA PRO A 51 12.04 25.91 10.14
C PRO A 51 13.41 25.33 9.84
N GLN A 52 14.30 25.18 10.83
CA GLN A 52 15.67 24.73 10.58
C GLN A 52 16.38 25.77 9.70
N GLU A 53 16.60 25.49 8.41
CA GLU A 53 17.32 26.39 7.49
C GLU A 53 18.81 26.38 7.81
N VAL A 54 19.57 25.54 7.08
CA VAL A 54 21.00 25.39 7.27
C VAL A 54 21.69 26.01 6.07
N VAL A 55 22.52 27.01 6.33
CA VAL A 55 23.28 27.67 5.26
C VAL A 55 24.43 26.75 4.88
N LEU A 56 24.60 26.53 3.57
CA LEU A 56 25.63 25.62 3.06
C LEU A 56 26.85 26.45 2.65
N GLU A 57 27.88 26.41 3.49
CA GLU A 57 29.09 27.14 3.18
C GLU A 57 29.82 26.45 2.03
N ASN A 58 30.43 27.25 1.16
CA ASN A 58 31.24 26.79 0.03
C ASN A 58 30.46 26.03 -1.03
N VAL A 59 29.14 25.99 -0.96
CA VAL A 59 28.32 25.30 -1.95
C VAL A 59 27.78 26.31 -2.96
N THR A 60 28.13 26.11 -4.22
CA THR A 60 27.58 26.84 -5.35
C THR A 60 26.78 25.82 -6.14
N GLU A 61 25.53 26.15 -6.47
CA GLU A 61 24.65 25.20 -7.12
C GLU A 61 23.98 25.83 -8.33
N HIS A 62 23.62 25.01 -9.30
CA HIS A 62 23.03 25.47 -10.55
C HIS A 62 21.52 25.32 -10.46
N PHE A 63 20.82 26.45 -10.48
CA PHE A 63 19.37 26.48 -10.43
C PHE A 63 18.83 26.82 -11.82
N ASN A 64 17.73 26.17 -12.22
CA ASN A 64 17.10 26.43 -13.51
C ASN A 64 15.59 26.40 -13.30
N MET A 65 14.98 27.58 -13.23
CA MET A 65 13.54 27.68 -12.94
C MET A 65 12.67 27.12 -14.06
N TRP A 66 13.17 27.07 -15.29
CA TRP A 66 12.32 26.72 -16.42
C TRP A 66 12.17 25.22 -16.63
N LYS A 67 12.94 24.41 -15.90
CA LYS A 67 12.84 22.96 -15.98
C LYS A 67 12.62 22.37 -14.59
N ASN A 68 12.11 23.18 -13.66
CA ASN A 68 11.93 22.79 -12.27
C ASN A 68 10.66 21.96 -12.16
N ASN A 69 10.81 20.68 -11.83
CA ASN A 69 9.66 19.79 -11.73
C ASN A 69 8.67 20.23 -10.67
N MET A 70 9.09 21.05 -9.70
CA MET A 70 8.18 21.47 -8.65
C MET A 70 7.03 22.28 -9.20
N VAL A 71 7.24 22.97 -10.32
CA VAL A 71 6.20 23.81 -10.89
C VAL A 71 5.14 22.94 -11.56
N GLU A 72 5.59 21.94 -12.34
CA GLU A 72 4.63 21.03 -12.97
C GLU A 72 3.86 20.26 -11.90
N GLN A 73 4.56 19.86 -10.84
CA GLN A 73 3.91 19.13 -9.77
C GLN A 73 2.87 20.01 -9.06
N MET A 74 3.21 21.28 -8.84
CA MET A 74 2.24 22.18 -8.22
C MET A 74 1.03 22.37 -9.12
N GLN A 75 1.23 22.55 -10.43
CA GLN A 75 0.07 22.71 -11.31
C GLN A 75 -0.80 21.48 -11.28
N THR A 76 -0.20 20.29 -11.27
CA THR A 76 -0.98 19.07 -11.20
C THR A 76 -1.78 19.02 -9.92
N ASP A 77 -1.16 19.38 -8.80
CA ASP A 77 -1.87 19.35 -7.52
C ASP A 77 -3.00 20.37 -7.49
N ILE A 78 -2.78 21.57 -8.04
CA ILE A 78 -3.81 22.60 -8.03
C ILE A 78 -5.01 22.16 -8.85
N ILE A 79 -4.76 21.59 -10.04
CA ILE A 79 -5.87 21.14 -10.88
C ILE A 79 -6.60 19.99 -10.20
N SER A 80 -5.85 19.04 -9.62
CA SER A 80 -6.49 17.92 -8.95
C SER A 80 -7.33 18.39 -7.77
N LEU A 81 -6.85 19.39 -7.03
CA LEU A 81 -7.63 19.91 -5.92
C LEU A 81 -8.91 20.58 -6.39
N TRP A 82 -8.84 21.35 -7.48
CA TRP A 82 -10.07 21.94 -8.00
C TRP A 82 -11.05 20.87 -8.44
N ASP A 83 -10.57 19.83 -9.12
CA ASP A 83 -11.50 18.81 -9.57
C ASP A 83 -12.09 18.04 -8.40
N GLN A 84 -11.27 17.76 -7.38
CA GLN A 84 -11.77 17.10 -6.18
C GLN A 84 -12.84 17.95 -5.49
N SER A 85 -12.59 19.24 -5.36
CA SER A 85 -13.53 20.12 -4.67
C SER A 85 -14.83 20.26 -5.44
N LEU A 86 -14.75 20.38 -6.77
CA LEU A 86 -15.94 20.62 -7.57
C LEU A 86 -16.75 19.36 -7.84
N LYS A 87 -16.10 18.18 -7.84
CA LYS A 87 -16.76 16.90 -8.10
C LYS A 87 -18.06 16.72 -7.32
N PRO A 88 -18.08 16.80 -5.98
CA PRO A 88 -19.35 16.62 -5.25
C PRO A 88 -20.21 17.89 -5.24
N CYS A 89 -20.61 18.36 -6.42
CA CYS A 89 -21.41 19.56 -6.53
C CYS A 89 -22.45 19.39 -7.63
N VAL A 90 -23.35 20.37 -7.72
CA VAL A 90 -24.49 20.32 -8.63
C VAL A 90 -24.02 20.55 -10.06
N LYS A 91 -24.42 19.66 -10.96
CA LYS A 91 -24.21 19.84 -12.38
C LYS A 91 -25.37 20.67 -12.91
N LEU A 92 -25.07 21.56 -13.86
CA LEU A 92 -26.08 22.45 -14.44
C LEU A 92 -26.54 22.00 -15.82
N THR A 93 -26.32 20.74 -16.18
CA THR A 93 -26.82 20.20 -17.45
C THR A 93 -28.27 20.55 -17.72
N PRO A 94 -29.22 20.40 -16.80
CA PRO A 94 -30.62 20.78 -17.11
C PRO A 94 -30.78 22.25 -17.43
N LEU A 95 -29.81 23.10 -17.06
CA LEU A 95 -29.92 24.53 -17.26
C LEU A 95 -29.57 25.01 -18.66
N CYS A 96 -29.06 24.15 -19.53
CA CYS A 96 -28.77 24.54 -20.90
C CYS A 96 -30.07 24.57 -21.68
N VAL A 97 -30.78 25.69 -21.55
CA VAL A 97 -32.05 25.92 -22.21
C VAL A 97 -31.99 27.26 -22.93
N THR A 98 -32.96 27.49 -23.81
CA THR A 98 -33.04 28.76 -24.52
C THR A 98 -33.46 29.85 -23.54
N LEU A 99 -32.71 30.94 -23.54
CA LEU A 99 -32.94 32.06 -22.63
C LEU A 99 -33.61 33.20 -23.38
N ASN A 100 -34.67 33.75 -22.80
CA ASN A 100 -35.34 34.94 -23.34
C ASN A 100 -34.86 36.12 -22.51
N CYS A 101 -33.93 36.90 -23.05
CA CYS A 101 -33.21 37.92 -22.28
C CYS A 101 -33.55 39.32 -22.76
N LYS A 102 -33.75 40.21 -21.80
CA LYS A 102 -33.92 41.63 -22.06
C LYS A 102 -32.90 42.40 -21.23
N ASP A 103 -32.46 43.53 -21.75
CA ASP A 103 -31.47 44.33 -21.04
C ASP A 103 -32.09 44.91 -19.77
N VAL A 104 -31.27 44.98 -18.72
CA VAL A 104 -31.66 45.65 -17.47
C VAL A 104 -31.29 47.12 -17.61
N ASN A 105 -32.26 47.99 -17.41
CA ASN A 105 -32.05 49.43 -17.53
C ASN A 105 -31.55 50.02 -16.22
N ALA A 106 -30.66 51.00 -16.32
CA ALA A 106 -30.10 51.67 -15.16
C ALA A 106 -30.75 53.04 -14.97
N THR A 116 -20.09 55.39 -12.14
CA THR A 116 -20.11 54.90 -13.52
C THR A 116 -21.18 53.82 -13.66
N MET A 117 -22.28 54.18 -14.31
CA MET A 117 -23.39 53.25 -14.49
C MET A 117 -23.09 52.28 -15.64
N GLU A 118 -23.64 51.08 -15.53
CA GLU A 118 -23.54 50.09 -16.58
C GLU A 118 -24.58 50.34 -17.66
N ARG A 119 -24.23 50.01 -18.90
CA ARG A 119 -25.11 50.15 -20.06
C ARG A 119 -25.32 48.80 -20.71
N GLY A 120 -26.36 48.08 -20.27
CA GLY A 120 -26.66 46.78 -20.84
C GLY A 120 -25.73 45.65 -20.42
N GLU A 121 -25.10 45.76 -19.25
CA GLU A 121 -24.15 44.74 -18.82
C GLU A 121 -24.86 43.54 -18.18
N ILE A 122 -26.01 43.77 -17.56
CA ILE A 122 -26.75 42.74 -16.83
C ILE A 122 -28.05 42.51 -17.59
N LYS A 123 -28.32 41.24 -17.90
CA LYS A 123 -29.51 40.85 -18.66
C LYS A 123 -30.45 40.06 -17.77
N ASN A 124 -31.75 40.34 -17.93
CA ASN A 124 -32.84 39.69 -17.21
C ASN A 124 -33.37 38.61 -18.15
N CYS A 125 -33.00 37.36 -17.88
CA CYS A 125 -33.29 36.23 -18.75
C CYS A 125 -34.34 35.33 -18.10
N SER A 126 -35.42 35.07 -18.84
CA SER A 126 -36.47 34.15 -18.42
C SER A 126 -36.45 32.92 -19.31
N PHE A 127 -36.55 31.76 -18.67
CA PHE A 127 -36.45 30.48 -19.36
C PHE A 127 -37.26 29.46 -18.58
N ASN A 128 -37.60 28.36 -19.24
CA ASN A 128 -38.42 27.30 -18.64
C ASN A 128 -37.57 26.07 -18.39
N ILE A 129 -37.62 25.54 -17.16
CA ILE A 129 -36.75 24.45 -16.74
C ILE A 129 -37.60 23.19 -16.61
N THR A 130 -37.14 22.13 -17.28
CA THR A 130 -37.69 20.78 -17.19
C THR A 130 -37.02 20.08 -16.01
N THR A 131 -37.80 19.60 -15.03
CA THR A 131 -37.26 19.04 -13.80
C THR A 131 -37.64 17.57 -13.69
N GLU A 132 -36.66 16.75 -13.28
CA GLU A 132 -36.87 15.32 -13.12
C GLU A 132 -37.87 15.00 -12.01
N LEU A 133 -37.81 15.77 -10.90
CA LEU A 133 -38.53 15.39 -9.68
C LEU A 133 -40.03 15.29 -9.92
N ARG A 134 -40.58 16.15 -10.76
CA ARG A 134 -41.99 16.09 -11.14
C ARG A 134 -42.07 16.49 -12.60
N ASP A 135 -42.97 15.85 -13.36
CA ASP A 135 -43.11 16.30 -14.73
C ASP A 135 -43.63 17.72 -14.60
N LYS A 136 -42.73 18.68 -14.77
CA LYS A 136 -43.01 20.06 -14.46
C LYS A 136 -42.08 20.93 -15.26
N VAL A 137 -42.63 21.85 -16.05
CA VAL A 137 -41.86 22.88 -16.71
C VAL A 137 -42.22 24.16 -15.99
N GLN A 138 -41.23 24.79 -15.34
CA GLN A 138 -41.43 26.05 -14.65
C GLN A 138 -40.72 27.20 -15.35
N LYS A 139 -41.47 28.27 -15.62
CA LYS A 139 -40.95 29.51 -16.18
C LYS A 139 -40.30 30.32 -15.07
N VAL A 140 -38.98 30.23 -14.96
CA VAL A 140 -38.19 30.96 -13.99
C VAL A 140 -37.46 32.09 -14.71
N TYR A 141 -36.88 33.00 -13.91
CA TYR A 141 -36.04 34.06 -14.45
C TYR A 141 -34.85 34.26 -13.54
N ALA A 142 -33.80 34.81 -14.13
CA ALA A 142 -32.55 35.05 -13.41
C ALA A 142 -31.79 36.16 -14.14
N LEU A 143 -30.86 36.78 -13.42
CA LEU A 143 -29.98 37.78 -14.01
C LEU A 143 -28.65 37.14 -14.37
N PHE A 144 -28.10 37.55 -15.52
CA PHE A 144 -26.80 37.08 -15.97
C PHE A 144 -25.97 38.26 -16.45
N TYR A 145 -24.66 38.08 -16.45
CA TYR A 145 -23.76 39.08 -17.00
C TYR A 145 -23.64 38.87 -18.50
N LYS A 146 -23.35 39.96 -19.22
CA LYS A 146 -23.22 39.90 -20.68
C LYS A 146 -22.25 38.81 -21.12
N LEU A 147 -21.15 38.63 -20.38
CA LEU A 147 -20.15 37.65 -20.77
C LEU A 147 -20.58 36.21 -20.51
N ASP A 148 -21.69 35.99 -19.79
CA ASP A 148 -22.16 34.66 -19.46
C ASP A 148 -23.12 34.08 -20.49
N VAL A 149 -23.65 34.91 -21.40
CA VAL A 149 -24.72 34.52 -22.31
C VAL A 149 -24.28 34.81 -23.74
N VAL A 150 -24.43 33.83 -24.60
CA VAL A 150 -24.04 33.91 -26.01
C VAL A 150 -25.32 34.03 -26.84
N PRO A 151 -25.46 35.07 -27.68
CA PRO A 151 -26.69 35.18 -28.48
C PRO A 151 -26.79 34.10 -29.53
N ILE A 152 -28.02 33.68 -29.80
CA ILE A 152 -28.34 32.72 -30.84
C ILE A 152 -29.52 33.28 -31.66
N ASP A 153 -29.77 32.65 -32.80
CA ASP A 153 -30.87 33.03 -33.69
C ASP A 153 -30.76 34.49 -34.11
N ASN A 154 -29.54 34.88 -34.50
CA ASN A 154 -29.25 36.20 -35.05
C ASN A 154 -29.67 37.32 -34.10
N ASN A 155 -30.68 38.13 -34.47
CA ASN A 155 -31.09 39.27 -33.67
C ASN A 155 -32.25 38.94 -32.74
N ASN A 156 -32.62 37.67 -32.61
CA ASN A 156 -33.66 37.29 -31.67
C ASN A 156 -33.12 37.40 -30.24
N THR A 157 -34.06 37.49 -29.30
CA THR A 157 -33.71 37.55 -27.88
C THR A 157 -33.24 36.22 -27.32
N SER A 158 -33.19 35.16 -28.12
CA SER A 158 -32.69 33.87 -27.65
C SER A 158 -31.19 33.92 -27.36
N TYR A 159 -30.80 33.38 -26.21
CA TYR A 159 -29.41 33.24 -25.80
C TYR A 159 -29.22 31.86 -25.18
N ARG A 160 -27.96 31.46 -25.03
CA ARG A 160 -27.62 30.26 -24.26
C ARG A 160 -26.53 30.64 -23.27
N LEU A 161 -26.33 29.80 -22.27
CA LEU A 161 -25.23 30.04 -21.35
C LEU A 161 -23.92 29.80 -22.08
N ILE A 162 -22.94 30.64 -21.80
CA ILE A 162 -21.64 30.54 -22.48
C ILE A 162 -20.97 29.22 -22.16
N SER A 163 -20.32 28.64 -23.17
CA SER A 163 -19.55 27.41 -23.10
C SER A 163 -20.41 26.17 -22.85
N CYS A 164 -21.74 26.30 -22.85
CA CYS A 164 -22.57 25.10 -22.71
C CYS A 164 -22.31 24.11 -23.84
N ASP A 165 -22.15 24.61 -25.07
CA ASP A 165 -22.01 23.70 -26.20
C ASP A 165 -20.68 22.97 -26.20
N THR A 166 -19.67 23.48 -25.49
CA THR A 166 -18.35 22.87 -25.50
C THR A 166 -17.96 22.17 -24.21
N SER A 167 -18.66 22.43 -23.10
CA SER A 167 -18.29 21.89 -21.80
C SER A 167 -19.53 21.52 -21.01
N VAL A 168 -19.32 20.77 -19.93
CA VAL A 168 -20.36 20.48 -18.96
C VAL A 168 -20.13 21.44 -17.80
N ILE A 169 -21.09 22.31 -17.55
CA ILE A 169 -20.92 23.34 -16.54
C ILE A 169 -21.24 22.72 -15.19
N THR A 170 -20.31 22.86 -14.25
CA THR A 170 -20.46 22.35 -12.90
C THR A 170 -20.63 23.55 -11.98
N GLN A 171 -21.66 23.54 -11.16
CA GLN A 171 -21.87 24.64 -10.22
C GLN A 171 -20.92 24.45 -9.05
N ALA A 172 -20.22 25.51 -8.68
CA ALA A 172 -19.38 25.42 -7.49
C ALA A 172 -20.29 25.38 -6.27
N CYS A 173 -19.96 24.50 -5.33
CA CYS A 173 -20.74 24.45 -4.10
C CYS A 173 -20.57 25.77 -3.35
N PRO A 174 -21.66 26.46 -3.00
CA PRO A 174 -21.50 27.74 -2.26
C PRO A 174 -20.68 27.62 -0.99
N LYS A 175 -20.67 26.46 -0.33
CA LYS A 175 -19.87 26.35 0.89
C LYS A 175 -18.38 26.35 0.62
N ILE A 176 -17.96 26.18 -0.63
CA ILE A 176 -16.54 26.13 -0.95
C ILE A 176 -15.98 27.53 -0.99
N SER A 177 -14.91 27.76 -0.23
CA SER A 177 -14.19 29.03 -0.21
C SER A 177 -12.98 28.93 -1.12
N PHE A 178 -12.68 30.03 -1.81
CA PHE A 178 -11.52 30.11 -2.71
C PHE A 178 -10.37 30.90 -2.11
N GLU A 179 -10.45 31.29 -0.84
CA GLU A 179 -9.41 32.09 -0.21
C GLU A 179 -8.08 31.35 -0.29
N PRO A 180 -7.02 31.96 -0.84
CA PRO A 180 -5.73 31.27 -0.86
C PRO A 180 -5.17 31.14 0.55
N ILE A 181 -4.66 29.95 0.85
CA ILE A 181 -4.01 29.64 2.11
C ILE A 181 -2.59 29.21 1.75
N PRO A 182 -1.54 29.77 2.38
CA PRO A 182 -0.18 29.36 2.00
C PRO A 182 0.00 27.85 2.12
N ILE A 183 0.63 27.27 1.09
CA ILE A 183 0.89 25.84 1.02
C ILE A 183 2.40 25.69 1.05
N HIS A 184 2.88 24.83 1.95
CA HIS A 184 4.31 24.55 2.07
C HIS A 184 4.56 23.21 1.38
N TYR A 185 5.57 23.16 0.53
CA TYR A 185 5.99 21.92 -0.10
C TYR A 185 7.19 21.38 0.64
N CYS A 186 7.14 20.09 0.97
CA CYS A 186 8.16 19.43 1.76
C CYS A 186 8.63 18.19 1.00
N ALA A 187 9.94 17.99 1.00
CA ALA A 187 10.50 16.82 0.36
C ALA A 187 10.25 15.58 1.20
N PRO A 188 10.08 14.40 0.58
CA PRO A 188 10.06 13.17 1.36
C PRO A 188 11.38 12.96 2.06
N ALA A 189 11.35 12.22 3.15
CA ALA A 189 12.58 11.89 3.84
C ALA A 189 13.52 11.17 2.89
N GLY A 190 14.79 11.55 2.92
CA GLY A 190 15.78 11.05 1.99
C GLY A 190 16.08 12.02 0.85
N PHE A 191 15.29 13.08 0.74
CA PHE A 191 15.43 14.15 -0.25
C PHE A 191 15.53 15.46 0.50
N ALA A 192 15.94 16.51 -0.20
CA ALA A 192 16.07 17.82 0.43
C ALA A 192 15.76 18.89 -0.61
N ILE A 193 15.41 20.08 -0.12
CA ILE A 193 15.14 21.23 -0.99
C ILE A 193 16.23 22.25 -0.77
N LEU A 194 16.87 22.67 -1.84
CA LEU A 194 17.89 23.70 -1.79
C LEU A 194 17.24 25.02 -2.15
N LYS A 195 17.56 26.06 -1.39
CA LYS A 195 17.01 27.40 -1.58
C LYS A 195 18.15 28.34 -1.95
N CYS A 196 17.93 29.12 -3.01
CA CYS A 196 18.89 30.12 -3.45
C CYS A 196 18.57 31.44 -2.77
N ASN A 197 19.53 31.98 -2.02
CA ASN A 197 19.36 33.21 -1.26
C ASN A 197 20.06 34.40 -1.91
N ASP A 198 20.49 34.29 -3.17
CA ASP A 198 21.13 35.40 -3.83
C ASP A 198 20.11 36.51 -4.06
N LYS A 199 20.46 37.73 -3.65
CA LYS A 199 19.52 38.84 -3.68
C LYS A 199 19.06 39.20 -5.09
N THR A 200 19.94 39.05 -6.08
CA THR A 200 19.60 39.44 -7.47
C THR A 200 19.59 38.23 -8.39
N PHE A 201 19.35 37.04 -7.84
CA PHE A 201 19.30 35.81 -8.63
C PHE A 201 18.31 35.95 -9.79
N ASN A 202 18.77 35.64 -11.00
CA ASN A 202 17.99 35.84 -12.22
C ASN A 202 17.20 34.62 -12.66
N GLY A 203 17.12 33.57 -11.84
CA GLY A 203 16.31 32.40 -12.16
C GLY A 203 17.03 31.28 -12.88
N LYS A 204 18.26 31.52 -13.35
CA LYS A 204 19.03 30.51 -14.07
C LYS A 204 20.49 30.66 -13.72
N GLY A 205 21.23 29.56 -13.76
CA GLY A 205 22.65 29.60 -13.51
C GLY A 205 23.07 29.41 -12.07
N PRO A 206 24.37 29.57 -11.81
CA PRO A 206 24.89 29.33 -10.46
C PRO A 206 24.30 30.28 -9.42
N CYS A 207 24.22 29.77 -8.20
CA CYS A 207 23.80 30.48 -7.01
C CYS A 207 24.85 30.22 -5.95
N LYS A 208 25.30 31.28 -5.28
CA LYS A 208 26.39 31.20 -4.30
C LYS A 208 25.91 30.92 -2.87
N ASN A 209 24.83 31.58 -2.45
CA ASN A 209 24.30 31.42 -1.09
C ASN A 209 23.15 30.42 -1.19
N VAL A 210 23.44 29.17 -0.87
CA VAL A 210 22.51 28.04 -1.00
C VAL A 210 22.30 27.47 0.39
N SER A 211 21.05 27.33 0.78
CA SER A 211 20.67 26.74 2.06
C SER A 211 19.82 25.50 1.83
N THR A 212 19.84 24.59 2.81
CA THR A 212 19.06 23.36 2.75
C THR A 212 17.87 23.45 3.70
N VAL A 213 16.69 23.17 3.17
CA VAL A 213 15.46 23.13 3.95
C VAL A 213 14.76 21.81 3.68
N GLN A 214 13.89 21.45 4.61
CA GLN A 214 12.99 20.32 4.41
C GLN A 214 11.70 20.77 3.75
N CYS A 215 11.24 21.97 4.10
CA CYS A 215 10.01 22.54 3.58
C CYS A 215 10.27 23.95 3.05
N THR A 216 9.55 24.32 2.01
CA THR A 216 9.63 25.66 1.46
C THR A 216 8.81 26.63 2.30
N HIS A 217 8.96 27.93 2.02
CA HIS A 217 8.10 28.90 2.66
C HIS A 217 6.69 28.72 2.11
N GLY A 218 5.72 29.39 2.73
CA GLY A 218 4.36 29.24 2.28
C GLY A 218 4.16 29.96 0.96
N ILE A 219 3.46 29.30 0.05
CA ILE A 219 3.14 29.86 -1.27
C ILE A 219 1.63 29.99 -1.34
N ARG A 220 1.17 31.20 -1.63
CA ARG A 220 -0.26 31.42 -1.75
C ARG A 220 -0.70 30.98 -3.14
N PRO A 221 -1.62 30.00 -3.27
CA PRO A 221 -1.99 29.56 -4.63
C PRO A 221 -2.96 30.54 -5.28
N VAL A 222 -2.47 31.75 -5.55
CA VAL A 222 -3.29 32.79 -6.15
C VAL A 222 -3.33 32.53 -7.65
N VAL A 223 -4.54 32.51 -8.21
CA VAL A 223 -4.75 32.29 -9.64
C VAL A 223 -5.10 33.64 -10.26
N SER A 224 -4.24 34.10 -11.16
CA SER A 224 -4.44 35.38 -11.83
C SER A 224 -3.67 35.33 -13.14
N THR A 225 -3.90 36.34 -13.98
CA THR A 225 -3.14 36.50 -15.20
C THR A 225 -2.69 37.94 -15.35
N GLN A 226 -1.62 38.10 -16.14
CA GLN A 226 -0.94 39.34 -16.47
C GLN A 226 -0.21 39.99 -15.30
N LEU A 227 -0.85 40.09 -14.13
CA LEU A 227 -0.25 40.62 -12.91
C LEU A 227 -0.23 39.57 -11.81
N LEU A 228 0.89 39.48 -11.11
CA LEU A 228 1.03 38.57 -9.99
C LEU A 228 0.62 39.30 -8.71
N LEU A 229 -0.29 38.68 -7.96
CA LEU A 229 -0.83 39.27 -6.73
C LEU A 229 -0.33 38.51 -5.51
N ASN A 230 -0.16 39.26 -4.41
CA ASN A 230 0.32 38.73 -3.13
C ASN A 230 1.67 38.03 -3.35
N GLY A 231 1.80 36.74 -3.01
CA GLY A 231 3.09 36.09 -3.18
C GLY A 231 4.19 36.73 -2.36
N SER A 232 5.33 37.02 -3.01
CA SER A 232 6.48 37.63 -2.35
C SER A 232 7.17 38.62 -3.28
N LEU A 233 7.90 39.55 -2.66
CA LEU A 233 8.66 40.59 -3.34
C LEU A 233 10.16 40.32 -3.33
N ALA A 234 10.85 40.94 -4.30
CA ALA A 234 12.31 40.94 -4.33
C ALA A 234 12.86 41.83 -3.23
N GLU A 235 14.10 41.56 -2.81
CA GLU A 235 14.69 42.27 -1.69
C GLU A 235 15.50 43.51 -2.06
N GLU A 236 16.20 43.51 -3.19
CA GLU A 236 17.04 44.64 -3.58
C GLU A 236 16.56 45.42 -4.80
N GLU A 237 16.02 44.76 -5.81
CA GLU A 237 15.68 45.47 -7.04
C GLU A 237 14.63 44.66 -7.80
N VAL A 238 14.04 45.31 -8.80
CA VAL A 238 13.13 44.61 -9.71
C VAL A 238 13.96 43.62 -10.52
N VAL A 239 13.50 42.38 -10.59
CA VAL A 239 14.22 41.31 -11.28
C VAL A 239 13.36 40.81 -12.43
N ILE A 240 13.93 40.82 -13.64
CA ILE A 240 13.27 40.38 -14.86
C ILE A 240 13.93 39.07 -15.27
N ARG A 241 13.14 38.01 -15.37
CA ARG A 241 13.63 36.68 -15.67
C ARG A 241 12.98 36.12 -16.92
N SER A 242 13.75 35.37 -17.71
CA SER A 242 13.21 34.63 -18.85
C SER A 242 14.11 33.42 -19.08
N ASP A 243 13.79 32.62 -20.10
CA ASP A 243 14.58 31.43 -20.38
C ASP A 243 15.65 31.72 -21.43
N ASN A 244 15.28 31.77 -22.70
CA ASN A 244 16.23 32.18 -23.73
C ASN A 244 16.40 33.70 -23.72
N PHE A 245 15.32 34.42 -23.43
CA PHE A 245 15.24 35.87 -23.32
C PHE A 245 15.31 36.56 -24.69
N THR A 246 16.17 36.07 -25.59
CA THR A 246 16.17 36.55 -26.97
C THR A 246 14.87 36.19 -27.67
N ASN A 247 14.33 35.02 -27.38
CA ASN A 247 13.12 34.53 -28.03
C ASN A 247 11.91 35.30 -27.53
N ASN A 248 11.22 35.96 -28.46
CA ASN A 248 10.05 36.75 -28.10
C ASN A 248 8.94 35.88 -27.52
N ALA A 249 8.89 34.61 -27.92
CA ALA A 249 7.87 33.68 -27.44
C ALA A 249 8.30 33.00 -26.15
N LYS A 250 8.69 33.79 -25.16
CA LYS A 250 9.05 33.32 -23.84
C LYS A 250 8.54 34.33 -22.84
N THR A 251 7.84 33.85 -21.82
CA THR A 251 7.26 34.74 -20.83
C THR A 251 8.33 35.34 -19.94
N ILE A 252 8.26 36.65 -19.75
CA ILE A 252 9.16 37.39 -18.88
C ILE A 252 8.45 37.59 -17.55
N ILE A 253 9.06 37.09 -16.48
CA ILE A 253 8.50 37.18 -15.13
C ILE A 253 9.23 38.31 -14.43
N VAL A 254 8.47 39.32 -14.03
CA VAL A 254 9.01 40.52 -13.40
C VAL A 254 8.60 40.50 -11.93
N GLN A 255 9.59 40.44 -11.03
CA GLN A 255 9.36 40.47 -9.60
C GLN A 255 9.73 41.85 -9.09
N LEU A 256 8.79 42.49 -8.40
CA LEU A 256 8.94 43.87 -7.96
C LEU A 256 9.69 43.96 -6.63
N LYS A 257 10.30 45.13 -6.42
CA LYS A 257 10.97 45.42 -5.16
C LYS A 257 9.98 45.86 -4.10
N GLU A 258 8.94 46.60 -4.49
CA GLU A 258 7.95 47.16 -3.59
C GLU A 258 6.58 46.91 -4.18
N SER A 259 5.64 46.50 -3.33
CA SER A 259 4.31 46.16 -3.81
C SER A 259 3.52 47.41 -4.17
N VAL A 260 2.52 47.23 -5.03
CA VAL A 260 1.60 48.29 -5.41
C VAL A 260 0.22 47.89 -4.91
N GLU A 261 -0.43 48.78 -4.17
CA GLU A 261 -1.73 48.46 -3.58
C GLU A 261 -2.79 48.70 -4.64
N ILE A 262 -3.60 47.68 -4.93
CA ILE A 262 -4.67 47.74 -5.91
C ILE A 262 -5.97 47.38 -5.20
N ASN A 263 -6.95 48.27 -5.28
CA ASN A 263 -8.23 48.12 -4.56
C ASN A 263 -9.34 47.87 -5.58
N CYS A 264 -9.75 46.61 -5.74
CA CYS A 264 -10.81 46.26 -6.68
C CYS A 264 -12.12 46.11 -5.96
N THR A 265 -13.21 46.47 -6.64
CA THR A 265 -14.53 46.38 -6.03
C THR A 265 -15.63 46.11 -7.04
N ARG A 266 -16.70 45.54 -6.51
CA ARG A 266 -17.95 45.24 -7.21
C ARG A 266 -19.04 45.95 -6.40
N PRO A 267 -19.33 47.23 -6.69
CA PRO A 267 -20.17 48.01 -5.77
C PRO A 267 -21.60 47.49 -5.63
N ASN A 268 -22.10 46.72 -6.60
CA ASN A 268 -23.47 46.25 -6.55
C ASN A 268 -23.64 45.19 -5.47
N ASN A 269 -24.82 45.19 -4.82
CA ASN A 269 -25.11 44.25 -3.75
C ASN A 269 -25.81 42.98 -4.24
N TYR A 270 -26.93 43.15 -4.95
CA TYR A 270 -27.76 42.05 -5.45
C TYR A 270 -28.32 41.20 -4.34
N THR A 271 -29.16 40.23 -4.70
CA THR A 271 -29.64 39.18 -3.83
C THR A 271 -29.43 37.85 -4.56
N ARG A 272 -29.73 36.75 -3.89
CA ARG A 272 -29.54 35.41 -4.46
C ARG A 272 -30.80 34.59 -4.24
N LYS A 273 -31.17 33.84 -5.28
CA LYS A 273 -32.33 32.95 -5.27
C LYS A 273 -31.87 31.55 -5.66
N SER A 274 -32.65 30.56 -5.25
CA SER A 274 -32.36 29.16 -5.52
C SER A 274 -33.51 28.53 -6.30
N ILE A 275 -33.20 28.06 -7.51
CA ILE A 275 -34.16 27.43 -8.40
C ILE A 275 -33.84 25.93 -8.36
N ARG A 276 -34.76 25.13 -7.85
CA ARG A 276 -34.47 23.71 -7.68
C ARG A 276 -34.31 23.02 -9.02
N ILE A 277 -33.29 22.18 -9.12
CA ILE A 277 -33.01 21.41 -10.33
C ILE A 277 -33.53 19.99 -10.22
N GLY A 278 -33.45 19.43 -9.02
CA GLY A 278 -33.81 18.06 -8.74
C GLY A 278 -33.73 17.89 -7.24
N PRO A 279 -33.99 16.68 -6.74
CA PRO A 279 -34.00 16.50 -5.29
C PRO A 279 -32.63 16.79 -4.70
N GLY A 280 -32.60 17.69 -3.72
CA GLY A 280 -31.35 18.01 -3.05
C GLY A 280 -30.40 18.87 -3.85
N ARG A 281 -30.82 19.40 -5.01
CA ARG A 281 -29.95 20.16 -5.89
C ARG A 281 -30.66 21.42 -6.36
N ALA A 282 -29.91 22.52 -6.45
CA ALA A 282 -30.48 23.76 -6.94
C ALA A 282 -29.44 24.62 -7.62
N PHE A 283 -29.94 25.47 -8.51
CA PHE A 283 -29.18 26.51 -9.20
C PHE A 283 -29.25 27.78 -8.35
N TYR A 284 -28.09 28.31 -7.98
CA TYR A 284 -27.99 29.54 -7.19
C TYR A 284 -27.71 30.67 -8.17
N THR A 285 -28.63 31.65 -8.22
CA THR A 285 -28.51 32.70 -9.20
C THR A 285 -28.88 34.04 -8.61
N MET A 286 -28.68 35.07 -9.43
CA MET A 286 -28.85 36.45 -9.03
C MET A 286 -30.32 36.83 -9.09
N GLY A 287 -30.78 37.55 -8.06
CA GLY A 287 -32.15 38.05 -8.03
C GLY A 287 -32.26 39.54 -8.28
N GLU A 288 -33.23 40.17 -7.63
CA GLU A 288 -33.44 41.61 -7.82
C GLU A 288 -32.21 42.39 -7.40
N ILE A 289 -31.92 43.45 -8.14
CA ILE A 289 -30.78 44.30 -7.81
C ILE A 289 -31.19 45.22 -6.67
N ILE A 290 -30.41 45.24 -5.60
CA ILE A 290 -30.65 46.09 -4.45
C ILE A 290 -29.69 47.27 -4.58
N GLY A 291 -30.22 48.48 -4.53
CA GLY A 291 -29.41 49.65 -4.77
C GLY A 291 -29.42 49.98 -6.25
N ASP A 292 -28.53 50.90 -6.61
CA ASP A 292 -28.43 51.31 -8.01
C ASP A 292 -27.48 50.34 -8.72
N ILE A 293 -27.27 50.56 -10.01
CA ILE A 293 -26.38 49.74 -10.82
C ILE A 293 -25.13 50.58 -11.09
N ARG A 294 -23.99 50.07 -10.66
CA ARG A 294 -22.71 50.74 -10.84
C ARG A 294 -21.72 49.73 -11.40
N GLN A 295 -20.86 50.19 -12.31
CA GLN A 295 -19.90 49.30 -12.94
C GLN A 295 -18.83 48.88 -11.95
N ALA A 296 -18.48 47.60 -11.97
CA ALA A 296 -17.37 47.13 -11.16
C ALA A 296 -16.09 47.78 -11.67
N HIS A 297 -15.17 48.04 -10.76
CA HIS A 297 -13.98 48.79 -11.16
C HIS A 297 -12.87 48.51 -10.16
N CYS A 298 -11.67 48.97 -10.51
CA CYS A 298 -10.54 48.78 -9.61
C CYS A 298 -9.62 49.99 -9.63
N ASN A 299 -9.25 50.47 -8.44
CA ASN A 299 -8.49 51.69 -8.25
C ASN A 299 -7.04 51.36 -7.90
N ILE A 300 -6.11 51.75 -8.78
CA ILE A 300 -4.68 51.57 -8.56
C ILE A 300 -4.00 52.94 -8.60
N SER A 301 -3.16 53.21 -7.60
CA SER A 301 -2.51 54.51 -7.51
C SER A 301 -1.60 54.76 -8.72
N ARG A 302 -1.70 55.97 -9.28
CA ARG A 302 -0.93 56.29 -10.49
C ARG A 302 0.56 56.45 -10.19
N ALA A 303 0.91 57.18 -9.13
CA ALA A 303 2.32 57.45 -8.87
C ALA A 303 3.11 56.18 -8.60
N LYS A 304 2.51 55.25 -7.84
CA LYS A 304 3.22 54.02 -7.51
C LYS A 304 3.44 53.18 -8.75
N TRP A 305 2.43 53.09 -9.61
CA TRP A 305 2.58 52.36 -10.86
C TRP A 305 3.61 53.05 -11.76
N ASN A 306 3.61 54.37 -11.77
CA ASN A 306 4.59 55.12 -12.58
C ASN A 306 6.00 54.74 -12.16
N ASP A 307 6.27 54.71 -10.86
CA ASP A 307 7.60 54.35 -10.41
C ASP A 307 7.90 52.88 -10.67
N THR A 308 6.87 52.03 -10.59
CA THR A 308 7.06 50.61 -10.88
C THR A 308 7.51 50.42 -12.33
N LEU A 309 6.84 51.10 -13.26
CA LEU A 309 7.28 51.07 -14.66
C LEU A 309 8.65 51.69 -14.84
N LYS A 310 8.97 52.76 -14.10
CA LYS A 310 10.31 53.32 -14.24
C LYS A 310 11.37 52.27 -13.90
N GLN A 311 11.17 51.52 -12.82
CA GLN A 311 12.15 50.49 -12.47
C GLN A 311 12.15 49.36 -13.50
N ILE A 312 10.97 48.96 -13.96
CA ILE A 312 10.88 47.87 -14.93
C ILE A 312 11.54 48.28 -16.25
N VAL A 313 11.29 49.51 -16.71
CA VAL A 313 11.90 49.99 -17.94
C VAL A 313 13.41 50.03 -17.79
N ILE A 314 13.93 50.44 -16.62
CA ILE A 314 15.38 50.46 -16.43
C ILE A 314 15.95 49.06 -16.62
N LYS A 315 15.33 48.06 -16.01
CA LYS A 315 15.89 46.70 -16.13
C LYS A 315 15.70 46.14 -17.53
N LEU A 316 14.55 46.42 -18.16
CA LEU A 316 14.32 45.96 -19.52
C LEU A 316 15.30 46.63 -20.48
N ARG A 317 15.60 47.90 -20.28
CA ARG A 317 16.55 48.61 -21.12
C ARG A 317 17.94 48.01 -20.95
N GLU A 318 18.30 47.67 -19.70
CA GLU A 318 19.62 47.08 -19.48
C GLU A 318 19.75 45.76 -20.21
N GLN A 319 18.71 44.93 -20.20
CA GLN A 319 18.82 43.63 -20.85
C GLN A 319 18.57 43.67 -22.37
N PHE A 320 17.79 44.62 -22.87
CA PHE A 320 17.47 44.75 -24.30
C PHE A 320 18.31 45.83 -24.98
N GLU A 321 19.36 46.33 -24.33
CA GLU A 321 20.21 47.39 -24.86
C GLU A 321 19.41 48.68 -24.85
N ASN A 322 20.00 49.78 -25.29
CA ASN A 322 19.37 51.10 -25.17
C ASN A 322 18.39 51.31 -26.32
N LYS A 323 17.28 50.57 -26.26
CA LYS A 323 16.20 50.64 -27.22
C LYS A 323 14.98 51.31 -26.58
N THR A 324 14.07 51.77 -27.43
CA THR A 324 12.82 52.32 -26.93
C THR A 324 11.94 51.19 -26.44
N ILE A 325 11.35 51.38 -25.26
CA ILE A 325 10.43 50.42 -24.65
C ILE A 325 9.04 51.02 -24.65
N VAL A 326 8.08 50.29 -25.21
CA VAL A 326 6.68 50.69 -25.26
C VAL A 326 5.84 49.55 -24.71
N PHE A 327 4.91 49.88 -23.83
CA PHE A 327 3.96 48.92 -23.28
C PHE A 327 2.61 49.12 -23.95
N ASN A 328 2.06 48.05 -24.49
CA ASN A 328 0.79 48.05 -25.20
C ASN A 328 -0.19 47.11 -24.50
N HIS A 329 -1.46 47.25 -24.86
CA HIS A 329 -2.48 46.33 -24.37
C HIS A 329 -2.37 44.99 -25.07
N SER A 330 -2.87 43.96 -24.40
CA SER A 330 -2.89 42.63 -25.00
C SER A 330 -3.86 42.61 -26.18
N SER A 331 -3.54 41.78 -27.17
CA SER A 331 -4.39 41.64 -28.35
C SER A 331 -5.79 41.18 -27.95
N GLY A 332 -6.78 41.64 -28.70
CA GLY A 332 -8.15 41.31 -28.39
C GLY A 332 -8.44 39.83 -28.54
N GLY A 333 -9.50 39.38 -27.89
CA GLY A 333 -9.85 37.97 -27.90
C GLY A 333 -10.69 37.62 -26.68
N ASP A 334 -10.63 36.34 -26.32
CA ASP A 334 -11.41 35.79 -25.23
C ASP A 334 -11.06 36.53 -23.93
N PRO A 335 -12.01 37.19 -23.25
CA PRO A 335 -11.66 37.94 -22.02
C PRO A 335 -10.88 37.15 -20.98
N GLU A 336 -11.00 35.82 -20.96
CA GLU A 336 -10.29 35.03 -19.96
C GLU A 336 -8.78 35.05 -20.15
N ILE A 337 -8.28 35.34 -21.35
CA ILE A 337 -6.85 35.32 -21.64
C ILE A 337 -6.29 36.67 -22.08
N VAL A 338 -7.13 37.66 -22.40
CA VAL A 338 -6.65 38.97 -22.86
C VAL A 338 -6.91 40.06 -21.83
N MET A 339 -7.36 39.71 -20.62
CA MET A 339 -7.64 40.67 -19.58
C MET A 339 -7.06 40.17 -18.26
N HIS A 340 -6.79 41.10 -17.35
CA HIS A 340 -6.35 40.71 -16.02
C HIS A 340 -7.51 39.99 -15.34
N SER A 341 -7.20 38.94 -14.58
CA SER A 341 -8.26 38.20 -13.91
C SER A 341 -7.84 37.75 -12.52
N PHE A 342 -8.82 37.61 -11.63
CA PHE A 342 -8.56 37.14 -10.27
C PHE A 342 -9.87 36.70 -9.64
N ASN A 343 -9.78 35.99 -8.50
CA ASN A 343 -10.93 35.45 -7.79
C ASN A 343 -11.12 36.06 -6.40
N CYS A 344 -10.88 37.34 -6.27
CA CYS A 344 -10.96 38.00 -4.96
C CYS A 344 -12.38 38.01 -4.40
N GLY A 345 -12.51 37.60 -3.14
CA GLY A 345 -13.77 37.62 -2.45
C GLY A 345 -14.69 36.47 -2.74
N GLY A 346 -14.27 35.53 -3.59
CA GLY A 346 -15.09 34.43 -4.04
C GLY A 346 -15.81 34.72 -5.34
N GLU A 347 -15.76 35.96 -5.81
CA GLU A 347 -16.27 36.37 -7.11
C GLU A 347 -15.07 36.46 -8.04
N PHE A 348 -15.33 36.32 -9.33
CA PHE A 348 -14.28 36.32 -10.35
C PHE A 348 -14.34 37.59 -11.19
N PHE A 349 -13.27 38.39 -11.09
CA PHE A 349 -13.17 39.69 -11.73
C PHE A 349 -12.27 39.58 -12.94
N TYR A 350 -12.68 40.24 -14.04
CA TYR A 350 -11.87 40.40 -15.23
C TYR A 350 -11.76 41.89 -15.54
N CYS A 351 -10.55 42.44 -15.48
CA CYS A 351 -10.31 43.87 -15.61
C CYS A 351 -9.53 44.18 -16.87
N ASN A 352 -9.87 45.34 -17.46
CA ASN A 352 -9.38 45.75 -18.77
C ASN A 352 -7.85 45.83 -18.80
N SER A 353 -7.25 46.49 -17.81
CA SER A 353 -5.80 46.66 -17.68
C SER A 353 -5.12 47.51 -18.76
N THR A 354 -5.86 48.07 -19.73
CA THR A 354 -5.20 48.84 -20.80
C THR A 354 -4.48 50.06 -20.25
N GLN A 355 -5.07 50.74 -19.26
CA GLN A 355 -4.48 51.97 -18.74
C GLN A 355 -3.10 51.76 -18.14
N LEU A 356 -2.71 50.52 -17.83
CA LEU A 356 -1.42 50.23 -17.24
C LEU A 356 -0.33 49.96 -18.25
N PHE A 357 -0.69 49.72 -19.52
CA PHE A 357 0.27 49.38 -20.57
C PHE A 357 -0.07 50.22 -21.81
N ASN A 358 -0.07 51.53 -21.63
CA ASN A 358 -0.48 52.49 -22.64
C ASN A 358 0.43 53.73 -22.58
N SER A 359 1.74 53.51 -22.68
CA SER A 359 2.68 54.61 -22.58
C SER A 359 3.99 54.27 -23.27
N THR A 360 4.67 55.32 -23.73
CA THR A 360 6.00 55.25 -24.32
C THR A 360 7.01 55.87 -23.37
N TRP A 361 8.07 55.13 -23.07
CA TRP A 361 9.11 55.59 -22.15
C TRP A 361 10.34 56.14 -22.85
N ASN A 362 10.81 55.46 -23.90
CA ASN A 362 12.00 55.88 -24.65
C ASN A 362 13.16 56.16 -23.69
N ASN A 363 13.66 57.39 -23.62
CA ASN A 363 14.81 57.72 -22.77
C ASN A 363 14.56 59.05 -22.06
N THR A 371 -1.46 63.93 -18.53
CA THR A 371 -0.72 64.05 -17.28
C THR A 371 -1.62 64.57 -16.17
N GLU A 372 -2.68 63.82 -15.88
CA GLU A 372 -3.63 64.20 -14.85
C GLU A 372 -4.25 62.95 -14.25
N GLY A 373 -4.69 63.07 -12.99
CA GLY A 373 -5.37 61.99 -12.29
C GLY A 373 -4.48 61.34 -11.26
N ASN A 374 -4.94 61.31 -10.00
CA ASN A 374 -4.15 60.70 -8.95
C ASN A 374 -4.24 59.19 -8.96
N THR A 375 -5.38 58.64 -9.39
CA THR A 375 -5.64 57.21 -9.38
C THR A 375 -6.10 56.78 -10.76
N ILE A 376 -5.68 55.59 -11.18
CA ILE A 376 -6.13 54.98 -12.42
C ILE A 376 -7.25 54.02 -12.06
N THR A 377 -8.42 54.23 -12.64
CA THR A 377 -9.57 53.36 -12.44
C THR A 377 -9.69 52.44 -13.65
N LEU A 378 -9.61 51.13 -13.41
CA LEU A 378 -9.71 50.13 -14.46
C LEU A 378 -11.12 49.59 -14.50
N PRO A 379 -11.85 49.66 -15.62
CA PRO A 379 -13.15 48.99 -15.67
C PRO A 379 -12.96 47.49 -15.48
N CYS A 380 -13.90 46.87 -14.75
CA CYS A 380 -13.89 45.44 -14.50
C CYS A 380 -15.28 44.88 -14.76
N ARG A 381 -15.30 43.63 -15.21
CA ARG A 381 -16.50 42.90 -15.54
C ARG A 381 -16.49 41.59 -14.77
N ILE A 382 -17.67 41.15 -14.35
CA ILE A 382 -17.81 39.92 -13.57
C ILE A 382 -18.34 38.85 -14.50
N LYS A 383 -17.74 37.67 -14.43
CA LYS A 383 -18.15 36.52 -15.22
C LYS A 383 -18.37 35.36 -14.25
N GLN A 384 -19.38 34.53 -14.53
CA GLN A 384 -19.69 33.39 -13.67
C GLN A 384 -19.32 32.05 -14.26
N ILE A 385 -19.40 31.86 -15.57
CA ILE A 385 -19.09 30.59 -16.22
C ILE A 385 -17.66 30.71 -16.73
N ILE A 386 -16.76 29.95 -16.11
CA ILE A 386 -15.32 30.11 -16.30
C ILE A 386 -14.74 28.83 -16.87
N ASN A 387 -14.04 28.94 -18.00
CA ASN A 387 -13.29 27.82 -18.56
C ASN A 387 -11.86 27.86 -18.03
N MET A 388 -11.76 27.70 -16.72
CA MET A 388 -10.49 27.92 -16.04
C MET A 388 -9.50 26.80 -16.35
N TRP A 389 -8.21 27.17 -16.35
CA TRP A 389 -7.08 26.30 -16.66
C TRP A 389 -6.92 26.06 -18.15
N GLN A 390 -7.59 26.87 -18.99
CA GLN A 390 -7.45 26.79 -20.44
C GLN A 390 -7.77 25.39 -20.94
N ARG A 391 -8.81 24.80 -20.37
CA ARG A 391 -9.28 23.47 -20.75
C ARG A 391 -10.53 23.58 -21.59
N VAL A 392 -10.82 22.49 -22.32
CA VAL A 392 -12.02 22.36 -23.13
C VAL A 392 -12.76 21.13 -22.63
N GLY A 393 -14.06 21.28 -22.39
CA GLY A 393 -14.91 20.22 -21.90
C GLY A 393 -15.35 20.38 -20.46
N GLN A 394 -14.71 21.28 -19.70
CA GLN A 394 -15.09 21.56 -18.32
C GLN A 394 -15.24 23.05 -18.11
N ALA A 395 -16.17 23.41 -17.24
CA ALA A 395 -16.39 24.80 -16.88
C ALA A 395 -17.02 24.83 -15.49
N MET A 396 -16.77 25.92 -14.76
CA MET A 396 -17.32 26.13 -13.44
C MET A 396 -18.24 27.35 -13.44
N TYR A 397 -19.37 27.23 -12.74
CA TYR A 397 -20.28 28.34 -12.49
C TYR A 397 -20.09 28.81 -11.04
N ALA A 398 -19.64 30.04 -10.86
CA ALA A 398 -19.44 30.59 -9.52
C ALA A 398 -20.73 31.22 -9.03
N PRO A 399 -21.31 30.79 -7.90
CA PRO A 399 -22.56 31.40 -7.45
C PRO A 399 -22.36 32.85 -7.08
N PRO A 400 -23.42 33.68 -7.14
CA PRO A 400 -23.28 35.07 -6.69
C PRO A 400 -22.90 35.16 -5.21
N ILE A 401 -22.07 36.17 -4.91
CA ILE A 401 -21.57 36.36 -3.51
C ILE A 401 -22.60 37.17 -2.73
N ARG A 402 -23.31 38.09 -3.39
CA ARG A 402 -24.38 38.89 -2.75
C ARG A 402 -23.80 39.99 -1.84
N GLY A 403 -22.50 40.29 -1.98
CA GLY A 403 -21.87 41.27 -1.07
C GLY A 403 -21.01 42.30 -1.78
N GLN A 404 -20.70 43.41 -1.11
CA GLN A 404 -19.81 44.43 -1.67
C GLN A 404 -18.38 43.97 -1.41
N ILE A 405 -17.70 43.55 -2.47
CA ILE A 405 -16.38 42.91 -2.40
C ILE A 405 -15.31 44.00 -2.33
N ARG A 406 -14.77 44.30 -1.15
CA ARG A 406 -13.60 45.17 -1.02
C ARG A 406 -12.35 44.29 -1.00
N CYS A 407 -11.51 44.40 -2.04
CA CYS A 407 -10.37 43.49 -2.19
C CYS A 407 -9.06 43.96 -1.54
N SER A 408 -8.56 45.15 -1.91
CA SER A 408 -7.33 45.72 -1.37
C SER A 408 -6.16 44.71 -1.38
N SER A 409 -5.85 44.17 -2.56
CA SER A 409 -4.74 43.24 -2.74
C SER A 409 -3.45 43.91 -3.23
N ASN A 410 -2.32 43.28 -2.90
CA ASN A 410 -0.99 43.72 -3.31
C ASN A 410 -0.58 43.15 -4.67
N ILE A 411 -0.07 44.01 -5.56
CA ILE A 411 0.59 43.61 -6.80
C ILE A 411 2.07 43.48 -6.50
N THR A 412 2.63 42.28 -6.72
CA THR A 412 4.03 42.01 -6.45
C THR A 412 4.81 41.56 -7.68
N GLY A 413 4.19 41.50 -8.86
CA GLY A 413 4.91 41.08 -10.04
C GLY A 413 4.02 41.09 -11.26
N LEU A 414 4.68 41.06 -12.42
CA LEU A 414 4.03 41.11 -13.72
C LEU A 414 4.50 39.95 -14.59
N LEU A 415 3.63 39.53 -15.50
CA LEU A 415 3.98 38.61 -16.58
C LEU A 415 3.88 39.36 -17.89
N LEU A 416 5.00 39.49 -18.59
CA LEU A 416 5.07 40.22 -19.85
C LEU A 416 5.45 39.28 -20.98
N THR A 417 4.98 39.58 -22.17
CA THR A 417 5.39 38.92 -23.40
C THR A 417 5.90 39.99 -24.35
N ARG A 418 6.67 39.58 -25.36
CA ARG A 418 7.23 40.50 -26.34
C ARG A 418 6.76 40.12 -27.74
N ASP A 419 6.59 41.14 -28.58
CA ASP A 419 6.23 40.91 -29.98
C ASP A 419 7.38 40.25 -30.72
N GLU A 424 9.17 48.20 -35.36
CA GLU A 424 10.47 47.52 -35.30
C GLU A 424 11.64 48.48 -35.52
N ASN A 425 11.38 49.79 -35.52
CA ASN A 425 12.41 50.80 -35.77
C ASN A 425 13.20 51.08 -34.49
N GLY A 426 13.89 50.05 -34.02
CA GLY A 426 14.67 50.18 -32.79
C GLY A 426 13.84 50.26 -31.55
N THR A 427 12.62 49.72 -31.57
CA THR A 427 11.68 49.77 -30.47
C THR A 427 11.19 48.36 -30.19
N GLU A 428 11.18 47.99 -28.91
CA GLU A 428 10.65 46.70 -28.46
C GLU A 428 9.26 46.93 -27.86
N ILE A 429 8.31 46.08 -28.22
CA ILE A 429 6.93 46.18 -27.77
C ILE A 429 6.66 45.04 -26.80
N PHE A 430 6.19 45.41 -25.61
CA PHE A 430 5.83 44.45 -24.56
C PHE A 430 4.32 44.51 -24.34
N ARG A 431 3.73 43.35 -24.04
CA ARG A 431 2.31 43.22 -23.77
C ARG A 431 2.12 42.49 -22.46
N PRO A 432 1.07 42.82 -21.68
CA PRO A 432 0.75 41.97 -20.54
C PRO A 432 0.22 40.64 -21.04
N GLY A 433 0.54 39.57 -20.34
CA GLY A 433 0.09 38.27 -20.79
C GLY A 433 0.81 37.16 -20.06
N GLY A 434 1.05 36.08 -20.78
CA GLY A 434 1.69 34.92 -20.22
C GLY A 434 1.21 33.66 -20.92
N GLY A 435 1.61 32.53 -20.37
CA GLY A 435 1.26 31.24 -20.91
C GLY A 435 0.22 30.56 -20.05
N ASP A 436 0.61 29.48 -19.39
CA ASP A 436 -0.29 28.76 -18.50
C ASP A 436 -0.13 29.34 -17.09
N MET A 437 -0.89 28.79 -16.14
CA MET A 437 -0.80 29.28 -14.76
C MET A 437 0.55 29.00 -14.13
N ARG A 438 1.37 28.11 -14.72
CA ARG A 438 2.68 27.79 -14.16
C ARG A 438 3.52 29.03 -13.96
N ASP A 439 3.38 30.02 -14.84
CA ASP A 439 4.16 31.24 -14.73
C ASP A 439 3.93 31.94 -13.40
N ASN A 440 2.73 31.80 -12.83
CA ASN A 440 2.46 32.45 -11.56
C ASN A 440 3.22 31.78 -10.44
N TRP A 441 3.44 30.48 -10.54
CA TRP A 441 4.09 29.70 -9.48
C TRP A 441 5.60 29.73 -9.58
N ARG A 442 6.16 29.90 -10.79
CA ARG A 442 7.61 30.01 -10.92
C ARG A 442 8.11 31.20 -10.12
N SER A 443 7.32 32.28 -10.10
CA SER A 443 7.66 33.50 -9.38
C SER A 443 7.95 33.22 -7.91
N GLU A 444 7.30 32.20 -7.35
CA GLU A 444 7.52 31.81 -5.96
C GLU A 444 8.48 30.64 -5.83
N LEU A 445 8.52 29.75 -6.81
CA LEU A 445 9.37 28.57 -6.78
C LEU A 445 10.73 28.81 -7.42
N TYR A 446 11.00 30.04 -7.90
CA TYR A 446 12.25 30.32 -8.60
C TYR A 446 13.49 30.02 -7.76
N LYS A 447 13.38 30.11 -6.45
CA LYS A 447 14.54 29.93 -5.57
C LYS A 447 14.68 28.52 -5.04
N TYR A 448 13.77 27.60 -5.36
CA TYR A 448 13.80 26.26 -4.81
C TYR A 448 14.12 25.20 -5.86
N LYS A 449 14.92 24.21 -5.45
CA LYS A 449 15.28 23.05 -6.24
C LYS A 449 15.16 21.82 -5.36
N VAL A 450 14.63 20.74 -5.90
CA VAL A 450 14.51 19.48 -5.16
C VAL A 450 15.67 18.57 -5.57
N VAL A 451 16.38 18.03 -4.58
CA VAL A 451 17.52 17.14 -4.81
C VAL A 451 17.35 15.85 -4.02
N LYS A 452 18.01 14.81 -4.53
CA LYS A 452 18.00 13.46 -3.96
C LYS A 452 19.32 13.20 -3.26
N ILE A 453 19.26 12.74 -2.01
CA ILE A 453 20.44 12.47 -1.21
C ILE A 453 20.80 11.00 -1.33
N GLU A 454 22.07 10.72 -1.65
CA GLU A 454 22.60 9.36 -1.71
C GLU A 454 23.71 9.27 -0.66
N PRO A 455 23.38 8.90 0.59
CA PRO A 455 24.34 9.05 1.68
C PRO A 455 25.54 8.12 1.63
N LEU A 456 25.62 7.19 0.68
CA LEU A 456 26.72 6.23 0.60
C LEU A 456 27.79 6.66 -0.39
N GLY A 457 29.03 6.28 -0.09
CA GLY A 457 30.14 6.54 -0.99
C GLY A 457 31.35 5.74 -0.56
N VAL A 458 32.39 5.80 -1.40
CA VAL A 458 33.63 5.07 -1.19
C VAL A 458 34.79 6.02 -1.33
N ALA A 459 35.92 5.67 -0.72
CA ALA A 459 37.12 6.48 -0.82
C ALA A 459 38.33 5.62 -0.50
N PRO A 460 39.53 6.02 -0.94
CA PRO A 460 40.75 5.35 -0.48
C PRO A 460 41.12 5.79 0.92
N THR A 461 41.68 4.85 1.68
CA THR A 461 42.28 5.15 2.98
C THR A 461 43.51 4.27 3.15
N ARG A 462 44.24 4.49 4.25
CA ARG A 462 45.41 3.68 4.57
C ARG A 462 45.07 2.46 5.41
N CYS A 463 43.83 2.35 5.89
CA CYS A 463 43.42 1.32 6.82
C CYS A 463 42.83 0.09 6.11
N LYS A 464 43.32 -1.08 6.50
CA LYS A 464 42.76 -2.36 6.09
C LYS A 464 41.96 -2.92 7.26
N ARG A 465 40.90 -3.67 6.96
CA ARG A 465 39.98 -4.18 8.00
C ARG A 465 40.72 -5.02 9.02
N ARG A 466 41.61 -5.86 8.54
CA ARG A 466 42.42 -6.74 9.40
C ARG A 466 41.58 -7.42 10.46
N VAL A 467 40.47 -8.04 10.01
CA VAL A 467 39.44 -8.78 10.78
C VAL A 467 39.77 -9.07 12.24
N VAL A 486 30.89 22.95 16.12
CA VAL A 486 31.50 22.50 14.87
C VAL A 486 30.46 21.90 13.92
N ARG A 487 29.34 21.43 14.47
CA ARG A 487 28.28 20.88 13.65
C ARG A 487 27.46 22.00 13.04
N ARG A 488 27.15 21.86 11.74
CA ARG A 488 26.43 22.89 11.00
C ARG A 488 24.97 22.56 10.73
N GLY A 489 24.59 21.29 10.74
CA GLY A 489 23.26 20.86 10.38
C GLY A 489 23.28 19.99 9.14
N PHE A 490 22.09 19.63 8.68
CA PHE A 490 21.95 18.69 7.57
C PHE A 490 22.63 19.21 6.32
N LEU A 491 23.56 18.41 5.79
CA LEU A 491 24.38 18.74 4.62
C LEU A 491 25.25 19.97 4.84
N GLY A 492 25.46 20.41 6.08
CA GLY A 492 26.25 21.60 6.31
C GLY A 492 27.70 21.46 5.89
N ALA A 493 28.19 20.23 5.78
CA ALA A 493 29.55 19.95 5.36
C ALA A 493 29.67 19.73 3.85
N ALA A 494 28.58 19.91 3.10
CA ALA A 494 28.57 19.58 1.68
C ALA A 494 29.62 20.35 0.90
N GLY A 495 29.91 21.60 1.29
CA GLY A 495 30.91 22.37 0.59
C GLY A 495 32.30 22.24 1.17
N SER A 496 32.46 21.45 2.23
CA SER A 496 33.75 21.24 2.86
C SER A 496 34.51 20.17 2.09
N THR A 497 35.81 20.05 2.39
CA THR A 497 36.57 18.97 1.81
C THR A 497 36.10 17.65 2.39
N MET A 498 36.55 16.56 1.77
CA MET A 498 36.19 15.24 2.29
C MET A 498 36.64 15.11 3.74
N GLY A 499 37.86 15.54 4.02
CA GLY A 499 38.25 15.71 5.39
C GLY A 499 37.53 16.90 5.97
N ALA A 500 37.34 16.87 7.28
CA ALA A 500 36.54 17.79 8.08
C ALA A 500 35.06 17.46 7.91
N ALA A 501 34.63 17.18 6.67
CA ALA A 501 33.27 16.70 6.43
C ALA A 501 33.06 15.31 7.00
N SER A 502 34.11 14.48 7.02
CA SER A 502 33.93 13.09 7.43
C SER A 502 33.53 12.91 8.89
N MET A 503 33.73 13.90 9.76
CA MET A 503 33.32 13.73 11.15
C MET A 503 31.86 14.10 11.41
N THR A 504 31.12 14.52 10.38
CA THR A 504 29.72 14.92 10.54
C THR A 504 28.76 13.97 9.85
N LEU A 505 29.21 12.74 9.55
CA LEU A 505 28.35 11.77 8.89
C LEU A 505 27.12 11.45 9.72
N THR A 506 27.25 11.50 11.05
CA THR A 506 26.12 11.27 11.93
C THR A 506 24.96 12.22 11.63
N VAL A 507 25.28 13.45 11.23
CA VAL A 507 24.25 14.47 11.00
C VAL A 507 23.30 14.01 9.91
N GLN A 508 23.83 13.34 8.87
CA GLN A 508 22.97 12.81 7.82
C GLN A 508 22.40 11.47 8.23
N ALA A 509 23.20 10.65 8.93
CA ALA A 509 22.72 9.34 9.35
C ALA A 509 21.54 9.47 10.30
N ARG A 510 21.51 10.54 11.10
CA ARG A 510 20.42 10.80 12.04
C ARG A 510 19.21 11.42 11.37
N ASN A 511 19.29 11.66 10.05
CA ASN A 511 18.26 12.25 9.22
C ASN A 511 17.82 11.16 8.24
N LEU A 512 17.41 11.54 7.04
CA LEU A 512 16.77 10.64 6.06
C LEU A 512 15.47 10.17 6.70
N LEU A 513 15.13 8.87 6.65
CA LEU A 513 13.83 8.41 7.13
C LEU A 513 13.68 8.71 8.62
N SER A 514 12.58 9.35 8.98
CA SER A 514 12.27 9.70 10.37
C SER A 514 13.38 10.56 10.98
N LEU A 536 -7.94 10.35 1.82
CA LEU A 536 -7.61 9.66 0.57
C LEU A 536 -7.74 10.66 -0.60
N GLY A 537 -7.48 11.93 -0.34
CA GLY A 537 -7.47 12.95 -1.35
C GLY A 537 -6.09 13.11 -1.94
N VAL A 538 -5.87 14.27 -2.58
CA VAL A 538 -4.60 14.52 -3.26
C VAL A 538 -3.45 14.50 -2.26
N TRP A 539 -3.63 15.18 -1.13
CA TRP A 539 -2.53 15.26 -0.19
C TRP A 539 -2.31 13.93 0.52
N GLY A 540 -3.39 13.18 0.77
CA GLY A 540 -3.24 11.90 1.41
C GLY A 540 -2.45 10.92 0.57
N ILE A 541 -2.79 10.83 -0.72
CA ILE A 541 -2.08 9.90 -1.60
C ILE A 541 -0.64 10.34 -1.78
N LYS A 542 -0.40 11.66 -1.94
CA LYS A 542 0.99 12.09 -2.10
C LYS A 542 1.79 11.82 -0.83
N GLN A 543 1.17 11.99 0.34
CA GLN A 543 1.83 11.68 1.60
C GLN A 543 2.19 10.20 1.67
N LEU A 544 1.27 9.35 1.22
CA LEU A 544 1.51 7.92 1.23
C LEU A 544 2.66 7.55 0.31
N GLN A 545 2.68 8.14 -0.89
CA GLN A 545 3.76 7.86 -1.83
C GLN A 545 5.09 8.34 -1.28
N ALA A 546 5.09 9.50 -0.63
CA ALA A 546 6.33 10.02 -0.07
C ALA A 546 6.87 9.11 1.04
N ARG A 547 5.99 8.61 1.91
CA ARG A 547 6.47 7.69 2.95
C ARG A 547 7.02 6.40 2.34
N VAL A 548 6.31 5.85 1.34
CA VAL A 548 6.78 4.60 0.75
C VAL A 548 8.12 4.80 0.06
N LEU A 549 8.29 5.93 -0.63
CA LEU A 549 9.56 6.21 -1.29
C LEU A 549 10.69 6.35 -0.27
N ALA A 550 10.45 7.06 0.83
CA ALA A 550 11.48 7.20 1.85
C ALA A 550 11.86 5.85 2.44
N VAL A 551 10.86 4.99 2.65
CA VAL A 551 11.13 3.66 3.19
C VAL A 551 11.96 2.85 2.21
N GLU A 552 11.61 2.90 0.93
CA GLU A 552 12.35 2.12 -0.06
C GLU A 552 13.80 2.57 -0.13
N ARG A 553 14.04 3.89 -0.09
CA ARG A 553 15.42 4.36 -0.15
C ARG A 553 16.22 3.98 1.09
N TYR A 554 15.61 4.13 2.29
CA TYR A 554 16.32 3.73 3.50
C TYR A 554 16.71 2.26 3.44
N LEU A 555 15.76 1.38 3.04
CA LEU A 555 16.11 -0.03 2.98
C LEU A 555 17.12 -0.34 1.90
N ARG A 556 17.12 0.36 0.77
CA ARG A 556 18.17 0.10 -0.22
C ARG A 556 19.54 0.42 0.36
N ASP A 557 19.65 1.53 1.09
CA ASP A 557 20.94 1.88 1.69
C ASP A 557 21.33 0.85 2.75
N GLN A 558 20.36 0.41 3.56
CA GLN A 558 20.68 -0.54 4.61
C GLN A 558 21.04 -1.89 4.02
N GLN A 559 20.40 -2.28 2.91
CA GLN A 559 20.76 -3.54 2.27
C GLN A 559 22.19 -3.47 1.75
N LEU A 560 22.56 -2.36 1.13
CA LEU A 560 23.91 -2.25 0.59
C LEU A 560 24.94 -2.30 1.71
N LEU A 561 24.65 -1.65 2.84
CA LEU A 561 25.57 -1.72 3.97
C LEU A 561 25.62 -3.12 4.58
N GLY A 562 24.47 -3.80 4.62
CA GLY A 562 24.42 -5.15 5.16
C GLY A 562 25.28 -6.12 4.38
N ILE A 563 25.25 -6.06 3.06
CA ILE A 563 26.03 -7.01 2.21
C ILE A 563 27.51 -6.70 2.32
N TRP A 564 27.90 -5.43 2.29
CA TRP A 564 29.32 -5.05 2.29
C TRP A 564 29.96 -5.51 3.57
N GLY A 565 29.26 -5.38 4.68
CA GLY A 565 29.80 -5.76 5.99
C GLY A 565 29.95 -4.49 6.76
N CYS A 566 28.94 -3.62 6.68
CA CYS A 566 29.10 -2.28 7.23
C CYS A 566 27.79 -1.79 7.85
N SER A 567 26.91 -2.71 8.25
CA SER A 567 25.56 -2.33 8.66
C SER A 567 25.52 -1.42 9.88
N GLY A 568 26.50 -1.53 10.79
CA GLY A 568 26.50 -0.75 12.00
C GLY A 568 27.47 0.41 12.09
N LYS A 569 28.13 0.79 10.99
CA LYS A 569 29.19 1.79 11.02
C LYS A 569 28.94 2.90 10.02
N LEU A 570 29.39 4.09 10.39
CA LEU A 570 29.43 5.24 9.50
C LEU A 570 30.71 5.28 8.70
N ILE A 571 31.79 4.76 9.27
CA ILE A 571 33.08 4.60 8.62
C ILE A 571 33.38 3.12 8.68
N CYS A 572 33.52 2.49 7.51
CA CYS A 572 33.70 1.05 7.43
C CYS A 572 34.89 0.75 6.54
N THR A 573 35.81 -0.08 7.04
CA THR A 573 37.02 -0.42 6.32
C THR A 573 36.83 -1.78 5.65
N THR A 574 37.22 -1.90 4.39
CA THR A 574 37.14 -3.15 3.65
C THR A 574 38.54 -3.69 3.34
N ALA A 575 38.56 -4.91 2.83
CA ALA A 575 39.77 -5.60 2.41
C ALA A 575 40.11 -5.41 0.93
N VAL A 576 39.36 -4.59 0.20
CA VAL A 576 39.56 -4.43 -1.24
C VAL A 576 40.64 -3.37 -1.45
N PRO A 577 41.72 -3.68 -2.17
CA PRO A 577 42.75 -2.65 -2.40
C PRO A 577 42.24 -1.60 -3.38
N TRP A 578 42.78 -0.41 -3.27
CA TRP A 578 42.44 0.65 -4.20
C TRP A 578 43.22 0.46 -5.49
N ASN A 579 42.51 0.52 -6.62
CA ASN A 579 43.12 0.38 -7.94
C ASN A 579 43.49 1.76 -8.44
N ALA A 580 44.78 1.95 -8.75
CA ALA A 580 45.27 3.25 -9.20
C ALA A 580 44.57 3.75 -10.44
N SER A 581 43.97 2.87 -11.24
CA SER A 581 43.25 3.31 -12.43
C SER A 581 41.97 4.05 -12.08
N TRP A 582 41.45 3.88 -10.86
CA TRP A 582 40.25 4.60 -10.47
C TRP A 582 40.57 6.06 -10.18
N SER A 583 41.67 6.30 -9.47
CA SER A 583 42.12 7.66 -9.18
C SER A 583 43.58 7.59 -8.75
N ASN A 584 44.48 8.07 -9.61
CA ASN A 584 45.91 8.02 -9.32
C ASN A 584 46.34 9.29 -8.58
N LYS A 585 45.86 9.41 -7.34
CA LYS A 585 46.11 10.59 -6.53
C LYS A 585 46.50 10.18 -5.11
N SER A 586 47.38 10.99 -4.52
CA SER A 586 47.75 10.82 -3.13
C SER A 586 46.57 11.18 -2.22
N LEU A 587 46.60 10.65 -1.00
CA LEU A 587 45.50 10.89 -0.07
C LEU A 587 45.36 12.36 0.29
N ASP A 588 46.45 13.13 0.27
CA ASP A 588 46.30 14.55 0.58
C ASP A 588 45.66 15.30 -0.57
N ARG A 589 45.95 14.90 -1.82
CA ARG A 589 45.31 15.50 -2.97
C ARG A 589 43.79 15.26 -2.97
N ILE A 590 43.34 14.14 -2.40
CA ILE A 590 41.93 13.81 -2.35
C ILE A 590 41.27 14.43 -1.12
N TRP A 591 41.75 14.04 0.05
CA TRP A 591 41.07 14.36 1.31
C TRP A 591 41.15 15.84 1.67
N ASN A 592 42.18 16.55 1.20
CA ASN A 592 42.35 17.97 1.52
C ASN A 592 42.13 18.90 0.33
N ASN A 593 41.48 18.44 -0.73
CA ASN A 593 41.24 19.29 -1.91
C ASN A 593 39.82 19.19 -2.42
N MET A 594 39.34 17.97 -2.63
CA MET A 594 38.04 17.74 -3.23
C MET A 594 36.93 17.71 -2.18
N THR A 595 35.74 18.11 -2.60
CA THR A 595 34.53 17.91 -1.82
C THR A 595 33.98 16.52 -2.17
N TRP A 596 33.00 16.08 -1.40
CA TRP A 596 32.46 14.75 -1.67
C TRP A 596 31.75 14.68 -3.02
N MET A 597 31.18 15.79 -3.48
CA MET A 597 30.47 15.78 -4.76
C MET A 597 31.42 15.65 -5.95
N GLU A 598 32.56 16.35 -5.92
CA GLU A 598 33.51 16.22 -7.01
C GLU A 598 34.06 14.81 -7.06
N TRP A 599 34.32 14.22 -5.90
CA TRP A 599 34.83 12.86 -5.84
C TRP A 599 33.80 11.90 -6.40
N GLU A 600 32.53 12.06 -6.00
CA GLU A 600 31.50 11.15 -6.48
C GLU A 600 31.36 11.25 -7.99
N ARG A 601 31.43 12.47 -8.54
CA ARG A 601 31.37 12.59 -9.99
C ARG A 601 32.57 11.92 -10.64
N GLU A 602 33.76 12.10 -10.05
CA GLU A 602 34.96 11.48 -10.59
C GLU A 602 34.87 9.96 -10.53
N ILE A 603 34.36 9.43 -9.41
CA ILE A 603 34.24 7.99 -9.22
C ILE A 603 32.94 7.43 -9.81
N ASP A 604 32.12 8.27 -10.47
CA ASP A 604 30.82 7.82 -10.92
C ASP A 604 30.91 6.77 -12.02
N ASN A 605 32.04 6.66 -12.69
CA ASN A 605 32.20 5.68 -13.76
C ASN A 605 32.73 4.34 -13.26
N TYR A 606 33.23 4.30 -12.02
CA TYR A 606 33.78 3.09 -11.42
C TYR A 606 33.03 2.63 -10.18
N THR A 607 31.93 3.31 -9.81
CA THR A 607 31.25 2.99 -8.56
C THR A 607 30.70 1.57 -8.58
N SER A 608 30.15 1.14 -9.71
CA SER A 608 29.60 -0.21 -9.76
C SER A 608 30.71 -1.25 -9.70
N GLU A 609 31.90 -0.91 -10.19
CA GLU A 609 33.03 -1.82 -10.10
C GLU A 609 33.49 -1.96 -8.66
N ILE A 610 33.55 -0.84 -7.94
CA ILE A 610 33.99 -0.88 -6.54
C ILE A 610 32.97 -1.69 -5.73
N TYR A 611 31.68 -1.44 -5.97
CA TYR A 611 30.67 -2.17 -5.20
C TYR A 611 30.72 -3.66 -5.51
N THR A 612 30.94 -4.01 -6.79
CA THR A 612 31.06 -5.42 -7.15
C THR A 612 32.25 -6.06 -6.46
N LEU A 613 33.38 -5.35 -6.39
CA LEU A 613 34.55 -5.91 -5.70
C LEU A 613 34.30 -6.04 -4.21
N ILE A 614 33.67 -5.04 -3.60
CA ILE A 614 33.54 -5.06 -2.11
C ILE A 614 32.66 -6.23 -1.75
N GLU A 615 31.48 -6.34 -2.30
CA GLU A 615 30.69 -7.50 -1.86
C GLU A 615 31.36 -8.81 -2.24
N GLU A 616 31.85 -8.92 -3.46
CA GLU A 616 32.35 -10.24 -3.91
C GLU A 616 33.54 -10.68 -3.12
N SER A 617 34.44 -9.76 -2.91
CA SER A 617 35.71 -10.18 -2.29
C SER A 617 35.74 -9.85 -0.82
N GLN A 618 34.70 -9.21 -0.38
CA GLN A 618 34.92 -8.95 1.05
C GLN A 618 33.85 -9.64 1.85
N ASN A 619 32.71 -9.89 1.26
CA ASN A 619 31.80 -10.52 2.22
C ASN A 619 31.42 -11.91 1.78
N GLN A 620 31.65 -12.28 0.53
CA GLN A 620 31.33 -13.70 0.25
C GLN A 620 32.61 -14.50 0.46
N GLN A 621 33.76 -13.83 0.62
CA GLN A 621 34.98 -14.61 0.94
C GLN A 621 35.25 -14.50 2.43
N GLU A 622 34.96 -13.38 3.06
CA GLU A 622 35.24 -13.38 4.50
C GLU A 622 34.35 -14.45 5.09
N LYS A 623 33.13 -14.56 4.60
CA LYS A 623 32.17 -15.51 5.20
C LYS A 623 32.54 -16.95 4.84
N ASN A 624 33.40 -17.18 3.87
CA ASN A 624 33.84 -18.55 3.61
C ASN A 624 35.12 -18.85 4.36
N GLU A 625 36.02 -17.85 4.43
CA GLU A 625 37.26 -18.05 5.18
C GLU A 625 36.96 -18.28 6.66
N GLN A 626 36.02 -17.52 7.21
CA GLN A 626 35.63 -17.74 8.60
C GLN A 626 34.99 -19.11 8.77
N GLU A 627 34.17 -19.52 7.80
CA GLU A 627 33.56 -20.85 7.82
C GLU A 627 34.62 -21.96 7.82
N LEU A 628 35.77 -21.73 7.20
CA LEU A 628 36.83 -22.73 7.17
C LEU A 628 37.80 -22.63 8.36
N LEU A 629 38.05 -21.43 8.85
CA LEU A 629 38.99 -21.19 9.94
C LEU A 629 38.56 -21.78 11.28
N CYS A 630 37.26 -22.03 11.50
CA CYS A 630 36.82 -22.52 12.81
C CYS A 630 37.47 -23.83 13.21
N LEU A 631 37.97 -24.61 12.26
CA LEU A 631 38.50 -25.94 12.55
C LEU A 631 39.95 -25.84 13.02
N GLY B 2 21.08 -43.60 -12.20
CA GLY B 2 20.66 -43.75 -13.57
C GLY B 2 20.96 -45.15 -14.08
N GLN B 3 20.90 -45.30 -15.41
CA GLN B 3 21.11 -46.60 -16.03
C GLN B 3 21.89 -46.31 -17.31
N LEU B 4 22.83 -47.20 -17.61
CA LEU B 4 23.69 -47.15 -18.80
C LEU B 4 23.52 -48.39 -19.68
N VAL B 5 23.32 -48.18 -20.98
CA VAL B 5 23.15 -49.26 -21.96
C VAL B 5 24.26 -49.14 -23.00
N GLN B 6 25.07 -50.18 -23.12
CA GLN B 6 26.15 -50.20 -24.10
C GLN B 6 25.75 -51.03 -25.32
N SER B 7 26.44 -50.78 -26.42
CA SER B 7 26.21 -51.54 -27.65
C SER B 7 26.65 -52.99 -27.47
N GLY B 8 26.20 -53.85 -28.39
CA GLY B 8 26.50 -55.27 -28.31
C GLY B 8 27.89 -55.63 -28.79
N ALA B 9 28.19 -56.91 -28.68
CA ALA B 9 29.52 -57.42 -29.00
C ALA B 9 29.81 -57.30 -30.48
N GLU B 10 31.09 -57.15 -30.83
CA GLU B 10 31.49 -57.04 -32.23
C GLU B 10 32.80 -57.80 -32.50
N LEU B 11 32.83 -58.48 -33.64
CA LEU B 11 34.00 -59.24 -34.11
C LEU B 11 34.59 -58.53 -35.33
N LYS B 12 35.88 -58.18 -35.25
CA LYS B 12 36.57 -57.44 -36.30
C LYS B 12 37.83 -58.15 -36.78
N LYS B 13 38.20 -57.81 -38.01
CA LYS B 13 39.49 -58.18 -38.58
C LYS B 13 40.53 -57.14 -38.16
N PRO B 14 41.80 -57.53 -38.02
CA PRO B 14 42.84 -56.55 -37.65
C PRO B 14 42.87 -55.37 -38.60
N GLY B 15 42.98 -54.16 -38.03
CA GLY B 15 43.05 -52.94 -38.80
C GLY B 15 41.72 -52.26 -39.05
N ALA B 16 40.60 -52.95 -38.84
CA ALA B 16 39.28 -52.38 -39.11
C ALA B 16 38.78 -51.67 -37.86
N SER B 17 38.47 -50.39 -38.01
CA SER B 17 38.04 -49.56 -36.88
C SER B 17 36.60 -49.86 -36.48
N VAL B 18 36.27 -49.51 -35.24
CA VAL B 18 34.91 -49.61 -34.73
C VAL B 18 34.57 -48.34 -33.98
N LYS B 19 33.27 -48.12 -33.78
CA LYS B 19 32.75 -47.07 -32.95
C LYS B 19 31.76 -47.68 -31.98
N ILE B 20 32.03 -47.57 -30.69
CA ILE B 20 31.22 -48.15 -29.62
C ILE B 20 30.43 -47.04 -28.95
N SER B 21 29.12 -47.24 -28.81
CA SER B 21 28.23 -46.26 -28.23
C SER B 21 27.88 -46.64 -26.80
N CYS B 22 27.58 -45.62 -26.00
CA CYS B 22 27.13 -45.78 -24.62
C CYS B 22 25.96 -44.82 -24.39
N LYS B 23 24.75 -45.36 -24.28
CA LYS B 23 23.54 -44.59 -24.05
C LYS B 23 23.26 -44.46 -22.55
N THR B 24 22.71 -43.31 -22.17
CA THR B 24 22.51 -42.95 -20.79
C THR B 24 21.06 -42.55 -20.55
N SER B 25 20.59 -42.80 -19.32
CA SER B 25 19.27 -42.34 -18.90
C SER B 25 19.25 -42.34 -17.38
N GLY B 26 18.25 -41.66 -16.82
CA GLY B 26 18.03 -41.66 -15.39
C GLY B 26 18.79 -40.62 -14.61
N TYR B 27 19.57 -39.77 -15.28
CA TYR B 27 20.34 -38.71 -14.66
C TYR B 27 20.60 -37.67 -15.74
N ARG B 28 21.09 -36.50 -15.33
CA ARG B 28 21.44 -35.49 -16.30
C ARG B 28 22.80 -35.79 -16.92
N PHE B 29 22.79 -35.99 -18.23
CA PHE B 29 23.99 -36.39 -18.96
C PHE B 29 25.08 -35.34 -18.89
N ASN B 30 24.72 -34.07 -19.09
CA ASN B 30 25.74 -33.03 -19.17
C ASN B 30 26.42 -32.75 -17.83
N PHE B 31 25.93 -33.31 -16.73
CA PHE B 31 26.53 -33.03 -15.43
C PHE B 31 27.79 -33.85 -15.15
N TYR B 32 27.94 -35.05 -15.72
CA TYR B 32 29.00 -35.95 -15.29
C TYR B 32 29.89 -36.38 -16.44
N HIS B 33 31.14 -36.68 -16.11
CA HIS B 33 32.10 -37.18 -17.09
C HIS B 33 31.76 -38.61 -17.50
N ILE B 34 32.06 -38.93 -18.77
CA ILE B 34 31.94 -40.29 -19.28
C ILE B 34 33.35 -40.86 -19.40
N ASN B 35 33.58 -41.96 -18.72
CA ASN B 35 34.85 -42.65 -18.65
C ASN B 35 34.80 -43.84 -19.58
N TRP B 36 35.94 -44.18 -20.19
CA TRP B 36 36.09 -45.43 -20.90
C TRP B 36 37.25 -46.22 -20.30
N ILE B 37 36.95 -47.46 -19.90
CA ILE B 37 37.90 -48.39 -19.26
C ILE B 37 37.78 -49.76 -19.93
N ARG B 38 38.92 -50.36 -20.27
CA ARG B 38 38.98 -51.69 -20.86
C ARG B 38 39.42 -52.76 -19.86
N GLN B 39 38.88 -53.96 -20.03
CA GLN B 39 39.29 -55.16 -19.31
C GLN B 39 39.71 -56.21 -20.33
N THR B 40 40.99 -56.57 -20.32
CA THR B 40 41.54 -57.55 -21.26
C THR B 40 42.40 -58.55 -20.52
N ALA B 41 42.46 -59.77 -21.09
CA ALA B 41 43.16 -60.87 -20.44
C ALA B 41 44.65 -60.59 -20.25
N GLY B 42 45.28 -59.90 -21.20
CA GLY B 42 46.72 -59.70 -21.16
C GLY B 42 47.24 -58.50 -20.39
N ARG B 43 46.36 -57.67 -19.83
CA ARG B 43 46.76 -56.47 -19.09
C ARG B 43 46.01 -56.27 -17.79
N GLY B 44 44.81 -56.82 -17.63
CA GLY B 44 43.96 -56.47 -16.52
C GLY B 44 43.27 -55.17 -16.87
N PRO B 45 42.63 -54.51 -15.91
CA PRO B 45 41.99 -53.23 -16.21
C PRO B 45 42.99 -52.18 -16.63
N GLU B 46 42.62 -51.38 -17.63
CA GLU B 46 43.40 -50.22 -18.03
C GLU B 46 42.41 -49.09 -18.28
N TRP B 47 42.66 -47.94 -17.69
CA TRP B 47 41.82 -46.77 -17.94
C TRP B 47 42.22 -46.17 -19.27
N MET B 48 41.24 -45.89 -20.13
CA MET B 48 41.47 -45.25 -21.42
C MET B 48 41.22 -43.75 -21.43
N GLY B 49 40.15 -43.27 -20.80
CA GLY B 49 39.99 -41.80 -20.87
C GLY B 49 38.63 -41.28 -20.41
N TRP B 50 38.52 -39.95 -20.24
CA TRP B 50 37.22 -39.33 -19.86
C TRP B 50 36.84 -38.22 -20.83
N ILE B 51 35.55 -38.07 -21.10
CA ILE B 51 35.08 -36.94 -21.97
C ILE B 51 34.03 -36.14 -21.18
N SER B 52 34.20 -34.82 -21.12
CA SER B 52 33.25 -33.97 -20.41
C SER B 52 32.09 -33.68 -21.36
N PRO B 53 30.86 -34.15 -21.08
CA PRO B 53 29.76 -33.87 -22.01
C PRO B 53 29.35 -32.41 -22.02
N TYR B 54 29.80 -31.61 -21.05
CA TYR B 54 29.42 -30.21 -20.95
C TYR B 54 30.38 -29.30 -21.71
N SER B 55 31.68 -29.46 -21.49
CA SER B 55 32.69 -28.60 -22.09
C SER B 55 33.35 -29.20 -23.33
N GLY B 56 33.30 -30.51 -23.49
CA GLY B 56 33.99 -31.16 -24.58
C GLY B 56 35.43 -31.51 -24.30
N ASP B 57 35.90 -31.31 -23.07
CA ASP B 57 37.28 -31.62 -22.73
C ASP B 57 37.51 -33.12 -22.79
N LYS B 58 38.68 -33.51 -23.28
CA LYS B 58 39.10 -34.90 -23.36
C LYS B 58 40.39 -35.10 -22.59
N ASN B 59 40.51 -36.26 -21.97
CA ASN B 59 41.73 -36.68 -21.28
C ASN B 59 41.94 -38.14 -21.61
N LEU B 60 42.93 -38.42 -22.45
CA LEU B 60 43.20 -39.76 -22.95
C LEU B 60 44.55 -40.25 -22.45
N ALA B 61 44.66 -41.55 -22.24
CA ALA B 61 45.94 -42.14 -21.88
C ALA B 61 46.90 -42.04 -23.07
N PRO B 62 48.20 -41.79 -22.84
CA PRO B 62 49.14 -41.66 -23.97
C PRO B 62 49.09 -42.81 -24.96
N ALA B 63 48.92 -44.04 -24.49
CA ALA B 63 48.91 -45.19 -25.39
C ALA B 63 47.81 -45.10 -26.44
N PHE B 64 46.69 -44.45 -26.12
CA PHE B 64 45.50 -44.42 -26.96
C PHE B 64 45.23 -43.04 -27.55
N GLN B 65 46.14 -42.07 -27.35
CA GLN B 65 45.89 -40.70 -27.80
C GLN B 65 45.62 -40.63 -29.30
N ASP B 66 46.38 -41.37 -30.10
CA ASP B 66 46.27 -41.32 -31.55
C ASP B 66 45.23 -42.29 -32.12
N ARG B 67 44.94 -43.41 -31.46
CA ARG B 67 44.01 -44.40 -32.00
C ARG B 67 42.56 -44.17 -31.60
N VAL B 68 42.29 -43.48 -30.50
CA VAL B 68 40.95 -43.37 -29.94
C VAL B 68 40.49 -41.93 -30.02
N ILE B 69 39.34 -41.71 -30.66
CA ILE B 69 38.69 -40.40 -30.75
C ILE B 69 37.36 -40.54 -30.03
N MET B 70 37.13 -39.72 -29.01
CA MET B 70 35.89 -39.72 -28.26
C MET B 70 35.05 -38.50 -28.63
N THR B 71 33.73 -38.68 -28.65
CA THR B 71 32.79 -37.62 -29.01
C THR B 71 31.50 -37.90 -28.26
N THR B 72 30.67 -36.86 -28.14
CA THR B 72 29.39 -37.01 -27.46
C THR B 72 28.25 -36.39 -28.27
N ASP B 73 27.05 -36.90 -28.01
CA ASP B 73 25.80 -36.36 -28.52
C ASP B 73 25.32 -35.20 -27.65
N THR B 74 24.46 -34.37 -28.23
CA THR B 74 23.80 -33.32 -27.46
C THR B 74 22.76 -33.94 -26.54
N GLU B 75 22.77 -33.51 -25.27
CA GLU B 75 21.78 -33.97 -24.31
C GLU B 75 20.38 -33.57 -24.73
N VAL B 76 19.43 -34.48 -24.54
CA VAL B 76 18.01 -34.24 -24.83
C VAL B 76 17.23 -34.43 -23.52
N PRO B 77 16.65 -33.38 -22.94
CA PRO B 77 15.97 -33.55 -21.65
C PRO B 77 14.65 -34.28 -21.79
N VAL B 78 14.25 -34.93 -20.69
CA VAL B 78 12.94 -35.55 -20.57
C VAL B 78 12.18 -34.87 -19.44
N THR B 79 12.91 -34.32 -18.46
CA THR B 79 12.32 -33.54 -17.38
C THR B 79 13.39 -32.56 -16.89
N SER B 80 13.12 -31.93 -15.75
CA SER B 80 14.04 -30.90 -15.26
C SER B 80 15.33 -31.48 -14.70
N PHE B 81 15.26 -32.64 -14.04
CA PHE B 81 16.40 -33.24 -13.35
C PHE B 81 16.89 -34.54 -13.95
N THR B 82 16.24 -35.05 -15.00
CA THR B 82 16.63 -36.29 -15.65
C THR B 82 16.64 -36.06 -17.15
N SER B 83 17.62 -36.66 -17.83
CA SER B 83 17.72 -36.55 -19.27
C SER B 83 18.32 -37.85 -19.80
N THR B 84 18.23 -38.02 -21.11
CA THR B 84 18.82 -39.14 -21.83
C THR B 84 19.91 -38.61 -22.75
N GLY B 85 20.74 -39.52 -23.23
CA GLY B 85 21.82 -39.08 -24.11
C GLY B 85 22.71 -40.22 -24.48
N ALA B 86 23.78 -39.91 -25.21
CA ALA B 86 24.73 -40.94 -25.59
C ALA B 86 26.11 -40.35 -25.82
N ALA B 87 27.11 -41.19 -25.62
CA ALA B 87 28.51 -40.89 -25.88
C ALA B 87 29.03 -41.95 -26.85
N TYR B 88 30.02 -41.58 -27.67
CA TYR B 88 30.61 -42.50 -28.62
C TYR B 88 32.12 -42.46 -28.46
N MET B 89 32.76 -43.62 -28.61
CA MET B 89 34.21 -43.73 -28.62
C MET B 89 34.61 -44.57 -29.82
N GLU B 90 35.34 -43.97 -30.76
CA GLU B 90 35.81 -44.65 -31.97
C GLU B 90 37.26 -45.08 -31.77
N ILE B 91 37.51 -46.39 -31.90
CA ILE B 91 38.82 -46.99 -31.73
C ILE B 91 39.27 -47.55 -33.09
N ARG B 92 40.42 -47.06 -33.54
CA ARG B 92 41.04 -47.40 -34.81
C ARG B 92 42.27 -48.29 -34.63
N ASN B 93 42.69 -48.91 -35.73
CA ASN B 93 43.92 -49.73 -35.78
C ASN B 93 43.90 -50.84 -34.73
N LEU B 94 42.79 -51.57 -34.66
CA LEU B 94 42.66 -52.64 -33.68
C LEU B 94 43.69 -53.73 -33.93
N LYS B 95 44.29 -54.22 -32.84
CA LYS B 95 45.23 -55.32 -32.85
C LYS B 95 44.62 -56.52 -32.12
N PHE B 96 45.28 -57.67 -32.24
CA PHE B 96 44.80 -58.88 -31.57
C PHE B 96 44.75 -58.72 -30.06
N ASP B 97 45.69 -57.95 -29.48
CA ASP B 97 45.72 -57.75 -28.04
C ASP B 97 44.54 -56.93 -27.50
N ASP B 98 43.71 -56.34 -28.36
CA ASP B 98 42.62 -55.50 -27.92
C ASP B 98 41.34 -56.28 -27.61
N THR B 99 41.36 -57.61 -27.72
CA THR B 99 40.18 -58.39 -27.37
C THR B 99 39.86 -58.21 -25.89
N GLY B 100 38.61 -57.90 -25.59
CA GLY B 100 38.22 -57.69 -24.21
C GLY B 100 36.90 -56.96 -24.11
N THR B 101 36.56 -56.59 -22.88
CA THR B 101 35.31 -55.91 -22.57
C THR B 101 35.59 -54.44 -22.33
N TYR B 102 34.85 -53.57 -23.02
CA TYR B 102 34.98 -52.13 -22.93
C TYR B 102 33.78 -51.60 -22.15
N PHE B 103 34.05 -50.85 -21.08
CA PHE B 103 33.00 -50.29 -20.25
C PHE B 103 33.01 -48.77 -20.36
N CYS B 104 31.82 -48.20 -20.33
CA CYS B 104 31.58 -46.79 -20.17
C CYS B 104 31.11 -46.57 -18.73
N ALA B 105 31.45 -45.41 -18.15
CA ALA B 105 31.03 -45.17 -16.77
C ALA B 105 30.80 -43.69 -16.45
N LYS B 106 29.90 -43.47 -15.49
CA LYS B 106 29.53 -42.16 -14.97
C LYS B 106 30.25 -41.85 -13.67
N GLY B 107 30.86 -40.65 -13.61
CA GLY B 107 31.47 -40.16 -12.39
C GLY B 107 30.46 -39.78 -11.32
N LEU B 108 30.91 -39.72 -10.06
CA LEU B 108 29.98 -39.37 -8.98
C LEU B 108 29.67 -37.88 -8.92
N LEU B 109 30.68 -37.02 -9.02
CA LEU B 109 30.53 -35.62 -8.61
C LEU B 109 30.75 -34.65 -9.77
N ARG B 110 30.19 -33.45 -9.58
CA ARG B 110 30.37 -32.34 -10.49
C ARG B 110 31.47 -31.38 -10.07
N ASP B 111 32.01 -31.54 -8.86
CA ASP B 111 33.08 -30.68 -8.37
C ASP B 111 33.84 -31.46 -7.30
N GLY B 112 34.89 -30.86 -6.76
CA GLY B 112 35.74 -31.55 -5.81
C GLY B 112 36.92 -32.22 -6.50
N SER B 113 37.61 -33.04 -5.71
CA SER B 113 38.87 -33.64 -6.14
C SER B 113 38.70 -34.89 -7.00
N SER B 114 37.51 -35.50 -7.06
CA SER B 114 37.30 -36.79 -7.73
C SER B 114 36.06 -36.75 -8.61
N THR B 115 35.95 -35.70 -9.44
CA THR B 115 34.73 -35.49 -10.22
C THR B 115 34.50 -36.60 -11.24
N TRP B 116 35.57 -37.04 -11.89
CA TRP B 116 35.47 -38.00 -12.98
C TRP B 116 35.50 -39.46 -12.55
N LEU B 117 35.75 -39.76 -11.28
CA LEU B 117 36.02 -41.14 -10.86
C LEU B 117 34.83 -42.06 -11.14
N PRO B 118 35.00 -43.16 -11.89
CA PRO B 118 33.84 -44.02 -12.23
C PRO B 118 33.03 -44.47 -11.04
N TYR B 119 31.71 -44.28 -11.13
CA TYR B 119 30.75 -44.75 -10.13
C TYR B 119 29.73 -45.70 -10.72
N LEU B 120 29.00 -45.27 -11.76
CA LEU B 120 27.99 -46.12 -12.38
C LEU B 120 28.58 -46.74 -13.64
N TRP B 121 28.45 -48.05 -13.78
CA TRP B 121 29.05 -48.79 -14.89
C TRP B 121 27.97 -49.45 -15.74
N GLY B 122 28.25 -49.54 -17.04
CA GLY B 122 27.40 -50.26 -17.96
C GLY B 122 27.68 -51.75 -17.92
N GLN B 123 26.97 -52.49 -18.77
CA GLN B 123 27.12 -53.94 -18.76
C GLN B 123 28.38 -54.39 -19.49
N GLY B 124 28.97 -53.52 -20.31
CA GLY B 124 30.19 -53.84 -21.04
C GLY B 124 29.89 -54.34 -22.45
N THR B 125 30.79 -53.98 -23.37
CA THR B 125 30.72 -54.42 -24.76
C THR B 125 31.93 -55.29 -25.02
N LEU B 126 31.70 -56.51 -25.54
CA LEU B 126 32.79 -57.43 -25.81
C LEU B 126 33.24 -57.26 -27.26
N LEU B 127 34.50 -56.88 -27.44
CA LEU B 127 35.11 -56.69 -28.75
C LEU B 127 36.15 -57.78 -28.94
N THR B 128 36.05 -58.49 -30.06
CA THR B 128 36.97 -59.57 -30.41
C THR B 128 37.65 -59.22 -31.72
N VAL B 129 38.97 -59.41 -31.77
CA VAL B 129 39.76 -59.18 -32.98
C VAL B 129 40.33 -60.53 -33.41
N SER B 130 40.13 -60.87 -34.68
CA SER B 130 40.57 -62.15 -35.22
C SER B 130 41.16 -61.98 -36.61
N GLN C 1 -27.43 39.70 2.34
CA GLN C 1 -27.99 38.98 3.52
C GLN C 1 -29.51 39.07 3.55
N VAL C 2 -30.19 37.93 3.59
CA VAL C 2 -31.65 37.92 3.65
C VAL C 2 -32.06 38.20 5.09
N GLN C 3 -33.05 39.08 5.23
CA GLN C 3 -33.60 39.44 6.52
C GLN C 3 -35.09 39.16 6.49
N LEU C 4 -35.61 38.73 7.64
CA LEU C 4 -37.02 38.39 7.80
C LEU C 4 -37.60 39.24 8.91
N GLN C 5 -38.90 39.55 8.81
CA GLN C 5 -39.56 40.34 9.83
C GLN C 5 -40.97 39.82 10.08
N GLU C 6 -41.22 39.41 11.32
CA GLU C 6 -42.55 39.00 11.76
C GLU C 6 -43.44 40.22 11.96
N SER C 7 -44.73 40.06 11.64
CA SER C 7 -45.70 41.12 11.85
C SER C 7 -47.05 40.49 12.19
N GLY C 8 -47.76 41.09 13.14
CA GLY C 8 -49.07 40.61 13.52
C GLY C 8 -49.53 41.13 14.87
N PRO C 9 -50.74 40.75 15.28
CA PRO C 9 -51.26 41.22 16.56
C PRO C 9 -50.49 40.63 17.72
N GLY C 10 -50.26 41.46 18.75
CA GLY C 10 -49.61 40.99 19.95
C GLY C 10 -50.53 40.25 20.91
N LEU C 11 -51.81 40.60 20.91
CA LEU C 11 -52.79 40.01 21.82
C LEU C 11 -53.87 39.30 21.01
N VAL C 12 -54.14 38.05 21.38
CA VAL C 12 -55.17 37.24 20.73
C VAL C 12 -56.05 36.64 21.82
N ARG C 13 -57.33 36.50 21.52
CA ARG C 13 -58.27 35.95 22.48
C ARG C 13 -58.16 34.44 22.56
N PRO C 14 -58.53 33.83 23.70
CA PRO C 14 -58.44 32.36 23.82
C PRO C 14 -59.23 31.56 22.78
N SER C 15 -60.19 32.16 22.06
CA SER C 15 -61.04 31.41 21.13
C SER C 15 -60.89 31.78 19.67
N GLU C 16 -60.08 32.78 19.31
CA GLU C 16 -60.04 33.29 17.95
C GLU C 16 -58.78 32.81 17.25
N THR C 17 -58.63 33.20 15.99
CA THR C 17 -57.51 32.78 15.15
C THR C 17 -56.30 33.70 15.34
N LEU C 18 -55.12 33.09 15.40
CA LEU C 18 -53.83 33.79 15.42
C LEU C 18 -53.30 33.85 14.00
N SER C 19 -52.92 35.04 13.55
CA SER C 19 -52.39 35.25 12.21
C SER C 19 -51.09 36.05 12.26
N LEU C 20 -49.99 35.41 11.87
CA LEU C 20 -48.69 36.07 11.83
C LEU C 20 -48.14 36.02 10.41
N ALA C 21 -47.63 37.15 9.93
CA ALA C 21 -46.97 37.24 8.64
C ALA C 21 -45.47 37.31 8.86
N CYS C 22 -44.71 36.85 7.88
CA CYS C 22 -43.26 36.98 7.85
C CYS C 22 -42.89 37.54 6.49
N GLY C 23 -42.42 38.79 6.49
CA GLY C 23 -41.97 39.43 5.28
C GLY C 23 -40.49 39.17 5.04
N VAL C 24 -40.09 39.25 3.78
CA VAL C 24 -38.71 39.07 3.36
C VAL C 24 -38.25 40.40 2.76
N SER C 25 -37.12 40.90 3.24
CA SER C 25 -36.62 42.18 2.76
C SER C 25 -35.70 42.01 1.56
N TYR C 26 -34.45 41.66 1.80
CA TYR C 26 -33.44 41.56 0.74
C TYR C 26 -33.46 40.15 0.12
N GLY C 27 -34.62 39.82 -0.45
CA GLY C 27 -34.82 38.50 -1.01
C GLY C 27 -36.28 38.25 -1.27
N SER C 28 -36.59 37.00 -1.55
CA SER C 28 -37.95 36.59 -1.85
C SER C 28 -38.15 35.17 -1.33
N VAL C 29 -39.36 34.64 -1.53
CA VAL C 29 -39.70 33.32 -1.02
C VAL C 29 -39.14 32.30 -2.01
N ASP C 30 -37.87 31.95 -1.84
CA ASP C 30 -37.17 31.05 -2.74
C ASP C 30 -37.44 29.60 -2.37
N HIS C 31 -36.86 28.69 -3.15
CA HIS C 31 -37.16 27.27 -3.05
C HIS C 31 -36.41 26.63 -1.87
N TYR C 32 -36.77 27.06 -0.67
CA TYR C 32 -36.25 26.55 0.59
C TYR C 32 -37.46 26.17 1.44
N TYR C 33 -37.22 25.61 2.62
CA TYR C 33 -38.35 25.34 3.52
C TYR C 33 -38.53 26.55 4.42
N TRP C 34 -39.61 27.28 4.20
CA TRP C 34 -39.91 28.47 5.00
C TRP C 34 -40.74 27.97 6.16
N SER C 35 -40.33 28.29 7.39
CA SER C 35 -40.91 27.63 8.54
C SER C 35 -41.15 28.57 9.70
N TRP C 36 -41.97 28.09 10.62
CA TRP C 36 -42.28 28.75 11.88
C TRP C 36 -41.93 27.81 13.03
N VAL C 37 -41.32 28.40 14.07
CA VAL C 37 -40.92 27.71 15.30
C VAL C 37 -41.37 28.55 16.50
N ARG C 38 -41.92 27.87 17.51
CA ARG C 38 -42.46 28.47 18.73
C ARG C 38 -41.52 28.30 19.92
N GLN C 39 -41.43 29.34 20.76
CA GLN C 39 -40.61 29.33 21.98
C GLN C 39 -41.40 29.92 23.16
N PRO C 40 -42.09 29.09 23.94
CA PRO C 40 -42.79 29.63 25.11
C PRO C 40 -41.79 30.22 26.09
N PRO C 41 -42.19 31.24 26.87
CA PRO C 41 -41.24 31.82 27.83
C PRO C 41 -40.74 30.77 28.83
N GLY C 42 -39.44 30.77 29.05
CA GLY C 42 -38.83 29.87 30.02
C GLY C 42 -38.64 28.45 29.53
N LYS C 43 -39.06 28.13 28.32
CA LYS C 43 -39.01 26.80 27.73
C LYS C 43 -38.06 26.82 26.55
N GLY C 44 -37.84 25.63 25.98
CA GLY C 44 -37.08 25.51 24.76
C GLY C 44 -38.01 25.82 23.61
N LEU C 45 -37.63 25.35 22.42
CA LEU C 45 -38.35 25.67 21.20
C LEU C 45 -39.03 24.44 20.65
N GLU C 46 -40.13 24.65 19.93
CA GLU C 46 -40.81 23.56 19.23
C GLU C 46 -41.14 24.02 17.82
N TRP C 47 -41.09 23.07 16.90
CA TRP C 47 -41.38 23.34 15.51
C TRP C 47 -42.89 23.51 15.31
N ILE C 48 -43.30 24.49 14.51
CA ILE C 48 -44.70 24.63 14.11
C ILE C 48 -44.91 23.98 12.77
N GLY C 49 -44.10 24.34 11.79
CA GLY C 49 -44.31 23.76 10.48
C GLY C 49 -43.55 24.51 9.41
N TYR C 50 -43.63 23.99 8.19
CA TYR C 50 -42.98 24.65 7.08
C TYR C 50 -43.79 24.48 5.81
N ILE C 51 -43.52 25.38 4.87
CA ILE C 51 -44.04 25.35 3.52
C ILE C 51 -42.85 25.41 2.56
N ASP C 52 -42.85 24.53 1.57
CA ASP C 52 -41.77 24.51 0.59
C ASP C 52 -42.07 25.58 -0.45
N GLY C 53 -41.09 26.45 -0.69
CA GLY C 53 -41.29 27.54 -1.64
C GLY C 53 -41.40 27.08 -3.07
N TYR C 54 -41.01 25.84 -3.36
CA TYR C 54 -41.09 25.31 -4.71
C TYR C 54 -42.53 25.23 -5.20
N ASP C 55 -43.41 24.62 -4.40
CA ASP C 55 -44.82 24.46 -4.75
C ASP C 55 -45.62 24.90 -3.53
N GLY C 56 -46.85 24.44 -3.42
CA GLY C 56 -47.68 24.71 -2.28
C GLY C 56 -47.61 23.64 -1.22
N ALA C 57 -46.66 22.70 -1.33
CA ALA C 57 -46.56 21.61 -0.38
C ALA C 57 -46.21 22.14 0.99
N THR C 58 -46.86 21.58 2.01
CA THR C 58 -46.63 21.96 3.40
C THR C 58 -46.43 20.72 4.26
N ASN C 59 -45.88 20.95 5.45
CA ASN C 59 -45.79 19.92 6.47
C ASN C 59 -45.93 20.61 7.82
N TYR C 60 -46.55 19.91 8.77
CA TYR C 60 -46.82 20.45 10.08
C TYR C 60 -46.53 19.39 11.12
N SER C 61 -46.18 19.84 12.33
CA SER C 61 -45.98 18.92 13.43
C SER C 61 -47.29 18.16 13.70
N PRO C 62 -47.27 16.82 13.85
CA PRO C 62 -48.52 16.08 14.07
C PRO C 62 -49.37 16.60 15.21
N SER C 63 -48.75 17.04 16.31
CA SER C 63 -49.55 17.52 17.43
C SER C 63 -50.30 18.80 17.13
N LEU C 64 -49.86 19.58 16.14
CA LEU C 64 -50.51 20.81 15.74
C LEU C 64 -51.10 20.76 14.33
N LYS C 65 -51.04 19.60 13.65
CA LYS C 65 -51.39 19.55 12.23
C LYS C 65 -52.82 20.00 11.96
N ASN C 66 -53.72 19.77 12.91
CA ASN C 66 -55.14 20.08 12.71
C ASN C 66 -55.50 21.52 13.06
N ARG C 67 -54.54 22.35 13.51
CA ARG C 67 -54.83 23.73 13.86
C ARG C 67 -54.02 24.78 13.09
N VAL C 68 -52.87 24.44 12.50
CA VAL C 68 -51.99 25.42 11.87
C VAL C 68 -51.93 25.18 10.37
N THR C 69 -52.11 26.25 9.60
CA THR C 69 -51.92 26.25 8.16
C THR C 69 -50.92 27.35 7.81
N ILE C 70 -49.90 26.99 7.03
CA ILE C 70 -48.86 27.92 6.60
C ILE C 70 -48.98 28.07 5.08
N THR C 71 -49.10 29.31 4.63
CA THR C 71 -49.26 29.61 3.21
C THR C 71 -48.30 30.70 2.79
N ILE C 72 -48.16 30.86 1.48
CA ILE C 72 -47.41 31.97 0.88
C ILE C 72 -48.43 32.91 0.27
N ASP C 73 -48.31 34.20 0.57
CA ASP C 73 -49.25 35.19 0.06
C ASP C 73 -48.64 35.91 -1.12
N THR C 74 -47.77 36.88 -0.87
CA THR C 74 -47.04 37.59 -1.91
C THR C 74 -45.73 36.84 -2.19
N PRO C 75 -45.06 37.15 -3.30
CA PRO C 75 -43.74 36.55 -3.52
C PRO C 75 -42.72 36.89 -2.44
N ASN C 76 -42.95 37.94 -1.64
CA ASN C 76 -42.05 38.36 -0.59
C ASN C 76 -42.61 38.18 0.82
N GLN C 77 -43.70 37.41 1.00
CA GLN C 77 -44.29 37.25 2.33
C GLN C 77 -45.02 35.92 2.44
N PHE C 78 -44.86 35.25 3.58
CA PHE C 78 -45.60 34.03 3.90
C PHE C 78 -46.22 34.21 5.28
N SER C 79 -47.21 33.37 5.62
CA SER C 79 -47.91 33.56 6.88
C SER C 79 -48.39 32.25 7.50
N LEU C 80 -48.50 32.30 8.84
CA LEU C 80 -48.96 31.24 9.72
C LEU C 80 -50.34 31.60 10.28
N LYS C 81 -51.33 30.75 10.04
CA LYS C 81 -52.68 30.87 10.59
C LYS C 81 -52.91 29.71 11.55
N MET C 82 -53.02 30.01 12.85
CA MET C 82 -53.19 29.00 13.90
C MET C 82 -54.55 29.24 14.57
N THR C 83 -55.48 28.32 14.36
CA THR C 83 -56.82 28.48 14.90
C THR C 83 -56.87 27.96 16.33
N SER C 84 -57.91 28.37 17.05
CA SER C 84 -58.22 27.91 18.41
C SER C 84 -56.99 27.97 19.31
N VAL C 85 -56.41 29.15 19.40
CA VAL C 85 -55.18 29.34 20.18
C VAL C 85 -55.55 29.40 21.65
N SER C 86 -54.89 28.59 22.46
CA SER C 86 -55.16 28.50 23.89
C SER C 86 -54.14 29.32 24.69
N ALA C 87 -54.41 29.43 26.00
CA ALA C 87 -53.51 30.14 26.90
C ALA C 87 -52.10 29.54 26.88
N ALA C 88 -51.99 28.23 26.68
CA ALA C 88 -50.70 27.56 26.65
C ALA C 88 -49.85 27.95 25.43
N ASP C 89 -50.44 28.60 24.43
CA ASP C 89 -49.75 28.97 23.20
C ASP C 89 -49.08 30.34 23.27
N THR C 90 -49.06 30.99 24.43
CA THR C 90 -48.32 32.24 24.55
C THR C 90 -46.84 31.94 24.33
N ALA C 91 -46.20 32.68 23.43
CA ALA C 91 -44.82 32.34 23.09
C ALA C 91 -44.23 33.40 22.18
N VAL C 92 -42.91 33.34 22.03
CA VAL C 92 -42.22 34.08 20.98
C VAL C 92 -42.25 33.20 19.73
N TYR C 93 -42.77 33.76 18.64
CA TYR C 93 -42.86 33.07 17.36
C TYR C 93 -41.75 33.59 16.46
N PHE C 94 -41.01 32.66 15.85
CA PHE C 94 -39.97 32.98 14.90
C PHE C 94 -40.32 32.38 13.56
N CYS C 95 -40.04 33.11 12.49
CA CYS C 95 -40.08 32.61 11.13
C CYS C 95 -38.64 32.45 10.65
N GLY C 96 -38.45 31.58 9.67
CA GLY C 96 -37.10 31.42 9.17
C GLY C 96 -37.03 30.61 7.90
N ARG C 97 -35.80 30.54 7.38
CA ARG C 97 -35.47 29.83 6.16
C ARG C 97 -34.59 28.65 6.54
N TRP C 98 -35.09 27.45 6.25
CA TRP C 98 -34.43 26.18 6.47
C TRP C 98 -33.82 25.70 5.15
N ASN C 99 -32.49 25.58 5.15
CA ASN C 99 -31.72 25.12 4.00
C ASN C 99 -31.75 23.60 3.90
N LEU C 100 -31.89 23.10 2.67
CA LEU C 100 -31.94 21.66 2.44
C LEU C 100 -31.11 21.14 1.27
N TYR C 101 -30.17 21.92 0.72
CA TYR C 101 -29.56 21.55 -0.57
C TYR C 101 -28.16 20.97 -0.48
N ASP C 102 -27.63 20.74 0.72
CA ASP C 102 -26.34 20.06 0.97
C ASP C 102 -25.14 20.86 0.46
N ASP C 103 -25.18 21.41 -0.76
CA ASP C 103 -23.99 22.07 -1.28
C ASP C 103 -23.78 23.46 -0.71
N ASP C 104 -24.70 23.94 0.12
CA ASP C 104 -24.54 25.19 0.83
C ASP C 104 -23.96 24.88 2.21
N HIS C 105 -23.72 25.98 2.96
CA HIS C 105 -23.04 25.94 4.26
C HIS C 105 -23.88 25.07 5.14
N ALA C 106 -25.09 25.51 5.44
CA ALA C 106 -26.08 24.68 6.13
C ALA C 106 -26.53 23.57 5.19
N TYR C 107 -26.61 22.32 5.69
CA TYR C 107 -27.20 21.22 4.90
C TYR C 107 -28.63 21.13 5.40
N LYS C 108 -28.80 21.18 6.74
CA LYS C 108 -30.11 21.07 7.37
C LYS C 108 -30.10 21.80 8.70
N SER C 109 -30.34 23.10 8.69
CA SER C 109 -30.46 23.85 9.92
C SER C 109 -31.17 25.15 9.59
N LEU C 110 -32.07 25.59 10.48
CA LEU C 110 -32.73 26.86 10.26
C LEU C 110 -31.62 27.89 10.14
N ALA C 111 -31.41 28.43 8.95
CA ALA C 111 -30.26 29.29 8.69
C ALA C 111 -30.60 30.75 8.84
N VAL C 112 -31.72 31.19 8.28
CA VAL C 112 -32.16 32.58 8.42
C VAL C 112 -33.29 32.61 9.44
N TRP C 113 -33.14 33.47 10.43
CA TRP C 113 -34.14 33.66 11.47
C TRP C 113 -34.68 35.08 11.36
N GLY C 114 -35.92 35.25 11.79
CA GLY C 114 -36.47 36.58 11.92
C GLY C 114 -36.05 37.14 13.26
N ARG C 115 -36.74 38.18 13.68
CA ARG C 115 -36.41 38.83 14.94
C ARG C 115 -37.22 38.27 16.08
N GLY C 116 -38.43 37.80 15.79
CA GLY C 116 -39.29 37.17 16.76
C GLY C 116 -40.38 38.11 17.24
N ILE C 117 -41.63 37.66 17.21
CA ILE C 117 -42.75 38.45 17.70
C ILE C 117 -43.33 37.70 18.89
N LEU C 118 -43.50 38.41 20.01
CA LEU C 118 -44.01 37.79 21.22
C LEU C 118 -45.54 37.93 21.21
N VAL C 119 -46.23 36.80 21.26
CA VAL C 119 -47.69 36.74 21.19
C VAL C 119 -48.21 36.26 22.53
N VAL C 120 -49.11 37.04 23.11
CA VAL C 120 -49.70 36.77 24.42
C VAL C 120 -51.18 36.46 24.22
N VAL C 121 -51.63 35.34 24.77
CA VAL C 121 -53.02 34.91 24.69
C VAL C 121 -53.70 35.35 25.98
N SER C 122 -54.69 36.23 25.87
CA SER C 122 -55.30 36.82 27.04
C SER C 122 -56.63 37.45 26.63
N SER C 123 -57.41 37.82 27.64
CA SER C 123 -58.66 38.54 27.46
C SER C 123 -58.60 39.90 28.14
N SER D 2 51.33 -53.72 -14.99
CA SER D 2 50.85 -52.51 -14.33
C SER D 2 51.93 -51.92 -13.44
N VAL D 3 51.98 -50.58 -13.38
CA VAL D 3 52.99 -49.92 -12.56
C VAL D 3 52.61 -50.04 -11.08
N LEU D 4 51.34 -49.82 -10.76
CA LEU D 4 50.86 -49.98 -9.39
C LEU D 4 50.80 -51.47 -9.05
N THR D 5 51.35 -51.84 -7.90
CA THR D 5 51.46 -53.23 -7.48
C THR D 5 50.60 -53.48 -6.26
N GLN D 6 49.79 -54.54 -6.32
CA GLN D 6 48.96 -54.98 -5.21
C GLN D 6 49.37 -56.40 -4.81
N SER D 7 49.00 -56.78 -3.58
CA SER D 7 49.26 -58.14 -3.11
C SER D 7 48.65 -59.18 -4.03
N ALA D 8 49.41 -60.23 -4.33
CA ALA D 8 48.96 -61.23 -5.29
C ALA D 8 47.67 -61.91 -4.83
N SER D 9 47.54 -62.20 -3.54
CA SER D 9 46.33 -62.79 -3.00
C SER D 9 46.33 -62.61 -1.50
N VAL D 10 45.14 -62.61 -0.91
CA VAL D 10 44.98 -62.58 0.54
C VAL D 10 43.90 -63.60 0.91
N SER D 11 43.85 -63.94 2.20
CA SER D 11 42.86 -64.88 2.70
C SER D 11 42.52 -64.51 4.14
N GLY D 12 41.38 -65.01 4.59
CA GLY D 12 40.99 -64.84 5.98
C GLY D 12 39.71 -65.60 6.24
N SER D 13 39.39 -65.73 7.53
CA SER D 13 38.23 -66.49 7.96
C SER D 13 36.96 -65.63 7.95
N LEU D 14 35.82 -66.32 7.82
CA LEU D 14 34.52 -65.69 7.93
C LEU D 14 34.37 -65.08 9.32
N GLY D 15 33.93 -63.82 9.37
CA GLY D 15 33.75 -63.12 10.63
C GLY D 15 34.96 -62.38 11.14
N GLN D 16 36.11 -62.49 10.45
CA GLN D 16 37.36 -61.85 10.83
C GLN D 16 37.60 -60.67 9.89
N SER D 17 38.72 -59.98 10.10
CA SER D 17 39.08 -58.82 9.29
C SER D 17 40.20 -59.18 8.32
N VAL D 18 40.26 -58.44 7.21
CA VAL D 18 41.33 -58.59 6.23
C VAL D 18 41.83 -57.20 5.84
N THR D 19 43.07 -57.15 5.35
CA THR D 19 43.71 -55.93 4.84
C THR D 19 44.25 -56.17 3.44
N ILE D 20 43.98 -55.23 2.53
CA ILE D 20 44.42 -55.26 1.14
C ILE D 20 45.42 -54.12 0.95
N SER D 21 46.63 -54.44 0.47
CA SER D 21 47.67 -53.44 0.22
C SER D 21 47.65 -52.96 -1.23
N CYS D 22 48.13 -51.72 -1.42
CA CYS D 22 48.24 -51.09 -2.73
C CYS D 22 49.44 -50.14 -2.70
N THR D 23 50.54 -50.50 -3.38
CA THR D 23 51.78 -49.72 -3.31
C THR D 23 52.36 -49.57 -4.71
N GLY D 24 53.51 -48.88 -4.80
CA GLY D 24 54.21 -48.73 -6.06
C GLY D 24 55.19 -47.57 -6.15
N PRO D 25 55.79 -47.41 -7.33
CA PRO D 25 56.81 -46.36 -7.54
C PRO D 25 56.26 -44.95 -7.38
N ASN D 26 57.21 -44.01 -7.33
CA ASN D 26 56.93 -42.58 -7.15
C ASN D 26 55.89 -42.08 -8.13
N SER D 27 55.88 -42.59 -9.36
CA SER D 27 54.91 -42.12 -10.35
C SER D 27 53.47 -42.43 -9.96
N VAL D 28 53.25 -43.35 -9.01
CA VAL D 28 51.92 -43.71 -8.54
C VAL D 28 51.88 -43.68 -7.01
N CYS D 29 52.81 -42.96 -6.40
CA CYS D 29 52.94 -43.01 -4.94
C CYS D 29 51.70 -42.47 -4.24
N CYS D 30 51.36 -43.14 -3.14
CA CYS D 30 50.20 -42.78 -2.34
C CYS D 30 50.28 -41.38 -1.73
N SER D 31 51.49 -40.85 -1.55
CA SER D 31 51.63 -39.57 -0.85
C SER D 31 50.92 -38.43 -1.58
N HIS D 32 51.25 -38.21 -2.85
CA HIS D 32 50.65 -37.12 -3.61
C HIS D 32 49.45 -37.54 -4.45
N LYS D 33 49.22 -38.85 -4.63
CA LYS D 33 48.09 -39.35 -5.41
C LYS D 33 46.97 -39.82 -4.49
N SER D 34 45.74 -39.57 -4.90
CA SER D 34 44.57 -40.11 -4.21
C SER D 34 44.36 -41.55 -4.67
N ILE D 35 43.92 -42.40 -3.74
CA ILE D 35 43.67 -43.81 -3.99
C ILE D 35 42.18 -44.11 -3.91
N SER D 36 41.66 -44.79 -4.93
CA SER D 36 40.29 -45.28 -4.98
C SER D 36 40.31 -46.79 -5.02
N TRP D 37 39.21 -47.40 -4.55
CA TRP D 37 39.07 -48.85 -4.48
C TRP D 37 37.79 -49.32 -5.13
N TYR D 38 37.92 -50.44 -5.88
CA TYR D 38 36.87 -51.12 -6.62
C TYR D 38 36.77 -52.58 -6.24
N GLN D 39 35.54 -53.10 -6.23
CA GLN D 39 35.27 -54.54 -6.24
C GLN D 39 34.92 -54.89 -7.67
N TRP D 40 35.61 -55.89 -8.24
CA TRP D 40 35.47 -56.22 -9.66
C TRP D 40 35.44 -57.73 -9.85
N PRO D 41 34.32 -58.38 -9.55
CA PRO D 41 34.23 -59.82 -9.79
C PRO D 41 34.35 -60.10 -11.27
N PRO D 42 34.94 -61.24 -11.65
CA PRO D 42 35.09 -61.53 -13.09
C PRO D 42 33.73 -61.71 -13.75
N GLY D 43 33.61 -61.19 -14.96
CA GLY D 43 32.39 -61.33 -15.73
C GLY D 43 31.31 -60.33 -15.39
N ARG D 44 31.57 -59.42 -14.46
CA ARG D 44 30.59 -58.44 -14.00
C ARG D 44 31.24 -57.06 -13.95
N ALA D 45 30.42 -56.03 -14.11
CA ALA D 45 30.94 -54.68 -13.95
C ALA D 45 31.34 -54.46 -12.48
N PRO D 46 32.38 -53.66 -12.23
CA PRO D 46 32.81 -53.43 -10.84
C PRO D 46 31.86 -52.51 -10.08
N THR D 47 31.99 -52.57 -8.76
CA THR D 47 31.34 -51.65 -7.83
C THR D 47 32.43 -50.88 -7.12
N LEU D 48 32.32 -49.55 -7.11
CA LEU D 48 33.29 -48.70 -6.44
C LEU D 48 33.07 -48.71 -4.94
N ILE D 49 34.14 -48.90 -4.18
CA ILE D 49 34.10 -48.94 -2.72
C ILE D 49 34.59 -47.63 -2.09
N ILE D 50 35.78 -47.15 -2.47
CA ILE D 50 36.38 -45.97 -1.83
C ILE D 50 36.72 -44.93 -2.89
N TYR D 51 36.33 -43.68 -2.63
CA TYR D 51 36.60 -42.56 -3.53
C TYR D 51 38.00 -41.99 -3.34
N GLU D 52 38.32 -41.62 -2.10
CA GLU D 52 39.57 -40.89 -1.79
C GLU D 52 40.13 -41.39 -0.47
N ASP D 53 41.06 -42.33 -0.54
CA ASP D 53 41.81 -42.81 0.61
C ASP D 53 40.96 -43.50 1.66
N ASN D 54 40.09 -42.75 2.35
CA ASN D 54 39.25 -43.28 3.41
C ASN D 54 37.78 -42.86 3.36
N GLU D 55 37.35 -42.14 2.33
CA GLU D 55 35.98 -41.65 2.24
C GLU D 55 35.10 -42.75 1.64
N ARG D 56 34.15 -43.25 2.43
CA ARG D 56 33.34 -44.37 2.01
C ARG D 56 32.32 -43.96 0.96
N ALA D 57 32.20 -44.80 -0.06
CA ALA D 57 31.28 -44.55 -1.16
C ALA D 57 29.82 -44.72 -0.72
N PRO D 58 28.90 -43.97 -1.32
CA PRO D 58 27.48 -44.18 -0.99
C PRO D 58 27.04 -45.60 -1.34
N GLY D 59 26.24 -46.18 -0.45
CA GLY D 59 25.73 -47.52 -0.62
C GLY D 59 26.58 -48.61 0.02
N ILE D 60 27.75 -48.26 0.54
CA ILE D 60 28.67 -49.22 1.16
C ILE D 60 28.53 -49.12 2.67
N SER D 61 28.37 -50.28 3.32
CA SER D 61 28.19 -50.35 4.75
C SER D 61 29.51 -50.09 5.48
N PRO D 62 29.47 -49.81 6.78
CA PRO D 62 30.71 -49.54 7.54
C PRO D 62 31.74 -50.67 7.52
N ARG D 63 31.39 -51.88 7.06
CA ARG D 63 32.34 -52.98 7.04
C ARG D 63 33.60 -52.65 6.23
N PHE D 64 33.47 -51.81 5.21
CA PHE D 64 34.59 -51.43 4.36
C PHE D 64 35.16 -50.11 4.87
N SER D 65 36.48 -50.02 4.91
CA SER D 65 37.15 -48.81 5.33
C SER D 65 38.54 -48.80 4.71
N GLY D 66 39.26 -47.71 4.90
CA GLY D 66 40.61 -47.67 4.38
C GLY D 66 41.45 -46.58 5.01
N TYR D 67 42.75 -46.72 4.83
CA TYR D 67 43.76 -45.84 5.39
C TYR D 67 44.86 -45.69 4.35
N LYS D 68 45.66 -44.63 4.50
CA LYS D 68 46.78 -44.43 3.60
C LYS D 68 48.01 -43.98 4.38
N SER D 69 49.14 -44.59 4.06
CA SER D 69 50.45 -44.22 4.54
C SER D 69 51.25 -43.64 3.37
N TYR D 70 52.37 -42.99 3.69
CA TYR D 70 53.23 -42.45 2.66
C TYR D 70 53.64 -43.53 1.67
N TRP D 71 54.00 -44.71 2.16
CA TRP D 71 54.59 -45.73 1.30
C TRP D 71 53.56 -46.57 0.58
N SER D 72 52.41 -46.81 1.20
CA SER D 72 51.38 -47.66 0.62
C SER D 72 50.02 -47.24 1.15
N ALA D 73 48.99 -47.45 0.32
CA ALA D 73 47.61 -47.28 0.72
C ALA D 73 47.03 -48.66 0.97
N TYR D 74 46.03 -48.74 1.84
CA TYR D 74 45.38 -50.02 2.08
C TYR D 74 43.94 -49.88 2.52
N LEU D 75 43.20 -50.96 2.23
CA LEU D 75 41.80 -51.15 2.56
C LEU D 75 41.64 -52.22 3.63
N THR D 76 40.68 -52.01 4.54
CA THR D 76 40.33 -53.00 5.54
C THR D 76 38.88 -53.41 5.34
N ILE D 77 38.61 -54.69 5.56
CA ILE D 77 37.27 -55.25 5.47
C ILE D 77 37.01 -55.97 6.78
N SER D 78 35.94 -55.59 7.47
CA SER D 78 35.49 -56.27 8.68
C SER D 78 34.32 -57.20 8.35
N ASP D 79 34.21 -58.28 9.13
CA ASP D 79 33.07 -59.20 9.06
C ASP D 79 32.84 -59.68 7.63
N LEU D 80 33.85 -60.32 7.06
CA LEU D 80 33.73 -60.84 5.71
C LEU D 80 32.58 -61.83 5.60
N ARG D 81 31.85 -61.71 4.50
CA ARG D 81 30.71 -62.55 4.15
C ARG D 81 30.99 -63.23 2.81
N PRO D 82 30.24 -64.31 2.48
CA PRO D 82 30.50 -64.97 1.19
C PRO D 82 30.41 -64.05 -0.01
N GLU D 83 29.61 -62.99 0.05
CA GLU D 83 29.54 -62.06 -1.07
C GLU D 83 30.84 -61.29 -1.28
N ASP D 84 31.73 -61.27 -0.29
CA ASP D 84 32.98 -60.53 -0.35
C ASP D 84 34.14 -61.35 -0.93
N GLU D 85 33.92 -62.63 -1.25
CA GLU D 85 34.99 -63.51 -1.75
C GLU D 85 35.14 -63.28 -3.25
N THR D 86 35.72 -62.12 -3.60
CA THR D 86 35.86 -61.74 -4.99
C THR D 86 37.16 -60.96 -5.21
N THR D 87 37.31 -60.48 -6.43
CA THR D 87 38.49 -59.74 -6.88
C THR D 87 38.34 -58.25 -6.58
N TYR D 88 39.42 -57.63 -6.09
CA TYR D 88 39.46 -56.21 -5.77
C TYR D 88 40.60 -55.52 -6.52
N TYR D 89 40.39 -54.23 -6.83
CA TYR D 89 41.41 -53.40 -7.46
C TYR D 89 41.50 -52.03 -6.78
N CYS D 90 42.68 -51.43 -6.88
CA CYS D 90 42.93 -50.05 -6.47
C CYS D 90 43.41 -49.26 -7.67
N CYS D 91 43.25 -47.93 -7.61
CA CYS D 91 43.89 -47.06 -8.60
C CYS D 91 44.30 -45.75 -7.95
N SER D 92 45.33 -45.13 -8.53
CA SER D 92 45.86 -43.85 -8.09
C SER D 92 45.56 -42.78 -9.12
N TYR D 93 45.28 -41.57 -8.65
CA TYR D 93 44.98 -40.48 -9.58
C TYR D 93 45.14 -39.12 -8.90
N THR D 94 45.28 -38.10 -9.73
CA THR D 94 45.20 -36.69 -9.34
C THR D 94 43.91 -36.10 -9.88
N HIS D 95 43.61 -34.87 -9.47
CA HIS D 95 42.42 -34.20 -9.94
C HIS D 95 42.44 -33.95 -11.45
N ASN D 96 43.63 -33.90 -12.06
CA ASN D 96 43.79 -33.60 -13.48
C ASN D 96 44.46 -34.75 -14.23
N SER D 97 44.36 -35.97 -13.70
CA SER D 97 44.88 -37.15 -14.38
C SER D 97 43.96 -38.30 -14.02
N GLY D 98 43.97 -39.35 -14.85
CA GLY D 98 43.12 -40.49 -14.64
C GLY D 98 43.70 -41.54 -13.70
N CYS D 99 42.97 -42.65 -13.58
CA CYS D 99 43.41 -43.78 -12.78
C CYS D 99 44.40 -44.65 -13.54
N VAL D 100 45.42 -45.11 -12.82
CA VAL D 100 46.34 -46.14 -13.28
C VAL D 100 46.03 -47.38 -12.45
N PHE D 101 45.55 -48.42 -13.12
CA PHE D 101 45.08 -49.60 -12.40
C PHE D 101 46.24 -50.50 -11.99
N GLY D 102 46.07 -51.13 -10.83
CA GLY D 102 47.04 -52.08 -10.32
C GLY D 102 46.84 -53.47 -10.90
N THR D 103 47.55 -54.42 -10.31
CA THR D 103 47.56 -55.80 -10.78
C THR D 103 46.36 -56.60 -10.30
N GLY D 104 45.60 -56.10 -9.32
CA GLY D 104 44.48 -56.84 -8.77
C GLY D 104 44.87 -57.70 -7.58
N THR D 105 43.86 -58.05 -6.79
CA THR D 105 44.03 -58.94 -5.65
C THR D 105 42.84 -59.88 -5.59
N LYS D 106 42.83 -60.76 -4.59
CA LYS D 106 41.70 -61.65 -4.38
C LYS D 106 41.58 -61.94 -2.89
N VAL D 107 40.34 -62.02 -2.41
CA VAL D 107 40.04 -62.32 -1.02
C VAL D 107 39.49 -63.74 -0.96
N SER D 108 40.18 -64.62 -0.22
CA SER D 108 39.69 -65.98 0.02
C SER D 108 39.00 -66.01 1.38
N VAL D 109 37.76 -66.48 1.40
CA VAL D 109 36.95 -66.54 2.61
C VAL D 109 36.91 -68.00 3.07
N LEU D 110 37.51 -68.26 4.22
CA LEU D 110 37.68 -69.61 4.74
C LEU D 110 36.53 -69.97 5.67
N GLY D 111 36.22 -71.26 5.72
CA GLY D 111 35.17 -71.76 6.59
C GLY D 111 33.81 -71.97 5.94
N GLN D 112 33.73 -71.89 4.62
CA GLN D 112 32.47 -72.10 3.92
C GLN D 112 32.25 -73.57 3.63
N SER D 113 30.97 -73.93 3.48
CA SER D 113 30.59 -75.30 3.14
C SER D 113 31.04 -75.65 1.72
N GLY E 2 43.95 26.97 -13.60
CA GLY E 2 43.39 28.11 -12.89
C GLY E 2 43.60 29.44 -13.60
N GLN E 3 44.57 29.51 -14.51
CA GLN E 3 44.84 30.66 -15.36
C GLN E 3 44.86 31.97 -14.56
N LEU E 4 45.75 32.01 -13.57
CA LEU E 4 45.94 33.24 -12.80
C LEU E 4 46.69 34.24 -13.68
N VAL E 5 46.09 35.42 -13.89
CA VAL E 5 46.60 36.40 -14.84
C VAL E 5 46.86 37.70 -14.10
N GLN E 6 48.09 38.20 -14.18
CA GLN E 6 48.47 39.49 -13.62
C GLN E 6 48.06 40.63 -14.52
N SER E 7 47.48 41.68 -13.91
CA SER E 7 46.91 42.77 -14.68
C SER E 7 47.97 43.51 -15.51
N GLY E 8 49.15 43.75 -14.95
CA GLY E 8 50.18 44.44 -15.70
C GLY E 8 51.18 45.15 -14.81
N ALA E 9 52.23 45.65 -15.45
CA ALA E 9 53.35 46.35 -14.85
C ALA E 9 53.04 47.82 -14.57
N GLU E 10 53.76 48.39 -13.60
CA GLU E 10 53.69 49.80 -13.25
C GLU E 10 55.11 50.35 -13.11
N LEU E 11 55.28 51.61 -13.50
CA LEU E 11 56.57 52.32 -13.42
C LEU E 11 56.40 53.58 -12.58
N LYS E 12 56.53 53.43 -11.27
CA LYS E 12 56.32 54.48 -10.29
C LYS E 12 57.59 55.19 -9.86
N LYS E 13 57.39 56.27 -9.12
CA LYS E 13 58.38 57.13 -8.50
C LYS E 13 58.45 56.88 -6.99
N PRO E 14 59.57 57.20 -6.33
CA PRO E 14 59.63 57.02 -4.87
C PRO E 14 58.52 57.81 -4.16
N GLY E 15 57.91 57.15 -3.17
CA GLY E 15 56.85 57.73 -2.39
C GLY E 15 55.46 57.51 -2.93
N ALA E 16 55.33 57.04 -4.17
CA ALA E 16 54.03 56.79 -4.76
C ALA E 16 53.42 55.51 -4.18
N SER E 17 52.12 55.36 -4.35
CA SER E 17 51.42 54.13 -4.05
C SER E 17 51.04 53.43 -5.35
N VAL E 18 51.15 52.10 -5.37
CA VAL E 18 50.81 51.30 -6.54
C VAL E 18 49.91 50.16 -6.10
N LYS E 19 48.85 49.91 -6.88
CA LYS E 19 47.98 48.77 -6.69
C LYS E 19 48.31 47.74 -7.77
N ILE E 20 48.73 46.56 -7.34
CA ILE E 20 49.10 45.44 -8.19
C ILE E 20 47.99 44.41 -8.05
N SER E 21 47.48 43.91 -9.18
CA SER E 21 46.33 43.03 -9.17
C SER E 21 46.53 41.84 -10.10
N CYS E 22 45.89 40.74 -9.72
CA CYS E 22 45.84 39.52 -10.51
C CYS E 22 44.38 39.08 -10.61
N LYS E 23 44.02 38.52 -11.76
CA LYS E 23 42.70 37.95 -12.02
C LYS E 23 42.78 36.44 -12.16
N THR E 24 41.64 35.79 -11.93
CA THR E 24 41.53 34.34 -12.01
C THR E 24 40.47 33.95 -13.02
N SER E 25 40.58 32.71 -13.52
CA SER E 25 39.57 32.13 -14.41
C SER E 25 39.78 30.62 -14.45
N GLY E 26 38.80 29.86 -13.96
CA GLY E 26 38.84 28.41 -14.02
C GLY E 26 38.95 27.67 -12.71
N TYR E 27 38.78 28.32 -11.56
CA TYR E 27 38.80 27.62 -10.28
C TYR E 27 37.95 28.41 -9.31
N ARG E 28 37.67 27.80 -8.16
CA ARG E 28 36.88 28.45 -7.13
C ARG E 28 37.77 29.42 -6.36
N PHE E 29 37.54 30.70 -6.58
CA PHE E 29 38.39 31.74 -6.01
C PHE E 29 38.41 31.67 -4.49
N ASN E 30 37.24 31.53 -3.86
CA ASN E 30 37.17 31.51 -2.41
C ASN E 30 37.71 30.24 -1.77
N PHE E 31 38.09 29.23 -2.56
CA PHE E 31 38.59 27.98 -1.97
C PHE E 31 40.07 28.05 -1.61
N TYR E 32 40.86 28.89 -2.27
CA TYR E 32 42.31 28.90 -2.12
C TYR E 32 42.81 30.30 -1.81
N HIS E 33 43.94 30.36 -1.10
CA HIS E 33 44.54 31.63 -0.74
C HIS E 33 45.24 32.29 -1.91
N ILE E 34 45.34 33.62 -1.84
CA ILE E 34 46.12 34.42 -2.77
C ILE E 34 47.41 34.79 -2.06
N ASN E 35 48.52 34.34 -2.65
CA ASN E 35 49.85 34.50 -2.09
C ASN E 35 50.54 35.62 -2.85
N TRP E 36 50.98 36.65 -2.15
CA TRP E 36 51.76 37.75 -2.74
C TRP E 36 53.24 37.54 -2.43
N ILE E 37 54.04 37.39 -3.49
CA ILE E 37 55.48 37.13 -3.38
C ILE E 37 56.21 37.99 -4.40
N ARG E 38 57.40 38.49 -4.03
CA ARG E 38 58.23 39.25 -4.95
C ARG E 38 59.64 38.64 -5.02
N GLN E 39 60.26 38.80 -6.19
CA GLN E 39 61.65 38.45 -6.44
C GLN E 39 62.40 39.73 -6.80
N THR E 40 63.39 40.08 -5.99
CA THR E 40 64.15 41.32 -6.12
C THR E 40 65.53 40.97 -6.68
N ALA E 41 65.99 41.77 -7.65
CA ALA E 41 67.24 41.50 -8.33
C ALA E 41 68.42 41.41 -7.37
N GLY E 42 68.43 42.24 -6.32
CA GLY E 42 69.53 42.21 -5.37
C GLY E 42 69.34 41.33 -4.16
N ARG E 43 68.23 40.60 -4.07
CA ARG E 43 67.98 39.73 -2.93
C ARG E 43 67.42 38.36 -3.34
N GLY E 44 66.69 38.27 -4.44
CA GLY E 44 65.96 37.05 -4.72
C GLY E 44 64.59 37.06 -4.06
N PRO E 45 63.89 35.93 -4.07
CA PRO E 45 62.56 35.86 -3.46
C PRO E 45 62.56 36.29 -2.00
N GLU E 46 61.63 37.18 -1.66
CA GLU E 46 61.48 37.75 -0.33
C GLU E 46 60.20 37.30 0.37
N TRP E 47 59.16 36.94 -0.40
CA TRP E 47 57.81 36.63 0.09
C TRP E 47 57.15 37.94 0.48
N MET E 48 55.81 37.97 0.63
CA MET E 48 55.16 39.19 1.10
C MET E 48 54.01 38.85 2.04
N GLY E 49 53.07 38.00 1.62
CA GLY E 49 51.95 37.69 2.49
C GLY E 49 51.02 36.63 1.94
N TRP E 50 50.24 36.03 2.85
CA TRP E 50 49.31 34.93 2.57
C TRP E 50 47.92 35.46 2.93
N ILE E 51 47.12 35.91 1.96
CA ILE E 51 45.79 36.47 2.23
C ILE E 51 44.72 35.49 1.78
N SER E 52 43.72 35.25 2.64
CA SER E 52 42.59 34.38 2.35
C SER E 52 41.49 35.16 1.64
N PRO E 53 40.99 34.74 0.47
CA PRO E 53 39.83 35.41 -0.13
C PRO E 53 38.48 35.03 0.47
N TYR E 54 38.41 34.03 1.35
CA TYR E 54 37.15 33.61 1.92
C TYR E 54 36.83 34.38 3.19
N SER E 55 37.81 34.49 4.08
CA SER E 55 37.72 35.22 5.32
C SER E 55 38.56 36.48 5.20
N GLY E 56 38.65 37.22 6.29
CA GLY E 56 39.50 38.39 6.34
C GLY E 56 40.89 38.11 6.87
N ASP E 57 41.17 36.85 7.21
CA ASP E 57 42.47 36.49 7.78
C ASP E 57 43.59 36.77 6.80
N LYS E 58 44.66 37.38 7.30
CA LYS E 58 45.86 37.67 6.53
C LYS E 58 47.07 37.31 7.39
N ASN E 59 48.10 36.75 6.75
CA ASN E 59 49.38 36.46 7.41
C ASN E 59 50.45 37.27 6.68
N LEU E 60 50.91 38.34 7.33
CA LEU E 60 51.81 39.33 6.75
C LEU E 60 53.18 39.27 7.40
N ALA E 61 54.21 39.28 6.57
CA ALA E 61 55.58 39.21 7.06
C ALA E 61 55.85 40.38 8.00
N PRO E 62 56.58 40.16 9.11
CA PRO E 62 56.96 41.32 9.94
C PRO E 62 57.64 42.43 9.14
N ALA E 63 58.41 42.05 8.12
CA ALA E 63 59.12 43.03 7.30
C ALA E 63 58.17 44.04 6.66
N PHE E 64 56.94 43.63 6.34
CA PHE E 64 56.01 44.47 5.60
C PHE E 64 54.73 44.83 6.36
N GLN E 65 54.68 44.67 7.68
CA GLN E 65 53.45 45.08 8.37
C GLN E 65 53.33 46.60 8.33
N ASP E 66 52.08 47.07 8.16
CA ASP E 66 51.68 48.48 8.02
C ASP E 66 52.01 49.08 6.66
N ARG E 67 53.10 48.65 6.02
CA ARG E 67 53.49 49.21 4.74
C ARG E 67 52.49 48.87 3.66
N VAL E 68 51.96 47.64 3.67
CA VAL E 68 51.12 47.13 2.59
C VAL E 68 49.73 46.73 3.10
N ILE E 69 48.70 47.14 2.35
CA ILE E 69 47.31 46.79 2.64
C ILE E 69 46.84 45.78 1.58
N MET E 70 46.44 44.60 2.03
CA MET E 70 46.01 43.50 1.17
C MET E 70 44.49 43.35 1.19
N THR E 71 43.88 43.07 0.03
CA THR E 71 42.42 42.88 -0.03
C THR E 71 42.06 42.01 -1.23
N THR E 72 40.88 41.38 -1.16
CA THR E 72 40.31 40.59 -2.23
C THR E 72 38.92 41.06 -2.57
N ASP E 73 38.51 40.78 -3.80
CA ASP E 73 37.18 41.07 -4.29
C ASP E 73 36.26 39.86 -4.12
N THR E 74 34.96 40.14 -4.12
CA THR E 74 33.96 39.07 -4.10
C THR E 74 34.04 38.31 -5.42
N GLU E 75 34.00 36.99 -5.34
CA GLU E 75 34.07 36.17 -6.54
C GLU E 75 32.80 36.30 -7.37
N VAL E 76 32.94 36.09 -8.68
CA VAL E 76 31.84 36.13 -9.63
C VAL E 76 31.54 34.69 -10.04
N PRO E 77 30.35 34.15 -9.76
CA PRO E 77 30.10 32.71 -10.01
C PRO E 77 29.78 32.39 -11.47
N VAL E 78 30.82 32.39 -12.32
CA VAL E 78 30.61 32.13 -13.75
C VAL E 78 29.98 30.75 -13.96
N THR E 79 30.45 29.75 -13.23
CA THR E 79 29.92 28.39 -13.30
C THR E 79 30.33 27.70 -12.01
N SER E 80 29.53 26.71 -11.60
CA SER E 80 29.83 25.99 -10.38
C SER E 80 31.19 25.31 -10.49
N PHE E 81 31.97 25.39 -9.42
CA PHE E 81 33.32 24.81 -9.29
C PHE E 81 34.38 25.52 -10.13
N THR E 82 34.00 26.46 -11.03
CA THR E 82 34.97 27.21 -11.84
C THR E 82 34.52 28.67 -11.86
N SER E 83 34.89 29.43 -10.82
CA SER E 83 34.49 30.81 -10.68
C SER E 83 35.61 31.74 -11.14
N THR E 84 35.31 33.03 -11.16
CA THR E 84 36.28 34.09 -11.42
C THR E 84 36.28 35.09 -10.27
N GLY E 85 37.29 35.95 -10.29
CA GLY E 85 37.45 36.94 -9.25
C GLY E 85 38.79 37.64 -9.38
N ALA E 86 39.10 38.45 -8.37
CA ALA E 86 40.34 39.21 -8.38
C ALA E 86 40.74 39.55 -6.95
N ALA E 87 42.04 39.81 -6.80
CA ALA E 87 42.59 40.24 -5.52
C ALA E 87 43.72 41.22 -5.80
N TYR E 88 43.97 42.13 -4.85
CA TYR E 88 45.04 43.10 -5.06
C TYR E 88 45.54 43.60 -3.72
N MET E 89 46.71 44.22 -3.79
CA MET E 89 47.40 44.77 -2.65
C MET E 89 48.04 46.10 -3.03
N GLU E 90 48.08 47.02 -2.07
CA GLU E 90 48.71 48.34 -2.25
C GLU E 90 49.91 48.44 -1.33
N ILE E 91 51.06 48.74 -1.93
CA ILE E 91 52.32 48.92 -1.19
C ILE E 91 52.59 50.41 -1.08
N ARG E 92 52.68 50.91 0.15
CA ARG E 92 52.88 52.32 0.42
C ARG E 92 54.36 52.64 0.60
N ASN E 93 54.71 53.91 0.35
CA ASN E 93 56.04 54.48 0.64
C ASN E 93 57.17 53.63 0.07
N LEU E 94 57.07 53.33 -1.22
CA LEU E 94 58.04 52.48 -1.90
C LEU E 94 59.47 53.01 -1.80
N LYS E 95 60.40 52.10 -1.56
CA LYS E 95 61.84 52.37 -1.50
C LYS E 95 62.49 51.84 -2.76
N PHE E 96 63.76 52.23 -2.96
CA PHE E 96 64.49 51.75 -4.13
C PHE E 96 64.63 50.24 -4.11
N ASP E 97 64.61 49.63 -2.92
CA ASP E 97 64.70 48.18 -2.80
C ASP E 97 63.43 47.48 -3.25
N ASP E 98 62.29 48.16 -3.32
CA ASP E 98 61.02 47.53 -3.63
C ASP E 98 60.79 47.44 -5.14
N THR E 99 61.79 46.96 -5.87
CA THR E 99 61.79 46.83 -7.32
C THR E 99 61.79 45.34 -7.68
N GLY E 100 61.93 45.06 -8.97
CA GLY E 100 61.96 43.69 -9.44
C GLY E 100 60.62 43.15 -9.88
N THR E 101 60.45 41.83 -9.81
CA THR E 101 59.27 41.17 -10.37
C THR E 101 58.36 40.64 -9.27
N TYR E 102 57.08 41.01 -9.33
CA TYR E 102 56.07 40.58 -8.38
C TYR E 102 55.17 39.50 -8.98
N PHE E 103 54.83 38.50 -8.14
CA PHE E 103 53.98 37.39 -8.49
C PHE E 103 52.78 37.25 -7.56
N CYS E 104 51.71 36.72 -8.15
CA CYS E 104 50.49 36.25 -7.51
C CYS E 104 50.54 34.74 -7.55
N ALA E 105 50.07 34.06 -6.50
CA ALA E 105 49.96 32.61 -6.56
C ALA E 105 48.75 32.03 -5.84
N LYS E 106 48.16 31.00 -6.46
CA LYS E 106 47.07 30.23 -5.88
C LYS E 106 47.62 29.19 -4.92
N GLY E 107 46.93 29.08 -3.77
CA GLY E 107 47.29 28.11 -2.75
C GLY E 107 47.14 26.67 -3.23
N LEU E 108 47.98 25.80 -2.66
CA LEU E 108 48.00 24.40 -3.08
C LEU E 108 46.76 23.63 -2.64
N LEU E 109 46.50 23.57 -1.33
CA LEU E 109 45.42 22.78 -0.77
C LEU E 109 44.48 23.63 0.06
N ARG E 110 43.29 23.07 0.29
CA ARG E 110 42.26 23.68 1.12
C ARG E 110 42.44 23.33 2.59
N ASP E 111 43.05 22.18 2.88
CA ASP E 111 43.27 21.72 4.25
C ASP E 111 44.62 21.01 4.29
N GLY E 112 44.99 20.51 5.47
CA GLY E 112 46.25 19.81 5.63
C GLY E 112 47.36 20.73 6.08
N SER E 113 48.51 20.14 6.41
CA SER E 113 49.62 20.92 6.94
C SER E 113 50.21 21.88 5.91
N SER E 114 50.03 21.60 4.63
CA SER E 114 50.62 22.38 3.54
C SER E 114 49.72 23.50 3.03
N THR E 115 48.54 23.70 3.62
CA THR E 115 47.63 24.73 3.12
C THR E 115 48.24 26.13 3.24
N TRP E 116 47.83 26.99 2.30
CA TRP E 116 48.25 28.39 2.07
C TRP E 116 49.53 28.44 1.25
N LEU E 117 50.16 27.31 0.96
CA LEU E 117 51.45 27.29 0.27
C LEU E 117 51.27 27.66 -1.21
N PRO E 118 52.08 28.57 -1.76
CA PRO E 118 51.98 28.87 -3.21
C PRO E 118 52.06 27.63 -4.08
N TYR E 119 51.13 27.51 -5.04
CA TYR E 119 51.16 26.40 -5.98
C TYR E 119 51.11 26.88 -7.42
N LEU E 120 50.07 27.62 -7.80
CA LEU E 120 49.92 28.09 -9.18
C LEU E 120 50.30 29.56 -9.28
N TRP E 121 51.39 29.84 -9.97
CA TRP E 121 51.95 31.17 -10.05
C TRP E 121 51.52 31.85 -11.34
N GLY E 122 51.33 33.16 -11.27
CA GLY E 122 51.00 33.94 -12.43
C GLY E 122 52.23 34.29 -13.26
N GLN E 123 51.99 35.08 -14.30
CA GLN E 123 53.08 35.42 -15.22
C GLN E 123 54.08 36.36 -14.56
N GLY E 124 53.62 37.25 -13.70
CA GLY E 124 54.45 38.21 -13.01
C GLY E 124 54.48 39.55 -13.73
N THR E 125 54.80 40.60 -12.96
CA THR E 125 54.88 41.95 -13.50
C THR E 125 56.16 42.62 -13.00
N LEU E 126 56.60 43.62 -13.75
CA LEU E 126 57.83 44.35 -13.46
C LEU E 126 57.51 45.65 -12.73
N LEU E 127 58.33 45.99 -11.74
CA LEU E 127 58.25 47.26 -11.04
C LEU E 127 59.64 47.86 -10.96
N THR E 128 59.78 49.09 -11.47
CA THR E 128 61.07 49.77 -11.57
C THR E 128 61.34 50.77 -10.44
N VAL E 129 60.29 51.28 -9.78
CA VAL E 129 60.38 52.31 -8.76
C VAL E 129 61.37 53.41 -9.14
N SER E 130 61.12 54.07 -10.27
CA SER E 130 62.06 55.07 -10.79
C SER E 130 61.35 56.01 -11.76
N ASP F 1 -42.85 11.77 17.88
CA ASP F 1 -41.86 12.87 18.02
C ASP F 1 -40.69 12.43 18.86
N ILE F 2 -39.47 12.67 18.39
CA ILE F 2 -38.29 12.32 19.15
C ILE F 2 -38.09 13.38 20.23
N GLN F 3 -37.99 12.95 21.48
CA GLN F 3 -37.85 13.87 22.60
C GLN F 3 -36.37 14.15 22.82
N MET F 4 -36.07 15.41 23.11
CA MET F 4 -34.71 15.88 23.32
C MET F 4 -34.53 16.41 24.73
N THR F 5 -33.36 16.11 25.30
CA THR F 5 -32.95 16.66 26.57
C THR F 5 -31.56 17.26 26.39
N GLN F 6 -31.09 17.94 27.43
CA GLN F 6 -29.81 18.60 27.39
C GLN F 6 -29.30 18.71 28.81
N SER F 7 -27.97 18.72 28.95
CA SER F 7 -27.35 18.79 30.26
C SER F 7 -26.01 19.50 30.21
N PRO F 8 -25.67 20.34 31.22
CA PRO F 8 -26.45 20.76 32.39
C PRO F 8 -27.51 21.76 31.94
N SER F 9 -28.60 21.94 32.69
CA SER F 9 -29.59 22.95 32.33
C SER F 9 -29.13 24.35 32.69
N SER F 10 -28.14 24.49 33.56
CA SER F 10 -27.60 25.79 33.97
C SER F 10 -26.10 25.64 34.10
N LEU F 11 -25.36 26.44 33.34
CA LEU F 11 -23.90 26.36 33.29
C LEU F 11 -23.31 27.74 33.48
N SER F 12 -22.18 27.80 34.17
CA SER F 12 -21.42 29.02 34.33
C SER F 12 -19.94 28.68 34.28
N ALA F 13 -19.15 29.60 33.75
CA ALA F 13 -17.71 29.41 33.72
C ALA F 13 -17.02 30.76 33.53
N SER F 14 -15.74 30.81 33.89
CA SER F 14 -14.97 32.05 33.75
C SER F 14 -14.41 32.17 32.33
N VAL F 15 -13.95 33.38 32.01
CA VAL F 15 -13.36 33.65 30.71
C VAL F 15 -12.05 32.88 30.54
N GLY F 16 -11.91 32.20 29.40
CA GLY F 16 -10.71 31.45 29.05
C GLY F 16 -10.72 29.97 29.35
N ASP F 17 -11.70 29.46 30.08
CA ASP F 17 -11.78 28.03 30.34
C ASP F 17 -12.47 27.33 29.17
N THR F 18 -12.65 26.01 29.29
CA THR F 18 -13.29 25.18 28.28
C THR F 18 -14.49 24.48 28.89
N VAL F 19 -15.64 24.57 28.23
CA VAL F 19 -16.89 24.01 28.74
C VAL F 19 -17.49 23.06 27.71
N THR F 20 -18.30 22.12 28.20
CA THR F 20 -19.00 21.14 27.38
C THR F 20 -20.48 21.11 27.72
N ILE F 21 -21.33 21.14 26.68
CA ILE F 21 -22.78 21.00 26.79
C ILE F 21 -23.17 19.75 26.03
N THR F 22 -23.91 18.84 26.68
CA THR F 22 -24.30 17.58 26.08
C THR F 22 -25.78 17.56 25.73
N CYS F 23 -26.09 17.29 24.47
CA CYS F 23 -27.46 17.17 23.98
C CYS F 23 -27.77 15.70 23.75
N ARG F 24 -28.92 15.25 24.26
CA ARG F 24 -29.29 13.84 24.26
C ARG F 24 -30.63 13.60 23.59
N ALA F 25 -30.66 12.60 22.72
CA ALA F 25 -31.84 12.17 21.98
C ALA F 25 -32.39 10.88 22.57
N ARG F 26 -33.72 10.74 22.56
CA ARG F 26 -34.29 9.45 22.93
C ARG F 26 -33.96 8.37 21.91
N HIS F 27 -33.81 8.75 20.63
CA HIS F 27 -33.53 7.82 19.56
C HIS F 27 -32.38 8.36 18.71
N GLY F 28 -31.65 7.46 18.07
CA GLY F 28 -30.50 7.87 17.31
C GLY F 28 -30.88 8.69 16.09
N VAL F 29 -30.01 9.63 15.74
CA VAL F 29 -30.21 10.52 14.60
C VAL F 29 -29.00 10.56 13.69
N GLY F 30 -28.10 9.59 13.79
CA GLY F 30 -26.88 9.67 13.01
C GLY F 30 -26.10 10.91 13.44
N GLU F 31 -25.71 11.72 12.46
CA GLU F 31 -24.99 12.96 12.69
C GLU F 31 -25.86 14.19 12.51
N ASN F 32 -27.17 14.02 12.33
CA ASN F 32 -28.07 15.12 11.97
C ASN F 32 -28.51 15.98 13.14
N LEU F 33 -27.58 16.49 13.95
CA LEU F 33 -27.91 17.36 15.09
C LEU F 33 -27.24 18.71 14.91
N ASN F 34 -28.04 19.77 14.90
CA ASN F 34 -27.59 21.15 14.77
C ASN F 34 -27.46 21.78 16.15
N TRP F 35 -26.57 22.77 16.26
CA TRP F 35 -26.42 23.57 17.47
C TRP F 35 -26.58 25.05 17.14
N TYR F 36 -27.31 25.75 18.03
CA TYR F 36 -27.65 27.17 17.90
C TYR F 36 -27.25 27.94 19.15
N GLN F 37 -26.98 29.24 18.97
CA GLN F 37 -26.67 30.18 20.05
C GLN F 37 -27.70 31.29 20.04
N GLN F 38 -28.40 31.47 21.16
CA GLN F 38 -29.44 32.48 21.32
C GLN F 38 -28.97 33.54 22.30
N LYS F 39 -28.98 34.78 21.87
CA LYS F 39 -28.71 35.90 22.75
C LYS F 39 -30.02 36.35 23.39
N PRO F 40 -30.04 36.81 24.64
CA PRO F 40 -31.31 37.25 25.24
C PRO F 40 -31.97 38.34 24.42
N GLY F 41 -33.26 38.14 24.13
CA GLY F 41 -34.05 39.08 23.37
C GLY F 41 -33.89 39.02 21.86
N LYS F 42 -33.06 38.12 21.35
CA LYS F 42 -32.78 37.97 19.93
C LYS F 42 -33.07 36.55 19.48
N ALA F 43 -33.30 36.40 18.19
CA ALA F 43 -33.44 35.07 17.60
C ALA F 43 -32.09 34.35 17.62
N PRO F 44 -32.10 33.01 17.72
CA PRO F 44 -30.83 32.28 17.67
C PRO F 44 -30.24 32.25 16.27
N LYS F 45 -28.93 31.97 16.24
CA LYS F 45 -28.20 31.68 15.03
C LYS F 45 -27.56 30.31 15.18
N VAL F 46 -27.40 29.62 14.06
CA VAL F 46 -26.83 28.27 14.08
C VAL F 46 -25.33 28.34 14.22
N LEU F 47 -24.77 27.45 15.04
CA LEU F 47 -23.33 27.32 15.23
C LEU F 47 -22.77 26.10 14.52
N ILE F 48 -23.42 24.94 14.66
CA ILE F 48 -22.92 23.69 14.09
C ILE F 48 -24.04 23.05 13.28
N TYR F 49 -23.70 22.55 12.09
CA TYR F 49 -24.69 21.90 11.26
C TYR F 49 -24.85 20.40 11.54
N MET F 50 -24.23 19.52 10.75
CA MET F 50 -24.40 18.09 10.94
C MET F 50 -23.43 17.63 12.02
N ALA F 51 -23.83 17.87 13.28
CA ALA F 51 -23.12 17.43 14.48
C ALA F 51 -21.74 18.04 14.69
N SER F 52 -20.90 18.08 13.63
CA SER F 52 -19.53 18.59 13.71
C SER F 52 -19.21 19.70 12.74
N SER F 53 -20.08 19.99 11.77
CA SER F 53 -19.76 20.95 10.72
C SER F 53 -20.06 22.36 11.18
N ARG F 54 -19.03 23.19 11.28
CA ARG F 54 -19.15 24.54 11.80
C ARG F 54 -19.53 25.53 10.70
N GLN F 55 -20.41 26.47 11.06
CA GLN F 55 -20.80 27.54 10.14
C GLN F 55 -19.68 28.55 9.95
N SER F 56 -19.51 29.00 8.71
CA SER F 56 -18.54 30.05 8.42
C SER F 56 -18.89 31.30 9.21
N GLY F 57 -17.87 31.96 9.75
CA GLY F 57 -18.05 33.14 10.57
C GLY F 57 -18.00 32.85 12.05
N ILE F 58 -18.07 31.59 12.45
CA ILE F 58 -18.00 31.18 13.84
C ILE F 58 -16.56 30.74 14.11
N PRO F 59 -15.89 31.27 15.14
CA PRO F 59 -14.46 30.95 15.31
C PRO F 59 -14.28 29.48 15.68
N SER F 60 -13.06 28.99 15.43
CA SER F 60 -12.72 27.60 15.70
C SER F 60 -12.87 27.21 17.17
N ARG F 61 -13.09 28.18 18.07
CA ARG F 61 -13.31 27.87 19.47
C ARG F 61 -14.52 26.98 19.68
N PHE F 62 -15.49 27.02 18.77
CA PHE F 62 -16.69 26.20 18.86
C PHE F 62 -16.46 24.90 18.10
N ARG F 63 -16.45 23.80 18.83
CA ARG F 63 -16.21 22.47 18.30
C ARG F 63 -17.37 21.59 18.74
N GLY F 64 -17.57 20.48 18.05
CA GLY F 64 -18.63 19.58 18.50
C GLY F 64 -18.50 18.25 17.82
N GLY F 65 -19.37 17.33 18.23
CA GLY F 65 -19.33 16.00 17.68
C GLY F 65 -20.25 15.05 18.42
N GLY F 66 -20.09 13.78 18.08
CA GLY F 66 -20.93 12.71 18.59
C GLY F 66 -21.81 12.13 17.52
N SER F 67 -22.41 11.00 17.86
CA SER F 67 -23.29 10.29 16.95
C SER F 67 -24.29 9.49 17.78
N GLY F 68 -25.35 9.03 17.12
CA GLY F 68 -26.36 8.27 17.81
C GLY F 68 -27.28 9.13 18.63
N THR F 69 -27.24 8.95 19.96
CA THR F 69 -28.10 9.69 20.88
C THR F 69 -27.39 10.69 21.76
N GLU F 70 -26.06 10.62 21.90
CA GLU F 70 -25.31 11.50 22.80
C GLU F 70 -24.34 12.35 21.99
N PHE F 71 -24.53 13.67 22.04
CA PHE F 71 -23.72 14.61 21.27
C PHE F 71 -23.19 15.67 22.21
N THR F 72 -22.02 16.24 21.88
CA THR F 72 -21.42 17.29 22.69
C THR F 72 -21.06 18.51 21.85
N LEU F 73 -21.16 19.66 22.50
CA LEU F 73 -20.67 20.95 22.02
C LEU F 73 -19.59 21.40 23.01
N THR F 74 -18.39 21.64 22.50
CA THR F 74 -17.25 22.07 23.31
C THR F 74 -16.89 23.49 22.92
N ILE F 75 -16.81 24.36 23.92
CA ILE F 75 -16.46 25.77 23.72
C ILE F 75 -15.12 25.97 24.42
N SER F 76 -14.07 26.08 23.63
CA SER F 76 -12.72 26.33 24.11
C SER F 76 -12.51 27.84 24.26
N SER F 77 -11.65 28.21 25.20
CA SER F 77 -11.22 29.59 25.42
C SER F 77 -12.43 30.54 25.49
N LEU F 78 -13.31 30.22 26.44
CA LEU F 78 -14.59 30.91 26.59
C LEU F 78 -14.40 32.42 26.70
N GLN F 79 -15.18 33.16 25.90
CA GLN F 79 -15.13 34.60 25.79
C GLN F 79 -16.37 35.24 26.38
N PRO F 80 -16.32 36.53 26.76
CA PRO F 80 -17.57 37.22 27.14
C PRO F 80 -18.65 37.18 26.06
N GLU F 81 -18.26 37.13 24.79
CA GLU F 81 -19.24 37.08 23.72
C GLU F 81 -20.02 35.77 23.68
N ASP F 82 -19.60 34.75 24.42
CA ASP F 82 -20.27 33.46 24.41
C ASP F 82 -21.42 33.37 25.41
N PHE F 83 -21.70 34.44 26.14
CA PHE F 83 -22.84 34.47 27.05
C PHE F 83 -24.12 34.25 26.26
N GLY F 84 -25.01 33.40 26.78
CA GLY F 84 -26.28 33.19 26.11
C GLY F 84 -26.82 31.80 26.37
N THR F 85 -27.90 31.47 25.66
CA THR F 85 -28.55 30.17 25.79
C THR F 85 -28.26 29.35 24.54
N TYR F 86 -27.76 28.14 24.73
CA TYR F 86 -27.44 27.25 23.63
C TYR F 86 -28.56 26.25 23.46
N HIS F 87 -28.86 25.91 22.20
CA HIS F 87 -29.92 25.00 21.85
C HIS F 87 -29.40 23.96 20.87
N CYS F 88 -30.06 22.82 20.85
CA CYS F 88 -29.73 21.74 19.94
C CYS F 88 -31.01 21.26 19.25
N GLN F 89 -30.91 20.92 17.96
CA GLN F 89 -32.07 20.55 17.13
C GLN F 89 -31.78 19.36 16.25
N GLN F 90 -32.74 18.43 16.18
CA GLN F 90 -32.60 17.27 15.31
C GLN F 90 -33.24 17.51 13.95
N SER F 91 -32.46 17.29 12.90
CA SER F 91 -32.92 17.38 11.53
C SER F 91 -33.15 16.01 10.90
N TYR F 92 -32.88 14.92 11.64
CA TYR F 92 -33.02 13.58 11.07
C TYR F 92 -34.45 13.28 10.64
N SER F 93 -35.41 13.52 11.53
CA SER F 93 -36.80 13.19 11.23
C SER F 93 -37.73 14.26 11.76
N TYR F 94 -38.84 14.43 11.08
CA TYR F 94 -39.85 15.42 11.39
C TYR F 94 -40.74 14.92 12.53
N PRO F 95 -41.17 15.80 13.47
CA PRO F 95 -40.81 17.22 13.68
C PRO F 95 -39.37 17.36 14.13
N TRP F 96 -38.74 18.47 13.74
CA TRP F 96 -37.36 18.74 14.09
C TRP F 96 -37.33 19.43 15.46
N THR F 97 -37.42 18.60 16.50
CA THR F 97 -37.57 19.07 17.87
C THR F 97 -36.26 19.66 18.40
N PHE F 98 -36.39 20.39 19.51
CA PHE F 98 -35.27 21.06 20.17
C PHE F 98 -35.17 20.60 21.61
N GLY F 99 -33.98 20.76 22.19
CA GLY F 99 -33.79 20.52 23.60
C GLY F 99 -34.27 21.71 24.41
N GLN F 100 -34.22 21.57 25.74
CA GLN F 100 -34.71 22.64 26.59
C GLN F 100 -33.77 23.85 26.62
N GLY F 101 -32.51 23.66 26.24
CA GLY F 101 -31.55 24.75 26.21
C GLY F 101 -30.72 24.84 27.48
N THR F 102 -29.47 25.30 27.32
CA THR F 102 -28.52 25.46 28.41
C THR F 102 -28.12 26.93 28.50
N LYS F 103 -28.28 27.52 29.68
CA LYS F 103 -27.94 28.92 29.90
C LYS F 103 -26.47 28.98 30.32
N VAL F 104 -25.67 29.75 29.60
CA VAL F 104 -24.23 29.92 29.86
C VAL F 104 -24.01 31.35 30.30
N GLU F 105 -23.63 31.51 31.57
CA GLU F 105 -23.30 32.76 32.21
C GLU F 105 -21.78 32.83 32.25
N ILE F 106 -21.20 34.01 31.98
CA ILE F 106 -19.75 34.19 31.94
C ILE F 106 -19.32 35.00 33.15
N LYS F 107 -18.33 34.48 33.89
CA LYS F 107 -17.79 35.14 35.07
C LYS F 107 -16.31 35.50 34.88
N SER G 2 70.54 35.43 3.93
CA SER G 2 69.27 35.36 4.63
C SER G 2 69.38 34.46 5.84
N VAL G 3 68.25 33.93 6.32
CA VAL G 3 68.24 33.03 7.47
C VAL G 3 68.40 31.57 7.03
N LEU G 4 67.65 31.16 6.00
CA LEU G 4 67.73 29.81 5.46
C LEU G 4 68.74 29.84 4.32
N THR G 5 69.78 28.99 4.39
CA THR G 5 70.87 29.03 3.43
C THR G 5 71.11 27.67 2.81
N GLN G 6 71.69 27.70 1.61
CA GLN G 6 72.09 26.54 0.84
C GLN G 6 73.59 26.63 0.52
N SER G 7 74.08 25.61 -0.20
CA SER G 7 75.48 25.57 -0.60
C SER G 7 75.79 26.54 -1.74
N ALA G 8 74.77 27.20 -2.30
CA ALA G 8 74.85 28.19 -3.38
C ALA G 8 75.11 27.57 -4.76
N SER G 9 75.93 26.52 -4.85
CA SER G 9 76.15 25.85 -6.13
C SER G 9 76.44 24.38 -5.89
N VAL G 10 75.74 23.53 -6.64
CA VAL G 10 75.95 22.08 -6.63
C VAL G 10 76.04 21.68 -8.10
N SER G 11 76.55 20.47 -8.37
CA SER G 11 76.65 20.00 -9.74
C SER G 11 76.60 18.47 -9.79
N GLY G 12 76.40 17.96 -11.00
CA GLY G 12 76.45 16.53 -11.26
C GLY G 12 76.29 16.26 -12.74
N SER G 13 76.64 15.04 -13.11
CA SER G 13 76.61 14.58 -14.50
C SER G 13 75.23 14.08 -14.94
N LEU G 14 74.98 14.19 -16.25
CA LEU G 14 73.75 13.64 -16.83
C LEU G 14 73.62 12.15 -16.61
N GLY G 15 72.44 11.74 -16.13
CA GLY G 15 72.16 10.35 -15.85
C GLY G 15 72.48 9.90 -14.45
N GLN G 16 73.10 10.75 -13.64
CA GLN G 16 73.49 10.42 -12.28
C GLN G 16 72.57 11.15 -11.32
N SER G 17 72.81 10.98 -10.02
CA SER G 17 72.04 11.64 -8.97
C SER G 17 72.81 12.84 -8.40
N VAL G 18 72.06 13.81 -7.87
CA VAL G 18 72.65 14.94 -7.16
C VAL G 18 71.78 15.25 -5.95
N THR G 19 72.43 15.75 -4.88
CA THR G 19 71.75 16.14 -3.65
C THR G 19 71.94 17.63 -3.39
N ILE G 20 70.84 18.31 -3.09
CA ILE G 20 70.83 19.73 -2.72
C ILE G 20 70.36 19.81 -1.27
N SER G 21 71.09 20.53 -0.42
CA SER G 21 70.77 20.61 1.00
C SER G 21 70.39 22.03 1.40
N CYS G 22 69.58 22.12 2.45
CA CYS G 22 69.17 23.37 3.08
C CYS G 22 69.42 23.26 4.58
N THR G 23 70.00 24.32 5.16
CA THR G 23 70.29 24.39 6.59
C THR G 23 69.91 25.77 7.11
N GLY G 24 69.93 25.92 8.43
CA GLY G 24 69.71 27.21 9.05
C GLY G 24 69.59 27.22 10.56
N PRO G 25 69.41 28.41 11.14
CA PRO G 25 69.30 28.53 12.60
C PRO G 25 68.07 27.83 13.17
N ASN G 26 68.06 27.78 14.51
CA ASN G 26 67.00 27.10 15.25
C ASN G 26 65.62 27.65 14.92
N SER G 27 65.52 28.94 14.55
CA SER G 27 64.24 29.51 14.18
C SER G 27 63.67 28.88 12.90
N VAL G 28 64.49 28.17 12.14
CA VAL G 28 64.09 27.50 10.91
C VAL G 28 64.47 26.02 11.06
N CYS G 29 64.52 25.53 12.30
CA CYS G 29 64.94 24.15 12.55
C CYS G 29 64.00 23.16 11.89
N CYS G 30 64.59 22.17 11.22
CA CYS G 30 63.85 21.15 10.51
C CYS G 30 62.97 20.29 11.43
N SER G 31 63.25 20.25 12.73
CA SER G 31 62.47 19.40 13.62
C SER G 31 61.07 19.94 13.89
N HIS G 32 60.80 21.21 13.59
CA HIS G 32 59.52 21.84 13.86
C HIS G 32 58.80 22.33 12.62
N LYS G 33 59.52 22.79 11.59
CA LYS G 33 58.91 23.38 10.41
C LYS G 33 59.07 22.46 9.21
N SER G 34 58.09 22.52 8.32
CA SER G 34 58.12 21.74 7.09
C SER G 34 58.94 22.48 6.06
N ILE G 35 59.61 21.73 5.20
CA ILE G 35 60.44 22.27 4.13
C ILE G 35 59.79 21.93 2.80
N SER G 36 59.54 22.96 1.98
CA SER G 36 59.04 22.82 0.63
C SER G 36 60.18 23.12 -0.33
N TRP G 37 60.05 22.65 -1.56
CA TRP G 37 61.02 22.90 -2.62
C TRP G 37 60.31 23.33 -3.89
N TYR G 38 60.96 24.25 -4.61
CA TYR G 38 60.44 24.94 -5.79
C TYR G 38 61.52 25.11 -6.87
N GLN G 39 61.16 24.80 -8.11
CA GLN G 39 62.01 25.10 -9.24
C GLN G 39 61.75 26.55 -9.60
N TRP G 40 62.80 27.37 -9.70
CA TRP G 40 62.65 28.81 -9.92
C TRP G 40 63.60 29.27 -11.02
N PRO G 41 63.26 29.03 -12.28
CA PRO G 41 64.09 29.52 -13.37
C PRO G 41 64.09 31.04 -13.35
N PRO G 42 65.21 31.67 -13.72
CA PRO G 42 65.22 33.15 -13.72
C PRO G 42 64.27 33.70 -14.78
N GLY G 43 63.48 34.69 -14.40
CA GLY G 43 62.58 35.34 -15.32
C GLY G 43 61.29 34.61 -15.61
N ARG G 44 61.05 33.45 -15.00
CA ARG G 44 59.88 32.63 -15.27
C ARG G 44 59.22 32.23 -13.95
N ALA G 45 57.95 31.84 -14.04
CA ALA G 45 57.19 31.49 -12.85
C ALA G 45 57.76 30.24 -12.17
N PRO G 46 57.74 30.18 -10.83
CA PRO G 46 58.15 28.95 -10.14
C PRO G 46 57.20 27.79 -10.40
N THR G 47 57.74 26.59 -10.24
CA THR G 47 56.97 25.35 -10.23
C THR G 47 57.19 24.63 -8.90
N LEU G 48 56.11 24.21 -8.26
CA LEU G 48 56.21 23.49 -7.00
C LEU G 48 56.71 22.07 -7.23
N ILE G 49 57.69 21.64 -6.43
CA ILE G 49 58.21 20.29 -6.53
C ILE G 49 57.69 19.49 -5.33
N ILE G 50 58.23 19.80 -4.14
CA ILE G 50 57.85 19.00 -2.94
C ILE G 50 57.26 19.94 -1.88
N TYR G 51 55.94 19.88 -1.68
CA TYR G 51 55.27 20.76 -0.69
C TYR G 51 55.77 20.46 0.73
N GLU G 52 55.96 19.18 1.08
CA GLU G 52 56.32 18.88 2.49
C GLU G 52 57.43 17.84 2.72
N ASP G 53 58.70 18.23 2.58
CA ASP G 53 59.84 17.37 2.87
C ASP G 53 59.95 16.23 1.85
N ASN G 54 58.91 15.39 1.72
CA ASN G 54 58.92 14.31 0.75
C ASN G 54 57.69 14.17 -0.15
N GLU G 55 56.65 14.97 0.04
CA GLU G 55 55.43 14.85 -0.75
C GLU G 55 55.56 15.46 -2.14
N ARG G 56 55.51 14.63 -3.16
CA ARG G 56 55.76 15.06 -4.53
C ARG G 56 54.55 15.80 -5.10
N ALA G 57 54.81 16.90 -5.79
CA ALA G 57 53.73 17.70 -6.38
C ALA G 57 53.16 16.98 -7.60
N PRO G 58 51.90 17.29 -7.97
CA PRO G 58 51.30 16.60 -9.12
C PRO G 58 52.06 16.88 -10.40
N GLY G 59 52.21 15.84 -11.23
CA GLY G 59 52.85 15.98 -12.51
C GLY G 59 54.36 15.94 -12.48
N ILE G 60 54.98 15.79 -11.31
CA ILE G 60 56.43 15.79 -11.19
C ILE G 60 56.90 14.35 -11.32
N SER G 61 57.90 14.14 -12.17
CA SER G 61 58.42 12.80 -12.41
C SER G 61 58.96 12.17 -11.13
N PRO G 62 58.86 10.84 -10.99
CA PRO G 62 59.33 10.20 -9.74
C PRO G 62 60.83 10.37 -9.47
N ARG G 63 61.61 10.85 -10.44
CA ARG G 63 63.04 11.02 -10.24
C ARG G 63 63.36 12.09 -9.20
N PHE G 64 62.40 12.93 -8.84
CA PHE G 64 62.56 13.91 -7.77
C PHE G 64 62.07 13.29 -6.47
N SER G 65 62.87 13.39 -5.41
CA SER G 65 62.48 12.85 -4.12
C SER G 65 63.18 13.67 -3.05
N GLY G 66 62.91 13.39 -1.79
CA GLY G 66 63.59 14.15 -0.76
C GLY G 66 63.45 13.52 0.60
N TYR G 67 64.20 14.08 1.54
CA TYR G 67 64.24 13.59 2.91
C TYR G 67 64.62 14.75 3.81
N LYS G 68 64.44 14.55 5.12
CA LYS G 68 64.80 15.58 6.08
C LYS G 68 65.54 14.94 7.25
N SER G 69 66.49 15.70 7.80
CA SER G 69 67.24 15.37 8.99
C SER G 69 67.03 16.48 9.99
N TYR G 70 67.23 16.16 11.27
CA TYR G 70 67.02 17.11 12.36
C TYR G 70 67.69 18.45 12.08
N TRP G 71 68.90 18.44 11.51
CA TRP G 71 69.67 19.65 11.25
C TRP G 71 69.61 20.13 9.80
N SER G 72 68.92 19.45 8.90
CA SER G 72 69.00 19.83 7.50
C SER G 72 67.84 19.21 6.71
N ALA G 73 67.66 19.69 5.48
CA ALA G 73 66.67 19.11 4.58
C ALA G 73 67.33 18.87 3.23
N TYR G 74 66.94 17.79 2.54
CA TYR G 74 67.61 17.37 1.32
C TYR G 74 66.59 17.13 0.22
N LEU G 75 66.96 17.56 -0.99
CA LEU G 75 66.27 17.23 -2.23
C LEU G 75 67.23 16.39 -3.07
N THR G 76 66.77 15.22 -3.50
CA THR G 76 67.55 14.32 -4.33
C THR G 76 66.95 14.30 -5.73
N ILE G 77 67.80 14.60 -6.72
CA ILE G 77 67.42 14.70 -8.11
C ILE G 77 68.16 13.59 -8.84
N SER G 78 67.42 12.58 -9.29
CA SER G 78 68.01 11.50 -10.06
C SER G 78 67.93 11.82 -11.55
N ASP G 79 68.84 11.26 -12.32
CA ASP G 79 68.86 11.37 -13.78
C ASP G 79 68.75 12.82 -14.26
N LEU G 80 69.79 13.61 -13.92
CA LEU G 80 69.77 15.03 -14.28
C LEU G 80 69.61 15.20 -15.79
N ARG G 81 68.77 16.16 -16.15
CA ARG G 81 68.44 16.50 -17.53
C ARG G 81 68.80 17.97 -17.75
N PRO G 82 69.01 18.39 -19.01
CA PRO G 82 69.40 19.81 -19.25
C PRO G 82 68.45 20.81 -18.60
N GLU G 83 67.15 20.51 -18.60
CA GLU G 83 66.18 21.45 -18.04
C GLU G 83 66.32 21.59 -16.53
N ASP G 84 67.11 20.72 -15.89
CA ASP G 84 67.33 20.80 -14.46
C ASP G 84 68.44 21.79 -14.11
N GLU G 85 69.01 22.48 -15.11
CA GLU G 85 70.07 23.44 -14.82
C GLU G 85 69.57 24.64 -14.02
N THR G 86 68.27 24.86 -13.94
CA THR G 86 67.76 26.07 -13.33
C THR G 86 68.00 26.06 -11.82
N THR G 87 67.94 27.26 -11.23
CA THR G 87 68.14 27.39 -9.79
C THR G 87 66.93 26.84 -9.04
N TYR G 88 67.17 26.09 -7.97
CA TYR G 88 66.12 25.55 -7.11
C TYR G 88 66.19 26.23 -5.75
N TYR G 89 65.02 26.50 -5.16
CA TYR G 89 64.94 27.13 -3.85
C TYR G 89 64.10 26.29 -2.90
N CYS G 90 64.43 26.36 -1.61
CA CYS G 90 63.62 25.64 -0.58
C CYS G 90 63.10 26.70 0.39
N CYS G 91 61.79 26.71 0.69
CA CYS G 91 61.35 27.69 1.73
C CYS G 91 60.59 26.96 2.86
N SER G 92 60.93 27.27 4.11
CA SER G 92 60.34 26.57 5.28
C SER G 92 59.03 27.23 5.72
N TYR G 93 58.16 26.50 6.44
CA TYR G 93 56.84 26.99 6.80
C TYR G 93 56.16 26.08 7.81
N THR G 94 55.07 26.58 8.36
CA THR G 94 54.17 25.83 9.24
C THR G 94 52.76 26.08 8.73
N HIS G 95 51.80 25.34 9.29
CA HIS G 95 50.41 25.55 8.91
C HIS G 95 49.87 26.89 9.36
N ASN G 96 50.52 27.56 10.33
CA ASN G 96 50.06 28.85 10.84
C ASN G 96 51.15 29.92 10.71
N SER G 97 51.96 29.86 9.65
CA SER G 97 52.97 30.88 9.44
C SER G 97 53.45 30.81 8.00
N GLY G 98 53.89 31.96 7.48
CA GLY G 98 54.29 32.04 6.09
C GLY G 98 55.57 31.31 5.78
N CYS G 99 55.72 30.92 4.52
CA CYS G 99 56.91 30.21 4.09
C CYS G 99 58.03 31.23 3.95
N VAL G 100 59.18 30.95 4.58
CA VAL G 100 60.34 31.83 4.55
C VAL G 100 61.33 31.23 3.56
N PHE G 101 61.74 32.03 2.59
CA PHE G 101 62.56 31.58 1.49
C PHE G 101 64.03 31.75 1.80
N GLY G 102 64.82 30.77 1.39
CA GLY G 102 66.25 30.78 1.56
C GLY G 102 66.97 31.19 0.30
N THR G 103 68.29 31.04 0.32
CA THR G 103 69.08 31.32 -0.86
C THR G 103 68.92 30.16 -1.85
N GLY G 104 69.32 30.40 -3.09
CA GLY G 104 69.16 29.42 -4.15
C GLY G 104 70.42 28.61 -4.38
N THR G 105 70.24 27.52 -5.12
CA THR G 105 71.32 26.66 -5.56
C THR G 105 71.21 26.46 -7.06
N LYS G 106 72.29 26.71 -7.78
CA LYS G 106 72.34 26.44 -9.20
C LYS G 106 72.82 25.00 -9.40
N VAL G 107 72.44 24.41 -10.53
CA VAL G 107 72.83 23.06 -10.88
C VAL G 107 73.53 23.10 -12.22
N SER G 108 74.75 22.55 -12.27
CA SER G 108 75.50 22.44 -13.50
C SER G 108 75.33 21.01 -14.01
N VAL G 109 74.73 20.87 -15.17
CA VAL G 109 74.47 19.58 -15.79
C VAL G 109 75.60 19.35 -16.79
N LEU G 110 76.46 18.37 -16.50
CA LEU G 110 77.70 18.13 -17.21
C LEU G 110 77.53 17.13 -18.35
N GLY G 111 78.38 17.26 -19.36
CA GLY G 111 78.36 16.37 -20.51
C GLY G 111 77.50 16.78 -21.68
N GLN G 112 77.13 18.05 -21.80
CA GLN G 112 76.31 18.52 -22.91
C GLN G 112 77.16 18.91 -24.11
N SER G 113 76.55 18.79 -25.28
CA SER G 113 77.17 19.16 -26.55
C SER G 113 77.51 20.65 -26.58
N GLY H 2 0.14 -1.32 50.97
CA GLY H 2 -0.41 -2.62 51.30
C GLY H 2 -0.78 -2.73 52.76
N GLN H 3 -1.84 -3.49 53.02
CA GLN H 3 -2.28 -3.71 54.40
C GLN H 3 -2.86 -5.11 54.54
N LEU H 4 -2.47 -5.76 55.64
CA LEU H 4 -2.92 -7.07 56.07
C LEU H 4 -3.75 -6.87 57.34
N VAL H 5 -4.99 -7.35 57.33
CA VAL H 5 -5.93 -7.17 58.44
C VAL H 5 -6.36 -8.53 58.95
N GLN H 6 -6.23 -8.75 60.26
CA GLN H 6 -6.60 -10.00 60.91
C GLN H 6 -7.80 -9.80 61.82
N SER H 7 -8.50 -10.90 62.10
CA SER H 7 -9.63 -10.88 63.01
C SER H 7 -9.16 -10.59 64.44
N GLY H 8 -10.13 -10.26 65.30
CA GLY H 8 -9.81 -9.88 66.67
C GLY H 8 -9.46 -11.07 67.55
N ALA H 9 -9.06 -10.75 68.77
CA ALA H 9 -8.60 -11.77 69.71
C ALA H 9 -9.74 -12.68 70.13
N GLU H 10 -9.41 -13.94 70.41
CA GLU H 10 -10.41 -14.91 70.86
C GLU H 10 -9.92 -15.75 72.02
N LEU H 11 -10.87 -16.11 72.88
CA LEU H 11 -10.69 -17.03 74.00
C LEU H 11 -11.36 -18.35 73.66
N LYS H 12 -10.59 -19.44 73.71
CA LYS H 12 -11.06 -20.78 73.41
C LYS H 12 -10.79 -21.73 74.58
N LYS H 13 -11.65 -22.74 74.72
CA LYS H 13 -11.41 -23.76 75.72
C LYS H 13 -10.46 -24.82 75.16
N PRO H 14 -9.70 -25.51 76.01
CA PRO H 14 -8.85 -26.61 75.52
C PRO H 14 -9.67 -27.65 74.77
N GLY H 15 -9.16 -28.08 73.62
CA GLY H 15 -9.81 -29.04 72.76
C GLY H 15 -10.64 -28.42 71.64
N ALA H 16 -10.94 -27.13 71.73
CA ALA H 16 -11.69 -26.43 70.71
C ALA H 16 -10.79 -26.12 69.52
N SER H 17 -11.41 -25.81 68.38
CA SER H 17 -10.72 -25.39 67.17
C SER H 17 -11.09 -23.96 66.80
N VAL H 18 -10.16 -23.26 66.14
CA VAL H 18 -10.44 -21.90 65.67
C VAL H 18 -9.93 -21.74 64.23
N LYS H 19 -10.62 -20.88 63.49
CA LYS H 19 -10.28 -20.52 62.11
C LYS H 19 -9.96 -19.03 62.06
N ILE H 20 -8.71 -18.72 61.74
CA ILE H 20 -8.19 -17.35 61.76
C ILE H 20 -8.12 -16.85 60.31
N SER H 21 -8.81 -15.74 60.06
CA SER H 21 -8.84 -15.11 58.75
C SER H 21 -7.74 -14.06 58.64
N CYS H 22 -7.35 -13.76 57.41
CA CYS H 22 -6.42 -12.68 57.12
C CYS H 22 -6.81 -12.08 55.78
N LYS H 23 -7.29 -10.84 55.81
CA LYS H 23 -7.75 -10.11 54.63
C LYS H 23 -6.62 -9.21 54.15
N THR H 24 -6.57 -9.01 52.84
CA THR H 24 -5.49 -8.27 52.19
C THR H 24 -6.07 -7.16 51.33
N SER H 25 -5.29 -6.09 51.22
CA SER H 25 -5.61 -5.01 50.30
C SER H 25 -4.33 -4.26 49.97
N GLY H 26 -4.38 -3.49 48.89
CA GLY H 26 -3.29 -2.62 48.49
C GLY H 26 -2.24 -3.28 47.62
N TYR H 27 -2.39 -4.57 47.31
CA TYR H 27 -1.46 -5.30 46.47
C TYR H 27 -2.23 -6.45 45.84
N ARG H 28 -1.59 -7.14 44.89
CA ARG H 28 -2.23 -8.29 44.26
C ARG H 28 -2.13 -9.50 45.17
N PHE H 29 -3.29 -10.00 45.58
CA PHE H 29 -3.35 -11.14 46.49
C PHE H 29 -2.72 -12.38 45.87
N ASN H 30 -3.04 -12.65 44.60
CA ASN H 30 -2.56 -13.86 43.95
C ASN H 30 -1.11 -13.80 43.53
N PHE H 31 -0.42 -12.68 43.73
CA PHE H 31 0.98 -12.56 43.35
C PHE H 31 1.96 -12.95 44.44
N TYR H 32 1.55 -12.98 45.71
CA TYR H 32 2.46 -13.21 46.82
C TYR H 32 1.93 -14.28 47.76
N HIS H 33 2.86 -14.93 48.45
CA HIS H 33 2.53 -15.95 49.43
C HIS H 33 1.92 -15.32 50.69
N ILE H 34 1.07 -16.08 51.36
CA ILE H 34 0.57 -15.73 52.69
C ILE H 34 1.29 -16.62 53.69
N ASN H 35 2.00 -15.99 54.62
CA ASN H 35 2.84 -16.67 55.59
C ASN H 35 2.20 -16.55 56.96
N TRP H 36 1.91 -17.70 57.56
CA TRP H 36 1.36 -17.84 58.91
C TRP H 36 2.49 -18.21 59.87
N ILE H 37 2.67 -17.37 60.90
CA ILE H 37 3.74 -17.52 61.88
C ILE H 37 3.14 -17.37 63.27
N ARG H 38 3.62 -18.19 64.22
CA ARG H 38 3.13 -18.18 65.59
C ARG H 38 4.16 -17.46 66.45
N GLN H 39 3.71 -16.49 67.24
CA GLN H 39 4.51 -15.84 68.27
C GLN H 39 4.09 -16.50 69.58
N THR H 40 4.93 -17.40 70.08
CA THR H 40 4.59 -18.20 71.23
C THR H 40 4.79 -17.36 72.49
N ALA H 41 3.76 -17.31 73.34
CA ALA H 41 3.83 -16.48 74.54
C ALA H 41 5.00 -16.90 75.44
N GLY H 42 5.24 -18.22 75.56
CA GLY H 42 6.28 -18.74 76.41
C GLY H 42 7.55 -19.27 75.76
N ARG H 43 7.69 -19.15 74.44
CA ARG H 43 8.87 -19.69 73.75
C ARG H 43 9.50 -18.77 72.72
N GLY H 44 8.76 -17.80 72.17
CA GLY H 44 9.25 -16.99 71.08
C GLY H 44 8.63 -17.39 69.76
N PRO H 45 8.99 -16.68 68.69
CA PRO H 45 8.36 -16.96 67.39
C PRO H 45 8.83 -18.28 66.81
N GLU H 46 7.93 -18.94 66.10
CA GLU H 46 8.29 -20.12 65.33
C GLU H 46 7.35 -20.19 64.13
N TRP H 47 7.84 -20.74 63.02
CA TRP H 47 7.11 -20.79 61.76
C TRP H 47 6.00 -21.84 61.70
N MET H 48 4.83 -21.44 61.18
CA MET H 48 3.69 -22.34 60.99
C MET H 48 3.49 -22.79 59.55
N GLY H 49 3.60 -21.89 58.57
CA GLY H 49 3.34 -22.36 57.21
C GLY H 49 3.22 -21.32 56.13
N TRP H 50 3.40 -21.78 54.90
CA TRP H 50 3.33 -20.96 53.70
C TRP H 50 2.23 -21.48 52.79
N ILE H 51 1.40 -20.57 52.26
CA ILE H 51 0.35 -20.92 51.30
C ILE H 51 0.47 -19.99 50.11
N SER H 52 0.43 -20.56 48.90
CA SER H 52 0.51 -19.79 47.67
C SER H 52 -0.90 -19.61 47.11
N PRO H 53 -1.48 -18.40 47.12
CA PRO H 53 -2.83 -18.25 46.55
C PRO H 53 -2.90 -18.50 45.05
N TYR H 54 -1.78 -18.42 44.33
CA TYR H 54 -1.83 -18.60 42.89
C TYR H 54 -2.16 -20.03 42.51
N SER H 55 -1.47 -20.99 43.12
CA SER H 55 -1.60 -22.41 42.77
C SER H 55 -2.15 -23.27 43.89
N GLY H 56 -2.17 -22.79 45.13
CA GLY H 56 -2.59 -23.60 46.25
C GLY H 56 -1.49 -24.43 46.90
N ASP H 57 -0.23 -24.27 46.46
CA ASP H 57 0.86 -25.01 47.05
C ASP H 57 1.03 -24.64 48.51
N LYS H 58 1.29 -25.64 49.34
CA LYS H 58 1.38 -25.47 50.79
C LYS H 58 2.70 -26.02 51.28
N ASN H 59 3.22 -25.41 52.36
CA ASN H 59 4.41 -25.92 53.03
C ASN H 59 4.22 -25.69 54.53
N LEU H 60 3.94 -26.78 55.24
CA LEU H 60 3.73 -26.76 56.69
C LEU H 60 4.96 -27.28 57.42
N ALA H 61 5.23 -26.69 58.58
CA ALA H 61 6.29 -27.21 59.44
C ALA H 61 5.89 -28.62 59.89
N PRO H 62 6.84 -29.56 60.02
CA PRO H 62 6.48 -30.92 60.48
C PRO H 62 5.64 -30.97 61.75
N ALA H 63 5.91 -30.07 62.70
CA ALA H 63 5.13 -30.04 63.94
C ALA H 63 3.66 -29.79 63.69
N PHE H 64 3.31 -29.05 62.63
CA PHE H 64 1.95 -28.61 62.38
C PHE H 64 1.33 -29.21 61.13
N GLN H 65 1.91 -30.28 60.58
CA GLN H 65 1.37 -30.87 59.35
C GLN H 65 -0.05 -31.39 59.56
N ASP H 66 -0.36 -31.84 60.77
CA ASP H 66 -1.70 -32.32 61.11
C ASP H 66 -2.59 -31.23 61.69
N ARG H 67 -1.98 -30.24 62.34
CA ARG H 67 -2.74 -29.23 63.08
C ARG H 67 -3.31 -28.12 62.21
N VAL H 68 -2.69 -27.82 61.06
CA VAL H 68 -3.00 -26.62 60.30
C VAL H 68 -3.59 -27.03 58.97
N ILE H 69 -4.75 -26.45 58.65
CA ILE H 69 -5.37 -26.58 57.34
C ILE H 69 -5.44 -25.16 56.79
N MET H 70 -4.84 -24.93 55.62
CA MET H 70 -4.86 -23.60 55.00
C MET H 70 -5.72 -23.61 53.76
N THR H 71 -6.54 -22.56 53.61
CA THR H 71 -7.36 -22.38 52.44
C THR H 71 -7.29 -20.91 52.01
N THR H 72 -7.65 -20.66 50.75
CA THR H 72 -7.75 -19.31 50.25
C THR H 72 -8.99 -19.20 49.38
N ASP H 73 -9.49 -17.97 49.26
CA ASP H 73 -10.49 -17.60 48.27
C ASP H 73 -9.77 -17.03 47.03
N THR H 74 -10.54 -16.63 46.04
CA THR H 74 -9.98 -15.99 44.86
C THR H 74 -9.88 -14.49 45.10
N GLU H 75 -9.09 -13.84 44.25
CA GLU H 75 -8.95 -12.39 44.36
C GLU H 75 -10.11 -11.70 43.65
N VAL H 76 -10.39 -10.47 44.09
CA VAL H 76 -11.38 -9.61 43.45
C VAL H 76 -10.66 -8.32 43.06
N PRO H 77 -10.38 -8.06 41.77
CA PRO H 77 -9.58 -6.88 41.43
C PRO H 77 -10.34 -5.60 41.69
N VAL H 78 -9.59 -4.58 42.10
CA VAL H 78 -10.12 -3.23 42.31
C VAL H 78 -9.48 -2.27 41.32
N THR H 79 -8.28 -2.59 40.85
CA THR H 79 -7.59 -1.83 39.81
C THR H 79 -6.72 -2.82 39.03
N SER H 80 -5.85 -2.28 38.17
CA SER H 80 -5.02 -3.15 37.34
C SER H 80 -3.83 -3.71 38.11
N PHE H 81 -3.37 -3.01 39.15
CA PHE H 81 -2.24 -3.43 39.96
C PHE H 81 -2.60 -3.74 41.40
N THR H 82 -3.87 -3.63 41.79
CA THR H 82 -4.28 -3.85 43.17
C THR H 82 -5.56 -4.67 43.19
N SER H 83 -5.64 -5.55 44.20
CA SER H 83 -6.81 -6.37 44.44
C SER H 83 -6.92 -6.59 45.94
N THR H 84 -8.11 -7.00 46.38
CA THR H 84 -8.35 -7.38 47.76
C THR H 84 -8.56 -8.89 47.81
N GLY H 85 -8.50 -9.45 49.02
CA GLY H 85 -8.71 -10.87 49.13
C GLY H 85 -8.58 -11.33 50.55
N ALA H 86 -8.57 -12.66 50.74
CA ALA H 86 -8.43 -13.20 52.08
C ALA H 86 -7.91 -14.63 52.01
N ALA H 87 -7.29 -15.04 53.10
CA ALA H 87 -6.80 -16.40 53.32
C ALA H 87 -7.25 -16.83 54.71
N TYR H 88 -7.40 -18.14 54.90
CA TYR H 88 -7.85 -18.68 56.18
C TYR H 88 -6.97 -19.82 56.62
N MET H 89 -6.78 -19.92 57.94
CA MET H 89 -6.04 -21.01 58.57
C MET H 89 -6.86 -21.60 59.70
N GLU H 90 -7.17 -22.89 59.59
CA GLU H 90 -7.92 -23.61 60.61
C GLU H 90 -6.93 -24.41 61.45
N ILE H 91 -6.94 -24.15 62.76
CA ILE H 91 -6.12 -24.79 63.77
C ILE H 91 -7.04 -25.66 64.63
N ARG H 92 -6.67 -26.94 64.73
CA ARG H 92 -7.41 -27.98 65.43
C ARG H 92 -6.71 -28.32 66.75
N ASN H 93 -7.49 -28.87 67.68
CA ASN H 93 -6.97 -29.46 68.92
C ASN H 93 -6.13 -28.50 69.77
N LEU H 94 -6.69 -27.33 70.09
CA LEU H 94 -5.95 -26.37 70.91
C LEU H 94 -5.60 -26.92 72.28
N LYS H 95 -4.36 -26.66 72.70
CA LYS H 95 -3.85 -26.97 74.03
C LYS H 95 -3.45 -25.66 74.68
N PHE H 96 -3.16 -25.70 75.98
CA PHE H 96 -2.71 -24.48 76.66
C PHE H 96 -1.39 -23.97 76.08
N ASP H 97 -0.56 -24.87 75.56
CA ASP H 97 0.72 -24.48 74.98
C ASP H 97 0.58 -23.61 73.74
N ASP H 98 -0.60 -23.55 73.13
CA ASP H 98 -0.82 -22.81 71.90
C ASP H 98 -1.24 -21.36 72.11
N THR H 99 -1.32 -20.90 73.36
CA THR H 99 -1.65 -19.50 73.61
C THR H 99 -0.57 -18.61 73.02
N GLY H 100 -0.97 -17.60 72.26
CA GLY H 100 0.01 -16.73 71.65
C GLY H 100 -0.63 -15.86 70.59
N THR H 101 0.23 -15.13 69.88
CA THR H 101 -0.21 -14.20 68.85
C THR H 101 0.12 -14.77 67.48
N TYR H 102 -0.88 -14.87 66.61
CA TYR H 102 -0.70 -15.41 65.27
C TYR H 102 -0.63 -14.24 64.28
N PHE H 103 0.36 -14.28 63.39
CA PHE H 103 0.55 -13.24 62.41
C PHE H 103 0.47 -13.83 61.01
N CYS H 104 -0.09 -13.04 60.10
CA CYS H 104 -0.03 -13.29 58.67
C CYS H 104 0.85 -12.24 58.03
N ALA H 105 1.56 -12.62 56.98
CA ALA H 105 2.39 -11.65 56.26
C ALA H 105 2.46 -11.94 54.77
N LYS H 106 2.50 -10.85 54.01
CA LYS H 106 2.71 -10.89 52.57
C LYS H 106 4.14 -11.29 52.26
N GLY H 107 4.27 -12.22 51.31
CA GLY H 107 5.57 -12.67 50.85
C GLY H 107 6.37 -11.58 50.17
N LEU H 108 7.70 -11.70 50.29
CA LEU H 108 8.60 -10.66 49.82
C LEU H 108 8.61 -10.52 48.30
N LEU H 109 8.84 -11.61 47.57
CA LEU H 109 9.03 -11.54 46.12
C LEU H 109 8.21 -12.57 45.37
N ARG H 110 7.87 -12.25 44.12
CA ARG H 110 7.29 -13.21 43.20
C ARG H 110 8.29 -14.20 42.63
N ASP H 111 9.58 -13.88 42.64
CA ASP H 111 10.58 -14.80 42.12
C ASP H 111 11.87 -14.56 42.92
N GLY H 112 12.86 -15.42 42.68
CA GLY H 112 14.10 -15.37 43.40
C GLY H 112 14.14 -16.42 44.50
N SER H 113 15.33 -16.55 45.11
CA SER H 113 15.52 -17.56 46.14
C SER H 113 14.77 -17.23 47.44
N SER H 114 14.33 -15.98 47.61
CA SER H 114 13.75 -15.53 48.88
C SER H 114 12.25 -15.22 48.78
N THR H 115 11.54 -15.79 47.80
CA THR H 115 10.11 -15.49 47.65
C THR H 115 9.32 -15.81 48.90
N TRP H 116 9.69 -16.90 49.59
CA TRP H 116 8.89 -17.36 50.71
C TRP H 116 8.91 -16.44 51.92
N LEU H 117 9.92 -15.59 52.07
CA LEU H 117 10.04 -14.85 53.32
C LEU H 117 8.86 -13.89 53.50
N PRO H 118 8.36 -13.73 54.73
CA PRO H 118 7.34 -12.70 54.97
C PRO H 118 7.93 -11.31 54.91
N TYR H 119 7.16 -10.37 54.36
CA TYR H 119 7.58 -8.98 54.26
C TYR H 119 6.61 -8.01 54.91
N LEU H 120 5.32 -8.03 54.53
CA LEU H 120 4.36 -7.10 55.12
C LEU H 120 3.48 -7.84 56.12
N TRP H 121 3.70 -7.57 57.39
CA TRP H 121 3.04 -8.28 58.48
C TRP H 121 1.78 -7.56 58.93
N GLY H 122 0.82 -8.34 59.42
CA GLY H 122 -0.38 -7.79 60.00
C GLY H 122 -0.13 -7.35 61.43
N GLN H 123 -1.21 -7.00 62.13
CA GLN H 123 -1.05 -6.53 63.50
C GLN H 123 -0.91 -7.69 64.47
N GLY H 124 -1.51 -8.84 64.17
CA GLY H 124 -1.41 -10.01 65.04
C GLY H 124 -2.66 -10.23 65.85
N THR H 125 -3.16 -11.47 65.86
CA THR H 125 -4.38 -11.81 66.59
C THR H 125 -4.02 -12.68 67.79
N LEU H 126 -4.49 -12.25 68.97
CA LEU H 126 -4.23 -12.98 70.21
C LEU H 126 -5.21 -14.15 70.34
N LEU H 127 -4.68 -15.34 70.57
CA LEU H 127 -5.46 -16.52 70.85
C LEU H 127 -5.11 -16.97 72.26
N THR H 128 -6.12 -17.01 73.13
CA THR H 128 -5.96 -17.42 74.52
C THR H 128 -6.69 -18.74 74.71
N VAL H 129 -6.01 -19.70 75.34
CA VAL H 129 -6.56 -21.02 75.62
C VAL H 129 -6.65 -21.17 77.13
N SER H 130 -7.86 -21.43 77.62
CA SER H 130 -8.14 -21.55 79.06
C SER H 130 -9.62 -21.89 79.23
N SER I 2 14.27 -23.39 68.17
CA SER I 2 15.45 -23.11 68.96
C SER I 2 16.69 -23.85 68.43
N VAL I 3 16.59 -24.42 67.23
CA VAL I 3 17.73 -25.09 66.64
C VAL I 3 18.81 -24.08 66.28
N LEU I 4 18.40 -22.92 65.79
CA LEU I 4 19.29 -21.83 65.42
C LEU I 4 19.45 -20.93 66.64
N THR I 5 20.67 -20.85 67.18
CA THR I 5 20.91 -20.16 68.44
C THR I 5 21.76 -18.92 68.25
N GLN I 6 21.59 -17.99 69.20
CA GLN I 6 22.21 -16.68 69.19
C GLN I 6 22.64 -16.34 70.61
N SER I 7 23.55 -15.38 70.72
CA SER I 7 23.93 -14.89 72.04
C SER I 7 22.71 -14.32 72.76
N ALA I 8 22.63 -14.57 74.07
CA ALA I 8 21.48 -14.14 74.84
C ALA I 8 21.29 -12.63 74.77
N SER I 9 22.38 -11.86 74.86
CA SER I 9 22.27 -10.42 74.75
C SER I 9 23.64 -9.83 74.38
N VAL I 10 23.59 -8.70 73.68
CA VAL I 10 24.75 -7.87 73.41
C VAL I 10 24.32 -6.43 73.66
N SER I 11 25.29 -5.53 73.78
CA SER I 11 24.97 -4.12 73.97
C SER I 11 26.09 -3.23 73.43
N GLY I 12 25.76 -1.96 73.29
CA GLY I 12 26.74 -0.96 72.89
C GLY I 12 26.19 0.44 73.10
N SER I 13 27.10 1.41 73.01
CA SER I 13 26.75 2.80 73.23
C SER I 13 26.18 3.44 71.97
N LEU I 14 25.46 4.55 72.16
CA LEU I 14 24.94 5.32 71.04
C LEU I 14 26.09 5.77 70.15
N GLY I 15 25.94 5.56 68.84
CA GLY I 15 26.97 5.91 67.89
C GLY I 15 28.03 4.86 67.67
N GLN I 16 27.98 3.76 68.41
CA GLN I 16 28.96 2.68 68.33
C GLN I 16 28.35 1.53 67.53
N SER I 17 29.11 0.47 67.35
CA SER I 17 28.66 -0.69 66.57
C SER I 17 28.40 -1.88 67.49
N VAL I 18 27.50 -2.76 67.03
CA VAL I 18 27.22 -4.03 67.70
C VAL I 18 27.22 -5.13 66.63
N THR I 19 27.46 -6.37 67.08
CA THR I 19 27.40 -7.56 66.23
C THR I 19 26.53 -8.61 66.90
N ILE I 20 25.66 -9.25 66.10
CA ILE I 20 24.82 -10.36 66.53
C ILE I 20 25.19 -11.57 65.71
N SER I 21 25.53 -12.66 66.38
CA SER I 21 25.84 -13.93 65.74
C SER I 21 24.59 -14.78 65.57
N CYS I 22 24.65 -15.72 64.62
CA CYS I 22 23.57 -16.67 64.35
C CYS I 22 24.22 -18.00 63.99
N THR I 23 24.08 -18.98 64.87
CA THR I 23 24.79 -20.24 64.81
C THR I 23 23.81 -21.40 64.97
N GLY I 24 24.28 -22.62 64.70
CA GLY I 24 23.50 -23.81 64.95
C GLY I 24 24.08 -25.06 64.34
N PRO I 25 23.37 -26.19 64.52
CA PRO I 25 23.84 -27.46 63.94
C PRO I 25 23.87 -27.47 62.42
N ASN I 26 24.54 -28.50 61.89
CA ASN I 26 24.71 -28.65 60.45
C ASN I 26 23.38 -28.76 59.71
N SER I 27 22.31 -29.20 60.37
CA SER I 27 21.02 -29.27 59.71
C SER I 27 20.49 -27.90 59.31
N VAL I 28 21.00 -26.83 59.91
CA VAL I 28 20.66 -25.45 59.59
C VAL I 28 21.94 -24.70 59.24
N CYS I 29 22.91 -25.42 58.68
CA CYS I 29 24.23 -24.88 58.38
C CYS I 29 24.15 -23.59 57.56
N CYS I 30 24.86 -22.58 58.03
CA CYS I 30 24.83 -21.24 57.46
C CYS I 30 25.55 -21.13 56.12
N SER I 31 26.19 -22.18 55.62
CA SER I 31 26.91 -22.07 54.36
C SER I 31 25.98 -22.18 53.16
N HIS I 32 25.28 -23.31 53.01
CA HIS I 32 24.39 -23.50 51.87
C HIS I 32 22.97 -23.01 52.14
N LYS I 33 22.61 -22.72 53.39
CA LYS I 33 21.31 -22.18 53.72
C LYS I 33 21.36 -20.66 53.71
N SER I 34 20.21 -20.04 53.45
CA SER I 34 20.11 -18.60 53.49
C SER I 34 19.71 -18.16 54.89
N ILE I 35 20.29 -17.04 55.34
CA ILE I 35 20.01 -16.47 56.66
C ILE I 35 19.36 -15.11 56.48
N SER I 36 18.18 -14.95 57.05
CA SER I 36 17.46 -13.68 57.08
C SER I 36 17.49 -13.16 58.51
N TRP I 37 17.28 -11.85 58.66
CA TRP I 37 17.26 -11.17 59.95
C TRP I 37 16.03 -10.30 60.05
N TYR I 38 15.42 -10.29 61.25
CA TYR I 38 14.22 -9.54 61.59
C TYR I 38 14.41 -8.73 62.86
N GLN I 39 13.81 -7.54 62.89
CA GLN I 39 13.65 -6.74 64.10
C GLN I 39 12.22 -6.97 64.60
N TRP I 40 12.08 -7.40 65.86
CA TRP I 40 10.77 -7.79 66.40
C TRP I 40 10.65 -7.35 67.85
N PRO I 41 10.34 -6.08 68.09
CA PRO I 41 10.13 -5.64 69.48
C PRO I 41 8.87 -6.29 70.02
N PRO I 42 8.81 -6.64 71.31
CA PRO I 42 7.55 -7.17 71.86
C PRO I 42 6.42 -6.16 71.71
N GLY I 43 5.23 -6.68 71.37
CA GLY I 43 4.04 -5.88 71.25
C GLY I 43 3.76 -5.34 69.85
N ARG I 44 4.68 -5.51 68.90
CA ARG I 44 4.52 -5.01 67.55
C ARG I 44 4.94 -6.09 66.55
N ALA I 45 4.39 -5.97 65.35
CA ALA I 45 4.79 -6.86 64.26
C ALA I 45 6.25 -6.62 63.89
N PRO I 46 6.96 -7.64 63.42
CA PRO I 46 8.37 -7.45 63.06
C PRO I 46 8.55 -6.66 61.78
N THR I 47 9.77 -6.14 61.62
CA THR I 47 10.21 -5.45 60.42
C THR I 47 11.35 -6.25 59.81
N LEU I 48 11.30 -6.45 58.50
CA LEU I 48 12.34 -7.19 57.81
C LEU I 48 13.63 -6.39 57.77
N ILE I 49 14.73 -7.00 58.21
CA ILE I 49 16.03 -6.34 58.24
C ILE I 49 16.91 -6.79 57.08
N ILE I 50 17.24 -8.08 57.00
CA ILE I 50 18.15 -8.58 55.92
C ILE I 50 17.52 -9.78 55.21
N TYR I 51 16.79 -9.56 54.11
CA TYR I 51 16.05 -10.67 53.44
C TYR I 51 16.95 -11.79 52.88
N GLU I 52 18.08 -11.47 52.22
CA GLU I 52 18.98 -12.56 51.76
C GLU I 52 20.16 -12.54 52.73
N ASP I 53 21.24 -13.29 52.44
CA ASP I 53 22.26 -13.14 53.46
C ASP I 53 23.02 -11.81 53.38
N ASN I 54 23.42 -11.39 52.18
CA ASN I 54 24.14 -10.13 52.02
C ASN I 54 23.27 -8.96 51.58
N GLU I 55 21.98 -9.15 51.34
CA GLU I 55 21.18 -8.12 50.66
C GLU I 55 20.23 -7.45 51.65
N ARG I 56 20.38 -6.15 51.77
CA ARG I 56 19.58 -5.32 52.68
C ARG I 56 18.17 -5.10 52.12
N ALA I 57 17.19 -5.05 53.03
CA ALA I 57 15.80 -4.90 52.65
C ALA I 57 15.44 -3.44 52.29
N PRO I 58 14.39 -3.24 51.48
CA PRO I 58 13.94 -1.87 51.16
C PRO I 58 13.60 -1.00 52.35
N GLY I 59 14.01 0.27 52.27
CA GLY I 59 13.70 1.29 53.26
C GLY I 59 14.65 1.37 54.44
N ILE I 60 15.61 0.46 54.54
CA ILE I 60 16.52 0.38 55.67
C ILE I 60 17.79 1.18 55.37
N SER I 61 18.17 2.04 56.31
CA SER I 61 19.36 2.85 56.18
C SER I 61 20.60 1.96 56.04
N PRO I 62 21.62 2.40 55.27
CA PRO I 62 22.87 1.61 55.16
C PRO I 62 23.55 1.22 56.47
N ARG I 63 23.19 1.83 57.61
CA ARG I 63 23.85 1.50 58.86
C ARG I 63 23.63 0.05 59.28
N PHE I 64 22.61 -0.63 58.76
CA PHE I 64 22.40 -2.05 59.02
C PHE I 64 23.15 -2.86 57.98
N SER I 65 23.80 -3.94 58.42
CA SER I 65 24.53 -4.77 57.47
C SER I 65 24.66 -6.17 58.05
N GLY I 66 25.27 -7.06 57.28
CA GLY I 66 25.54 -8.40 57.74
C GLY I 66 26.42 -9.12 56.75
N TYR I 67 26.84 -10.32 57.14
CA TYR I 67 27.75 -11.13 56.34
C TYR I 67 27.59 -12.59 56.73
N LYS I 68 28.15 -13.45 55.90
CA LYS I 68 28.14 -14.89 56.11
C LYS I 68 29.57 -15.40 56.31
N SER I 69 29.68 -16.46 57.11
CA SER I 69 30.89 -17.24 57.24
C SER I 69 30.42 -18.70 57.25
N TYR I 70 31.34 -19.61 56.92
CA TYR I 70 30.97 -21.05 56.87
C TYR I 70 30.42 -21.46 58.22
N TRP I 71 31.20 -21.19 59.27
CA TRP I 71 30.78 -21.63 60.64
C TRP I 71 29.47 -20.95 61.05
N SER I 72 29.29 -19.66 60.74
CA SER I 72 28.06 -18.97 61.23
C SER I 72 27.77 -17.66 60.48
N ALA I 73 26.59 -17.09 60.71
CA ALA I 73 26.20 -15.83 60.09
C ALA I 73 26.29 -14.68 61.09
N TYR I 74 26.52 -13.46 60.58
CA TYR I 74 26.70 -12.26 61.39
C TYR I 74 25.80 -11.15 60.87
N LEU I 75 25.28 -10.35 61.78
CA LEU I 75 24.64 -9.07 61.47
C LEU I 75 25.36 -8.00 62.29
N THR I 76 25.56 -6.82 61.69
CA THR I 76 26.15 -5.70 62.39
C THR I 76 25.22 -4.50 62.30
N ILE I 77 25.24 -3.70 63.37
CA ILE I 77 24.44 -2.48 63.46
C ILE I 77 25.38 -1.37 63.90
N SER I 78 25.53 -0.35 63.05
CA SER I 78 26.26 0.85 63.42
C SER I 78 25.27 1.95 63.81
N ASP I 79 25.79 2.97 64.49
CA ASP I 79 25.02 4.15 64.87
C ASP I 79 23.72 3.79 65.60
N LEU I 80 23.86 3.07 66.71
CA LEU I 80 22.69 2.72 67.51
C LEU I 80 21.99 3.97 68.01
N ARG I 81 20.67 3.93 68.02
CA ARG I 81 19.79 5.01 68.43
C ARG I 81 18.81 4.47 69.45
N PRO I 82 18.18 5.36 70.26
CA PRO I 82 17.24 4.87 71.29
C PRO I 82 16.15 3.97 70.74
N GLU I 83 15.71 4.19 69.50
CA GLU I 83 14.71 3.32 68.89
C GLU I 83 15.27 1.96 68.51
N ASP I 84 16.59 1.76 68.60
CA ASP I 84 17.25 0.52 68.23
C ASP I 84 17.36 -0.46 69.39
N GLU I 85 16.84 -0.13 70.56
CA GLU I 85 16.90 -0.99 71.74
C GLU I 85 15.75 -1.99 71.66
N THR I 86 16.05 -3.21 71.21
CA THR I 86 14.98 -4.17 70.93
C THR I 86 15.59 -5.57 70.76
N THR I 87 14.76 -6.52 70.34
CA THR I 87 15.18 -7.90 70.11
C THR I 87 15.19 -8.21 68.63
N TYR I 88 16.29 -8.80 68.16
CA TYR I 88 16.48 -9.21 66.77
C TYR I 88 16.54 -10.72 66.67
N TYR I 89 15.97 -11.27 65.60
CA TYR I 89 15.94 -12.71 65.35
C TYR I 89 16.54 -13.01 63.98
N CYS I 90 17.07 -14.22 63.84
CA CYS I 90 17.54 -14.72 62.55
C CYS I 90 16.75 -15.98 62.18
N CYS I 91 16.67 -16.25 60.87
CA CYS I 91 16.01 -17.44 60.36
C CYS I 91 16.82 -18.10 59.26
N SER I 92 16.93 -19.42 59.35
CA SER I 92 17.54 -20.24 58.31
C SER I 92 16.46 -20.78 57.38
N TYR I 93 16.63 -20.56 56.07
CA TYR I 93 15.62 -20.96 55.10
C TYR I 93 16.27 -21.30 53.77
N THR I 94 15.52 -21.99 52.92
CA THR I 94 15.89 -22.26 51.54
C THR I 94 14.70 -21.96 50.65
N HIS I 95 14.94 -21.96 49.33
CA HIS I 95 13.88 -21.71 48.37
C HIS I 95 12.89 -22.86 48.28
N ASN I 96 13.25 -24.07 48.74
CA ASN I 96 12.41 -25.26 48.62
C ASN I 96 12.19 -25.93 49.98
N SER I 97 12.33 -25.18 51.07
CA SER I 97 12.17 -25.72 52.42
C SER I 97 11.34 -24.72 53.21
N GLY I 98 11.49 -24.70 54.53
CA GLY I 98 10.73 -23.80 55.38
C GLY I 98 11.60 -22.65 55.88
N CYS I 99 11.32 -22.17 57.08
CA CYS I 99 12.09 -21.08 57.68
C CYS I 99 12.06 -21.34 59.17
N VAL I 100 13.23 -21.63 59.73
CA VAL I 100 13.39 -21.96 61.14
C VAL I 100 13.94 -20.71 61.83
N PHE I 101 13.14 -20.15 62.73
CA PHE I 101 13.53 -18.95 63.47
C PHE I 101 14.40 -19.34 64.65
N GLY I 102 15.29 -18.43 65.02
CA GLY I 102 16.15 -18.62 66.17
C GLY I 102 15.50 -18.18 67.48
N THR I 103 16.35 -17.96 68.48
CA THR I 103 15.89 -17.63 69.82
C THR I 103 15.86 -16.14 70.11
N GLY I 104 16.64 -15.36 69.37
CA GLY I 104 16.64 -13.91 69.48
C GLY I 104 17.70 -13.39 70.42
N THR I 105 18.18 -12.19 70.11
CA THR I 105 19.15 -11.46 70.92
C THR I 105 18.62 -10.06 71.19
N LYS I 106 18.58 -9.67 72.46
CA LYS I 106 18.21 -8.32 72.85
C LYS I 106 19.41 -7.40 72.82
N VAL I 107 19.22 -6.20 72.29
CA VAL I 107 20.23 -5.15 72.26
C VAL I 107 19.70 -3.99 73.10
N SER I 108 20.49 -3.59 74.09
CA SER I 108 20.21 -2.47 74.97
C SER I 108 21.21 -1.37 74.71
N VAL I 109 20.72 -0.12 74.70
CA VAL I 109 21.54 1.05 74.43
C VAL I 109 21.89 1.71 75.75
N LEU I 110 23.18 1.78 76.04
CA LEU I 110 23.69 2.31 77.30
C LEU I 110 24.08 3.77 77.13
N GLY I 111 23.98 4.52 78.23
CA GLY I 111 24.34 5.93 78.22
C GLY I 111 23.22 6.86 77.82
N GLN I 112 21.97 6.42 77.89
CA GLN I 112 20.83 7.27 77.56
C GLN I 112 20.42 8.10 78.77
N SER I 113 19.86 9.27 78.50
CA SER I 113 19.37 10.14 79.57
C SER I 113 18.19 9.50 80.29
N GLU J 2 28.24 -4.13 42.05
CA GLU J 2 27.13 -3.30 42.49
C GLU J 2 26.77 -2.23 41.46
N LYS J 3 27.73 -1.86 40.62
CA LYS J 3 27.49 -0.85 39.60
C LYS J 3 26.65 -1.47 38.49
N LEU J 4 25.55 -0.81 38.13
CA LEU J 4 24.60 -1.34 37.17
C LEU J 4 24.68 -0.61 35.84
N TRP J 5 24.39 -1.35 34.77
CA TRP J 5 24.48 -0.84 33.40
C TRP J 5 23.14 -1.00 32.68
N VAL J 6 22.86 -0.04 31.79
CA VAL J 6 21.62 -0.04 31.02
C VAL J 6 21.65 -1.15 29.97
N THR J 7 20.55 -1.91 29.88
CA THR J 7 20.35 -2.91 28.83
C THR J 7 19.02 -2.67 28.15
N VAL J 8 19.03 -2.75 26.82
CA VAL J 8 17.85 -2.56 25.97
C VAL J 8 17.31 -3.93 25.56
N TYR J 9 16.02 -4.15 25.80
CA TYR J 9 15.33 -5.39 25.47
C TYR J 9 14.28 -5.10 24.40
N TYR J 10 14.35 -5.83 23.29
CA TYR J 10 13.43 -5.66 22.16
C TYR J 10 12.51 -6.87 22.07
N GLY J 11 11.21 -6.60 22.09
CA GLY J 11 10.18 -7.62 22.13
C GLY J 11 9.53 -7.70 23.49
N VAL J 12 9.58 -6.64 24.27
CA VAL J 12 9.09 -6.61 25.65
C VAL J 12 7.56 -6.71 25.66
N PRO J 13 6.95 -7.62 26.46
CA PRO J 13 5.48 -7.79 26.44
C PRO J 13 4.74 -6.70 27.21
N VAL J 14 4.80 -5.47 26.72
CA VAL J 14 4.13 -4.32 27.33
C VAL J 14 3.26 -3.68 26.27
N TRP J 15 2.09 -3.19 26.67
CA TRP J 15 1.18 -2.56 25.73
C TRP J 15 0.51 -1.32 26.32
N LYS J 16 0.01 -0.50 25.40
CA LYS J 16 -0.73 0.73 25.66
C LYS J 16 -2.05 0.69 24.91
N ASP J 17 -3.06 1.35 25.45
CA ASP J 17 -4.33 1.44 24.74
C ASP J 17 -4.13 2.21 23.44
N ALA J 18 -4.76 1.73 22.37
CA ALA J 18 -4.61 2.38 21.07
C ALA J 18 -5.81 2.09 20.19
N GLU J 19 -6.01 2.97 19.21
CA GLU J 19 -7.06 2.88 18.22
C GLU J 19 -6.44 2.65 16.85
N THR J 20 -6.75 1.51 16.23
CA THR J 20 -6.22 1.18 14.91
C THR J 20 -7.30 0.55 14.05
N THR J 21 -6.92 0.21 12.82
CA THR J 21 -7.79 -0.44 11.84
C THR J 21 -7.55 -1.94 11.84
N LEU J 22 -8.61 -2.71 12.00
CA LEU J 22 -8.53 -4.16 12.11
C LEU J 22 -8.82 -4.84 10.76
N PHE J 23 -8.37 -6.08 10.65
CA PHE J 23 -8.56 -6.88 9.45
C PHE J 23 -9.84 -7.69 9.53
N CYS J 24 -10.42 -7.98 8.36
CA CYS J 24 -11.67 -8.71 8.24
C CYS J 24 -11.40 -10.16 7.84
N ALA J 25 -11.87 -11.10 8.66
CA ALA J 25 -11.71 -12.53 8.41
C ALA J 25 -13.07 -13.20 8.49
N SER J 26 -13.21 -14.31 7.77
CA SER J 26 -14.45 -15.08 7.81
C SER J 26 -14.14 -16.51 7.42
N ASP J 27 -15.14 -17.38 7.56
CA ASP J 27 -15.04 -18.76 7.12
C ASP J 27 -15.36 -18.80 5.63
N ALA J 28 -14.35 -19.13 4.82
CA ALA J 28 -14.52 -19.09 3.36
C ALA J 28 -15.64 -20.01 2.88
N LYS J 29 -15.92 -21.08 3.62
CA LYS J 29 -16.93 -22.09 3.23
C LYS J 29 -16.79 -22.53 1.77
N GLU J 34 -20.11 -16.36 1.18
CA GLU J 34 -20.69 -16.83 -0.08
C GLU J 34 -20.65 -15.71 -1.13
N LYS J 35 -21.13 -16.01 -2.33
CA LYS J 35 -21.10 -15.07 -3.43
C LYS J 35 -22.38 -14.24 -3.45
N HIS J 36 -22.25 -13.01 -3.95
CA HIS J 36 -23.38 -12.07 -4.08
C HIS J 36 -24.03 -11.82 -2.73
N ASN J 37 -23.21 -11.76 -1.67
CA ASN J 37 -23.67 -11.42 -0.34
C ASN J 37 -23.50 -9.92 -0.13
N VAL J 38 -24.45 -9.31 0.59
CA VAL J 38 -24.40 -7.87 0.83
C VAL J 38 -23.13 -7.47 1.56
N TRP J 39 -22.55 -8.38 2.34
CA TRP J 39 -21.35 -8.08 3.12
C TRP J 39 -20.07 -8.14 2.31
N ALA J 40 -20.13 -8.40 1.00
CA ALA J 40 -18.96 -8.38 0.10
C ALA J 40 -17.80 -9.21 0.62
N THR J 41 -18.04 -10.52 0.76
CA THR J 41 -17.09 -11.41 1.40
C THR J 41 -15.76 -11.48 0.67
N HIS J 42 -15.68 -11.05 -0.58
CA HIS J 42 -14.41 -11.06 -1.28
C HIS J 42 -13.44 -10.03 -0.72
N ALA J 43 -13.93 -9.04 0.04
CA ALA J 43 -13.06 -8.05 0.65
C ALA J 43 -12.46 -8.50 1.98
N CYS J 44 -12.85 -9.68 2.48
CA CYS J 44 -12.34 -10.23 3.73
C CYS J 44 -11.52 -11.46 3.40
N VAL J 45 -10.56 -11.78 4.26
CA VAL J 45 -9.66 -12.92 4.02
C VAL J 45 -10.23 -14.15 4.70
N PRO J 46 -9.79 -15.37 4.38
CA PRO J 46 -10.21 -16.52 5.17
C PRO J 46 -9.57 -16.50 6.55
N THR J 47 -10.28 -17.06 7.51
CA THR J 47 -9.76 -17.19 8.87
C THR J 47 -8.84 -18.39 9.00
N ASP J 48 -8.01 -18.36 10.03
CA ASP J 48 -7.16 -19.49 10.38
C ASP J 48 -7.96 -20.47 11.24
N PRO J 49 -8.13 -21.75 10.82
CA PRO J 49 -8.89 -22.70 11.67
C PRO J 49 -8.40 -22.81 13.11
N ASN J 50 -7.12 -22.50 13.34
CA ASN J 50 -6.57 -22.57 14.69
C ASN J 50 -6.94 -21.28 15.41
N PRO J 51 -7.74 -21.34 16.49
CA PRO J 51 -8.21 -20.08 17.10
C PRO J 51 -7.14 -19.33 17.87
N GLN J 52 -5.93 -19.89 18.01
CA GLN J 52 -4.87 -19.30 18.85
C GLN J 52 -5.34 -19.32 20.30
N GLU J 53 -5.80 -18.18 20.85
CA GLU J 53 -6.32 -18.16 22.22
C GLU J 53 -5.22 -18.48 23.22
N VAL J 54 -4.41 -17.48 23.57
CA VAL J 54 -3.31 -17.65 24.51
C VAL J 54 -3.75 -16.96 25.80
N VAL J 55 -3.87 -17.74 26.87
CA VAL J 55 -4.31 -17.22 28.16
C VAL J 55 -3.14 -16.46 28.78
N LEU J 56 -3.42 -15.25 29.27
CA LEU J 56 -2.42 -14.40 29.90
C LEU J 56 -2.50 -14.62 31.40
N GLU J 57 -1.54 -15.36 31.94
CA GLU J 57 -1.51 -15.62 33.37
C GLU J 57 -0.97 -14.39 34.11
N ASN J 58 -1.48 -14.17 35.31
CA ASN J 58 -1.08 -13.04 36.15
C ASN J 58 -1.33 -11.69 35.48
N VAL J 59 -2.30 -11.60 34.57
CA VAL J 59 -2.66 -10.34 33.92
C VAL J 59 -4.11 -10.02 34.22
N THR J 60 -4.34 -8.88 34.84
CA THR J 60 -5.66 -8.29 35.01
C THR J 60 -5.64 -7.01 34.20
N GLU J 61 -6.67 -6.76 33.40
CA GLU J 61 -6.68 -5.61 32.52
C GLU J 61 -7.99 -4.85 32.69
N HIS J 62 -7.95 -3.56 32.39
CA HIS J 62 -9.10 -2.68 32.56
C HIS J 62 -9.80 -2.57 31.21
N PHE J 63 -11.01 -3.11 31.12
CA PHE J 63 -11.80 -3.10 29.91
C PHE J 63 -12.89 -2.05 30.03
N ASN J 64 -13.22 -1.41 28.92
CA ASN J 64 -14.28 -0.41 28.89
C ASN J 64 -14.98 -0.55 27.54
N MET J 65 -16.17 -1.17 27.55
CA MET J 65 -16.89 -1.41 26.31
C MET J 65 -17.40 -0.11 25.69
N TRP J 66 -17.52 0.95 26.48
CA TRP J 66 -18.10 2.21 26.00
C TRP J 66 -17.09 3.09 25.29
N LYS J 67 -15.80 2.74 25.33
CA LYS J 67 -14.73 3.48 24.66
C LYS J 67 -14.00 2.57 23.67
N ASN J 68 -14.61 1.44 23.31
CA ASN J 68 -13.96 0.41 22.52
C ASN J 68 -13.97 0.82 21.05
N ASN J 69 -12.79 1.14 20.49
CA ASN J 69 -12.72 1.61 19.11
C ASN J 69 -13.16 0.56 18.10
N MET J 70 -13.16 -0.73 18.46
CA MET J 70 -13.61 -1.74 17.51
C MET J 70 -15.06 -1.54 17.14
N VAL J 71 -15.84 -0.89 18.01
CA VAL J 71 -17.25 -0.64 17.73
C VAL J 71 -17.37 0.39 16.62
N GLU J 72 -16.58 1.47 16.69
CA GLU J 72 -16.62 2.48 15.64
C GLU J 72 -16.07 1.93 14.34
N GLN J 73 -15.03 1.10 14.43
CA GLN J 73 -14.48 0.49 13.22
C GLN J 73 -15.49 -0.44 12.58
N MET J 74 -16.20 -1.23 13.39
CA MET J 74 -17.20 -2.12 12.84
C MET J 74 -18.33 -1.35 12.20
N GLN J 75 -18.78 -0.26 12.84
CA GLN J 75 -19.87 0.52 12.26
C GLN J 75 -19.44 1.14 10.93
N THR J 76 -18.21 1.62 10.86
CA THR J 76 -17.71 2.19 9.61
C THR J 76 -17.62 1.13 8.53
N ASP J 77 -17.12 -0.07 8.88
CA ASP J 77 -17.00 -1.13 7.89
C ASP J 77 -18.37 -1.60 7.43
N ILE J 78 -19.33 -1.69 8.35
CA ILE J 78 -20.66 -2.15 7.99
C ILE J 78 -21.29 -1.17 7.00
N ILE J 79 -21.17 0.13 7.28
CA ILE J 79 -21.71 1.13 6.37
C ILE J 79 -20.99 1.06 5.02
N SER J 80 -19.66 0.94 5.04
CA SER J 80 -18.90 0.88 3.80
C SER J 80 -19.30 -0.32 2.96
N LEU J 81 -19.47 -1.49 3.58
CA LEU J 81 -19.89 -2.67 2.83
C LEU J 81 -21.28 -2.49 2.25
N TRP J 82 -22.21 -1.90 3.00
CA TRP J 82 -23.53 -1.65 2.44
C TRP J 82 -23.47 -0.69 1.26
N ASP J 83 -22.68 0.38 1.37
CA ASP J 83 -22.60 1.34 0.27
C ASP J 83 -21.94 0.72 -0.94
N GLN J 84 -20.92 -0.12 -0.73
CA GLN J 84 -20.26 -0.79 -1.83
C GLN J 84 -21.19 -1.79 -2.50
N SER J 85 -22.01 -2.48 -1.71
CA SER J 85 -22.93 -3.47 -2.27
C SER J 85 -24.04 -2.81 -3.07
N LEU J 86 -24.50 -1.64 -2.61
CA LEU J 86 -25.60 -0.95 -3.28
C LEU J 86 -25.14 -0.11 -4.46
N LYS J 87 -23.89 0.36 -4.45
CA LYS J 87 -23.35 1.19 -5.54
C LYS J 87 -23.64 0.63 -6.93
N PRO J 88 -23.30 -0.63 -7.28
CA PRO J 88 -23.58 -1.15 -8.63
C PRO J 88 -25.02 -1.64 -8.83
N CYS J 89 -26.01 -0.79 -8.54
CA CYS J 89 -27.40 -1.16 -8.73
C CYS J 89 -28.17 -0.01 -9.38
N VAL J 90 -29.28 -0.37 -10.01
CA VAL J 90 -30.10 0.60 -10.73
C VAL J 90 -30.64 1.66 -9.77
N LYS J 91 -30.49 2.92 -10.17
CA LYS J 91 -31.02 4.05 -9.42
C LYS J 91 -32.40 4.40 -9.97
N LEU J 92 -33.36 4.62 -9.08
CA LEU J 92 -34.74 4.88 -9.48
C LEU J 92 -34.95 6.37 -9.75
N THR J 93 -34.19 6.88 -10.71
CA THR J 93 -34.28 8.29 -11.07
C THR J 93 -35.67 8.70 -11.53
N PRO J 94 -36.36 7.97 -12.42
CA PRO J 94 -37.63 8.48 -12.94
C PRO J 94 -38.82 8.19 -12.05
N LEU J 95 -38.66 7.38 -10.99
CA LEU J 95 -39.81 6.99 -10.16
C LEU J 95 -40.23 8.07 -9.16
N CYS J 96 -39.97 9.34 -9.47
CA CYS J 96 -40.42 10.45 -8.65
C CYS J 96 -41.76 11.02 -9.12
N VAL J 97 -42.37 10.42 -10.15
CA VAL J 97 -43.61 10.94 -10.71
C VAL J 97 -44.77 10.74 -9.74
N THR J 98 -45.76 11.61 -9.84
CA THR J 98 -46.95 11.49 -9.01
C THR J 98 -47.68 10.18 -9.31
N LEU J 99 -48.19 9.56 -8.26
CA LEU J 99 -48.84 8.26 -8.32
C LEU J 99 -50.32 8.40 -7.99
N ASN J 100 -51.18 7.90 -8.87
CA ASN J 100 -52.62 7.91 -8.62
C ASN J 100 -53.00 6.59 -7.97
N CYS J 101 -53.36 6.62 -6.69
CA CYS J 101 -53.53 5.41 -5.90
C CYS J 101 -54.98 5.18 -5.50
N LYS J 102 -55.32 3.90 -5.35
CA LYS J 102 -56.59 3.46 -4.80
C LYS J 102 -56.30 2.44 -3.71
N ASP J 103 -57.10 2.44 -2.65
CA ASP J 103 -56.91 1.47 -1.59
C ASP J 103 -57.29 0.08 -2.07
N VAL J 104 -56.56 -0.92 -1.58
CA VAL J 104 -56.90 -2.32 -1.81
C VAL J 104 -57.80 -2.76 -0.65
N ASN J 105 -58.95 -3.33 -0.99
CA ASN J 105 -59.95 -3.74 0.00
C ASN J 105 -59.69 -5.18 0.42
N ALA J 106 -59.39 -5.38 1.71
CA ALA J 106 -59.13 -6.71 2.24
C ALA J 106 -60.43 -7.39 2.62
N GLU J 118 -55.63 -5.17 7.59
CA GLU J 118 -54.93 -4.30 6.65
C GLU J 118 -55.90 -3.56 5.73
N ARG J 119 -56.64 -2.61 6.29
CA ARG J 119 -57.56 -1.77 5.53
C ARG J 119 -56.80 -0.52 5.10
N GLY J 120 -56.47 -0.44 3.81
CA GLY J 120 -55.70 0.67 3.30
C GLY J 120 -54.20 0.55 3.46
N GLU J 121 -53.69 -0.60 3.90
CA GLU J 121 -52.25 -0.75 4.09
C GLU J 121 -51.53 -0.86 2.75
N ILE J 122 -52.14 -1.51 1.76
CA ILE J 122 -51.54 -1.73 0.46
C ILE J 122 -52.35 -0.94 -0.54
N LYS J 123 -51.67 -0.11 -1.34
CA LYS J 123 -52.31 0.76 -2.31
C LYS J 123 -51.92 0.34 -3.73
N ASN J 124 -52.91 0.37 -4.61
CA ASN J 124 -52.76 0.05 -6.03
C ASN J 124 -52.62 1.37 -6.77
N CYS J 125 -51.42 1.67 -7.26
CA CYS J 125 -51.09 2.98 -7.80
C CYS J 125 -50.73 2.88 -9.28
N SER J 126 -51.32 3.77 -10.06
CA SER J 126 -51.11 3.89 -11.49
C SER J 126 -50.26 5.12 -11.74
N PHE J 127 -49.23 4.98 -12.56
CA PHE J 127 -48.33 6.10 -12.83
C PHE J 127 -47.68 5.96 -14.20
N ASN J 128 -47.14 7.08 -14.68
CA ASN J 128 -46.60 7.21 -16.04
C ASN J 128 -45.09 7.40 -15.97
N ILE J 129 -44.37 6.40 -16.46
CA ILE J 129 -42.91 6.35 -16.44
C ILE J 129 -42.34 6.73 -17.79
N THR J 130 -41.45 7.72 -17.78
CA THR J 130 -40.63 8.12 -18.91
C THR J 130 -39.34 7.31 -18.82
N THR J 131 -38.64 7.19 -19.94
CA THR J 131 -37.42 6.39 -19.99
C THR J 131 -36.33 7.15 -20.74
N GLU J 132 -35.11 6.61 -20.64
CA GLU J 132 -33.99 7.13 -21.44
C GLU J 132 -34.16 6.78 -22.90
N LEU J 133 -34.82 5.66 -23.19
CA LEU J 133 -35.04 5.27 -24.58
C LEU J 133 -35.95 6.29 -25.27
N ARG J 134 -36.91 6.83 -24.53
CA ARG J 134 -37.83 7.85 -25.02
C ARG J 134 -38.58 7.38 -26.26
N ASP J 135 -39.03 6.12 -26.24
CA ASP J 135 -39.87 5.60 -27.31
C ASP J 135 -41.31 6.00 -27.08
N LYS J 136 -41.72 6.07 -25.82
CA LYS J 136 -43.08 6.37 -25.41
C LYS J 136 -43.04 6.63 -23.91
N VAL J 137 -44.07 7.28 -23.40
CA VAL J 137 -44.32 7.32 -21.97
C VAL J 137 -45.26 6.17 -21.67
N GLN J 138 -44.89 5.31 -20.71
CA GLN J 138 -45.65 4.10 -20.45
C GLN J 138 -46.43 4.23 -19.15
N LYS J 139 -47.68 3.79 -19.18
CA LYS J 139 -48.52 3.77 -17.99
C LYS J 139 -48.45 2.38 -17.37
N VAL J 140 -48.16 2.34 -16.08
CA VAL J 140 -48.01 1.10 -15.34
C VAL J 140 -48.83 1.16 -14.06
N TYR J 141 -49.10 -0.02 -13.50
CA TYR J 141 -49.74 -0.17 -12.21
C TYR J 141 -48.80 -0.96 -11.30
N ALA J 142 -48.79 -0.61 -10.01
CA ALA J 142 -47.94 -1.29 -9.06
C ALA J 142 -48.57 -1.20 -7.68
N LEU J 143 -48.21 -2.13 -6.81
CA LEU J 143 -48.66 -2.10 -5.42
C LEU J 143 -47.55 -1.57 -4.53
N PHE J 144 -47.94 -0.75 -3.56
CA PHE J 144 -47.01 -0.19 -2.59
C PHE J 144 -47.63 -0.27 -1.21
N TYR J 145 -46.77 -0.19 -0.19
CA TYR J 145 -47.24 -0.15 1.19
C TYR J 145 -47.54 1.29 1.59
N LYS J 146 -48.45 1.44 2.54
CA LYS J 146 -48.83 2.76 3.04
C LYS J 146 -47.63 3.58 3.50
N LEU J 147 -46.62 2.93 4.07
CA LEU J 147 -45.46 3.64 4.60
C LEU J 147 -44.51 4.15 3.52
N ASP J 148 -44.63 3.67 2.28
CA ASP J 148 -43.73 4.10 1.21
C ASP J 148 -44.25 5.30 0.45
N VAL J 149 -45.57 5.50 0.42
CA VAL J 149 -46.21 6.60 -0.31
C VAL J 149 -46.68 7.65 0.66
N VAL J 150 -46.45 8.92 0.32
CA VAL J 150 -46.84 10.07 1.13
C VAL J 150 -47.80 10.94 0.32
N PRO J 151 -48.98 11.31 0.86
CA PRO J 151 -49.94 12.12 0.08
C PRO J 151 -49.38 13.50 -0.20
N ILE J 152 -49.29 13.87 -1.49
CA ILE J 152 -48.63 15.14 -1.83
C ILE J 152 -49.60 16.31 -1.98
N ASP J 153 -50.91 16.10 -1.86
CA ASP J 153 -51.89 17.17 -1.99
C ASP J 153 -53.12 16.82 -1.17
N ASN J 154 -53.97 17.84 -0.96
CA ASN J 154 -55.24 17.65 -0.28
C ASN J 154 -56.04 16.52 -0.92
N ASN J 155 -56.01 16.45 -2.25
CA ASN J 155 -56.55 15.32 -3.00
C ASN J 155 -56.09 14.01 -2.38
N ASN J 156 -57.06 13.14 -2.04
CA ASN J 156 -56.78 11.88 -1.37
C ASN J 156 -56.51 10.75 -2.34
N THR J 157 -56.05 11.05 -3.55
CA THR J 157 -55.64 10.03 -4.51
C THR J 157 -54.32 10.38 -5.19
N SER J 158 -53.55 11.33 -4.64
CA SER J 158 -52.24 11.70 -5.14
C SER J 158 -51.20 11.31 -4.10
N TYR J 159 -50.13 10.63 -4.56
CA TYR J 159 -49.09 10.14 -3.62
C TYR J 159 -47.73 10.18 -4.30
N ARG J 160 -46.65 10.23 -3.50
CA ARG J 160 -45.27 10.20 -4.07
C ARG J 160 -44.38 9.31 -3.21
N LEU J 161 -43.31 8.75 -3.80
CA LEU J 161 -42.36 7.92 -3.02
C LEU J 161 -41.89 8.71 -1.79
N ILE J 162 -41.77 8.04 -0.65
CA ILE J 162 -41.44 8.74 0.61
C ILE J 162 -40.12 9.48 0.53
N SER J 163 -39.12 8.91 -0.14
CA SER J 163 -37.78 9.50 -0.19
C SER J 163 -37.53 10.36 -1.41
N CYS J 164 -38.46 10.39 -2.38
CA CYS J 164 -38.26 11.13 -3.63
C CYS J 164 -37.85 12.58 -3.41
N ASP J 165 -38.53 13.27 -2.50
CA ASP J 165 -38.33 14.72 -2.37
C ASP J 165 -36.94 15.11 -1.90
N THR J 166 -36.18 14.18 -1.31
CA THR J 166 -34.86 14.48 -0.77
C THR J 166 -33.71 13.77 -1.46
N SER J 167 -33.94 12.67 -2.15
CA SER J 167 -32.86 11.93 -2.78
C SER J 167 -33.42 11.04 -3.88
N VAL J 168 -32.51 10.55 -4.72
CA VAL J 168 -32.86 9.53 -5.70
C VAL J 168 -32.77 8.17 -5.02
N ILE J 169 -33.82 7.38 -5.13
CA ILE J 169 -33.90 6.10 -4.45
C ILE J 169 -33.11 5.08 -5.25
N THR J 170 -32.20 4.37 -4.57
CA THR J 170 -31.40 3.34 -5.20
C THR J 170 -32.05 2.00 -4.92
N GLN J 171 -32.30 1.23 -5.97
CA GLN J 171 -32.90 -0.09 -5.82
C GLN J 171 -31.83 -1.12 -5.47
N ALA J 172 -32.12 -1.96 -4.48
CA ALA J 172 -31.20 -3.02 -4.17
C ALA J 172 -31.25 -4.07 -5.27
N CYS J 173 -30.08 -4.58 -5.65
CA CYS J 173 -30.05 -5.65 -6.65
C CYS J 173 -30.66 -6.91 -6.04
N PRO J 174 -31.67 -7.52 -6.67
CA PRO J 174 -32.22 -8.78 -6.12
C PRO J 174 -31.20 -9.87 -5.87
N LYS J 175 -30.10 -9.93 -6.64
CA LYS J 175 -29.10 -10.97 -6.39
C LYS J 175 -28.41 -10.80 -5.04
N ILE J 176 -28.48 -9.62 -4.44
CA ILE J 176 -27.78 -9.38 -3.17
C ILE J 176 -28.60 -9.98 -2.05
N SER J 177 -27.98 -10.87 -1.28
CA SER J 177 -28.59 -11.46 -0.10
C SER J 177 -28.19 -10.65 1.13
N PHE J 178 -29.16 -10.44 2.02
CA PHE J 178 -28.94 -9.70 3.25
C PHE J 178 -28.73 -10.61 4.46
N GLU J 179 -28.58 -11.92 4.23
CA GLU J 179 -28.40 -12.86 5.32
C GLU J 179 -27.13 -12.53 6.11
N PRO J 180 -27.20 -12.36 7.44
CA PRO J 180 -25.97 -12.08 8.19
C PRO J 180 -25.04 -13.29 8.17
N ILE J 181 -23.75 -13.02 7.99
CA ILE J 181 -22.70 -14.04 7.98
C ILE J 181 -21.69 -13.67 9.07
N PRO J 182 -21.18 -14.61 9.88
CA PRO J 182 -20.24 -14.23 10.93
C PRO J 182 -19.01 -13.52 10.38
N ILE J 183 -18.65 -12.41 11.03
CA ILE J 183 -17.47 -11.61 10.70
C ILE J 183 -16.53 -11.61 11.89
N HIS J 184 -15.27 -11.92 11.64
CA HIS J 184 -14.22 -11.94 12.64
C HIS J 184 -13.31 -10.75 12.41
N TYR J 185 -12.93 -10.05 13.48
CA TYR J 185 -11.94 -8.99 13.39
C TYR J 185 -10.61 -9.54 13.91
N CYS J 186 -9.56 -9.28 13.14
CA CYS J 186 -8.23 -9.82 13.41
C CYS J 186 -7.25 -8.68 13.59
N ALA J 187 -6.33 -8.86 14.52
CA ALA J 187 -5.35 -7.84 14.82
C ALA J 187 -4.42 -7.63 13.62
N PRO J 188 -4.09 -6.38 13.29
CA PRO J 188 -3.03 -6.17 12.30
C PRO J 188 -1.68 -6.34 12.96
N ALA J 189 -0.65 -6.48 12.14
CA ALA J 189 0.70 -6.56 12.67
C ALA J 189 1.01 -5.31 13.48
N GLY J 190 1.63 -5.50 14.64
CA GLY J 190 1.96 -4.43 15.54
C GLY J 190 0.96 -4.22 16.66
N PHE J 191 -0.20 -4.86 16.60
CA PHE J 191 -1.25 -4.73 17.61
C PHE J 191 -1.69 -6.11 18.06
N ALA J 192 -2.41 -6.15 19.17
CA ALA J 192 -2.98 -7.39 19.69
C ALA J 192 -4.38 -7.15 20.21
N ILE J 193 -5.21 -8.19 20.13
CA ILE J 193 -6.58 -8.16 20.63
C ILE J 193 -6.62 -8.99 21.91
N LEU J 194 -7.07 -8.36 22.98
CA LEU J 194 -7.27 -9.00 24.26
C LEU J 194 -8.75 -9.30 24.42
N LYS J 195 -9.05 -10.42 25.08
CA LYS J 195 -10.42 -10.85 25.34
C LYS J 195 -10.58 -11.09 26.83
N CYS J 196 -11.70 -10.61 27.36
CA CYS J 196 -12.05 -10.80 28.76
C CYS J 196 -12.90 -12.06 28.88
N ASN J 197 -12.42 -13.00 29.68
CA ASN J 197 -13.08 -14.28 29.88
C ASN J 197 -13.81 -14.38 31.21
N ASP J 198 -13.97 -13.27 31.92
CA ASP J 198 -14.68 -13.30 33.19
C ASP J 198 -16.16 -13.55 32.91
N LYS J 199 -16.70 -14.62 33.52
CA LYS J 199 -18.06 -15.04 33.22
C LYS J 199 -19.10 -13.98 33.55
N THR J 200 -18.85 -13.17 34.58
CA THR J 200 -19.79 -12.16 35.06
C THR J 200 -19.30 -10.75 34.74
N PHE J 201 -18.43 -10.62 33.74
CA PHE J 201 -17.89 -9.31 33.36
C PHE J 201 -19.01 -8.33 33.03
N ASN J 202 -18.95 -7.16 33.66
CA ASN J 202 -20.00 -6.15 33.54
C ASN J 202 -19.74 -5.13 32.44
N GLY J 203 -18.71 -5.31 31.62
CA GLY J 203 -18.44 -4.40 30.52
C GLY J 203 -17.59 -3.20 30.86
N LYS J 204 -17.26 -2.99 32.13
CA LYS J 204 -16.49 -1.82 32.53
C LYS J 204 -15.76 -2.14 33.82
N GLY J 205 -14.43 -2.01 33.82
CA GLY J 205 -13.62 -2.26 34.98
C GLY J 205 -12.61 -3.38 34.80
N PRO J 206 -11.95 -3.75 35.90
CA PRO J 206 -10.94 -4.81 35.82
C PRO J 206 -11.53 -6.15 35.42
N CYS J 207 -10.74 -6.91 34.67
CA CYS J 207 -11.03 -8.27 34.25
C CYS J 207 -9.83 -9.09 34.68
N LYS J 208 -10.07 -10.12 35.49
CA LYS J 208 -9.00 -10.93 36.08
C LYS J 208 -8.61 -12.16 35.25
N ASN J 209 -9.31 -12.46 34.17
CA ASN J 209 -9.00 -13.62 33.33
C ASN J 209 -9.02 -13.11 31.90
N VAL J 210 -7.83 -12.82 31.38
CA VAL J 210 -7.64 -12.16 30.09
C VAL J 210 -6.79 -13.07 29.21
N SER J 211 -7.22 -13.21 27.96
CA SER J 211 -6.49 -13.99 26.97
C SER J 211 -6.20 -13.11 25.76
N THR J 212 -5.20 -13.47 24.98
CA THR J 212 -4.85 -12.78 23.74
C THR J 212 -5.26 -13.67 22.57
N VAL J 213 -5.96 -13.08 21.59
CA VAL J 213 -6.44 -13.80 20.43
C VAL J 213 -5.93 -13.12 19.17
N GLN J 214 -5.90 -13.89 18.09
CA GLN J 214 -5.59 -13.34 16.79
C GLN J 214 -6.83 -12.73 16.15
N CYS J 215 -7.95 -13.44 16.27
CA CYS J 215 -9.21 -13.03 15.70
C CYS J 215 -10.30 -13.19 16.74
N THR J 216 -11.31 -12.33 16.67
CA THR J 216 -12.44 -12.46 17.57
C THR J 216 -13.31 -13.63 17.13
N HIS J 217 -14.27 -14.00 17.98
CA HIS J 217 -15.24 -14.99 17.54
C HIS J 217 -16.12 -14.35 16.47
N GLY J 218 -16.90 -15.17 15.79
CA GLY J 218 -17.68 -14.64 14.68
C GLY J 218 -18.78 -13.74 15.21
N ILE J 219 -18.94 -12.61 14.53
CA ILE J 219 -19.97 -11.64 14.87
C ILE J 219 -20.97 -11.64 13.73
N ARG J 220 -22.24 -11.87 14.04
CA ARG J 220 -23.26 -11.78 13.03
C ARG J 220 -23.68 -10.32 12.90
N PRO J 221 -23.51 -9.67 11.74
CA PRO J 221 -23.89 -8.25 11.65
C PRO J 221 -25.40 -8.06 11.49
N VAL J 222 -26.14 -8.41 12.53
CA VAL J 222 -27.60 -8.33 12.47
C VAL J 222 -28.01 -6.90 12.73
N VAL J 223 -28.83 -6.35 11.84
CA VAL J 223 -29.31 -4.99 11.94
C VAL J 223 -30.72 -5.08 12.50
N SER J 224 -30.92 -4.54 13.69
CA SER J 224 -32.22 -4.54 14.34
C SER J 224 -32.26 -3.41 15.35
N THR J 225 -33.47 -3.06 15.79
CA THR J 225 -33.67 -2.06 16.82
C THR J 225 -34.37 -2.68 18.01
N GLN J 226 -34.11 -2.10 19.18
CA GLN J 226 -34.74 -2.41 20.47
C GLN J 226 -34.45 -3.81 21.02
N LEU J 227 -34.54 -4.85 20.21
CA LEU J 227 -34.26 -6.22 20.61
C LEU J 227 -33.08 -6.76 19.82
N LEU J 228 -32.12 -7.36 20.52
CA LEU J 228 -30.99 -7.98 19.84
C LEU J 228 -31.39 -9.39 19.46
N LEU J 229 -31.01 -9.81 18.24
CA LEU J 229 -31.36 -11.12 17.71
C LEU J 229 -30.11 -11.96 17.48
N ASN J 230 -30.27 -13.28 17.66
CA ASN J 230 -29.19 -14.24 17.45
C ASN J 230 -27.99 -13.91 18.33
N GLY J 231 -26.86 -13.50 17.75
CA GLY J 231 -25.72 -13.14 18.60
C GLY J 231 -25.23 -14.26 19.50
N SER J 232 -25.07 -13.95 20.79
CA SER J 232 -24.61 -14.92 21.78
C SER J 232 -25.31 -14.73 23.12
N LEU J 233 -25.40 -15.82 23.88
CA LEU J 233 -26.05 -15.87 25.18
C LEU J 233 -25.06 -15.74 26.33
N ALA J 234 -25.57 -15.22 27.46
CA ALA J 234 -24.77 -15.12 28.67
C ALA J 234 -24.53 -16.51 29.25
N GLU J 235 -23.35 -16.68 29.86
CA GLU J 235 -22.99 -18.00 30.38
C GLU J 235 -23.77 -18.36 31.64
N GLU J 236 -23.94 -17.43 32.58
CA GLU J 236 -24.52 -17.76 33.89
C GLU J 236 -25.86 -17.09 34.19
N GLU J 237 -26.06 -15.83 33.83
CA GLU J 237 -27.31 -15.14 34.16
C GLU J 237 -27.49 -13.96 33.22
N VAL J 238 -28.66 -13.33 33.32
CA VAL J 238 -28.91 -12.11 32.58
C VAL J 238 -27.99 -11.03 33.16
N VAL J 239 -27.26 -10.34 32.29
CA VAL J 239 -26.35 -9.28 32.71
C VAL J 239 -26.77 -7.97 32.05
N ILE J 240 -26.93 -6.94 32.89
CA ILE J 240 -27.39 -5.62 32.47
C ILE J 240 -26.19 -4.67 32.55
N ARG J 241 -25.82 -4.08 31.41
CA ARG J 241 -24.66 -3.21 31.31
C ARG J 241 -25.04 -1.80 30.86
N SER J 242 -24.35 -0.81 31.43
CA SER J 242 -24.44 0.59 31.00
C SER J 242 -23.13 1.24 31.42
N ASP J 243 -23.00 2.55 31.16
CA ASP J 243 -21.75 3.22 31.48
C ASP J 243 -21.81 3.85 32.87
N ASN J 244 -22.46 5.03 33.00
CA ASN J 244 -22.65 5.60 34.33
C ASN J 244 -23.75 4.88 35.10
N PHE J 245 -24.75 4.38 34.38
CA PHE J 245 -25.87 3.57 34.87
C PHE J 245 -26.87 4.39 35.69
N THR J 246 -26.41 5.30 36.54
CA THR J 246 -27.33 6.20 37.23
C THR J 246 -27.87 7.25 36.28
N ASN J 247 -27.07 7.62 35.28
CA ASN J 247 -27.49 8.59 34.27
C ASN J 247 -28.56 8.02 33.37
N ASN J 248 -29.64 8.77 33.19
CA ASN J 248 -30.72 8.31 32.33
C ASN J 248 -30.24 8.21 30.88
N ALA J 249 -29.28 9.07 30.50
CA ALA J 249 -28.83 9.20 29.12
C ALA J 249 -27.73 8.20 28.78
N LYS J 250 -28.03 6.92 28.99
CA LYS J 250 -27.12 5.85 28.60
C LYS J 250 -27.96 4.69 28.09
N THR J 251 -27.42 3.99 27.09
CA THR J 251 -28.09 2.82 26.57
C THR J 251 -27.80 1.66 27.52
N ILE J 252 -28.85 0.94 27.90
CA ILE J 252 -28.74 -0.22 28.77
C ILE J 252 -28.80 -1.45 27.87
N ILE J 253 -27.71 -2.22 27.86
CA ILE J 253 -27.59 -3.42 27.04
C ILE J 253 -27.82 -4.60 27.95
N VAL J 254 -28.85 -5.38 27.67
CA VAL J 254 -29.24 -6.53 28.46
C VAL J 254 -28.88 -7.77 27.66
N GLN J 255 -27.98 -8.59 28.19
CA GLN J 255 -27.61 -9.85 27.56
C GLN J 255 -28.29 -10.97 28.35
N LEU J 256 -29.11 -11.77 27.65
CA LEU J 256 -29.90 -12.80 28.28
C LEU J 256 -29.12 -14.10 28.49
N LYS J 257 -29.57 -14.87 29.48
CA LYS J 257 -29.03 -16.21 29.70
C LYS J 257 -29.57 -17.20 28.67
N GLU J 258 -30.86 -17.12 28.37
CA GLU J 258 -31.51 -17.98 27.41
C GLU J 258 -32.23 -17.13 26.38
N SER J 259 -32.26 -17.61 25.14
CA SER J 259 -32.91 -16.87 24.07
C SER J 259 -34.40 -17.12 24.11
N VAL J 260 -35.16 -16.23 23.46
CA VAL J 260 -36.60 -16.36 23.31
C VAL J 260 -36.91 -16.51 21.83
N GLU J 261 -37.63 -17.56 21.47
CA GLU J 261 -37.91 -17.81 20.07
C GLU J 261 -38.99 -16.87 19.58
N ILE J 262 -38.73 -16.19 18.46
CA ILE J 262 -39.67 -15.25 17.84
C ILE J 262 -39.91 -15.74 16.42
N ASN J 263 -41.18 -16.01 16.09
CA ASN J 263 -41.57 -16.55 14.79
C ASN J 263 -42.34 -15.46 14.05
N CYS J 264 -41.65 -14.76 13.15
CA CYS J 264 -42.24 -13.68 12.38
C CYS J 264 -42.59 -14.18 10.98
N THR J 265 -43.79 -13.79 10.51
CA THR J 265 -44.31 -14.25 9.23
C THR J 265 -44.90 -13.08 8.45
N ARG J 266 -44.74 -13.16 7.13
CA ARG J 266 -45.35 -12.25 6.15
C ARG J 266 -46.25 -13.13 5.29
N PRO J 267 -47.50 -13.37 5.70
CA PRO J 267 -48.29 -14.41 5.03
C PRO J 267 -48.60 -14.12 3.56
N ASN J 268 -48.57 -12.87 3.13
CA ASN J 268 -48.93 -12.55 1.75
C ASN J 268 -47.88 -13.07 0.77
N ASN J 269 -48.35 -13.60 -0.36
CA ASN J 269 -47.48 -14.14 -1.39
C ASN J 269 -47.02 -13.10 -2.41
N TYR J 270 -47.96 -12.36 -2.99
CA TYR J 270 -47.69 -11.40 -4.07
C TYR J 270 -47.06 -12.04 -5.29
N THR J 271 -46.79 -11.18 -6.29
CA THR J 271 -46.09 -11.59 -7.53
C THR J 271 -45.12 -10.46 -7.86
N ARG J 272 -44.09 -10.71 -8.66
CA ARG J 272 -43.08 -9.65 -8.90
C ARG J 272 -43.07 -9.29 -10.39
N LYS J 273 -43.13 -7.99 -10.72
CA LYS J 273 -43.15 -7.56 -12.14
C LYS J 273 -41.98 -6.61 -12.43
N SER J 274 -41.45 -6.66 -13.65
CA SER J 274 -40.35 -5.78 -14.05
C SER J 274 -40.84 -4.72 -15.01
N ILE J 275 -40.59 -3.46 -14.66
CA ILE J 275 -40.92 -2.31 -15.49
C ILE J 275 -39.58 -1.74 -15.95
N ARG J 276 -39.30 -1.81 -17.25
CA ARG J 276 -37.99 -1.41 -17.74
C ARG J 276 -37.79 0.09 -17.60
N ILE J 277 -36.61 0.49 -17.12
CA ILE J 277 -36.28 1.90 -16.92
C ILE J 277 -35.39 2.38 -18.05
N GLY J 278 -34.51 1.50 -18.52
CA GLY J 278 -33.55 1.85 -19.54
C GLY J 278 -32.88 0.57 -19.99
N PRO J 279 -31.90 0.68 -20.89
CA PRO J 279 -31.24 -0.52 -21.42
C PRO J 279 -30.64 -1.33 -20.29
N GLY J 280 -31.06 -2.60 -20.20
CA GLY J 280 -30.47 -3.49 -19.22
C GLY J 280 -30.87 -3.24 -17.78
N ARG J 281 -31.86 -2.39 -17.52
CA ARG J 281 -32.23 -2.03 -16.15
C ARG J 281 -33.74 -1.95 -16.00
N ALA J 282 -34.23 -2.36 -14.84
CA ALA J 282 -35.67 -2.35 -14.57
C ALA J 282 -35.95 -2.11 -13.09
N PHE J 283 -37.15 -1.59 -12.86
CA PHE J 283 -37.74 -1.43 -11.55
C PHE J 283 -38.56 -2.67 -11.25
N TYR J 284 -38.34 -3.28 -10.08
CA TYR J 284 -39.06 -4.49 -9.68
C TYR J 284 -40.11 -4.12 -8.65
N THR J 285 -41.37 -4.39 -8.96
CA THR J 285 -42.46 -4.04 -8.06
C THR J 285 -43.48 -5.17 -8.00
N MET J 286 -44.44 -5.01 -7.10
CA MET J 286 -45.50 -5.99 -6.94
C MET J 286 -46.58 -5.78 -7.99
N GLY J 287 -47.11 -6.87 -8.52
CA GLY J 287 -48.14 -6.86 -9.54
C GLY J 287 -49.50 -7.07 -8.91
N GLU J 288 -49.98 -8.31 -8.86
CA GLU J 288 -51.28 -8.64 -8.29
C GLU J 288 -51.05 -9.53 -7.07
N ILE J 289 -51.84 -9.31 -6.03
CA ILE J 289 -51.76 -10.12 -4.83
C ILE J 289 -52.53 -11.43 -5.03
N ILE J 290 -51.88 -12.55 -4.73
CA ILE J 290 -52.47 -13.87 -4.87
C ILE J 290 -52.89 -14.33 -3.48
N GLY J 291 -54.17 -14.68 -3.34
CA GLY J 291 -54.70 -15.08 -2.05
C GLY J 291 -55.25 -13.93 -1.22
N ASP J 292 -55.58 -14.27 0.02
CA ASP J 292 -56.16 -13.31 0.94
C ASP J 292 -55.12 -12.32 1.43
N ILE J 293 -55.61 -11.20 1.95
CA ILE J 293 -54.77 -10.19 2.58
C ILE J 293 -54.75 -10.51 4.07
N ARG J 294 -53.56 -10.82 4.59
CA ARG J 294 -53.37 -11.18 5.98
C ARG J 294 -52.23 -10.36 6.54
N GLN J 295 -52.38 -9.91 7.79
CA GLN J 295 -51.40 -9.05 8.41
C GLN J 295 -50.11 -9.80 8.77
N ALA J 296 -48.97 -9.19 8.47
CA ALA J 296 -47.70 -9.73 8.91
C ALA J 296 -47.62 -9.62 10.43
N HIS J 297 -47.06 -10.65 11.07
CA HIS J 297 -47.08 -10.64 12.54
C HIS J 297 -45.97 -11.53 13.09
N CYS J 298 -45.69 -11.34 14.38
CA CYS J 298 -44.66 -12.10 15.08
C CYS J 298 -45.27 -12.77 16.30
N ASN J 299 -44.88 -14.02 16.55
CA ASN J 299 -45.31 -14.78 17.72
C ASN J 299 -44.15 -15.00 18.68
N ILE J 300 -44.31 -14.54 19.92
CA ILE J 300 -43.34 -14.74 21.00
C ILE J 300 -44.04 -15.50 22.12
N SER J 301 -43.42 -16.58 22.59
CA SER J 301 -44.00 -17.34 23.69
C SER J 301 -44.18 -16.45 24.92
N ARG J 302 -45.37 -16.48 25.51
CA ARG J 302 -45.66 -15.60 26.65
C ARG J 302 -44.90 -16.03 27.90
N ALA J 303 -44.86 -17.33 28.21
CA ALA J 303 -44.20 -17.78 29.43
C ALA J 303 -42.71 -17.48 29.40
N LYS J 304 -42.09 -17.66 28.24
CA LYS J 304 -40.65 -17.39 28.15
C LYS J 304 -40.39 -15.90 28.31
N TRP J 305 -41.27 -15.06 27.73
CA TRP J 305 -41.13 -13.63 27.91
C TRP J 305 -41.34 -13.25 29.38
N ASN J 306 -42.28 -13.91 30.06
CA ASN J 306 -42.45 -13.70 31.50
C ASN J 306 -41.15 -13.92 32.22
N ASP J 307 -40.48 -15.04 31.92
CA ASP J 307 -39.24 -15.37 32.61
C ASP J 307 -38.14 -14.36 32.26
N THR J 308 -38.11 -13.89 31.01
CA THR J 308 -37.12 -12.90 30.62
C THR J 308 -37.30 -11.61 31.42
N LEU J 309 -38.52 -11.12 31.54
CA LEU J 309 -38.75 -9.91 32.34
C LEU J 309 -38.50 -10.17 33.82
N LYS J 310 -38.88 -11.33 34.34
CA LYS J 310 -38.60 -11.60 35.75
C LYS J 310 -37.10 -11.51 36.02
N GLN J 311 -36.29 -12.11 35.16
CA GLN J 311 -34.85 -12.07 35.37
C GLN J 311 -34.30 -10.65 35.21
N ILE J 312 -34.81 -9.91 34.23
CA ILE J 312 -34.34 -8.55 34.01
C ILE J 312 -34.70 -7.67 35.20
N VAL J 313 -35.93 -7.80 35.70
CA VAL J 313 -36.36 -7.01 36.85
C VAL J 313 -35.50 -7.34 38.06
N ILE J 314 -35.19 -8.62 38.26
CA ILE J 314 -34.36 -8.99 39.41
C ILE J 314 -32.99 -8.32 39.28
N LYS J 315 -32.39 -8.37 38.09
CA LYS J 315 -31.08 -7.74 37.92
C LYS J 315 -31.14 -6.21 38.02
N LEU J 316 -32.23 -5.60 37.57
CA LEU J 316 -32.38 -4.15 37.72
C LEU J 316 -32.55 -3.75 39.18
N ARG J 317 -33.25 -4.57 39.95
CA ARG J 317 -33.46 -4.28 41.36
C ARG J 317 -32.15 -4.18 42.13
N GLU J 318 -31.15 -4.98 41.75
CA GLU J 318 -29.88 -4.99 42.45
C GLU J 318 -29.10 -3.69 42.31
N GLN J 319 -29.33 -2.90 41.26
CA GLN J 319 -28.58 -1.66 41.05
C GLN J 319 -29.38 -0.39 41.28
N PHE J 320 -30.71 -0.43 41.11
CA PHE J 320 -31.57 0.73 41.31
C PHE J 320 -32.31 0.68 42.65
N GLU J 321 -31.84 -0.16 43.58
CA GLU J 321 -32.47 -0.37 44.88
C GLU J 321 -33.82 -1.06 44.64
N ASN J 322 -34.53 -1.45 45.70
CA ASN J 322 -35.77 -2.22 45.56
C ASN J 322 -36.93 -1.28 45.26
N LYS J 323 -36.91 -0.71 44.06
CA LYS J 323 -37.93 0.19 43.57
C LYS J 323 -38.88 -0.54 42.63
N THR J 324 -40.01 0.09 42.34
CA THR J 324 -40.94 -0.45 41.36
C THR J 324 -40.34 -0.28 39.97
N ILE J 325 -40.40 -1.35 39.16
CA ILE J 325 -39.87 -1.35 37.81
C ILE J 325 -41.06 -1.41 36.86
N VAL J 326 -41.12 -0.47 35.93
CA VAL J 326 -42.21 -0.39 34.95
C VAL J 326 -41.59 -0.36 33.57
N PHE J 327 -42.11 -1.19 32.68
CA PHE J 327 -41.73 -1.23 31.27
C PHE J 327 -42.84 -0.58 30.45
N ASN J 328 -42.49 0.49 29.74
CA ASN J 328 -43.42 1.25 28.91
C ASN J 328 -43.04 1.08 27.45
N HIS J 329 -44.02 1.28 26.58
CA HIS J 329 -43.76 1.20 25.15
C HIS J 329 -43.25 2.55 24.65
N SER J 330 -42.83 2.58 23.39
CA SER J 330 -42.37 3.82 22.78
C SER J 330 -43.56 4.73 22.46
N SER J 331 -43.26 6.01 22.28
CA SER J 331 -44.28 6.97 21.89
C SER J 331 -44.58 6.84 20.40
N GLY J 332 -45.69 7.45 19.98
CA GLY J 332 -46.05 7.42 18.58
C GLY J 332 -45.09 8.23 17.74
N GLY J 333 -44.88 7.79 16.51
CA GLY J 333 -43.97 8.48 15.62
C GLY J 333 -43.70 7.64 14.39
N ASP J 334 -42.69 8.08 13.63
CA ASP J 334 -42.30 7.38 12.42
C ASP J 334 -41.92 5.94 12.78
N PRO J 335 -42.48 4.92 12.08
CA PRO J 335 -42.19 3.53 12.49
C PRO J 335 -40.72 3.17 12.44
N GLU J 336 -39.91 3.87 11.65
CA GLU J 336 -38.48 3.55 11.62
C GLU J 336 -37.78 3.92 12.92
N ILE J 337 -38.36 4.79 13.72
CA ILE J 337 -37.71 5.28 14.94
C ILE J 337 -38.24 4.59 16.19
N VAL J 338 -39.56 4.40 16.29
CA VAL J 338 -40.17 3.95 17.55
C VAL J 338 -40.59 2.48 17.54
N MET J 339 -40.55 1.81 16.39
CA MET J 339 -40.94 0.41 16.31
C MET J 339 -39.72 -0.49 16.17
N HIS J 340 -39.91 -1.76 16.52
CA HIS J 340 -38.89 -2.78 16.37
C HIS J 340 -38.65 -3.04 14.89
N SER J 341 -37.39 -3.23 14.50
CA SER J 341 -37.03 -3.46 13.10
C SER J 341 -36.12 -4.67 12.93
N PHE J 342 -36.33 -5.41 11.84
CA PHE J 342 -35.48 -6.54 11.48
C PHE J 342 -35.66 -6.80 9.99
N ASN J 343 -34.77 -7.60 9.40
CA ASN J 343 -34.80 -7.85 7.96
C ASN J 343 -34.54 -9.32 7.57
N CYS J 344 -35.23 -10.27 8.23
CA CYS J 344 -35.01 -11.67 7.86
C CYS J 344 -35.66 -11.97 6.51
N GLY J 345 -35.03 -12.86 5.75
CA GLY J 345 -35.58 -13.29 4.48
C GLY J 345 -35.33 -12.35 3.32
N GLY J 346 -34.74 -11.19 3.57
CA GLY J 346 -34.53 -10.16 2.57
C GLY J 346 -35.65 -9.15 2.49
N GLU J 347 -36.70 -9.30 3.29
CA GLU J 347 -37.78 -8.34 3.42
C GLU J 347 -37.48 -7.51 4.66
N PHE J 348 -38.03 -6.30 4.72
CA PHE J 348 -37.81 -5.41 5.87
C PHE J 348 -39.08 -5.29 6.70
N PHE J 349 -39.01 -5.79 7.93
CA PHE J 349 -40.14 -5.87 8.85
C PHE J 349 -40.00 -4.81 9.93
N TYR J 350 -41.12 -4.18 10.26
CA TYR J 350 -41.24 -3.30 11.42
C TYR J 350 -42.42 -3.78 12.24
N CYS J 351 -42.21 -3.99 13.54
CA CYS J 351 -43.25 -4.52 14.42
C CYS J 351 -43.49 -3.56 15.58
N ASN J 352 -44.68 -3.65 16.17
CA ASN J 352 -45.13 -2.62 17.11
C ASN J 352 -44.36 -2.64 18.41
N SER J 353 -43.97 -3.82 18.88
CA SER J 353 -43.21 -4.00 20.13
C SER J 353 -43.81 -3.14 21.25
N THR J 354 -45.06 -3.44 21.56
CA THR J 354 -45.81 -2.76 22.62
C THR J 354 -46.62 -3.73 23.45
N GLN J 355 -46.78 -4.98 23.02
CA GLN J 355 -47.39 -6.04 23.82
C GLN J 355 -46.36 -6.75 24.67
N LEU J 356 -45.13 -6.23 24.71
CA LEU J 356 -44.01 -6.80 25.43
C LEU J 356 -43.53 -5.93 26.57
N PHE J 357 -43.61 -4.61 26.41
CA PHE J 357 -43.14 -3.64 27.39
C PHE J 357 -44.33 -2.87 27.94
N ASN J 358 -45.35 -3.59 28.40
CA ASN J 358 -46.57 -3.01 28.95
C ASN J 358 -46.92 -3.81 30.22
N SER J 359 -46.14 -3.58 31.28
CA SER J 359 -46.33 -4.33 32.51
C SER J 359 -45.76 -3.54 33.68
N THR J 360 -46.31 -3.81 34.87
CA THR J 360 -45.83 -3.26 36.13
C THR J 360 -45.49 -4.43 37.04
N TRP J 361 -44.30 -4.39 37.65
CA TRP J 361 -43.82 -5.46 38.51
C TRP J 361 -43.88 -5.14 40.00
N ASN J 362 -43.69 -3.87 40.37
CA ASN J 362 -43.71 -3.35 41.77
C ASN J 362 -42.79 -4.23 42.62
N ASN J 363 -43.22 -4.70 43.80
CA ASN J 363 -42.47 -5.58 44.70
C ASN J 363 -40.94 -5.38 44.73
N THR J 371 -54.98 -13.60 31.68
CA THR J 371 -54.01 -14.19 30.77
C THR J 371 -54.55 -14.10 29.34
N GLU J 372 -53.99 -13.18 28.55
CA GLU J 372 -54.43 -12.98 27.17
C GLU J 372 -53.78 -14.02 26.25
N GLY J 373 -54.07 -15.29 26.53
CA GLY J 373 -53.49 -16.37 25.75
C GLY J 373 -52.09 -16.70 26.22
N ASN J 374 -51.54 -17.75 25.62
CA ASN J 374 -50.19 -18.22 25.94
C ASN J 374 -49.16 -17.83 24.88
N THR J 375 -49.56 -17.06 23.87
CA THR J 375 -48.68 -16.58 22.81
C THR J 375 -48.96 -15.11 22.62
N ILE J 376 -47.91 -14.31 22.50
CA ILE J 376 -48.03 -12.88 22.24
C ILE J 376 -47.86 -12.69 20.74
N THR J 377 -48.90 -12.19 20.08
CA THR J 377 -48.89 -11.93 18.66
C THR J 377 -48.79 -10.43 18.47
N LEU J 378 -47.69 -9.98 17.88
CA LEU J 378 -47.44 -8.58 17.59
C LEU J 378 -47.82 -8.29 16.14
N PRO J 379 -48.53 -7.19 15.85
CA PRO J 379 -48.74 -6.82 14.45
C PRO J 379 -47.45 -6.29 13.87
N CYS J 380 -47.26 -6.52 12.58
CA CYS J 380 -46.10 -6.01 11.88
C CYS J 380 -46.52 -5.42 10.54
N ARG J 381 -45.66 -4.55 10.03
CA ARG J 381 -45.85 -3.85 8.78
C ARG J 381 -44.58 -4.01 7.98
N ILE J 382 -44.71 -4.00 6.66
CA ILE J 382 -43.58 -4.16 5.74
C ILE J 382 -43.36 -2.82 5.04
N LYS J 383 -42.11 -2.39 4.97
CA LYS J 383 -41.73 -1.16 4.30
C LYS J 383 -40.64 -1.50 3.30
N GLN J 384 -40.65 -0.81 2.15
CA GLN J 384 -39.69 -1.05 1.08
C GLN J 384 -38.64 0.03 0.93
N ILE J 385 -38.93 1.27 1.30
CA ILE J 385 -37.98 2.37 1.20
C ILE J 385 -37.46 2.60 2.59
N ILE J 386 -36.18 2.27 2.81
CA ILE J 386 -35.55 2.29 4.11
C ILE J 386 -34.45 3.33 4.10
N ASN J 387 -34.50 4.26 5.05
CA ASN J 387 -33.42 5.21 5.27
C ASN J 387 -32.54 4.58 6.35
N MET J 388 -31.49 3.89 5.93
CA MET J 388 -30.71 3.06 6.83
C MET J 388 -29.48 3.77 7.37
N TRP J 389 -29.08 3.33 8.57
CA TRP J 389 -27.93 3.83 9.29
C TRP J 389 -28.14 5.26 9.76
N GLN J 390 -29.40 5.60 10.04
CA GLN J 390 -29.77 6.91 10.55
C GLN J 390 -29.20 8.03 9.68
N ARG J 391 -29.39 7.90 8.37
CA ARG J 391 -28.91 8.86 7.40
C ARG J 391 -30.08 9.38 6.57
N VAL J 392 -29.85 10.54 5.96
CA VAL J 392 -30.79 11.15 5.03
C VAL J 392 -29.99 11.46 3.78
N GLY J 393 -30.70 11.58 2.66
CA GLY J 393 -30.09 11.84 1.38
C GLY J 393 -29.77 10.58 0.60
N GLN J 394 -29.91 9.42 1.23
CA GLN J 394 -29.72 8.13 0.59
C GLN J 394 -30.85 7.23 1.05
N ALA J 395 -31.30 6.34 0.17
CA ALA J 395 -32.35 5.41 0.52
C ALA J 395 -32.23 4.18 -0.35
N MET J 396 -32.71 3.06 0.18
CA MET J 396 -32.72 1.80 -0.54
C MET J 396 -34.15 1.36 -0.77
N TYR J 397 -34.43 0.86 -1.98
CA TYR J 397 -35.70 0.23 -2.29
C TYR J 397 -35.45 -1.28 -2.36
N ALA J 398 -36.11 -2.03 -1.48
CA ALA J 398 -35.93 -3.47 -1.43
C ALA J 398 -36.86 -4.14 -2.43
N PRO J 399 -36.37 -4.90 -3.41
CA PRO J 399 -37.27 -5.49 -4.39
C PRO J 399 -38.20 -6.48 -3.72
N PRO J 400 -39.42 -6.65 -4.23
CA PRO J 400 -40.37 -7.53 -3.54
C PRO J 400 -39.94 -8.99 -3.64
N ILE J 401 -39.93 -9.68 -2.50
CA ILE J 401 -39.77 -11.13 -2.52
C ILE J 401 -41.12 -11.72 -2.86
N ARG J 402 -41.13 -12.88 -3.52
CA ARG J 402 -42.33 -13.44 -4.13
C ARG J 402 -43.00 -14.54 -3.32
N GLY J 403 -42.50 -14.86 -2.12
CA GLY J 403 -43.03 -15.96 -1.33
C GLY J 403 -43.42 -15.59 0.09
N GLN J 404 -43.73 -16.61 0.90
CA GLN J 404 -44.03 -16.39 2.31
C GLN J 404 -42.70 -16.33 3.06
N ILE J 405 -42.55 -15.32 3.91
CA ILE J 405 -41.29 -15.03 4.58
C ILE J 405 -41.40 -15.51 6.03
N ARG J 406 -40.64 -16.55 6.37
CA ARG J 406 -40.51 -17.03 7.75
C ARG J 406 -39.19 -16.56 8.36
N CYS J 407 -39.22 -16.24 9.66
CA CYS J 407 -38.02 -15.84 10.39
C CYS J 407 -37.50 -16.93 11.31
N SER J 408 -38.24 -17.22 12.38
CA SER J 408 -37.84 -18.20 13.40
C SER J 408 -36.48 -17.85 14.01
N SER J 409 -36.35 -16.60 14.46
CA SER J 409 -35.09 -16.12 15.03
C SER J 409 -35.07 -16.18 16.55
N ASN J 410 -33.86 -16.09 17.09
CA ASN J 410 -33.61 -16.11 18.53
C ASN J 410 -33.45 -14.69 19.06
N ILE J 411 -34.32 -14.27 19.98
CA ILE J 411 -34.18 -13.00 20.67
C ILE J 411 -33.11 -13.21 21.73
N THR J 412 -32.02 -12.45 21.64
CA THR J 412 -30.85 -12.60 22.52
C THR J 412 -30.40 -11.24 23.04
N GLY J 413 -31.11 -10.72 24.01
CA GLY J 413 -30.74 -9.44 24.58
C GLY J 413 -31.62 -8.29 24.12
N LEU J 414 -31.76 -7.30 25.00
CA LEU J 414 -32.61 -6.15 24.81
C LEU J 414 -31.79 -4.87 24.91
N LEU J 415 -32.25 -3.82 24.25
CA LEU J 415 -31.74 -2.47 24.43
C LEU J 415 -32.81 -1.66 25.12
N LEU J 416 -32.54 -1.26 26.36
CA LEU J 416 -33.48 -0.50 27.18
C LEU J 416 -32.91 0.89 27.43
N THR J 417 -33.82 1.85 27.58
CA THR J 417 -33.48 3.21 27.99
C THR J 417 -34.34 3.54 29.19
N ARG J 418 -33.94 4.58 29.93
CA ARG J 418 -34.62 5.00 31.15
C ARG J 418 -34.96 6.48 31.05
N ASP J 419 -36.09 6.84 31.64
CA ASP J 419 -36.54 8.23 31.69
C ASP J 419 -36.04 8.90 32.97
N GLU J 424 -42.32 9.76 38.59
CA GLU J 424 -41.18 9.87 39.51
C GLU J 424 -41.55 9.54 40.96
N ASN J 425 -42.76 9.01 41.17
CA ASN J 425 -43.25 8.71 42.53
C ASN J 425 -42.73 7.34 43.00
N GLY J 426 -41.40 7.23 43.04
CA GLY J 426 -40.78 6.00 43.46
C GLY J 426 -40.75 4.92 42.40
N THR J 427 -40.99 5.28 41.14
CA THR J 427 -41.06 4.34 40.03
C THR J 427 -40.06 4.75 38.96
N GLU J 428 -39.29 3.78 38.47
CA GLU J 428 -38.38 3.97 37.36
C GLU J 428 -39.04 3.44 36.10
N ILE J 429 -39.06 4.26 35.05
CA ILE J 429 -39.70 3.92 33.79
C ILE J 429 -38.63 3.51 32.79
N PHE J 430 -38.76 2.30 32.26
CA PHE J 430 -37.89 1.76 31.24
C PHE J 430 -38.68 1.60 29.95
N ARG J 431 -38.02 1.87 28.83
CA ARG J 431 -38.65 1.78 27.53
C ARG J 431 -37.72 1.06 26.56
N PRO J 432 -38.25 0.38 25.54
CA PRO J 432 -37.37 -0.14 24.50
C PRO J 432 -36.76 1.02 23.75
N GLY J 433 -35.50 0.88 23.38
CA GLY J 433 -34.84 1.98 22.70
C GLY J 433 -33.40 1.66 22.38
N GLY J 434 -32.58 2.69 22.32
CA GLY J 434 -31.19 2.51 21.96
C GLY J 434 -30.60 3.78 21.41
N GLY J 435 -29.31 3.71 21.14
CA GLY J 435 -28.60 4.83 20.59
C GLY J 435 -28.62 4.67 19.09
N ASP J 436 -27.64 3.97 18.55
CA ASP J 436 -27.55 3.70 17.12
C ASP J 436 -27.06 2.26 17.00
N MET J 437 -26.76 1.86 15.76
CA MET J 437 -26.40 0.47 15.52
C MET J 437 -25.16 0.03 16.28
N ARG J 438 -24.32 0.99 16.71
CA ARG J 438 -23.14 0.62 17.47
C ARG J 438 -23.50 -0.07 18.78
N ASP J 439 -24.71 0.15 19.28
CA ASP J 439 -25.12 -0.49 20.53
C ASP J 439 -25.23 -2.00 20.35
N ASN J 440 -25.49 -2.46 19.13
CA ASN J 440 -25.53 -3.92 18.96
C ASN J 440 -24.11 -4.46 18.91
N TRP J 441 -23.18 -3.72 18.30
CA TRP J 441 -21.83 -4.23 18.18
C TRP J 441 -21.19 -4.35 19.56
N ARG J 442 -21.50 -3.39 20.44
CA ARG J 442 -20.99 -3.44 21.81
C ARG J 442 -21.45 -4.72 22.48
N SER J 443 -22.69 -5.15 22.18
CA SER J 443 -23.25 -6.35 22.80
C SER J 443 -22.34 -7.54 22.59
N GLU J 444 -21.70 -7.63 21.43
CA GLU J 444 -20.73 -8.68 21.16
C GLU J 444 -19.29 -8.26 21.44
N LEU J 445 -18.97 -6.98 21.30
CA LEU J 445 -17.60 -6.52 21.42
C LEU J 445 -17.24 -6.06 22.83
N TYR J 446 -18.17 -6.15 23.79
CA TYR J 446 -17.89 -5.69 25.15
C TYR J 446 -16.69 -6.38 25.77
N LYS J 447 -16.36 -7.60 25.35
CA LYS J 447 -15.28 -8.36 25.96
C LYS J 447 -13.95 -8.24 25.22
N TYR J 448 -13.88 -7.46 24.15
CA TYR J 448 -12.65 -7.31 23.37
C TYR J 448 -12.05 -5.92 23.51
N LYS J 449 -10.73 -5.89 23.48
CA LYS J 449 -9.96 -4.66 23.53
C LYS J 449 -8.81 -4.77 22.55
N VAL J 450 -8.44 -3.66 21.92
CA VAL J 450 -7.32 -3.58 20.99
C VAL J 450 -6.21 -2.78 21.65
N VAL J 451 -5.01 -3.36 21.72
CA VAL J 451 -3.87 -2.72 22.33
C VAL J 451 -2.67 -2.70 21.39
N LYS J 452 -1.87 -1.66 21.56
CA LYS J 452 -0.61 -1.46 20.87
C LYS J 452 0.52 -2.03 21.69
N ILE J 453 1.39 -2.80 21.05
CA ILE J 453 2.52 -3.41 21.75
C ILE J 453 3.72 -2.47 21.59
N GLU J 454 4.43 -2.24 22.70
CA GLU J 454 5.59 -1.36 22.74
C GLU J 454 6.80 -2.24 23.01
N PRO J 455 7.45 -2.81 21.97
CA PRO J 455 8.46 -3.85 22.21
C PRO J 455 9.75 -3.37 22.86
N LEU J 456 10.04 -2.07 22.91
CA LEU J 456 11.29 -1.57 23.46
C LEU J 456 11.17 -1.29 24.95
N GLY J 457 12.03 -1.95 25.74
CA GLY J 457 12.12 -1.69 27.16
C GLY J 457 13.58 -1.52 27.53
N VAL J 458 13.80 -0.85 28.66
CA VAL J 458 15.13 -0.57 29.17
C VAL J 458 15.17 -0.96 30.64
N ALA J 459 16.24 -1.66 31.05
CA ALA J 459 16.34 -2.07 32.45
C ALA J 459 17.81 -2.14 32.88
N PRO J 460 18.10 -1.97 34.17
CA PRO J 460 19.48 -2.16 34.65
C PRO J 460 19.85 -3.64 34.72
N THR J 461 21.14 -3.90 34.53
CA THR J 461 21.70 -5.23 34.74
C THR J 461 23.06 -5.08 35.44
N ARG J 462 23.71 -6.22 35.69
CA ARG J 462 24.99 -6.22 36.40
C ARG J 462 26.19 -5.94 35.50
N CYS J 463 26.11 -6.22 34.20
CA CYS J 463 27.26 -6.15 33.31
C CYS J 463 27.09 -5.13 32.20
N LYS J 464 28.22 -4.53 31.83
CA LYS J 464 28.34 -3.58 30.73
C LYS J 464 28.88 -4.29 29.49
N ARG J 465 28.62 -3.67 28.33
CA ARG J 465 29.06 -4.08 26.98
C ARG J 465 30.12 -5.19 26.87
N ARG J 488 5.90 -20.40 25.38
CA ARG J 488 4.54 -20.36 25.92
C ARG J 488 3.56 -19.86 24.88
N GLY J 489 3.70 -18.60 24.50
CA GLY J 489 2.77 -17.98 23.58
C GLY J 489 2.99 -16.49 23.55
N PHE J 490 2.22 -15.82 22.68
CA PHE J 490 2.33 -14.38 22.56
C PHE J 490 1.83 -13.72 23.84
N LEU J 491 2.65 -12.84 24.40
CA LEU J 491 2.40 -12.19 25.69
C LEU J 491 2.22 -13.21 26.82
N GLY J 492 2.74 -14.43 26.65
CA GLY J 492 2.57 -15.46 27.66
C GLY J 492 3.11 -15.08 29.02
N ALA J 493 4.17 -14.27 29.05
CA ALA J 493 4.81 -13.83 30.28
C ALA J 493 4.47 -12.38 30.63
N ALA J 494 3.39 -11.84 30.04
CA ALA J 494 3.04 -10.44 30.28
C ALA J 494 2.78 -10.19 31.76
N GLY J 495 2.20 -11.16 32.46
CA GLY J 495 1.94 -11.03 33.88
C GLY J 495 3.03 -11.57 34.77
N SER J 496 4.08 -12.14 34.19
CA SER J 496 5.18 -12.68 34.97
C SER J 496 6.16 -11.57 35.32
N THR J 497 7.12 -11.91 36.18
CA THR J 497 8.12 -10.92 36.55
C THR J 497 9.02 -10.63 35.35
N MET J 498 9.77 -9.53 35.44
CA MET J 498 10.71 -9.19 34.38
C MET J 498 11.68 -10.33 34.16
N GLY J 499 12.21 -10.88 35.26
CA GLY J 499 12.98 -12.10 35.15
C GLY J 499 12.08 -13.23 34.70
N ALA J 500 12.59 -14.05 33.79
CA ALA J 500 11.90 -15.17 33.15
C ALA J 500 10.83 -14.73 32.15
N ALA J 501 10.62 -13.43 31.95
CA ALA J 501 9.79 -12.93 30.86
C ALA J 501 10.60 -12.54 29.64
N SER J 502 11.88 -12.21 29.80
CA SER J 502 12.72 -11.93 28.65
C SER J 502 13.07 -13.18 27.86
N MET J 503 12.87 -14.37 28.41
CA MET J 503 13.23 -15.57 27.67
C MET J 503 12.23 -15.86 26.56
N THR J 504 11.16 -15.08 26.45
CA THR J 504 10.18 -15.20 25.39
C THR J 504 10.15 -13.97 24.48
N LEU J 505 11.17 -13.09 24.54
CA LEU J 505 11.15 -11.92 23.67
C LEU J 505 11.05 -12.30 22.20
N THR J 506 11.62 -13.46 21.85
CA THR J 506 11.59 -13.96 20.48
C THR J 506 10.18 -13.96 19.94
N VAL J 507 9.20 -14.36 20.77
CA VAL J 507 7.84 -14.50 20.28
C VAL J 507 7.32 -13.15 19.82
N GLN J 508 7.53 -12.11 20.64
CA GLN J 508 7.04 -10.79 20.24
C GLN J 508 7.79 -10.29 19.03
N ALA J 509 9.04 -10.73 18.85
CA ALA J 509 9.78 -10.33 17.68
C ALA J 509 9.35 -11.14 16.45
N ARG J 510 8.99 -12.42 16.62
CA ARG J 510 8.60 -13.21 15.46
C ARG J 510 7.20 -12.83 14.99
N ASN J 511 6.24 -12.85 15.89
CA ASN J 511 4.87 -12.50 15.60
C ASN J 511 4.82 -10.97 15.76
N LEU J 512 3.65 -10.34 15.59
CA LEU J 512 3.40 -8.92 15.84
C LEU J 512 3.99 -7.98 14.81
N LEU J 513 5.22 -8.20 14.36
CA LEU J 513 5.88 -7.30 13.41
C LEU J 513 5.84 -7.90 12.01
N SER J 514 5.78 -7.02 11.02
CA SER J 514 5.71 -7.42 9.61
C SER J 514 4.57 -8.40 9.34
N LEU J 536 -8.21 -2.38 -6.72
CA LEU J 536 -8.36 -0.93 -6.71
C LEU J 536 -9.45 -0.47 -5.72
N GLY J 537 -9.86 -1.37 -4.83
CA GLY J 537 -10.91 -1.03 -3.89
C GLY J 537 -10.42 -0.13 -2.77
N VAL J 538 -11.38 0.58 -2.16
CA VAL J 538 -11.05 1.49 -1.07
C VAL J 538 -10.52 0.72 0.13
N TRP J 539 -11.14 -0.40 0.46
CA TRP J 539 -10.66 -1.22 1.57
C TRP J 539 -9.24 -1.71 1.32
N GLY J 540 -8.90 -1.95 0.05
CA GLY J 540 -7.54 -2.36 -0.26
C GLY J 540 -6.54 -1.25 0.00
N ILE J 541 -6.91 -0.01 -0.34
CA ILE J 541 -6.01 1.12 -0.11
C ILE J 541 -5.87 1.37 1.38
N LYS J 542 -6.97 1.25 2.13
CA LYS J 542 -6.86 1.44 3.58
C LYS J 542 -5.98 0.37 4.21
N GLN J 543 -6.07 -0.88 3.74
CA GLN J 543 -5.18 -1.91 4.23
C GLN J 543 -3.74 -1.62 3.81
N LEU J 544 -3.56 -1.06 2.62
CA LEU J 544 -2.22 -0.71 2.16
C LEU J 544 -1.61 0.35 3.08
N GLN J 545 -2.42 1.35 3.46
CA GLN J 545 -1.94 2.37 4.38
C GLN J 545 -1.60 1.75 5.73
N ALA J 546 -2.41 0.80 6.19
CA ALA J 546 -2.12 0.14 7.46
C ALA J 546 -0.80 -0.63 7.38
N ARG J 547 -0.55 -1.30 6.25
CA ARG J 547 0.69 -2.05 6.10
C ARG J 547 1.89 -1.10 6.06
N VAL J 548 1.75 0.03 5.37
CA VAL J 548 2.84 1.00 5.31
C VAL J 548 3.12 1.55 6.69
N LEU J 549 2.08 1.85 7.46
CA LEU J 549 2.28 2.34 8.82
C LEU J 549 2.95 1.30 9.70
N ALA J 550 2.57 0.03 9.54
CA ALA J 550 3.21 -1.03 10.32
C ALA J 550 4.68 -1.16 9.97
N VAL J 551 5.02 -1.05 8.69
CA VAL J 551 6.41 -1.12 8.28
C VAL J 551 7.18 0.06 8.83
N GLU J 552 6.60 1.26 8.75
CA GLU J 552 7.25 2.44 9.28
C GLU J 552 7.50 2.30 10.77
N ARG J 553 6.53 1.74 11.50
CA ARG J 553 6.68 1.54 12.94
C ARG J 553 7.81 0.57 13.25
N TYR J 554 7.87 -0.56 12.52
CA TYR J 554 8.94 -1.51 12.72
C TYR J 554 10.28 -0.86 12.45
N LEU J 555 10.37 -0.09 11.36
CA LEU J 555 11.62 0.57 11.03
C LEU J 555 11.99 1.63 12.06
N ARG J 556 11.00 2.31 12.65
CA ARG J 556 11.34 3.26 13.71
C ARG J 556 12.00 2.53 14.88
N ASP J 557 11.50 1.34 15.20
CA ASP J 557 12.13 0.56 16.26
C ASP J 557 13.53 0.11 15.84
N GLN J 558 13.68 -0.31 14.59
CA GLN J 558 14.99 -0.76 14.13
C GLN J 558 15.99 0.39 14.05
N GLN J 559 15.55 1.58 13.69
CA GLN J 559 16.43 2.74 13.70
C GLN J 559 16.82 3.13 15.12
N LEU J 560 15.89 3.01 16.06
CA LEU J 560 16.25 3.29 17.45
C LEU J 560 17.31 2.30 17.91
N LEU J 561 17.17 1.03 17.54
CA LEU J 561 18.21 0.07 17.88
C LEU J 561 19.50 0.37 17.12
N GLY J 562 19.40 0.85 15.88
CA GLY J 562 20.57 1.19 15.11
C GLY J 562 21.40 2.29 15.76
N ILE J 563 20.77 3.41 16.09
CA ILE J 563 21.51 4.52 16.70
C ILE J 563 22.06 4.10 18.07
N TRP J 564 21.44 3.12 18.71
CA TRP J 564 21.94 2.54 19.95
C TRP J 564 22.94 1.41 19.72
N GLY J 565 23.16 1.00 18.46
CA GLY J 565 24.06 -0.10 18.17
C GLY J 565 23.51 -1.46 18.56
N CYS J 566 22.18 -1.58 18.58
CA CYS J 566 21.50 -2.78 19.08
C CYS J 566 20.77 -3.57 18.00
N SER J 567 20.94 -3.21 16.73
CA SER J 567 20.14 -3.82 15.67
C SER J 567 20.41 -5.31 15.49
N GLY J 568 21.54 -5.82 15.97
CA GLY J 568 21.89 -7.20 15.72
C GLY J 568 21.39 -8.25 16.69
N LYS J 569 20.68 -7.87 17.76
CA LYS J 569 20.22 -8.88 18.70
C LYS J 569 19.07 -8.34 19.54
N LEU J 570 18.32 -9.27 20.13
CA LEU J 570 17.14 -8.93 20.92
C LEU J 570 17.50 -8.24 22.23
N ILE J 571 18.59 -8.66 22.87
CA ILE J 571 19.04 -8.09 24.14
C ILE J 571 20.38 -7.43 23.88
N CYS J 572 20.43 -6.11 24.02
CA CYS J 572 21.59 -5.29 23.73
C CYS J 572 22.10 -4.67 25.02
N THR J 573 23.31 -5.06 25.42
CA THR J 573 23.92 -4.53 26.63
C THR J 573 24.73 -3.30 26.25
N THR J 574 24.56 -2.22 27.01
CA THR J 574 25.26 -0.96 26.80
C THR J 574 26.26 -0.78 27.94
N ALA J 575 27.01 0.33 27.88
CA ALA J 575 27.98 0.69 28.90
C ALA J 575 27.72 2.08 29.49
N VAL J 576 26.47 2.48 29.58
CA VAL J 576 26.09 3.75 30.22
C VAL J 576 25.58 3.40 31.62
N PRO J 577 26.08 4.05 32.68
CA PRO J 577 25.68 3.61 34.02
C PRO J 577 24.23 3.93 34.31
N TRP J 578 23.64 3.13 35.21
CA TRP J 578 22.29 3.39 35.68
C TRP J 578 22.32 4.51 36.71
N ASN J 579 21.45 5.50 36.53
CA ASN J 579 21.35 6.63 37.44
C ASN J 579 20.32 6.29 38.52
N ALA J 580 20.76 6.34 39.78
CA ALA J 580 19.86 6.02 40.89
C ALA J 580 18.65 6.93 40.94
N SER J 581 18.71 8.12 40.33
CA SER J 581 17.55 8.99 40.29
C SER J 581 16.44 8.44 39.41
N TRP J 582 16.76 7.53 38.50
CA TRP J 582 15.72 6.92 37.67
C TRP J 582 14.96 5.86 38.46
N SER J 583 15.69 5.00 39.17
CA SER J 583 15.07 4.03 40.06
C SER J 583 16.13 3.57 41.05
N ASN J 584 15.97 3.95 42.31
CA ASN J 584 16.93 3.63 43.36
C ASN J 584 16.54 2.29 44.00
N LYS J 585 16.66 1.23 43.18
CA LYS J 585 16.23 -0.10 43.59
C LYS J 585 17.26 -1.14 43.19
N SER J 586 17.37 -2.17 44.02
CA SER J 586 18.22 -3.32 43.75
C SER J 586 17.68 -4.13 42.59
N LEU J 587 18.54 -4.99 42.03
CA LEU J 587 18.11 -5.81 40.91
C LEU J 587 17.00 -6.77 41.30
N ASP J 588 17.01 -7.25 42.54
CA ASP J 588 15.94 -8.15 42.96
C ASP J 588 14.62 -7.39 43.02
N ARG J 589 14.67 -6.11 43.33
CA ARG J 589 13.48 -5.27 43.33
C ARG J 589 13.01 -4.97 41.91
N ILE J 590 13.83 -5.21 40.89
CA ILE J 590 13.50 -4.89 39.51
C ILE J 590 13.20 -6.14 38.70
N TRP J 591 14.12 -7.10 38.68
CA TRP J 591 13.91 -8.28 37.84
C TRP J 591 12.90 -9.23 38.45
N ASN J 592 12.82 -9.27 39.77
CA ASN J 592 11.76 -9.98 40.45
C ASN J 592 10.75 -8.93 40.90
N ASN J 593 9.64 -9.38 41.49
CA ASN J 593 8.65 -8.49 42.11
C ASN J 593 7.81 -7.67 41.13
N MET J 594 8.44 -7.06 40.13
CA MET J 594 7.76 -6.24 39.14
C MET J 594 7.58 -6.96 37.81
N THR J 595 6.49 -6.63 37.12
CA THR J 595 6.26 -7.03 35.74
C THR J 595 6.84 -5.97 34.82
N TRP J 596 6.96 -6.30 33.53
CA TRP J 596 7.49 -5.32 32.57
C TRP J 596 6.60 -4.09 32.45
N MET J 597 5.27 -4.25 32.56
CA MET J 597 4.40 -3.08 32.47
C MET J 597 4.63 -2.14 33.63
N GLU J 598 4.75 -2.68 34.84
CA GLU J 598 4.97 -1.84 36.01
C GLU J 598 6.29 -1.10 35.89
N TRP J 599 7.32 -1.79 35.39
CA TRP J 599 8.62 -1.16 35.21
C TRP J 599 8.55 -0.04 34.19
N GLU J 600 7.91 -0.29 33.04
CA GLU J 600 7.85 0.74 32.01
C GLU J 600 7.07 1.94 32.50
N ARG J 601 6.03 1.71 33.30
CA ARG J 601 5.30 2.81 33.90
C ARG J 601 6.16 3.58 34.90
N GLU J 602 6.93 2.86 35.73
CA GLU J 602 7.73 3.52 36.77
C GLU J 602 8.70 4.54 36.19
N ILE J 603 9.32 4.22 35.05
CA ILE J 603 10.33 5.08 34.44
C ILE J 603 9.81 5.76 33.18
N ASP J 604 8.48 5.84 33.03
CA ASP J 604 7.93 6.46 31.82
C ASP J 604 8.37 7.92 31.71
N ASN J 605 8.38 8.64 32.83
CA ASN J 605 8.67 10.07 32.78
C ASN J 605 10.13 10.35 32.42
N TYR J 606 11.00 9.34 32.48
CA TYR J 606 12.40 9.49 32.16
C TYR J 606 12.77 8.80 30.86
N THR J 607 11.80 8.20 30.15
CA THR J 607 12.14 7.44 28.95
C THR J 607 12.86 8.30 27.93
N SER J 608 12.34 9.51 27.70
CA SER J 608 12.93 10.36 26.67
C SER J 608 14.32 10.82 27.11
N GLU J 609 14.55 10.91 28.43
CA GLU J 609 15.88 11.25 28.89
C GLU J 609 16.81 10.06 28.71
N ILE J 610 16.34 8.86 29.05
CA ILE J 610 17.23 7.70 29.05
C ILE J 610 17.70 7.43 27.64
N TYR J 611 16.77 7.47 26.68
CA TYR J 611 17.11 7.18 25.30
C TYR J 611 18.15 8.16 24.78
N THR J 612 18.06 9.43 25.20
CA THR J 612 19.04 10.41 24.72
C THR J 612 20.44 9.99 25.14
N LEU J 613 20.59 9.58 26.40
CA LEU J 613 21.92 9.16 26.83
C LEU J 613 22.37 7.92 26.08
N ILE J 614 21.46 7.00 25.76
CA ILE J 614 21.88 5.81 25.02
C ILE J 614 22.44 6.25 23.67
N GLU J 615 21.78 7.23 23.05
CA GLU J 615 22.31 7.77 21.80
C GLU J 615 23.61 8.50 22.04
N GLU J 616 23.70 9.31 23.11
CA GLU J 616 24.87 10.15 23.28
C GLU J 616 26.02 9.41 23.95
N SER J 617 25.70 8.51 24.88
CA SER J 617 26.71 7.71 25.53
C SER J 617 27.04 6.52 24.65
N GLN J 618 28.21 5.93 24.89
CA GLN J 618 28.74 4.86 24.05
C GLN J 618 28.79 5.43 22.65
N ASN J 619 27.79 5.17 21.80
CA ASN J 619 27.73 5.69 20.43
C ASN J 619 28.06 7.19 20.37
N GLN J 620 28.52 7.65 19.21
CA GLN J 620 29.03 9.00 18.97
C GLN J 620 30.40 9.06 19.65
N GLN J 621 30.44 8.94 20.98
CA GLN J 621 31.73 8.84 21.66
C GLN J 621 32.43 7.55 21.23
N GLU J 622 31.69 6.45 21.18
CA GLU J 622 32.25 5.16 20.79
C GLU J 622 32.58 5.14 19.31
N LYS J 623 31.73 5.74 18.47
CA LYS J 623 32.02 5.75 17.05
C LYS J 623 33.31 6.52 16.79
N ASN J 624 33.48 7.65 17.50
CA ASN J 624 34.72 8.39 17.38
C ASN J 624 35.88 7.56 17.88
N GLU J 625 35.70 6.82 18.97
CA GLU J 625 36.78 5.97 19.46
C GLU J 625 37.10 4.88 18.44
N GLN J 626 36.07 4.34 17.78
CA GLN J 626 36.26 3.29 16.80
C GLN J 626 37.09 3.77 15.62
N GLU J 627 36.87 5.03 15.20
CA GLU J 627 37.62 5.54 14.05
C GLU J 627 39.13 5.56 14.28
N LEU J 628 39.60 5.84 15.50
CA LEU J 628 41.03 5.94 15.78
C LEU J 628 41.69 4.63 16.24
N LEU J 629 40.98 3.50 16.27
CA LEU J 629 41.64 2.28 16.70
C LEU J 629 42.57 1.72 15.62
N CYS J 630 42.27 2.00 14.35
CA CYS J 630 43.13 1.51 13.28
C CYS J 630 44.54 2.10 13.38
N LEU J 631 44.63 3.40 13.64
CA LEU J 631 45.92 4.09 13.72
C LEU J 631 46.79 3.49 14.83
N GLN K 1 -44.05 -16.94 -7.08
CA GLN K 1 -43.16 -17.76 -7.95
C GLN K 1 -43.89 -18.04 -9.26
N VAL K 2 -43.51 -17.31 -10.31
CA VAL K 2 -44.23 -17.40 -11.57
C VAL K 2 -43.98 -18.75 -12.23
N GLN K 3 -45.06 -19.39 -12.69
CA GLN K 3 -45.00 -20.65 -13.41
C GLN K 3 -45.69 -20.51 -14.76
N LEU K 4 -45.19 -21.26 -15.73
CA LEU K 4 -45.67 -21.27 -17.11
C LEU K 4 -46.18 -22.67 -17.45
N GLN K 5 -47.20 -22.72 -18.30
CA GLN K 5 -47.78 -24.00 -18.71
C GLN K 5 -48.15 -23.94 -20.19
N GLU K 6 -47.56 -24.85 -20.97
CA GLU K 6 -47.87 -24.98 -22.38
C GLU K 6 -49.22 -25.66 -22.59
N SER K 7 -49.92 -25.24 -23.64
CA SER K 7 -51.20 -25.83 -24.00
C SER K 7 -51.37 -25.81 -25.52
N GLY K 8 -51.85 -26.92 -26.05
CA GLY K 8 -52.07 -27.02 -27.48
C GLY K 8 -52.28 -28.45 -27.95
N PRO K 9 -52.52 -28.63 -29.24
CA PRO K 9 -52.72 -29.98 -29.77
C PRO K 9 -51.44 -30.78 -29.75
N GLY K 10 -51.58 -32.08 -29.49
CA GLY K 10 -50.43 -32.96 -29.51
C GLY K 10 -49.99 -33.38 -30.89
N LEU K 11 -50.91 -33.43 -31.85
CA LEU K 11 -50.62 -33.85 -33.22
C LEU K 11 -50.96 -32.74 -34.20
N VAL K 12 -50.08 -32.54 -35.18
CA VAL K 12 -50.29 -31.62 -36.29
C VAL K 12 -49.95 -32.38 -37.56
N ARG K 13 -50.66 -32.06 -38.64
CA ARG K 13 -50.46 -32.77 -39.89
C ARG K 13 -49.20 -32.26 -40.58
N PRO K 14 -48.64 -33.04 -41.51
CA PRO K 14 -47.36 -32.64 -42.13
C PRO K 14 -47.38 -31.32 -42.89
N SER K 15 -48.55 -30.76 -43.23
CA SER K 15 -48.60 -29.50 -43.98
C SER K 15 -49.39 -28.39 -43.30
N GLU K 16 -49.90 -28.58 -42.09
CA GLU K 16 -50.69 -27.57 -41.42
C GLU K 16 -49.78 -26.68 -40.57
N THR K 17 -50.38 -25.69 -39.91
CA THR K 17 -49.68 -24.74 -39.05
C THR K 17 -49.82 -25.16 -37.60
N LEU K 18 -48.71 -25.15 -36.87
CA LEU K 18 -48.68 -25.50 -35.47
C LEU K 18 -48.89 -24.23 -34.64
N SER K 19 -49.82 -24.29 -33.69
CA SER K 19 -50.14 -23.15 -32.82
C SER K 19 -50.10 -23.64 -31.38
N LEU K 20 -49.15 -23.14 -30.61
CA LEU K 20 -48.94 -23.53 -29.22
C LEU K 20 -49.08 -22.31 -28.33
N ALA K 21 -49.90 -22.39 -27.28
CA ALA K 21 -50.04 -21.30 -26.34
C ALA K 21 -49.22 -21.62 -25.10
N CYS K 22 -48.78 -20.56 -24.42
CA CYS K 22 -48.11 -20.67 -23.13
C CYS K 22 -48.79 -19.71 -22.18
N GLY K 23 -49.45 -20.26 -21.16
CA GLY K 23 -50.07 -19.46 -20.13
C GLY K 23 -49.11 -19.21 -18.99
N VAL K 24 -49.34 -18.10 -18.29
CA VAL K 24 -48.56 -17.72 -17.12
C VAL K 24 -49.51 -17.72 -15.94
N SER K 25 -49.14 -18.42 -14.87
CA SER K 25 -50.03 -18.57 -13.72
C SER K 25 -49.79 -17.49 -12.67
N TYR K 26 -48.76 -17.67 -11.84
CA TYR K 26 -48.51 -16.77 -10.72
C TYR K 26 -47.64 -15.59 -11.18
N GLY K 27 -48.19 -14.84 -12.12
CA GLY K 27 -47.47 -13.74 -12.73
C GLY K 27 -48.16 -13.33 -14.02
N SER K 28 -47.43 -12.56 -14.81
CA SER K 28 -47.94 -12.05 -16.06
C SER K 28 -46.78 -11.91 -17.04
N VAL K 29 -47.12 -11.56 -18.28
CA VAL K 29 -46.12 -11.40 -19.32
C VAL K 29 -45.53 -10.00 -19.15
N ASP K 30 -44.50 -9.89 -18.31
CA ASP K 30 -43.86 -8.61 -18.01
C ASP K 30 -42.63 -8.48 -18.91
N HIS K 31 -41.80 -7.46 -18.63
CA HIS K 31 -40.77 -7.00 -19.56
C HIS K 31 -39.51 -7.89 -19.49
N TYR K 32 -39.68 -9.14 -19.90
CA TYR K 32 -38.59 -10.10 -20.06
C TYR K 32 -38.61 -10.58 -21.50
N TYR K 33 -37.64 -11.41 -21.89
CA TYR K 33 -37.67 -12.01 -23.23
C TYR K 33 -38.36 -13.36 -23.09
N TRP K 34 -39.58 -13.46 -23.59
CA TRP K 34 -40.37 -14.67 -23.46
C TRP K 34 -40.06 -15.51 -24.69
N SER K 35 -39.70 -16.79 -24.51
CA SER K 35 -39.14 -17.53 -25.63
C SER K 35 -39.56 -18.98 -25.64
N TRP K 36 -39.33 -19.60 -26.81
CA TRP K 36 -39.58 -21.01 -27.06
C TRP K 36 -38.30 -21.71 -27.50
N VAL K 37 -38.12 -22.92 -26.94
CA VAL K 37 -36.97 -23.79 -27.22
C VAL K 37 -37.47 -25.20 -27.59
N ARG K 38 -36.90 -25.78 -28.63
CA ARG K 38 -37.26 -27.10 -29.14
C ARG K 38 -36.28 -28.18 -28.67
N GLN K 39 -36.82 -29.37 -28.38
CA GLN K 39 -36.05 -30.56 -28.03
C GLN K 39 -36.50 -31.75 -28.86
N PRO K 40 -35.91 -31.97 -30.04
CA PRO K 40 -36.27 -33.16 -30.80
C PRO K 40 -35.92 -34.40 -30.01
N PRO K 41 -36.68 -35.50 -30.17
CA PRO K 41 -36.38 -36.71 -29.39
C PRO K 41 -34.96 -37.19 -29.67
N GLY K 42 -34.23 -37.48 -28.60
CA GLY K 42 -32.88 -37.99 -28.74
C GLY K 42 -31.83 -36.92 -29.01
N LYS K 43 -32.22 -35.65 -29.09
CA LYS K 43 -31.31 -34.55 -29.43
C LYS K 43 -31.24 -33.58 -28.26
N GLY K 44 -30.35 -32.61 -28.41
CA GLY K 44 -30.24 -31.51 -27.46
C GLY K 44 -31.31 -30.48 -27.73
N LEU K 45 -31.12 -29.30 -27.14
CA LEU K 45 -32.13 -28.25 -27.21
C LEU K 45 -31.81 -27.32 -28.39
N GLU K 46 -32.86 -26.83 -29.02
CA GLU K 46 -32.78 -25.88 -30.11
C GLU K 46 -33.61 -24.67 -29.76
N TRP K 47 -33.07 -23.48 -30.01
CA TRP K 47 -33.79 -22.25 -29.76
C TRP K 47 -34.76 -21.98 -30.91
N ILE K 48 -36.01 -21.64 -30.61
CA ILE K 48 -36.96 -21.21 -31.64
C ILE K 48 -36.97 -19.70 -31.74
N GLY K 49 -37.12 -19.01 -30.63
CA GLY K 49 -37.17 -17.56 -30.72
C GLY K 49 -37.75 -16.91 -29.49
N TYR K 50 -37.68 -15.58 -29.46
CA TYR K 50 -38.20 -14.83 -28.32
C TYR K 50 -38.93 -13.57 -28.78
N ILE K 51 -39.81 -13.10 -27.89
CA ILE K 51 -40.52 -11.84 -28.03
C ILE K 51 -40.30 -11.02 -26.77
N ASP K 52 -40.14 -9.72 -26.91
CA ASP K 52 -39.92 -8.86 -25.77
C ASP K 52 -41.25 -8.62 -25.05
N GLY K 53 -41.20 -7.91 -23.93
CA GLY K 53 -42.38 -7.54 -23.17
C GLY K 53 -42.56 -6.05 -23.05
N TYR K 54 -41.45 -5.30 -23.13
CA TYR K 54 -41.54 -3.85 -23.10
C TYR K 54 -42.32 -3.33 -24.30
N ASP K 55 -42.05 -3.90 -25.47
CA ASP K 55 -42.68 -3.57 -26.73
C ASP K 55 -43.04 -4.88 -27.43
N GLY K 56 -43.57 -4.79 -28.63
CA GLY K 56 -43.95 -5.98 -29.34
C GLY K 56 -42.88 -6.52 -30.26
N ALA K 57 -41.66 -5.98 -30.19
CA ALA K 57 -40.59 -6.46 -31.07
C ALA K 57 -40.26 -7.90 -30.72
N THR K 58 -39.99 -8.69 -31.76
CA THR K 58 -39.62 -10.09 -31.62
C THR K 58 -38.32 -10.34 -32.35
N ASN K 59 -37.68 -11.45 -32.03
CA ASN K 59 -36.42 -11.84 -32.66
C ASN K 59 -36.38 -13.36 -32.73
N TYR K 60 -36.36 -13.87 -33.96
CA TYR K 60 -36.44 -15.29 -34.26
C TYR K 60 -35.08 -15.82 -34.69
N SER K 61 -34.84 -17.10 -34.46
CA SER K 61 -33.64 -17.74 -34.95
C SER K 61 -33.62 -17.64 -36.48
N PRO K 62 -32.50 -17.22 -37.11
CA PRO K 62 -32.50 -17.06 -38.58
C PRO K 62 -32.98 -18.29 -39.33
N SER K 63 -32.57 -19.48 -38.91
CA SER K 63 -32.90 -20.70 -39.65
C SER K 63 -34.39 -20.99 -39.65
N LEU K 64 -35.13 -20.47 -38.66
CA LEU K 64 -36.57 -20.60 -38.60
C LEU K 64 -37.28 -19.25 -38.78
N LYS K 65 -36.55 -18.17 -39.11
CA LYS K 65 -37.13 -16.84 -39.12
C LYS K 65 -38.34 -16.76 -40.04
N ASN K 66 -38.27 -17.39 -41.21
CA ASN K 66 -39.34 -17.27 -42.20
C ASN K 66 -40.47 -18.27 -41.95
N ARG K 67 -40.39 -19.08 -40.89
CA ARG K 67 -41.41 -20.07 -40.57
C ARG K 67 -42.08 -19.85 -39.22
N VAL K 68 -41.67 -18.85 -38.45
CA VAL K 68 -42.12 -18.69 -37.06
C VAL K 68 -42.64 -17.28 -36.84
N THR K 69 -43.83 -17.19 -36.24
CA THR K 69 -44.40 -15.94 -35.76
C THR K 69 -44.73 -16.13 -34.28
N ILE K 70 -44.28 -15.21 -33.44
CA ILE K 70 -44.57 -15.22 -32.00
C ILE K 70 -45.22 -13.91 -31.62
N THR K 71 -46.38 -13.99 -30.96
CA THR K 71 -47.11 -12.83 -30.49
C THR K 71 -47.60 -13.08 -29.07
N ILE K 72 -47.97 -12.00 -28.40
CA ILE K 72 -48.58 -12.04 -27.07
C ILE K 72 -50.06 -11.71 -27.25
N ASP K 73 -50.93 -12.59 -26.79
CA ASP K 73 -52.38 -12.40 -26.96
C ASP K 73 -53.08 -11.92 -25.69
N THR K 74 -52.45 -12.01 -24.51
CA THR K 74 -53.08 -11.48 -23.30
C THR K 74 -52.01 -11.40 -22.21
N PRO K 75 -52.16 -10.53 -21.19
CA PRO K 75 -51.11 -10.44 -20.16
C PRO K 75 -50.70 -11.75 -19.51
N ASN K 76 -51.56 -12.77 -19.44
CA ASN K 76 -51.19 -14.06 -18.86
C ASN K 76 -50.95 -15.15 -19.90
N GLN K 77 -50.85 -14.81 -21.18
CA GLN K 77 -50.58 -15.84 -22.18
C GLN K 77 -50.00 -15.23 -23.45
N PHE K 78 -49.07 -15.97 -24.04
CA PHE K 78 -48.49 -15.64 -25.35
C PHE K 78 -48.35 -16.95 -26.12
N SER K 79 -48.18 -16.87 -27.44
CA SER K 79 -48.20 -18.09 -28.23
C SER K 79 -47.22 -18.06 -29.39
N LEU K 80 -46.84 -19.28 -29.80
CA LEU K 80 -45.95 -19.58 -30.91
C LEU K 80 -46.76 -20.16 -32.06
N LYS K 81 -46.69 -19.53 -33.23
CA LYS K 81 -47.31 -20.05 -34.44
C LYS K 81 -46.18 -20.35 -35.43
N MET K 82 -45.97 -21.65 -35.70
CA MET K 82 -44.90 -22.13 -36.56
C MET K 82 -45.56 -22.79 -37.77
N THR K 83 -45.37 -22.18 -38.94
CA THR K 83 -46.01 -22.63 -40.16
C THR K 83 -45.17 -23.69 -40.87
N SER K 84 -45.80 -24.38 -41.82
CA SER K 84 -45.15 -25.35 -42.70
C SER K 84 -44.33 -26.38 -41.93
N VAL K 85 -44.98 -27.05 -40.97
CA VAL K 85 -44.27 -28.05 -40.18
C VAL K 85 -43.83 -29.20 -41.08
N SER K 86 -42.89 -30.00 -40.57
CA SER K 86 -42.38 -31.16 -41.27
C SER K 86 -42.08 -32.25 -40.26
N ALA K 87 -41.82 -33.46 -40.78
CA ALA K 87 -41.52 -34.60 -39.91
C ALA K 87 -40.34 -34.32 -39.01
N ALA K 88 -39.37 -33.53 -39.47
CA ALA K 88 -38.20 -33.19 -38.67
C ALA K 88 -38.54 -32.33 -37.46
N ASP K 89 -39.74 -31.76 -37.39
CA ASP K 89 -40.13 -30.86 -36.32
C ASP K 89 -40.78 -31.58 -35.14
N THR K 90 -40.82 -32.91 -35.15
CA THR K 90 -41.33 -33.62 -33.98
C THR K 90 -40.40 -33.33 -32.82
N ALA K 91 -40.96 -32.86 -31.71
CA ALA K 91 -40.12 -32.46 -30.59
C ALA K 91 -40.97 -32.14 -29.38
N VAL K 92 -40.31 -32.06 -28.23
CA VAL K 92 -40.89 -31.46 -27.05
C VAL K 92 -40.59 -29.97 -27.11
N TYR K 93 -41.62 -29.15 -27.00
CA TYR K 93 -41.49 -27.70 -27.05
C TYR K 93 -41.60 -27.19 -25.63
N PHE K 94 -40.63 -26.37 -25.21
CA PHE K 94 -40.62 -25.79 -23.89
C PHE K 94 -40.81 -24.28 -24.03
N CYS K 95 -41.62 -23.74 -23.13
CA CYS K 95 -41.84 -22.32 -22.96
C CYS K 95 -40.90 -21.86 -21.85
N GLY K 96 -40.38 -20.63 -21.98
CA GLY K 96 -39.57 -20.13 -20.89
C GLY K 96 -39.38 -18.63 -20.91
N ARG K 97 -38.77 -18.15 -19.83
CA ARG K 97 -38.52 -16.72 -19.62
C ARG K 97 -37.01 -16.49 -19.57
N TRP K 98 -36.52 -15.62 -20.46
CA TRP K 98 -35.13 -15.24 -20.54
C TRP K 98 -34.95 -13.91 -19.81
N ASN K 99 -34.21 -13.97 -18.70
CA ASN K 99 -33.92 -12.85 -17.83
C ASN K 99 -32.70 -12.07 -18.33
N LEU K 100 -32.86 -10.75 -18.51
CA LEU K 100 -31.79 -9.93 -19.10
C LEU K 100 -31.39 -8.70 -18.30
N TYR K 101 -31.71 -8.58 -17.00
CA TYR K 101 -31.54 -7.30 -16.33
C TYR K 101 -30.32 -7.19 -15.41
N ASP K 102 -29.45 -8.19 -15.39
CA ASP K 102 -28.17 -8.16 -14.67
C ASP K 102 -28.34 -8.10 -13.15
N ASP K 103 -29.18 -7.21 -12.60
CA ASP K 103 -29.24 -7.08 -11.16
C ASP K 103 -29.98 -8.24 -10.50
N ASP K 104 -30.59 -9.12 -11.29
CA ASP K 104 -31.22 -10.32 -10.83
C ASP K 104 -30.19 -11.44 -10.89
N HIS K 105 -30.65 -12.68 -10.63
CA HIS K 105 -29.78 -13.88 -10.53
C HIS K 105 -29.43 -14.47 -11.90
N ALA K 106 -30.31 -14.42 -12.89
CA ALA K 106 -30.09 -14.85 -14.27
C ALA K 106 -29.81 -13.67 -15.18
N TYR K 107 -28.51 -13.41 -15.41
CA TYR K 107 -28.10 -12.20 -16.19
C TYR K 107 -28.42 -12.47 -17.61
N LYS K 108 -28.44 -13.71 -18.02
CA LYS K 108 -28.76 -14.18 -19.36
C LYS K 108 -28.90 -15.70 -19.33
N SER K 109 -30.00 -16.20 -18.76
CA SER K 109 -30.30 -17.63 -18.81
C SER K 109 -31.80 -17.83 -18.67
N LEU K 110 -32.37 -18.76 -19.42
CA LEU K 110 -33.78 -19.07 -19.23
C LEU K 110 -33.98 -19.49 -17.78
N ALA K 111 -34.68 -18.69 -16.99
CA ALA K 111 -34.73 -18.89 -15.56
C ALA K 111 -36.06 -19.45 -15.05
N VAL K 112 -37.14 -19.28 -15.78
CA VAL K 112 -38.42 -19.89 -15.44
C VAL K 112 -38.84 -20.71 -16.64
N TRP K 113 -38.80 -22.03 -16.48
CA TRP K 113 -39.21 -22.99 -17.50
C TRP K 113 -40.62 -23.51 -17.23
N GLY K 114 -41.28 -23.93 -18.30
CA GLY K 114 -42.54 -24.64 -18.21
C GLY K 114 -42.27 -26.12 -18.05
N ARG K 115 -43.27 -26.94 -18.34
CA ARG K 115 -43.14 -28.39 -18.20
C ARG K 115 -42.83 -29.10 -19.51
N GLY K 116 -43.24 -28.54 -20.65
CA GLY K 116 -42.93 -29.12 -21.95
C GLY K 116 -44.07 -29.89 -22.56
N ILE K 117 -44.40 -29.61 -23.82
CA ILE K 117 -45.46 -30.31 -24.55
C ILE K 117 -44.85 -31.03 -25.73
N LEU K 118 -45.21 -32.30 -25.90
CA LEU K 118 -44.69 -33.12 -26.99
C LEU K 118 -45.59 -32.95 -28.21
N VAL K 119 -45.01 -32.50 -29.32
CA VAL K 119 -45.72 -32.29 -30.58
C VAL K 119 -45.12 -33.25 -31.59
N VAL K 120 -45.97 -34.07 -32.20
CA VAL K 120 -45.55 -35.08 -33.18
C VAL K 120 -46.18 -34.73 -34.51
N VAL K 121 -45.35 -34.65 -35.55
CA VAL K 121 -45.79 -34.37 -36.91
C VAL K 121 -45.86 -35.71 -37.64
N SER K 122 -47.05 -36.08 -38.10
CA SER K 122 -47.24 -37.38 -38.73
C SER K 122 -48.52 -37.35 -39.55
N SER K 123 -48.63 -38.31 -40.46
CA SER K 123 -49.84 -38.50 -41.26
C SER K 123 -50.79 -39.46 -40.55
N ASP L 1 -24.75 -18.60 -35.07
CA ASP L 1 -25.07 -20.04 -34.81
C ASP L 1 -23.82 -20.82 -34.42
N ILE L 2 -23.37 -20.62 -33.19
CA ILE L 2 -22.18 -21.29 -32.68
C ILE L 2 -22.56 -22.71 -32.30
N GLN L 3 -21.81 -23.68 -32.82
CA GLN L 3 -22.08 -25.08 -32.54
C GLN L 3 -21.38 -25.47 -31.26
N MET L 4 -22.05 -26.27 -30.43
CA MET L 4 -21.53 -26.70 -29.15
C MET L 4 -21.30 -28.19 -29.11
N THR L 5 -20.15 -28.59 -28.57
CA THR L 5 -19.82 -29.99 -28.35
C THR L 5 -19.58 -30.19 -26.86
N GLN L 6 -20.20 -31.23 -26.30
CA GLN L 6 -20.01 -31.58 -24.90
C GLN L 6 -19.34 -32.93 -24.84
N SER L 7 -18.52 -33.13 -23.80
CA SER L 7 -17.76 -34.35 -23.65
C SER L 7 -17.58 -34.70 -22.18
N PRO L 8 -17.75 -35.98 -21.78
CA PRO L 8 -18.11 -37.16 -22.58
C PRO L 8 -19.59 -37.11 -22.96
N SER L 9 -20.04 -37.84 -23.98
CA SER L 9 -21.46 -37.88 -24.33
C SER L 9 -22.27 -38.77 -23.40
N SER L 10 -21.62 -39.65 -22.66
CA SER L 10 -22.29 -40.55 -21.72
C SER L 10 -21.35 -40.71 -20.54
N LEU L 11 -21.86 -40.43 -19.35
CA LEU L 11 -21.05 -40.40 -18.14
C LEU L 11 -21.74 -41.17 -17.03
N SER L 12 -20.94 -41.88 -16.23
CA SER L 12 -21.43 -42.60 -15.07
C SER L 12 -20.41 -42.47 -13.94
N ALA L 13 -20.93 -42.43 -12.71
CA ALA L 13 -20.06 -42.35 -11.55
C ALA L 13 -20.81 -42.83 -10.31
N SER L 14 -20.04 -43.20 -9.31
CA SER L 14 -20.53 -43.64 -8.01
C SER L 14 -20.92 -42.44 -7.15
N VAL L 15 -21.65 -42.71 -6.08
CA VAL L 15 -22.05 -41.62 -5.18
C VAL L 15 -20.83 -41.16 -4.37
N GLY L 16 -20.63 -39.84 -4.31
CA GLY L 16 -19.58 -39.20 -3.53
C GLY L 16 -18.27 -38.83 -4.23
N ASP L 17 -18.03 -39.25 -5.48
CA ASP L 17 -16.77 -38.91 -6.15
C ASP L 17 -16.93 -37.51 -6.76
N THR L 18 -15.88 -37.05 -7.44
CA THR L 18 -15.86 -35.76 -8.11
C THR L 18 -15.71 -36.03 -9.60
N VAL L 19 -16.61 -35.43 -10.39
CA VAL L 19 -16.67 -35.64 -11.84
C VAL L 19 -16.63 -34.27 -12.54
N THR L 20 -16.21 -34.29 -13.81
CA THR L 20 -16.17 -33.09 -14.64
C THR L 20 -16.84 -33.33 -15.98
N ILE L 21 -17.47 -32.28 -16.50
CA ILE L 21 -18.11 -32.25 -17.81
C ILE L 21 -17.52 -31.07 -18.57
N THR L 22 -17.03 -31.29 -19.79
CA THR L 22 -16.42 -30.22 -20.59
C THR L 22 -17.31 -29.81 -21.75
N CYS L 23 -17.57 -28.50 -21.85
CA CYS L 23 -18.33 -27.91 -22.95
C CYS L 23 -17.41 -27.02 -23.78
N ARG L 24 -17.42 -27.23 -25.10
CA ARG L 24 -16.57 -26.53 -26.05
C ARG L 24 -17.41 -25.82 -27.11
N ALA L 25 -17.14 -24.52 -27.27
CA ALA L 25 -17.76 -23.67 -28.29
C ALA L 25 -16.91 -23.68 -29.55
N ARG L 26 -17.56 -23.64 -30.71
CA ARG L 26 -16.79 -23.55 -31.93
C ARG L 26 -16.02 -22.24 -32.02
N HIS L 27 -16.54 -21.17 -31.40
CA HIS L 27 -15.93 -19.85 -31.40
C HIS L 27 -15.84 -19.35 -29.96
N GLY L 28 -14.87 -18.47 -29.70
CA GLY L 28 -14.73 -17.94 -28.36
C GLY L 28 -15.94 -17.12 -27.97
N VAL L 29 -16.37 -17.27 -26.71
CA VAL L 29 -17.57 -16.61 -26.20
C VAL L 29 -17.37 -15.91 -24.85
N GLY L 30 -16.13 -15.60 -24.48
CA GLY L 30 -15.92 -15.00 -23.17
C GLY L 30 -16.39 -15.90 -22.05
N GLU L 31 -17.19 -15.33 -21.14
CA GLU L 31 -17.75 -16.05 -20.00
C GLU L 31 -19.25 -16.29 -20.12
N ASN L 32 -19.84 -16.03 -21.29
CA ASN L 32 -21.30 -16.07 -21.44
C ASN L 32 -21.86 -17.47 -21.67
N LEU L 33 -21.52 -18.44 -20.81
CA LEU L 33 -22.02 -19.82 -20.95
C LEU L 33 -22.80 -20.26 -19.72
N ASN L 34 -24.03 -20.71 -19.94
CA ASN L 34 -24.91 -21.22 -18.89
C ASN L 34 -24.82 -22.74 -18.85
N TRP L 35 -25.13 -23.32 -17.68
CA TRP L 35 -25.29 -24.76 -17.53
C TRP L 35 -26.64 -25.07 -16.91
N TYR L 36 -27.30 -26.10 -17.47
CA TYR L 36 -28.63 -26.55 -17.09
C TYR L 36 -28.62 -28.04 -16.78
N GLN L 37 -29.48 -28.44 -15.84
CA GLN L 37 -29.70 -29.85 -15.46
C GLN L 37 -31.13 -30.27 -15.83
N GLN L 38 -31.25 -31.25 -16.72
CA GLN L 38 -32.54 -31.76 -17.17
C GLN L 38 -32.74 -33.18 -16.63
N LYS L 39 -33.69 -33.33 -15.73
CA LYS L 39 -34.03 -34.66 -15.24
C LYS L 39 -34.98 -35.32 -16.24
N PRO L 40 -34.96 -36.65 -16.38
CA PRO L 40 -35.84 -37.29 -17.37
C PRO L 40 -37.30 -36.95 -17.12
N GLY L 41 -38.00 -36.56 -18.19
CA GLY L 41 -39.40 -36.24 -18.11
C GLY L 41 -39.71 -34.86 -17.59
N LYS L 42 -38.71 -34.07 -17.21
CA LYS L 42 -38.89 -32.75 -16.61
C LYS L 42 -38.14 -31.70 -17.42
N ALA L 43 -38.58 -30.46 -17.27
CA ALA L 43 -37.87 -29.34 -17.87
C ALA L 43 -36.53 -29.11 -17.17
N PRO L 44 -35.54 -28.57 -17.87
CA PRO L 44 -34.24 -28.33 -17.23
C PRO L 44 -34.28 -27.23 -16.18
N LYS L 45 -33.37 -27.36 -15.22
CA LYS L 45 -33.14 -26.40 -14.15
C LYS L 45 -31.83 -25.68 -14.42
N VAL L 46 -31.79 -24.39 -14.11
CA VAL L 46 -30.57 -23.60 -14.30
C VAL L 46 -29.61 -23.88 -13.15
N LEU L 47 -28.36 -24.23 -13.49
CA LEU L 47 -27.31 -24.42 -12.49
C LEU L 47 -26.28 -23.31 -12.48
N ILE L 48 -25.71 -22.97 -13.64
CA ILE L 48 -24.61 -22.01 -13.71
C ILE L 48 -25.00 -20.90 -14.67
N TYR L 49 -24.72 -19.63 -14.29
CA TYR L 49 -25.07 -18.51 -15.14
C TYR L 49 -23.93 -18.09 -16.09
N MET L 50 -23.12 -17.09 -15.70
CA MET L 50 -22.04 -16.64 -16.58
C MET L 50 -20.82 -17.46 -16.24
N ALA L 51 -20.77 -18.66 -16.80
CA ALA L 51 -19.64 -19.58 -16.71
C ALA L 51 -19.31 -20.13 -15.33
N SER L 52 -19.32 -19.29 -14.27
CA SER L 52 -18.90 -19.71 -12.93
C SER L 52 -19.89 -19.51 -11.78
N SER L 53 -20.86 -18.60 -11.89
CA SER L 53 -21.72 -18.31 -10.76
C SER L 53 -22.86 -19.32 -10.65
N ARG L 54 -23.33 -19.51 -9.41
CA ARG L 54 -24.40 -20.46 -9.10
C ARG L 54 -25.75 -19.76 -8.92
N GLN L 55 -26.81 -20.52 -9.20
CA GLN L 55 -28.17 -20.11 -8.84
C GLN L 55 -28.46 -20.39 -7.38
N SER L 56 -29.16 -19.45 -6.75
CA SER L 56 -29.55 -19.64 -5.35
C SER L 56 -30.44 -20.87 -5.26
N GLY L 57 -30.19 -21.68 -4.23
CA GLY L 57 -30.89 -22.94 -4.05
C GLY L 57 -30.12 -24.12 -4.57
N ILE L 58 -29.08 -23.89 -5.35
CA ILE L 58 -28.23 -24.94 -5.91
C ILE L 58 -27.02 -25.07 -4.98
N PRO L 59 -26.72 -26.27 -4.46
CA PRO L 59 -25.64 -26.37 -3.49
C PRO L 59 -24.28 -26.07 -4.11
N SER L 60 -23.33 -25.72 -3.25
CA SER L 60 -21.98 -25.38 -3.67
C SER L 60 -21.26 -26.52 -4.38
N ARG L 61 -21.81 -27.74 -4.37
CA ARG L 61 -21.20 -28.86 -5.07
C ARG L 61 -21.10 -28.65 -6.57
N PHE L 62 -21.97 -27.80 -7.15
CA PHE L 62 -21.96 -27.55 -8.58
C PHE L 62 -21.16 -26.29 -8.85
N ARG L 63 -19.90 -26.46 -9.26
CA ARG L 63 -19.00 -25.36 -9.55
C ARG L 63 -18.65 -25.35 -11.04
N GLY L 64 -18.69 -24.16 -11.62
CA GLY L 64 -18.35 -23.90 -12.99
C GLY L 64 -16.93 -23.40 -13.13
N GLY L 65 -16.69 -22.60 -14.16
CA GLY L 65 -15.38 -22.05 -14.43
C GLY L 65 -14.94 -22.23 -15.87
N GLY L 66 -13.99 -21.40 -16.27
CA GLY L 66 -13.46 -21.37 -17.61
C GLY L 66 -13.96 -20.15 -18.38
N SER L 67 -13.27 -19.86 -19.47
CA SER L 67 -13.59 -18.72 -20.31
C SER L 67 -13.10 -19.02 -21.72
N GLY L 68 -13.54 -18.22 -22.67
CA GLY L 68 -13.11 -18.41 -24.04
C GLY L 68 -13.83 -19.55 -24.73
N THR L 69 -13.10 -20.62 -25.02
CA THR L 69 -13.62 -21.78 -25.73
C THR L 69 -13.82 -23.02 -24.85
N GLU L 70 -13.16 -23.10 -23.70
CA GLU L 70 -13.22 -24.26 -22.82
C GLU L 70 -13.92 -23.93 -21.51
N PHE L 71 -15.03 -24.62 -21.26
CA PHE L 71 -15.78 -24.42 -20.02
C PHE L 71 -15.96 -25.78 -19.39
N THR L 72 -15.98 -25.81 -18.06
CA THR L 72 -16.19 -27.06 -17.34
C THR L 72 -17.22 -26.88 -16.23
N LEU L 73 -17.94 -27.96 -15.96
CA LEU L 73 -18.81 -28.09 -14.81
C LEU L 73 -18.22 -29.20 -13.96
N THR L 74 -17.91 -28.89 -12.69
CA THR L 74 -17.35 -29.84 -11.75
C THR L 74 -18.39 -30.13 -10.70
N ILE L 75 -18.70 -31.41 -10.52
CA ILE L 75 -19.67 -31.86 -9.53
C ILE L 75 -18.90 -32.68 -8.51
N SER L 76 -18.64 -32.08 -7.34
CA SER L 76 -17.98 -32.77 -6.26
C SER L 76 -19.03 -33.45 -5.39
N SER L 77 -18.58 -34.46 -4.64
CA SER L 77 -19.43 -35.21 -3.70
C SER L 77 -20.77 -35.57 -4.34
N LEU L 78 -20.69 -36.16 -5.53
CA LEU L 78 -21.86 -36.44 -6.36
C LEU L 78 -22.88 -37.28 -5.58
N GLN L 79 -24.13 -36.82 -5.56
CA GLN L 79 -25.22 -37.41 -4.81
C GLN L 79 -26.16 -38.20 -5.73
N PRO L 80 -26.97 -39.13 -5.19
CA PRO L 80 -27.94 -39.84 -6.05
C PRO L 80 -28.92 -38.95 -6.83
N GLU L 81 -29.33 -37.80 -6.30
CA GLU L 81 -30.28 -36.97 -7.04
C GLU L 81 -29.65 -36.29 -8.25
N ASP L 82 -28.32 -36.28 -8.37
CA ASP L 82 -27.68 -35.56 -9.47
C ASP L 82 -27.53 -36.44 -10.70
N PHE L 83 -28.67 -37.02 -11.11
CA PHE L 83 -28.78 -37.89 -12.27
C PHE L 83 -29.61 -37.19 -13.32
N GLY L 84 -29.19 -37.29 -14.58
CA GLY L 84 -29.93 -36.67 -15.67
C GLY L 84 -28.98 -36.15 -16.71
N THR L 85 -29.48 -35.33 -17.62
CA THR L 85 -28.70 -34.85 -18.74
C THR L 85 -28.32 -33.38 -18.50
N TYR L 86 -27.04 -33.08 -18.61
CA TYR L 86 -26.53 -31.74 -18.44
C TYR L 86 -26.32 -31.08 -19.79
N HIS L 87 -26.74 -29.81 -19.90
CA HIS L 87 -26.67 -29.03 -21.13
C HIS L 87 -25.92 -27.74 -20.88
N CYS L 88 -25.16 -27.29 -21.87
CA CYS L 88 -24.52 -25.98 -21.87
C CYS L 88 -25.18 -25.10 -22.92
N GLN L 89 -25.21 -23.79 -22.67
CA GLN L 89 -25.88 -22.81 -23.53
C GLN L 89 -25.02 -21.58 -23.72
N GLN L 90 -25.00 -21.06 -24.94
CA GLN L 90 -24.29 -19.84 -25.30
C GLN L 90 -25.16 -18.60 -25.25
N SER L 91 -24.88 -17.73 -24.29
CA SER L 91 -25.59 -16.46 -24.14
C SER L 91 -24.91 -15.33 -24.91
N TYR L 92 -23.71 -15.56 -25.46
CA TYR L 92 -22.95 -14.48 -26.09
C TYR L 92 -23.62 -13.92 -27.34
N SER L 93 -24.06 -14.80 -28.25
CA SER L 93 -24.55 -14.34 -29.55
C SER L 93 -25.77 -15.13 -30.00
N TYR L 94 -26.79 -14.40 -30.44
CA TYR L 94 -28.03 -15.01 -30.86
C TYR L 94 -27.80 -15.73 -32.19
N PRO L 95 -28.33 -16.96 -32.41
CA PRO L 95 -29.12 -17.86 -31.54
C PRO L 95 -28.33 -18.36 -30.35
N TRP L 96 -29.01 -18.51 -29.23
CA TRP L 96 -28.39 -19.00 -28.00
C TRP L 96 -28.43 -20.51 -28.02
N THR L 97 -27.48 -21.08 -28.76
CA THR L 97 -27.45 -22.50 -29.06
C THR L 97 -27.09 -23.32 -27.83
N PHE L 98 -27.38 -24.62 -27.92
CA PHE L 98 -27.14 -25.58 -26.84
C PHE L 98 -26.32 -26.74 -27.38
N GLY L 99 -25.63 -27.43 -26.47
CA GLY L 99 -24.97 -28.66 -26.82
C GLY L 99 -25.94 -29.83 -26.80
N GLN L 100 -25.46 -30.98 -27.28
CA GLN L 100 -26.34 -32.14 -27.33
C GLN L 100 -26.64 -32.65 -25.93
N GLY L 101 -25.72 -32.48 -25.00
CA GLY L 101 -25.92 -32.82 -23.61
C GLY L 101 -25.27 -34.14 -23.24
N THR L 102 -24.87 -34.25 -21.97
CA THR L 102 -24.22 -35.44 -21.44
C THR L 102 -25.10 -36.08 -20.37
N LYS L 103 -25.42 -37.36 -20.55
CA LYS L 103 -26.22 -38.09 -19.59
C LYS L 103 -25.36 -38.59 -18.44
N VAL L 104 -25.79 -38.32 -17.21
CA VAL L 104 -25.10 -38.74 -15.99
C VAL L 104 -25.99 -39.76 -15.30
N GLU L 105 -25.44 -40.94 -15.07
CA GLU L 105 -26.09 -42.07 -14.42
C GLU L 105 -25.47 -42.30 -13.06
N ILE L 106 -26.25 -42.89 -12.16
CA ILE L 106 -25.83 -43.18 -10.78
C ILE L 106 -25.57 -44.67 -10.69
N LYS L 107 -24.39 -45.04 -10.17
CA LYS L 107 -23.99 -46.43 -9.99
C LYS L 107 -23.80 -46.70 -8.50
N GLU M 2 33.21 -35.42 12.69
CA GLU M 2 32.20 -36.04 11.84
C GLU M 2 30.81 -35.44 12.07
N LYS M 3 30.62 -34.72 13.17
CA LYS M 3 29.35 -34.07 13.43
C LYS M 3 29.21 -32.84 12.56
N LEU M 4 28.01 -32.63 12.04
CA LEU M 4 27.69 -31.49 11.19
C LEU M 4 26.64 -30.63 11.88
N TRP M 5 26.68 -29.33 11.58
CA TRP M 5 25.79 -28.35 12.19
C TRP M 5 25.12 -27.56 11.07
N VAL M 6 23.90 -27.08 11.32
CA VAL M 6 23.18 -26.33 10.28
C VAL M 6 23.78 -24.93 10.16
N THR M 7 23.93 -24.47 8.92
CA THR M 7 24.39 -23.13 8.60
C THR M 7 23.37 -22.47 7.70
N VAL M 8 23.08 -21.21 8.02
CA VAL M 8 22.09 -20.41 7.31
C VAL M 8 22.80 -19.58 6.27
N TYR M 9 22.35 -19.68 5.02
CA TYR M 9 22.89 -18.98 3.87
C TYR M 9 21.82 -18.05 3.32
N TYR M 10 22.15 -16.77 3.21
CA TYR M 10 21.26 -15.73 2.69
C TYR M 10 21.77 -15.24 1.35
N GLY M 11 20.94 -15.38 0.33
CA GLY M 11 21.30 -15.10 -1.05
C GLY M 11 21.34 -16.34 -1.91
N VAL M 12 20.65 -17.40 -1.51
CA VAL M 12 20.69 -18.69 -2.23
C VAL M 12 20.01 -18.57 -3.57
N PRO M 13 20.64 -19.01 -4.69
CA PRO M 13 19.96 -18.92 -6.01
C PRO M 13 18.93 -20.03 -6.18
N VAL M 14 17.88 -20.00 -5.35
CA VAL M 14 16.80 -20.98 -5.40
C VAL M 14 15.51 -20.22 -5.65
N TRP M 15 14.71 -20.70 -6.60
CA TRP M 15 13.45 -20.06 -6.95
C TRP M 15 12.37 -21.10 -7.19
N LYS M 16 11.13 -20.69 -7.02
CA LYS M 16 9.99 -21.60 -7.14
C LYS M 16 8.88 -20.94 -7.95
N ASP M 17 8.09 -21.78 -8.63
CA ASP M 17 7.00 -21.25 -9.44
C ASP M 17 6.01 -20.48 -8.57
N ALA M 18 5.60 -19.31 -9.03
CA ALA M 18 4.69 -18.47 -8.27
C ALA M 18 3.94 -17.53 -9.20
N GLU M 19 2.82 -17.03 -8.70
CA GLU M 19 2.02 -16.01 -9.37
C GLU M 19 2.18 -14.69 -8.60
N THR M 20 2.26 -13.59 -9.34
CA THR M 20 2.37 -12.28 -8.71
C THR M 20 1.95 -11.20 -9.70
N THR M 21 1.65 -10.03 -9.16
CA THR M 21 1.33 -8.87 -9.99
C THR M 21 2.61 -8.31 -10.61
N LEU M 22 2.59 -8.15 -11.93
CA LEU M 22 3.68 -7.58 -12.70
C LEU M 22 3.37 -6.13 -13.04
N PHE M 23 4.41 -5.36 -13.35
CA PHE M 23 4.24 -3.97 -13.76
C PHE M 23 4.70 -3.77 -15.19
N CYS M 24 4.20 -2.68 -15.80
CA CYS M 24 4.50 -2.36 -17.19
C CYS M 24 5.67 -1.39 -17.30
N ALA M 25 6.36 -1.45 -18.43
CA ALA M 25 7.36 -0.48 -18.81
C ALA M 25 7.22 -0.18 -20.29
N SER M 26 7.55 1.05 -20.66
CA SER M 26 7.49 1.51 -22.05
C SER M 26 8.84 2.08 -22.44
N ASP M 27 9.16 1.98 -23.73
CA ASP M 27 10.40 2.54 -24.25
C ASP M 27 10.21 4.04 -24.53
N ALA M 28 10.83 4.87 -23.69
CA ALA M 28 10.67 6.32 -23.75
C ALA M 28 9.20 6.68 -23.54
N LYS M 29 8.84 7.95 -23.71
CA LYS M 29 7.44 8.31 -23.57
C LYS M 29 6.62 7.71 -24.69
N ALA M 30 7.14 7.73 -25.92
CA ALA M 30 6.45 7.19 -27.09
C ALA M 30 5.07 7.84 -27.29
N TYR M 31 4.98 9.14 -27.00
CA TYR M 31 3.75 9.88 -27.24
C TYR M 31 4.10 11.35 -27.46
N ASP M 32 3.18 12.04 -28.13
CA ASP M 32 3.28 13.46 -28.44
C ASP M 32 2.42 14.34 -27.54
N THR M 33 1.84 13.77 -26.48
CA THR M 33 0.93 14.43 -25.54
C THR M 33 -0.47 14.63 -26.13
N GLU M 34 -0.72 14.20 -27.36
CA GLU M 34 -2.04 14.24 -27.98
C GLU M 34 -2.66 12.87 -28.11
N LYS M 35 -1.85 11.83 -28.28
CA LYS M 35 -2.37 10.49 -28.50
C LYS M 35 -3.10 9.91 -27.28
N HIS M 36 -2.60 10.18 -26.07
CA HIS M 36 -3.19 9.67 -24.82
C HIS M 36 -3.55 8.18 -24.93
N ASN M 37 -2.51 7.40 -25.24
CA ASN M 37 -2.66 6.01 -25.65
C ASN M 37 -3.57 5.21 -24.72
N VAL M 38 -4.47 4.44 -25.32
CA VAL M 38 -5.48 3.69 -24.57
C VAL M 38 -4.85 2.75 -23.55
N TRP M 39 -3.59 2.36 -23.75
CA TRP M 39 -2.92 1.45 -22.84
C TRP M 39 -2.22 2.18 -21.70
N ALA M 40 -2.46 3.49 -21.55
CA ALA M 40 -1.93 4.31 -20.45
C ALA M 40 -0.42 4.18 -20.32
N THR M 41 0.27 4.31 -21.45
CA THR M 41 1.71 4.14 -21.46
C THR M 41 2.43 5.27 -20.75
N HIS M 42 1.77 6.41 -20.52
CA HIS M 42 2.40 7.50 -19.78
C HIS M 42 2.57 7.16 -18.30
N ALA M 43 1.83 6.18 -17.78
CA ALA M 43 1.95 5.78 -16.38
C ALA M 43 2.92 4.62 -16.17
N CYS M 44 3.57 4.14 -17.22
CA CYS M 44 4.52 3.04 -17.08
C CYS M 44 5.92 3.58 -16.80
N VAL M 45 6.73 2.75 -16.14
CA VAL M 45 8.11 3.13 -15.83
C VAL M 45 8.95 3.06 -17.10
N PRO M 46 9.73 4.09 -17.45
CA PRO M 46 10.61 3.97 -18.62
C PRO M 46 11.55 2.77 -18.46
N THR M 47 11.80 2.07 -19.57
CA THR M 47 12.63 0.89 -19.54
C THR M 47 14.09 1.24 -19.29
N ASP M 48 14.81 0.26 -18.77
CA ASP M 48 16.25 0.38 -18.57
C ASP M 48 16.95 0.07 -19.88
N PRO M 49 17.76 1.00 -20.46
CA PRO M 49 18.48 0.69 -21.72
C PRO M 49 19.32 -0.57 -21.66
N ASN M 50 19.73 -1.01 -20.46
CA ASN M 50 20.52 -2.21 -20.30
C ASN M 50 19.56 -3.35 -19.99
N PRO M 51 19.31 -4.29 -20.91
CA PRO M 51 18.29 -5.32 -20.65
C PRO M 51 18.75 -6.44 -19.73
N GLN M 52 19.97 -6.39 -19.20
CA GLN M 52 20.54 -7.48 -18.41
C GLN M 52 20.64 -8.74 -19.26
N GLU M 53 19.77 -9.75 -19.04
CA GLU M 53 19.82 -11.02 -19.77
C GLU M 53 21.01 -11.87 -19.33
N VAL M 54 20.81 -12.71 -18.32
CA VAL M 54 21.84 -13.58 -17.77
C VAL M 54 21.46 -15.01 -18.13
N VAL M 55 22.32 -15.68 -18.90
CA VAL M 55 22.09 -17.06 -19.29
C VAL M 55 22.47 -17.96 -18.11
N LEU M 56 21.61 -18.91 -17.78
CA LEU M 56 21.81 -19.79 -16.65
C LEU M 56 22.41 -21.10 -17.13
N GLU M 57 23.66 -21.36 -16.75
CA GLU M 57 24.32 -22.60 -17.11
C GLU M 57 23.79 -23.74 -16.26
N ASN M 58 23.71 -24.93 -16.87
CA ASN M 58 23.28 -26.15 -16.17
C ASN M 58 21.88 -26.02 -15.58
N VAL M 59 21.02 -25.21 -16.19
CA VAL M 59 19.64 -25.06 -15.72
C VAL M 59 18.71 -25.53 -16.82
N THR M 60 17.93 -26.57 -16.52
CA THR M 60 16.84 -27.03 -17.36
C THR M 60 15.56 -26.81 -16.58
N GLU M 61 14.59 -26.13 -17.19
CA GLU M 61 13.36 -25.76 -16.48
C GLU M 61 12.13 -26.13 -17.28
N HIS M 62 11.15 -26.69 -16.59
CA HIS M 62 9.91 -27.11 -17.23
C HIS M 62 9.00 -25.90 -17.42
N PHE M 63 8.65 -25.62 -18.66
CA PHE M 63 7.76 -24.53 -19.02
C PHE M 63 6.45 -25.09 -19.53
N ASN M 64 5.37 -24.33 -19.33
CA ASN M 64 4.05 -24.74 -19.81
C ASN M 64 3.30 -23.48 -20.21
N MET M 65 3.24 -23.21 -21.50
CA MET M 65 2.61 -21.99 -21.99
C MET M 65 1.10 -21.97 -21.78
N TRP M 66 0.49 -23.13 -21.52
CA TRP M 66 -0.96 -23.24 -21.40
C TRP M 66 -1.46 -23.01 -19.98
N LYS M 67 -0.57 -22.88 -19.00
CA LYS M 67 -0.92 -22.63 -17.61
C LYS M 67 -0.13 -21.45 -17.08
N ASN M 68 0.28 -20.55 -17.98
CA ASN M 68 1.14 -19.42 -17.63
C ASN M 68 0.30 -18.29 -17.07
N ASN M 69 0.49 -17.98 -15.79
CA ASN M 69 -0.28 -16.91 -15.15
C ASN M 69 -0.07 -15.56 -15.83
N MET M 70 1.06 -15.37 -16.53
CA MET M 70 1.33 -14.09 -17.16
C MET M 70 0.29 -13.78 -18.23
N VAL M 71 -0.26 -14.81 -18.86
CA VAL M 71 -1.27 -14.62 -19.89
C VAL M 71 -2.58 -14.13 -19.26
N GLU M 72 -2.98 -14.75 -18.16
CA GLU M 72 -4.21 -14.34 -17.49
C GLU M 72 -4.08 -12.94 -16.96
N GLN M 73 -2.89 -12.61 -16.43
CA GLN M 73 -2.71 -11.27 -15.88
C GLN M 73 -2.67 -10.21 -16.98
N MET M 74 -2.01 -10.51 -18.11
CA MET M 74 -1.99 -9.55 -19.20
C MET M 74 -3.41 -9.33 -19.74
N GLN M 75 -4.20 -10.41 -19.85
CA GLN M 75 -5.57 -10.24 -20.35
C GLN M 75 -6.39 -9.39 -19.38
N THR M 76 -6.22 -9.63 -18.08
CA THR M 76 -6.92 -8.83 -17.08
C THR M 76 -6.50 -7.37 -17.18
N ASP M 77 -5.20 -7.13 -17.37
CA ASP M 77 -4.71 -5.75 -17.42
C ASP M 77 -5.20 -5.06 -18.67
N ILE M 78 -5.26 -5.77 -19.79
CA ILE M 78 -5.71 -5.13 -21.03
C ILE M 78 -7.19 -4.77 -20.93
N ILE M 79 -7.99 -5.65 -20.31
CA ILE M 79 -9.41 -5.33 -20.16
C ILE M 79 -9.58 -4.15 -19.20
N SER M 80 -8.86 -4.18 -18.07
CA SER M 80 -8.97 -3.11 -17.09
C SER M 80 -8.56 -1.77 -17.68
N LEU M 81 -7.46 -1.76 -18.43
CA LEU M 81 -7.00 -0.52 -19.05
C LEU M 81 -8.01 -0.01 -20.08
N TRP M 82 -8.57 -0.91 -20.88
CA TRP M 82 -9.53 -0.46 -21.88
C TRP M 82 -10.79 0.12 -21.22
N ASP M 83 -11.26 -0.51 -20.15
CA ASP M 83 -12.45 0.01 -19.49
C ASP M 83 -12.16 1.35 -18.83
N GLN M 84 -10.98 1.50 -18.22
CA GLN M 84 -10.62 2.77 -17.59
C GLN M 84 -10.48 3.87 -18.63
N SER M 85 -9.92 3.54 -19.80
CA SER M 85 -9.76 4.52 -20.86
C SER M 85 -11.09 4.96 -21.44
N LEU M 86 -12.02 4.03 -21.67
CA LEU M 86 -13.28 4.42 -22.28
C LEU M 86 -14.24 5.08 -21.30
N LYS M 87 -14.14 4.76 -20.00
CA LYS M 87 -15.04 5.29 -18.97
C LYS M 87 -15.26 6.80 -19.07
N PRO M 88 -14.21 7.65 -19.04
CA PRO M 88 -14.46 9.11 -19.11
C PRO M 88 -14.70 9.60 -20.53
N CYS M 89 -15.76 9.11 -21.17
CA CYS M 89 -16.11 9.50 -22.53
C CYS M 89 -17.63 9.59 -22.67
N VAL M 90 -18.07 10.02 -23.86
CA VAL M 90 -19.47 10.34 -24.09
C VAL M 90 -20.29 9.06 -24.11
N LYS M 91 -21.38 9.04 -23.32
CA LYS M 91 -22.32 7.94 -23.29
C LYS M 91 -23.49 8.25 -24.22
N LEU M 92 -23.66 7.44 -25.27
CA LEU M 92 -24.64 7.71 -26.32
C LEU M 92 -26.01 7.17 -25.97
N THR M 93 -26.54 7.53 -24.80
CA THR M 93 -27.87 7.11 -24.39
C THR M 93 -29.01 7.80 -25.15
N PRO M 94 -28.90 9.08 -25.55
CA PRO M 94 -30.02 9.68 -26.30
C PRO M 94 -30.24 9.10 -27.70
N LEU M 95 -29.35 8.23 -28.19
CA LEU M 95 -29.47 7.72 -29.56
C LEU M 95 -30.28 6.44 -29.71
N CYS M 96 -30.96 5.94 -28.66
CA CYS M 96 -31.82 4.77 -28.83
C CYS M 96 -33.16 5.22 -29.42
N VAL M 97 -33.09 5.67 -30.68
CA VAL M 97 -34.21 6.22 -31.41
C VAL M 97 -34.34 5.45 -32.71
N THR M 98 -35.50 5.56 -33.34
CA THR M 98 -35.73 4.91 -34.62
C THR M 98 -35.07 5.73 -35.72
N LEU M 99 -34.30 5.05 -36.57
CA LEU M 99 -33.57 5.68 -37.66
C LEU M 99 -34.33 5.47 -38.97
N ASN M 100 -34.46 6.54 -39.76
CA ASN M 100 -35.07 6.47 -41.08
C ASN M 100 -33.93 6.42 -42.10
N CYS M 101 -33.64 5.23 -42.62
CA CYS M 101 -32.42 4.99 -43.39
C CYS M 101 -32.75 4.69 -44.85
N LYS M 102 -32.03 5.36 -45.75
CA LYS M 102 -32.08 5.11 -47.18
C LYS M 102 -30.77 4.47 -47.62
N ASP M 103 -30.84 3.58 -48.59
CA ASP M 103 -29.64 2.98 -49.13
C ASP M 103 -28.83 4.02 -49.90
N VAL M 104 -27.52 3.98 -49.77
CA VAL M 104 -26.63 4.82 -50.57
C VAL M 104 -26.29 4.05 -51.84
N ASN M 105 -26.57 4.67 -52.99
CA ASN M 105 -26.33 4.06 -54.29
C ASN M 105 -24.98 4.52 -54.82
N ALA M 106 -24.05 3.59 -54.98
CA ALA M 106 -22.74 3.93 -55.48
C ALA M 106 -22.82 4.33 -56.95
N THR M 107 -22.00 5.29 -57.34
CA THR M 107 -21.94 5.75 -58.73
C THR M 107 -20.80 5.03 -59.44
N GLU M 118 -20.93 -2.53 -53.74
CA GLU M 118 -21.68 -3.01 -52.59
C GLU M 118 -23.17 -2.95 -52.89
N ARG M 119 -24.00 -3.40 -51.93
CA ARG M 119 -25.46 -3.38 -52.05
C ARG M 119 -26.04 -2.79 -50.76
N GLY M 120 -25.92 -1.47 -50.62
CA GLY M 120 -26.43 -0.81 -49.43
C GLY M 120 -25.56 -0.97 -48.22
N GLU M 121 -24.24 -1.13 -48.40
CA GLU M 121 -23.35 -1.30 -47.26
C GLU M 121 -23.31 -0.06 -46.39
N ILE M 122 -23.43 1.12 -47.00
CA ILE M 122 -23.51 2.39 -46.28
C ILE M 122 -24.95 2.88 -46.41
N LYS M 123 -25.57 3.18 -45.27
CA LYS M 123 -26.93 3.67 -45.22
C LYS M 123 -26.93 5.10 -44.69
N ASN M 124 -27.79 5.93 -45.27
CA ASN M 124 -27.94 7.34 -44.90
C ASN M 124 -29.17 7.43 -44.01
N CYS M 125 -28.93 7.53 -42.71
CA CYS M 125 -29.96 7.47 -41.69
C CYS M 125 -30.23 8.85 -41.13
N SER M 126 -31.50 9.24 -41.10
CA SER M 126 -31.95 10.49 -40.52
C SER M 126 -32.70 10.21 -39.23
N PHE M 127 -32.55 11.11 -38.27
CA PHE M 127 -33.17 10.93 -36.97
C PHE M 127 -33.31 12.27 -36.25
N ASN M 128 -34.15 12.27 -35.20
CA ASN M 128 -34.51 13.45 -34.44
C ASN M 128 -33.95 13.31 -33.03
N ILE M 129 -33.01 14.19 -32.68
CA ILE M 129 -32.36 14.19 -31.37
C ILE M 129 -32.36 15.60 -30.80
N THR M 130 -32.06 15.69 -29.51
CA THR M 130 -31.95 17.00 -28.89
C THR M 130 -30.61 17.65 -29.23
N THR M 131 -30.53 18.95 -28.98
CA THR M 131 -29.33 19.75 -29.10
C THR M 131 -28.81 20.04 -27.70
N GLU M 132 -27.76 20.85 -27.63
CA GLU M 132 -27.21 21.22 -26.34
C GLU M 132 -28.19 22.03 -25.50
N LEU M 133 -29.25 22.58 -26.11
CA LEU M 133 -30.21 23.42 -25.40
C LEU M 133 -31.44 22.67 -24.91
N ARG M 134 -31.52 21.36 -25.11
CA ARG M 134 -32.54 20.48 -24.53
C ARG M 134 -33.98 20.74 -24.98
N ASP M 135 -34.41 21.99 -25.06
CA ASP M 135 -35.76 22.32 -25.52
C ASP M 135 -35.87 22.48 -27.03
N LYS M 136 -34.76 22.34 -27.75
CA LYS M 136 -34.73 22.37 -29.20
C LYS M 136 -34.44 20.97 -29.71
N VAL M 137 -35.20 20.51 -30.68
CA VAL M 137 -35.04 19.19 -31.27
C VAL M 137 -34.63 19.39 -32.72
N GLN M 138 -33.54 18.71 -33.11
CA GLN M 138 -32.94 18.82 -34.42
C GLN M 138 -33.10 17.51 -35.19
N LYS M 139 -33.35 17.64 -36.49
CA LYS M 139 -33.30 16.53 -37.44
C LYS M 139 -31.93 16.55 -38.10
N VAL M 140 -31.18 15.45 -37.96
CA VAL M 140 -29.86 15.30 -38.53
C VAL M 140 -29.81 13.99 -39.30
N TYR M 141 -28.73 13.84 -40.07
CA TYR M 141 -28.49 12.61 -40.80
C TYR M 141 -27.03 12.23 -40.65
N ALA M 142 -26.77 10.94 -40.80
CA ALA M 142 -25.43 10.40 -40.68
C ALA M 142 -25.35 9.14 -41.51
N LEU M 143 -24.14 8.79 -41.94
CA LEU M 143 -23.92 7.54 -42.64
C LEU M 143 -23.48 6.48 -41.64
N PHE M 144 -24.05 5.28 -41.78
CA PHE M 144 -23.72 4.14 -40.94
C PHE M 144 -23.46 2.93 -41.81
N TYR M 145 -22.67 2.00 -41.28
CA TYR M 145 -22.44 0.74 -41.97
C TYR M 145 -23.59 -0.21 -41.68
N LYS M 146 -23.87 -1.08 -42.66
CA LYS M 146 -24.99 -2.03 -42.54
C LYS M 146 -24.93 -2.82 -41.25
N LEU M 147 -23.72 -3.19 -40.81
CA LEU M 147 -23.56 -4.01 -39.61
C LEU M 147 -23.91 -3.27 -38.32
N ASP M 148 -24.02 -1.94 -38.36
CA ASP M 148 -24.32 -1.16 -37.17
C ASP M 148 -25.82 -0.94 -36.94
N VAL M 149 -26.65 -1.24 -37.93
CA VAL M 149 -28.08 -0.94 -37.90
C VAL M 149 -28.87 -2.23 -38.12
N VAL M 150 -29.82 -2.48 -37.23
CA VAL M 150 -30.65 -3.70 -37.25
C VAL M 150 -32.08 -3.28 -37.55
N PRO M 151 -32.79 -3.97 -38.46
CA PRO M 151 -34.19 -3.64 -38.71
C PRO M 151 -35.03 -3.76 -37.45
N ILE M 152 -36.00 -2.85 -37.30
CA ILE M 152 -36.95 -2.84 -36.20
C ILE M 152 -38.35 -3.04 -36.78
N ASP M 153 -39.11 -3.93 -36.13
CA ASP M 153 -40.47 -4.29 -36.56
C ASP M 153 -40.46 -4.91 -37.96
N ASN M 154 -41.05 -4.25 -38.95
CA ASN M 154 -41.18 -4.82 -40.29
C ASN M 154 -39.91 -4.51 -41.10
N ASN M 155 -39.98 -4.73 -42.41
CA ASN M 155 -38.84 -4.61 -43.31
C ASN M 155 -38.77 -3.25 -43.99
N ASN M 156 -39.37 -2.22 -43.39
CA ASN M 156 -39.30 -0.87 -43.94
C ASN M 156 -37.97 -0.21 -43.60
N THR M 157 -37.89 1.11 -43.73
CA THR M 157 -36.63 1.83 -43.55
C THR M 157 -36.31 2.11 -42.09
N SER M 158 -37.11 1.61 -41.15
CA SER M 158 -36.84 1.86 -39.74
C SER M 158 -35.74 0.94 -39.24
N TYR M 159 -34.71 1.51 -38.62
CA TYR M 159 -33.61 0.75 -38.05
C TYR M 159 -33.26 1.29 -36.67
N ARG M 160 -32.54 0.47 -35.91
CA ARG M 160 -32.00 0.86 -34.61
C ARG M 160 -30.54 0.44 -34.54
N LEU M 161 -29.77 1.06 -33.64
CA LEU M 161 -28.38 0.66 -33.49
C LEU M 161 -28.30 -0.74 -32.90
N ILE M 162 -27.30 -1.50 -33.35
CA ILE M 162 -27.21 -2.95 -33.10
C ILE M 162 -27.35 -3.32 -31.63
N SER M 163 -26.74 -2.55 -30.73
CA SER M 163 -26.72 -2.89 -29.30
C SER M 163 -27.42 -1.88 -28.40
N CYS M 164 -28.15 -0.90 -28.93
CA CYS M 164 -28.67 0.15 -28.06
C CYS M 164 -29.73 -0.40 -27.12
N ASP M 165 -30.47 -1.42 -27.55
CA ASP M 165 -31.58 -1.96 -26.78
C ASP M 165 -31.17 -2.70 -25.51
N THR M 166 -29.94 -3.23 -25.44
CA THR M 166 -29.51 -4.05 -24.31
C THR M 166 -28.37 -3.45 -23.51
N SER M 167 -27.65 -2.48 -24.05
CA SER M 167 -26.50 -1.89 -23.39
C SER M 167 -26.44 -0.44 -23.80
N VAL M 168 -25.52 0.30 -23.17
CA VAL M 168 -25.31 1.71 -23.47
C VAL M 168 -24.02 1.82 -24.25
N ILE M 169 -24.11 2.38 -25.45
CA ILE M 169 -22.95 2.51 -26.33
C ILE M 169 -22.18 3.74 -25.91
N THR M 170 -20.90 3.57 -25.65
CA THR M 170 -20.02 4.66 -25.23
C THR M 170 -19.17 5.07 -26.43
N GLN M 171 -19.19 6.35 -26.75
CA GLN M 171 -18.37 6.84 -27.84
C GLN M 171 -16.96 6.99 -27.33
N ALA M 172 -16.00 6.42 -28.04
CA ALA M 172 -14.61 6.57 -27.64
C ALA M 172 -14.19 8.02 -27.78
N CYS M 173 -13.41 8.49 -26.83
CA CYS M 173 -12.93 9.87 -26.91
C CYS M 173 -12.05 10.01 -28.15
N PRO M 174 -12.25 11.03 -28.99
CA PRO M 174 -11.49 11.10 -30.26
C PRO M 174 -9.99 11.25 -30.05
N LYS M 175 -9.55 11.66 -28.87
CA LYS M 175 -8.14 11.88 -28.60
C LYS M 175 -7.40 10.61 -28.21
N ILE M 176 -8.10 9.50 -28.02
CA ILE M 176 -7.51 8.26 -27.53
C ILE M 176 -7.06 7.42 -28.72
N SER M 177 -5.75 7.30 -28.90
CA SER M 177 -5.19 6.45 -29.95
C SER M 177 -5.25 4.98 -29.55
N PHE M 178 -5.50 4.13 -30.54
CA PHE M 178 -5.48 2.67 -30.37
C PHE M 178 -4.26 2.03 -31.03
N GLU M 179 -3.25 2.81 -31.38
CA GLU M 179 -2.06 2.25 -32.03
C GLU M 179 -1.31 1.36 -31.05
N PRO M 180 -1.10 0.07 -31.34
CA PRO M 180 -0.29 -0.75 -30.43
C PRO M 180 1.14 -0.23 -30.36
N ILE M 181 1.64 -0.10 -29.13
CA ILE M 181 3.01 0.28 -28.85
C ILE M 181 3.58 -0.85 -27.99
N PRO M 182 4.77 -1.39 -28.27
CA PRO M 182 5.28 -2.51 -27.45
C PRO M 182 5.33 -2.18 -25.96
N ILE M 183 4.78 -3.10 -25.17
CA ILE M 183 4.71 -2.99 -23.71
C ILE M 183 5.56 -4.11 -23.11
N HIS M 184 6.41 -3.75 -22.15
CA HIS M 184 7.28 -4.70 -21.47
C HIS M 184 6.70 -5.03 -20.11
N TYR M 185 6.56 -6.32 -19.79
CA TYR M 185 6.06 -6.73 -18.45
C TYR M 185 7.23 -7.09 -17.55
N CYS M 186 7.64 -6.16 -16.67
CA CYS M 186 8.76 -6.45 -15.73
C CYS M 186 8.21 -7.04 -14.44
N ALA M 187 8.96 -7.92 -13.78
CA ALA M 187 8.53 -8.50 -12.49
C ALA M 187 8.96 -7.58 -11.35
N PRO M 188 8.26 -7.53 -10.20
CA PRO M 188 8.67 -6.69 -9.07
C PRO M 188 9.87 -7.29 -8.38
N ALA M 189 10.53 -6.46 -7.58
CA ALA M 189 11.69 -6.91 -6.81
C ALA M 189 11.31 -8.12 -5.96
N GLY M 190 12.23 -9.09 -5.93
CA GLY M 190 12.00 -10.35 -5.25
C GLY M 190 11.53 -11.45 -6.17
N PHE M 191 11.17 -11.13 -7.41
CA PHE M 191 10.71 -12.08 -8.41
C PHE M 191 11.58 -11.95 -9.64
N ALA M 192 11.56 -12.97 -10.51
CA ALA M 192 12.33 -12.94 -11.73
C ALA M 192 11.56 -13.65 -12.83
N ILE M 193 11.89 -13.32 -14.09
CA ILE M 193 11.27 -13.96 -15.24
C ILE M 193 12.33 -14.81 -15.92
N LEU M 194 12.02 -16.09 -16.10
CA LEU M 194 12.90 -17.01 -16.81
C LEU M 194 12.41 -17.09 -18.25
N LYS M 195 13.35 -17.05 -19.19
CA LYS M 195 13.08 -17.08 -20.61
C LYS M 195 13.67 -18.35 -21.21
N CYS M 196 12.90 -19.01 -22.04
CA CYS M 196 13.34 -20.20 -22.76
C CYS M 196 13.91 -19.78 -24.11
N ASN M 197 15.18 -20.11 -24.33
CA ASN M 197 15.90 -19.69 -25.53
C ASN M 197 16.06 -20.82 -26.54
N ASP M 198 15.37 -21.95 -26.36
CA ASP M 198 15.47 -23.02 -27.33
C ASP M 198 14.94 -22.54 -28.68
N LYS M 199 15.61 -22.95 -29.75
CA LYS M 199 15.26 -22.45 -31.06
C LYS M 199 13.90 -22.95 -31.52
N THR M 200 13.57 -24.20 -31.20
CA THR M 200 12.29 -24.82 -31.58
C THR M 200 11.67 -25.43 -30.32
N PHE M 201 11.08 -24.58 -29.49
CA PHE M 201 10.48 -25.03 -28.24
C PHE M 201 9.08 -25.56 -28.49
N ASN M 202 8.79 -26.74 -27.94
CA ASN M 202 7.50 -27.40 -28.16
C ASN M 202 6.34 -26.65 -27.53
N GLY M 203 6.59 -25.82 -26.52
CA GLY M 203 5.56 -25.10 -25.79
C GLY M 203 5.21 -25.72 -24.46
N LYS M 204 5.59 -26.98 -24.24
CA LYS M 204 5.38 -27.66 -22.96
C LYS M 204 6.53 -28.63 -22.77
N GLY M 205 7.19 -28.55 -21.62
CA GLY M 205 8.29 -29.45 -21.33
C GLY M 205 9.55 -28.74 -20.89
N PRO M 206 10.61 -29.51 -20.64
CA PRO M 206 11.87 -28.90 -20.20
C PRO M 206 12.52 -28.10 -21.33
N CYS M 207 13.12 -26.98 -20.93
CA CYS M 207 13.90 -26.10 -21.80
C CYS M 207 15.32 -26.11 -21.26
N LYS M 208 16.31 -26.25 -22.17
CA LYS M 208 17.70 -26.34 -21.73
C LYS M 208 18.39 -24.99 -21.61
N ASN M 209 18.15 -24.08 -22.55
CA ASN M 209 18.80 -22.78 -22.55
C ASN M 209 17.83 -21.80 -21.91
N VAL M 210 18.07 -21.52 -20.63
CA VAL M 210 17.21 -20.70 -19.79
C VAL M 210 18.02 -19.48 -19.38
N SER M 211 17.42 -18.31 -19.51
CA SER M 211 18.04 -17.06 -19.11
C SER M 211 17.13 -16.34 -18.13
N THR M 212 17.72 -15.48 -17.30
CA THR M 212 16.97 -14.71 -16.32
C THR M 212 16.95 -13.25 -16.75
N VAL M 213 15.74 -12.69 -16.83
CA VAL M 213 15.57 -11.27 -17.26
C VAL M 213 14.41 -10.67 -16.44
N GLN M 214 14.65 -9.54 -15.75
CA GLN M 214 13.59 -8.95 -14.89
C GLN M 214 12.40 -8.54 -15.77
N CYS M 215 12.66 -7.97 -16.94
CA CYS M 215 11.55 -7.60 -17.88
C CYS M 215 11.57 -8.52 -19.08
N THR M 216 10.50 -8.52 -19.88
CA THR M 216 10.47 -9.30 -21.15
C THR M 216 10.64 -8.34 -22.33
N HIS M 217 10.78 -8.86 -23.55
CA HIS M 217 10.85 -7.97 -24.70
C HIS M 217 9.53 -7.25 -24.88
N GLY M 218 9.52 -6.27 -25.78
CA GLY M 218 8.32 -5.50 -25.98
C GLY M 218 7.28 -6.35 -26.69
N ILE M 219 6.06 -6.28 -26.20
CA ILE M 219 4.93 -7.03 -26.75
C ILE M 219 3.92 -6.00 -27.24
N ARG M 220 3.54 -6.13 -28.50
CA ARG M 220 2.54 -5.23 -29.05
C ARG M 220 1.15 -5.74 -28.70
N PRO M 221 0.35 -5.01 -27.91
CA PRO M 221 -0.97 -5.58 -27.55
C PRO M 221 -1.96 -5.46 -28.70
N VAL M 222 -1.67 -6.16 -29.79
CA VAL M 222 -2.49 -6.10 -30.98
C VAL M 222 -3.72 -6.98 -30.77
N VAL M 223 -4.90 -6.41 -31.04
CA VAL M 223 -6.15 -7.13 -30.91
C VAL M 223 -6.61 -7.54 -32.30
N SER M 224 -6.48 -8.83 -32.59
CA SER M 224 -6.91 -9.39 -33.87
C SER M 224 -7.22 -10.85 -33.61
N THR M 225 -7.97 -11.47 -34.53
CA THR M 225 -8.27 -12.89 -34.43
C THR M 225 -7.87 -13.62 -35.70
N GLN M 226 -7.83 -14.94 -35.59
CA GLN M 226 -7.51 -15.92 -36.62
C GLN M 226 -6.08 -15.84 -37.13
N LEU M 227 -5.58 -14.65 -37.43
CA LEU M 227 -4.21 -14.42 -37.85
C LEU M 227 -3.54 -13.46 -36.87
N LEU M 228 -2.35 -13.81 -36.40
CA LEU M 228 -1.61 -12.95 -35.50
C LEU M 228 -0.81 -11.94 -36.31
N LEU M 229 -0.88 -10.68 -35.88
CA LEU M 229 -0.22 -9.58 -36.58
C LEU M 229 0.96 -9.08 -35.78
N ASN M 230 1.99 -8.64 -36.51
CA ASN M 230 3.21 -8.09 -35.92
C ASN M 230 3.80 -9.07 -34.91
N GLY M 231 4.00 -8.67 -33.65
CA GLY M 231 4.57 -9.60 -32.69
C GLY M 231 5.97 -10.05 -33.05
N SER M 232 6.21 -11.37 -33.04
CA SER M 232 7.53 -11.92 -33.34
C SER M 232 7.43 -13.23 -34.13
N LEU M 233 8.51 -13.52 -34.85
CA LEU M 233 8.66 -14.71 -35.69
C LEU M 233 9.55 -15.78 -35.05
N ALA M 234 9.37 -17.01 -35.52
CA ALA M 234 10.22 -18.13 -35.12
C ALA M 234 11.59 -17.99 -35.78
N GLU M 235 12.60 -18.61 -35.16
CA GLU M 235 13.97 -18.47 -35.63
C GLU M 235 14.42 -19.54 -36.62
N GLU M 236 13.96 -20.78 -36.51
CA GLU M 236 14.39 -21.87 -37.39
C GLU M 236 13.31 -22.40 -38.32
N GLU M 237 12.08 -22.57 -37.86
CA GLU M 237 11.03 -23.13 -38.71
C GLU M 237 9.68 -22.75 -38.13
N VAL M 238 8.63 -23.08 -38.88
CA VAL M 238 7.27 -22.92 -38.39
C VAL M 238 7.06 -23.94 -37.28
N VAL M 239 6.53 -23.49 -36.14
CA VAL M 239 6.33 -24.34 -34.97
C VAL M 239 4.85 -24.41 -34.67
N ILE M 240 4.34 -25.64 -34.54
CA ILE M 240 2.95 -25.89 -34.17
C ILE M 240 2.97 -26.16 -32.67
N ARG M 241 2.24 -25.37 -31.90
CA ARG M 241 2.32 -25.51 -30.44
C ARG M 241 1.21 -26.36 -29.86
N SER M 242 0.01 -25.78 -29.71
CA SER M 242 -1.16 -26.49 -29.17
C SER M 242 -0.88 -27.10 -27.81
N ASP M 243 -1.77 -27.96 -27.31
CA ASP M 243 -1.61 -28.55 -26.00
C ASP M 243 -1.58 -30.08 -26.11
N ASN M 244 -2.74 -30.70 -26.34
CA ASN M 244 -2.84 -32.15 -26.43
C ASN M 244 -2.75 -32.68 -27.87
N PHE M 245 -3.19 -31.89 -28.85
CA PHE M 245 -3.28 -32.21 -30.28
C PHE M 245 -4.31 -33.29 -30.63
N THR M 246 -4.38 -34.37 -29.85
CA THR M 246 -5.43 -35.36 -30.07
C THR M 246 -6.80 -34.77 -29.83
N ASN M 247 -6.91 -33.95 -28.79
CA ASN M 247 -8.16 -33.29 -28.42
C ASN M 247 -8.29 -32.03 -29.28
N ASN M 248 -9.23 -32.05 -30.22
CA ASN M 248 -9.35 -30.95 -31.17
C ASN M 248 -10.01 -29.72 -30.57
N ALA M 249 -10.39 -29.77 -29.29
CA ALA M 249 -10.95 -28.61 -28.62
C ALA M 249 -9.90 -27.54 -28.33
N LYS M 250 -8.62 -27.89 -28.33
CA LYS M 250 -7.57 -26.94 -27.96
C LYS M 250 -7.14 -26.12 -29.17
N THR M 251 -6.78 -24.88 -28.92
CA THR M 251 -6.32 -23.98 -29.98
C THR M 251 -4.90 -24.36 -30.39
N ILE M 252 -4.68 -24.36 -31.69
CA ILE M 252 -3.36 -24.62 -32.28
C ILE M 252 -2.75 -23.26 -32.62
N ILE M 253 -1.69 -22.90 -31.91
CA ILE M 253 -0.99 -21.64 -32.16
C ILE M 253 0.16 -21.96 -33.10
N VAL M 254 0.21 -21.28 -34.25
CA VAL M 254 1.23 -21.48 -35.27
C VAL M 254 2.08 -20.22 -35.33
N GLN M 255 3.37 -20.37 -35.06
CA GLN M 255 4.34 -19.27 -35.15
C GLN M 255 5.10 -19.44 -36.46
N LEU M 256 5.13 -18.39 -37.27
CA LEU M 256 5.77 -18.44 -38.57
C LEU M 256 7.25 -18.07 -38.48
N LYS M 257 8.03 -18.62 -39.42
CA LYS M 257 9.43 -18.24 -39.53
C LYS M 257 9.58 -16.88 -40.20
N GLU M 258 8.82 -16.64 -41.25
CA GLU M 258 8.88 -15.40 -42.03
C GLU M 258 7.53 -14.71 -42.00
N SER M 259 7.55 -13.39 -42.00
CA SER M 259 6.31 -12.63 -42.05
C SER M 259 5.76 -12.64 -43.47
N VAL M 260 4.44 -12.48 -43.56
CA VAL M 260 3.77 -12.29 -44.86
C VAL M 260 3.15 -10.90 -44.81
N GLU M 261 3.51 -10.05 -45.77
CA GLU M 261 3.00 -8.69 -45.73
C GLU M 261 1.53 -8.67 -46.15
N ILE M 262 0.70 -7.98 -45.37
CA ILE M 262 -0.72 -7.84 -45.63
C ILE M 262 -1.02 -6.35 -45.70
N ASN M 263 -1.50 -5.90 -46.86
CA ASN M 263 -1.76 -4.50 -47.13
C ASN M 263 -3.27 -4.29 -47.12
N CYS M 264 -3.80 -3.83 -45.99
CA CYS M 264 -5.23 -3.56 -45.85
C CYS M 264 -5.49 -2.08 -45.99
N THR M 265 -6.62 -1.74 -46.60
CA THR M 265 -6.97 -0.34 -46.79
C THR M 265 -8.47 -0.15 -46.83
N ARG M 266 -8.86 1.08 -46.50
CA ARG M 266 -10.22 1.60 -46.66
C ARG M 266 -10.08 2.76 -47.65
N PRO M 267 -10.66 2.67 -48.85
CA PRO M 267 -10.36 3.69 -49.86
C PRO M 267 -11.24 4.93 -49.77
N ASN M 268 -12.43 4.82 -49.16
CA ASN M 268 -13.36 5.93 -49.13
C ASN M 268 -12.77 7.10 -48.33
N ASN M 269 -13.18 8.31 -48.71
CA ASN M 269 -12.75 9.55 -48.07
C ASN M 269 -13.94 10.26 -47.44
N TYR M 270 -14.40 9.77 -46.29
CA TYR M 270 -15.56 10.34 -45.63
C TYR M 270 -15.21 11.63 -44.92
N THR M 271 -16.23 12.45 -44.67
CA THR M 271 -16.08 13.63 -43.85
C THR M 271 -16.28 13.26 -42.39
N ARG M 272 -16.03 14.23 -41.50
CA ARG M 272 -16.24 14.02 -40.05
C ARG M 272 -17.20 15.09 -39.54
N LYS M 273 -18.48 14.75 -39.38
CA LYS M 273 -19.51 15.69 -38.94
C LYS M 273 -19.71 15.54 -37.44
N SER M 274 -19.60 16.65 -36.72
CA SER M 274 -19.81 16.69 -35.28
C SER M 274 -21.23 17.15 -35.00
N ILE M 275 -22.03 16.28 -34.38
CA ILE M 275 -23.42 16.53 -34.04
C ILE M 275 -23.45 16.70 -32.53
N ARG M 276 -23.84 17.88 -32.05
CA ARG M 276 -23.82 18.10 -30.61
C ARG M 276 -25.04 17.43 -30.00
N ILE M 277 -24.82 16.61 -28.97
CA ILE M 277 -25.87 15.79 -28.39
C ILE M 277 -26.47 16.45 -27.16
N GLY M 278 -25.63 17.08 -26.34
CA GLY M 278 -26.05 17.67 -25.11
C GLY M 278 -24.93 18.54 -24.59
N PRO M 279 -25.13 19.21 -23.46
CA PRO M 279 -24.07 20.09 -22.93
C PRO M 279 -22.78 19.32 -22.75
N GLY M 280 -21.71 19.85 -23.32
CA GLY M 280 -20.41 19.24 -23.17
C GLY M 280 -20.21 17.93 -23.91
N ARG M 281 -21.19 17.47 -24.71
CA ARG M 281 -21.13 16.17 -25.35
C ARG M 281 -21.42 16.31 -26.83
N ALA M 282 -20.61 15.63 -27.64
CA ALA M 282 -20.77 15.62 -29.08
C ALA M 282 -20.58 14.20 -29.61
N PHE M 283 -21.34 13.90 -30.65
CA PHE M 283 -21.28 12.65 -31.38
C PHE M 283 -20.51 12.94 -32.65
N TYR M 284 -19.48 12.17 -32.94
CA TYR M 284 -18.70 12.33 -34.15
C TYR M 284 -19.12 11.22 -35.09
N THR M 285 -19.60 11.58 -36.27
CA THR M 285 -20.10 10.60 -37.20
C THR M 285 -19.61 10.91 -38.61
N MET M 286 -19.95 10.01 -39.52
CA MET M 286 -19.60 10.14 -40.92
C MET M 286 -20.63 11.05 -41.58
N GLY M 287 -20.14 12.03 -42.34
CA GLY M 287 -21.03 13.00 -42.98
C GLY M 287 -21.29 12.67 -44.44
N GLU M 288 -20.53 13.30 -45.33
CA GLU M 288 -20.65 13.10 -46.76
C GLU M 288 -19.54 12.18 -47.24
N ILE M 289 -19.75 11.61 -48.43
CA ILE M 289 -18.78 10.76 -49.09
C ILE M 289 -18.16 11.57 -50.22
N ILE M 290 -16.84 11.72 -50.17
CA ILE M 290 -16.09 12.48 -51.17
C ILE M 290 -15.46 11.45 -52.10
N GLY M 291 -15.75 11.55 -53.39
CA GLY M 291 -15.33 10.55 -54.33
C GLY M 291 -16.37 9.45 -54.41
N ASP M 292 -15.97 8.34 -55.03
CA ASP M 292 -16.88 7.23 -55.23
C ASP M 292 -16.83 6.32 -54.01
N ILE M 293 -17.66 5.28 -54.02
CA ILE M 293 -17.71 4.29 -52.96
C ILE M 293 -16.98 3.05 -53.45
N ARG M 294 -15.92 2.66 -52.74
CA ARG M 294 -15.12 1.50 -53.09
C ARG M 294 -14.97 0.63 -51.85
N GLN M 295 -14.89 -0.68 -52.09
CA GLN M 295 -14.85 -1.66 -51.00
C GLN M 295 -13.51 -1.66 -50.27
N ALA M 296 -13.56 -1.68 -48.94
CA ALA M 296 -12.37 -1.89 -48.14
C ALA M 296 -11.85 -3.30 -48.38
N HIS M 297 -10.53 -3.46 -48.41
CA HIS M 297 -9.99 -4.76 -48.81
C HIS M 297 -8.61 -4.99 -48.22
N CYS M 298 -8.11 -6.21 -48.41
CA CYS M 298 -6.80 -6.59 -47.90
C CYS M 298 -6.06 -7.44 -48.92
N ASN M 299 -4.81 -7.08 -49.21
CA ASN M 299 -3.98 -7.75 -50.21
C ASN M 299 -2.94 -8.61 -49.52
N ILE M 300 -2.93 -9.90 -49.85
CA ILE M 300 -1.95 -10.87 -49.40
C ILE M 300 -1.27 -11.45 -50.64
N SER M 301 0.06 -11.47 -50.65
CA SER M 301 0.76 -12.06 -51.79
C SER M 301 0.42 -13.54 -51.87
N ARG M 302 0.06 -14.02 -53.06
CA ARG M 302 -0.41 -15.38 -53.21
C ARG M 302 0.72 -16.40 -53.01
N ALA M 303 1.88 -16.16 -53.64
CA ALA M 303 2.97 -17.13 -53.55
C ALA M 303 3.48 -17.25 -52.11
N LYS M 304 3.55 -16.13 -51.40
CA LYS M 304 4.06 -16.17 -50.04
C LYS M 304 3.12 -16.94 -49.13
N TRP M 305 1.82 -16.71 -49.28
CA TRP M 305 0.84 -17.46 -48.51
C TRP M 305 0.88 -18.93 -48.88
N ASN M 306 1.07 -19.23 -50.17
CA ASN M 306 1.16 -20.61 -50.64
C ASN M 306 2.30 -21.34 -49.92
N ASP M 307 3.48 -20.72 -49.86
CA ASP M 307 4.59 -21.38 -49.18
C ASP M 307 4.36 -21.43 -47.67
N THR M 308 3.69 -20.43 -47.10
CA THR M 308 3.39 -20.44 -45.67
C THR M 308 2.54 -21.65 -45.33
N LEU M 309 1.48 -21.88 -46.11
CA LEU M 309 0.68 -23.08 -45.89
C LEU M 309 1.46 -24.34 -46.20
N LYS M 310 2.35 -24.32 -47.20
CA LYS M 310 3.16 -25.51 -47.46
C LYS M 310 3.96 -25.91 -46.22
N GLN M 311 4.57 -24.93 -45.55
CA GLN M 311 5.32 -25.22 -44.34
C GLN M 311 4.40 -25.70 -43.22
N ILE M 312 3.24 -25.06 -43.10
CA ILE M 312 2.30 -25.44 -42.04
C ILE M 312 1.81 -26.86 -42.25
N VAL M 313 1.44 -27.21 -43.49
CA VAL M 313 0.96 -28.57 -43.76
C VAL M 313 2.06 -29.58 -43.47
N ILE M 314 3.31 -29.26 -43.83
CA ILE M 314 4.40 -30.20 -43.55
C ILE M 314 4.49 -30.46 -42.04
N LYS M 315 4.44 -29.39 -41.25
CA LYS M 315 4.57 -29.58 -39.81
C LYS M 315 3.34 -30.30 -39.23
N LEU M 316 2.14 -29.97 -39.70
CA LEU M 316 0.94 -30.64 -39.21
C LEU M 316 0.93 -32.12 -39.63
N ARG M 317 1.40 -32.42 -40.84
CA ARG M 317 1.47 -33.80 -41.29
C ARG M 317 2.43 -34.58 -40.40
N GLU M 318 3.56 -33.96 -40.04
CA GLU M 318 4.48 -34.63 -39.13
C GLU M 318 3.81 -34.88 -37.79
N GLN M 319 3.08 -33.89 -37.28
CA GLN M 319 2.44 -34.04 -35.98
C GLN M 319 1.23 -34.98 -36.03
N PHE M 320 0.46 -34.95 -37.12
CA PHE M 320 -0.79 -35.69 -37.23
C PHE M 320 -0.68 -36.94 -38.10
N GLU M 321 0.55 -37.43 -38.34
CA GLU M 321 0.80 -38.62 -39.14
C GLU M 321 0.48 -38.29 -40.60
N ASN M 322 0.70 -39.23 -41.52
CA ASN M 322 0.60 -38.94 -42.96
C ASN M 322 -0.86 -39.02 -43.41
N LYS M 323 -1.63 -38.02 -42.97
CA LYS M 323 -3.02 -37.84 -43.35
C LYS M 323 -3.13 -36.66 -44.31
N THR M 324 -4.24 -36.59 -45.05
CA THR M 324 -4.48 -35.47 -45.94
C THR M 324 -4.99 -34.30 -45.11
N ILE M 325 -4.35 -33.15 -45.27
CA ILE M 325 -4.70 -31.92 -44.56
C ILE M 325 -5.58 -31.09 -45.48
N VAL M 326 -6.76 -30.72 -44.98
CA VAL M 326 -7.72 -29.88 -45.71
C VAL M 326 -7.99 -28.66 -44.86
N PHE M 327 -7.89 -27.48 -45.47
CA PHE M 327 -8.17 -26.21 -44.80
C PHE M 327 -9.51 -25.68 -45.28
N ASN M 328 -10.40 -25.41 -44.32
CA ASN M 328 -11.71 -24.84 -44.55
C ASN M 328 -11.77 -23.43 -43.99
N HIS M 329 -12.69 -22.63 -44.53
CA HIS M 329 -12.95 -21.33 -43.96
C HIS M 329 -13.93 -21.49 -42.79
N SER M 330 -14.19 -20.38 -42.11
CA SER M 330 -15.09 -20.42 -40.97
C SER M 330 -16.55 -20.56 -41.42
N SER M 331 -17.40 -20.98 -40.50
CA SER M 331 -18.82 -21.07 -40.77
C SER M 331 -19.43 -19.68 -40.88
N GLY M 332 -20.58 -19.60 -41.54
CA GLY M 332 -21.28 -18.33 -41.64
C GLY M 332 -21.82 -17.89 -40.29
N GLY M 333 -21.94 -16.58 -40.13
CA GLY M 333 -22.43 -16.04 -38.87
C GLY M 333 -22.08 -14.57 -38.74
N ASP M 334 -22.26 -14.07 -37.52
CA ASP M 334 -22.00 -12.67 -37.23
C ASP M 334 -20.54 -12.34 -37.55
N PRO M 335 -20.26 -11.27 -38.32
CA PRO M 335 -18.86 -10.93 -38.64
C PRO M 335 -17.92 -10.85 -37.45
N GLU M 336 -18.38 -10.44 -36.28
CA GLU M 336 -17.45 -10.35 -35.15
C GLU M 336 -16.99 -11.72 -34.67
N ILE M 337 -17.70 -12.79 -35.04
CA ILE M 337 -17.40 -14.13 -34.57
C ILE M 337 -16.64 -14.95 -35.62
N VAL M 338 -17.05 -14.87 -36.89
CA VAL M 338 -16.56 -15.78 -37.92
C VAL M 338 -15.58 -15.14 -38.89
N MET M 339 -15.46 -13.81 -38.92
CA MET M 339 -14.53 -13.14 -39.81
C MET M 339 -13.23 -12.79 -39.10
N HIS M 340 -12.18 -12.65 -39.89
CA HIS M 340 -10.93 -12.12 -39.37
C HIS M 340 -11.18 -10.68 -38.97
N SER M 341 -10.62 -10.25 -37.84
CA SER M 341 -10.84 -8.88 -37.38
C SER M 341 -9.55 -8.28 -36.89
N PHE M 342 -9.42 -6.97 -37.05
CA PHE M 342 -8.24 -6.26 -36.58
C PHE M 342 -8.56 -4.78 -36.49
N ASN M 343 -7.69 -4.04 -35.80
CA ASN M 343 -7.80 -2.60 -35.69
C ASN M 343 -6.47 -1.98 -36.09
N CYS M 344 -6.49 -1.12 -37.10
CA CYS M 344 -5.27 -0.41 -37.51
C CYS M 344 -5.67 0.95 -38.07
N GLY M 345 -4.82 1.94 -37.79
CA GLY M 345 -5.11 3.29 -38.20
C GLY M 345 -6.16 3.94 -37.33
N GLY M 346 -6.64 3.24 -36.31
CA GLY M 346 -7.77 3.64 -35.53
C GLY M 346 -9.07 3.07 -36.03
N GLU M 347 -9.07 2.47 -37.23
CA GLU M 347 -10.28 1.89 -37.81
C GLU M 347 -10.32 0.40 -37.51
N PHE M 348 -11.53 -0.12 -37.39
CA PHE M 348 -11.78 -1.53 -37.12
C PHE M 348 -12.25 -2.25 -38.39
N PHE M 349 -11.46 -3.21 -38.86
CA PHE M 349 -11.72 -3.94 -40.08
C PHE M 349 -12.16 -5.37 -39.75
N TYR M 350 -13.11 -5.88 -40.53
CA TYR M 350 -13.51 -7.28 -40.51
C TYR M 350 -13.43 -7.81 -41.93
N CYS M 351 -12.72 -8.91 -42.15
CA CYS M 351 -12.49 -9.45 -43.47
C CYS M 351 -12.94 -10.91 -43.53
N ASN M 352 -13.50 -11.29 -44.69
CA ASN M 352 -14.15 -12.59 -44.81
C ASN M 352 -13.17 -13.74 -44.56
N SER M 353 -11.91 -13.57 -44.94
CA SER M 353 -10.85 -14.57 -44.71
C SER M 353 -11.22 -15.96 -45.22
N THR M 354 -11.87 -16.01 -46.40
CA THR M 354 -12.27 -17.27 -47.00
C THR M 354 -11.38 -17.70 -48.15
N GLN M 355 -10.57 -16.79 -48.70
CA GLN M 355 -9.68 -17.11 -49.81
C GLN M 355 -8.35 -17.67 -49.33
N LEU M 356 -8.13 -17.72 -48.00
CA LEU M 356 -6.88 -18.19 -47.43
C LEU M 356 -6.92 -19.65 -47.01
N PHE M 357 -8.11 -20.20 -46.75
CA PHE M 357 -8.25 -21.58 -46.27
C PHE M 357 -9.27 -22.27 -47.16
N ASN M 358 -8.86 -22.57 -48.39
CA ASN M 358 -9.72 -23.12 -49.43
C ASN M 358 -8.92 -24.08 -50.31
N SER M 359 -8.28 -25.09 -49.70
CA SER M 359 -7.44 -25.97 -50.50
C SER M 359 -7.25 -27.32 -49.81
N THR M 360 -6.90 -28.31 -50.63
CA THR M 360 -6.51 -29.64 -50.19
C THR M 360 -5.09 -29.88 -50.67
N TRP M 361 -4.19 -30.26 -49.74
CA TRP M 361 -2.78 -30.40 -50.07
C TRP M 361 -2.37 -31.79 -50.53
N ASN M 362 -3.15 -32.83 -50.21
CA ASN M 362 -2.90 -34.23 -50.56
C ASN M 362 -1.44 -34.62 -50.28
N ASN M 363 -0.66 -35.03 -51.28
CA ASN M 363 0.73 -35.44 -51.10
C ASN M 363 1.65 -34.61 -52.00
N THR M 371 -3.09 -21.39 -60.77
CA THR M 371 -2.37 -20.13 -60.63
C THR M 371 -3.13 -19.01 -61.32
N GLU M 372 -4.33 -18.72 -60.83
CA GLU M 372 -5.19 -17.66 -61.36
C GLU M 372 -4.98 -16.41 -60.52
N GLY M 373 -4.06 -15.56 -60.97
CA GLY M 373 -3.68 -14.37 -60.22
C GLY M 373 -2.48 -14.61 -59.33
N ASN M 374 -1.84 -13.51 -58.95
CA ASN M 374 -0.68 -13.51 -58.06
C ASN M 374 -0.94 -12.82 -56.73
N THR M 375 -2.14 -12.28 -56.51
CA THR M 375 -2.49 -11.57 -55.29
C THR M 375 -3.86 -12.07 -54.83
N ILE M 376 -4.01 -12.27 -53.53
CA ILE M 376 -5.28 -12.63 -52.92
C ILE M 376 -5.84 -11.35 -52.33
N THR M 377 -6.98 -10.91 -52.83
CA THR M 377 -7.65 -9.71 -52.34
C THR M 377 -8.87 -10.18 -51.56
N LEU M 378 -8.86 -9.88 -50.26
CA LEU M 378 -9.95 -10.24 -49.38
C LEU M 378 -10.94 -9.08 -49.28
N PRO M 379 -12.24 -9.31 -49.34
CA PRO M 379 -13.19 -8.24 -49.07
C PRO M 379 -13.23 -7.96 -47.59
N CYS M 380 -13.48 -6.71 -47.24
CA CYS M 380 -13.57 -6.32 -45.84
C CYS M 380 -14.74 -5.35 -45.66
N ARG M 381 -15.13 -5.23 -44.39
CA ARG M 381 -16.22 -4.40 -43.94
C ARG M 381 -15.72 -3.60 -42.75
N ILE M 382 -16.33 -2.44 -42.53
CA ILE M 382 -16.02 -1.58 -41.41
C ILE M 382 -17.23 -1.59 -40.49
N LYS M 383 -16.97 -1.70 -39.20
CA LYS M 383 -18.01 -1.68 -38.19
C LYS M 383 -17.61 -0.66 -37.13
N GLN M 384 -18.52 0.24 -36.79
CA GLN M 384 -18.22 1.25 -35.78
C GLN M 384 -18.66 0.85 -34.38
N ILE M 385 -19.64 -0.05 -34.25
CA ILE M 385 -20.10 -0.50 -32.95
C ILE M 385 -19.48 -1.87 -32.74
N ILE M 386 -18.53 -1.94 -31.82
CA ILE M 386 -17.69 -3.11 -31.60
C ILE M 386 -17.94 -3.66 -30.21
N ASN M 387 -18.23 -4.96 -30.12
CA ASN M 387 -18.34 -5.67 -28.85
C ASN M 387 -17.09 -6.51 -28.66
N MET M 388 -16.05 -5.90 -28.07
CA MET M 388 -14.75 -6.54 -27.95
C MET M 388 -14.59 -7.31 -26.64
N TRP M 389 -13.71 -8.30 -26.69
CA TRP M 389 -13.32 -9.18 -25.59
C TRP M 389 -14.41 -10.20 -25.30
N GLN M 390 -15.19 -10.54 -26.33
CA GLN M 390 -16.23 -11.56 -26.23
C GLN M 390 -17.15 -11.31 -25.05
N ARG M 391 -17.51 -10.05 -24.87
CA ARG M 391 -18.30 -9.59 -23.74
C ARG M 391 -19.51 -8.83 -24.24
N VAL M 392 -20.60 -8.92 -23.48
CA VAL M 392 -21.83 -8.22 -23.77
C VAL M 392 -22.23 -7.43 -22.53
N GLY M 393 -23.03 -6.39 -22.76
CA GLY M 393 -23.47 -5.48 -21.73
C GLY M 393 -22.80 -4.12 -21.82
N GLN M 394 -21.70 -4.03 -22.57
CA GLN M 394 -21.00 -2.80 -22.84
C GLN M 394 -20.68 -2.77 -24.33
N ALA M 395 -20.67 -1.58 -24.92
CA ALA M 395 -20.31 -1.45 -26.32
C ALA M 395 -19.66 -0.09 -26.55
N MET M 396 -18.80 -0.04 -27.56
CA MET M 396 -18.09 1.17 -27.95
C MET M 396 -18.53 1.58 -29.34
N TYR M 397 -18.58 2.89 -29.57
CA TYR M 397 -18.74 3.45 -30.91
C TYR M 397 -17.39 3.97 -31.34
N ALA M 398 -16.92 3.53 -32.51
CA ALA M 398 -15.61 3.93 -33.02
C ALA M 398 -15.78 5.19 -33.88
N PRO M 399 -15.21 6.33 -33.51
CA PRO M 399 -15.48 7.56 -34.28
C PRO M 399 -14.81 7.52 -35.64
N PRO M 400 -15.27 8.33 -36.60
CA PRO M 400 -14.60 8.37 -37.91
C PRO M 400 -13.19 8.94 -37.80
N ILE M 401 -12.31 8.46 -38.67
CA ILE M 401 -10.91 8.86 -38.64
C ILE M 401 -10.64 10.06 -39.53
N ARG M 402 -11.29 10.11 -40.70
CA ARG M 402 -11.10 11.13 -41.73
C ARG M 402 -9.85 10.79 -42.52
N GLY M 403 -9.99 10.58 -43.83
CA GLY M 403 -8.87 10.22 -44.68
C GLY M 403 -8.85 8.74 -44.98
N GLN M 404 -7.94 8.37 -45.87
CA GLN M 404 -7.80 6.98 -46.25
C GLN M 404 -6.89 6.29 -45.24
N ILE M 405 -7.10 4.98 -45.07
CA ILE M 405 -6.37 4.18 -44.08
C ILE M 405 -5.45 3.23 -44.83
N ARG M 406 -4.17 3.24 -44.44
CA ARG M 406 -3.18 2.30 -44.93
C ARG M 406 -2.70 1.49 -43.73
N CYS M 407 -2.89 0.17 -43.80
CA CYS M 407 -2.61 -0.67 -42.64
C CYS M 407 -1.17 -1.21 -42.67
N SER M 408 -0.80 -1.87 -43.77
CA SER M 408 0.55 -2.39 -44.01
C SER M 408 1.12 -3.17 -42.82
N SER M 409 0.40 -4.22 -42.41
CA SER M 409 0.80 -5.02 -41.26
C SER M 409 1.48 -6.32 -41.73
N ASN M 410 2.06 -7.02 -40.76
CA ASN M 410 2.76 -8.29 -40.97
C ASN M 410 1.95 -9.44 -40.39
N ILE M 411 1.80 -10.51 -41.15
CA ILE M 411 1.22 -11.75 -40.65
C ILE M 411 2.38 -12.57 -40.11
N THR M 412 2.34 -12.86 -38.81
CA THR M 412 3.43 -13.58 -38.15
C THR M 412 2.98 -14.85 -37.45
N GLY M 413 1.70 -15.19 -37.51
CA GLY M 413 1.23 -16.39 -36.85
C GLY M 413 -0.25 -16.57 -37.08
N LEU M 414 -0.70 -17.80 -36.84
CA LEU M 414 -2.09 -18.20 -37.06
C LEU M 414 -2.64 -18.88 -35.81
N LEU M 415 -3.94 -18.76 -35.63
CA LEU M 415 -4.68 -19.55 -34.64
C LEU M 415 -5.62 -20.47 -35.43
N LEU M 416 -5.36 -21.77 -35.35
CA LEU M 416 -6.13 -22.78 -36.06
C LEU M 416 -6.88 -23.64 -35.05
N THR M 417 -8.05 -24.12 -35.45
CA THR M 417 -8.82 -25.08 -34.67
C THR M 417 -9.06 -26.28 -35.58
N ARG M 418 -9.39 -27.42 -34.99
CA ARG M 418 -9.59 -28.66 -35.73
C ARG M 418 -10.96 -29.24 -35.39
N ASP M 419 -11.54 -29.91 -36.38
CA ASP M 419 -12.82 -30.58 -36.22
C ASP M 419 -12.62 -32.03 -35.79
N GLU M 424 -14.22 -37.72 -42.62
CA GLU M 424 -13.42 -38.57 -41.73
C GLU M 424 -12.74 -39.71 -42.47
N ASN M 425 -12.65 -39.62 -43.80
CA ASN M 425 -12.04 -40.68 -44.62
C ASN M 425 -10.51 -40.53 -44.65
N GLY M 426 -9.92 -40.58 -43.47
CA GLY M 426 -8.48 -40.43 -43.36
C GLY M 426 -8.00 -39.02 -43.52
N THR M 427 -8.84 -38.02 -43.18
CA THR M 427 -8.52 -36.62 -43.34
C THR M 427 -8.76 -35.90 -42.02
N GLU M 428 -8.17 -34.71 -41.91
CA GLU M 428 -8.39 -33.81 -40.79
C GLU M 428 -8.72 -32.43 -41.32
N ILE M 429 -9.70 -31.77 -40.72
CA ILE M 429 -10.16 -30.46 -41.15
C ILE M 429 -9.72 -29.42 -40.13
N PHE M 430 -8.99 -28.41 -40.61
CA PHE M 430 -8.55 -27.28 -39.81
C PHE M 430 -9.27 -26.04 -40.32
N ARG M 431 -9.57 -25.14 -39.41
CA ARG M 431 -10.28 -23.91 -39.73
C ARG M 431 -9.60 -22.74 -39.01
N PRO M 432 -9.68 -21.52 -39.56
CA PRO M 432 -9.22 -20.37 -38.79
C PRO M 432 -10.14 -20.16 -37.61
N GLY M 433 -9.56 -19.79 -36.48
CA GLY M 433 -10.37 -19.61 -35.29
C GLY M 433 -9.52 -19.33 -34.09
N GLY M 434 -10.02 -19.76 -32.93
CA GLY M 434 -9.35 -19.53 -31.67
C GLY M 434 -10.36 -19.14 -30.62
N GLY M 435 -9.93 -18.98 -29.38
CA GLY M 435 -10.83 -18.66 -28.30
C GLY M 435 -10.71 -17.21 -27.91
N ASP M 436 -10.54 -16.94 -26.63
CA ASP M 436 -10.39 -15.58 -26.17
C ASP M 436 -9.00 -15.08 -26.50
N MET M 437 -8.77 -13.79 -26.22
CA MET M 437 -7.51 -13.15 -26.57
C MET M 437 -6.30 -13.76 -25.91
N ARG M 438 -6.48 -14.59 -24.87
CA ARG M 438 -5.33 -15.21 -24.23
C ARG M 438 -4.53 -16.04 -25.22
N ASP M 439 -5.20 -16.60 -26.24
CA ASP M 439 -4.50 -17.40 -27.23
C ASP M 439 -3.49 -16.56 -28.00
N ASN M 440 -3.75 -15.26 -28.15
CA ASN M 440 -2.77 -14.43 -28.85
C ASN M 440 -1.60 -14.13 -27.93
N TRP M 441 -1.87 -13.92 -26.65
CA TRP M 441 -0.79 -13.54 -25.74
C TRP M 441 0.18 -14.69 -25.54
N ARG M 442 -0.33 -15.92 -25.60
CA ARG M 442 0.54 -17.08 -25.47
C ARG M 442 1.59 -17.07 -26.56
N SER M 443 1.20 -16.64 -27.77
CA SER M 443 2.13 -16.61 -28.90
C SER M 443 3.36 -15.79 -28.56
N GLU M 444 3.19 -14.73 -27.78
CA GLU M 444 4.33 -13.93 -27.35
C GLU M 444 4.88 -14.38 -26.00
N LEU M 445 4.03 -14.89 -25.12
CA LEU M 445 4.42 -15.25 -23.76
C LEU M 445 4.87 -16.70 -23.61
N TYR M 446 4.87 -17.49 -24.69
CA TYR M 446 5.27 -18.89 -24.59
C TYR M 446 6.68 -19.09 -24.05
N LYS M 447 7.55 -18.10 -24.18
CA LYS M 447 8.93 -18.25 -23.72
C LYS M 447 9.15 -17.88 -22.26
N TYR M 448 8.17 -17.31 -21.56
CA TYR M 448 8.40 -16.74 -20.25
C TYR M 448 7.66 -17.44 -19.12
N LYS M 449 8.33 -17.50 -17.96
CA LYS M 449 7.80 -18.03 -16.72
C LYS M 449 8.17 -17.08 -15.60
N VAL M 450 7.27 -16.89 -14.62
CA VAL M 450 7.52 -16.05 -13.46
C VAL M 450 7.87 -16.94 -12.28
N VAL M 451 8.98 -16.64 -11.61
CA VAL M 451 9.41 -17.39 -10.43
C VAL M 451 9.68 -16.45 -9.27
N LYS M 452 9.39 -16.95 -8.07
CA LYS M 452 9.65 -16.25 -6.81
C LYS M 452 11.00 -16.68 -6.28
N ILE M 453 11.74 -15.72 -5.72
CA ILE M 453 13.06 -15.97 -5.14
C ILE M 453 12.90 -16.20 -3.65
N GLU M 454 13.53 -17.27 -3.14
CA GLU M 454 13.57 -17.58 -1.71
C GLU M 454 15.04 -17.69 -1.30
N PRO M 455 15.71 -16.57 -1.06
CA PRO M 455 17.17 -16.60 -0.89
C PRO M 455 17.69 -17.35 0.32
N LEU M 456 16.85 -17.70 1.30
CA LEU M 456 17.35 -18.27 2.55
C LEU M 456 17.36 -19.79 2.45
N GLY M 457 18.55 -20.38 2.62
CA GLY M 457 18.71 -21.82 2.56
C GLY M 457 19.56 -22.27 3.73
N VAL M 458 19.50 -23.56 4.03
CA VAL M 458 20.23 -24.13 5.14
C VAL M 458 20.98 -25.36 4.68
N ALA M 459 22.22 -25.53 5.15
CA ALA M 459 23.02 -26.68 4.77
C ALA M 459 23.95 -27.10 5.90
N PRO M 460 24.32 -28.38 5.98
CA PRO M 460 25.26 -28.81 7.02
C PRO M 460 26.69 -28.39 6.71
N THR M 461 27.43 -28.04 7.77
CA THR M 461 28.87 -27.78 7.65
C THR M 461 29.58 -28.38 8.87
N ARG M 462 30.93 -28.34 8.83
CA ARG M 462 31.76 -28.94 9.87
C ARG M 462 31.90 -28.11 11.15
N CYS M 463 31.55 -26.83 11.13
CA CYS M 463 31.74 -25.94 12.27
C CYS M 463 30.53 -25.91 13.19
N LYS M 464 30.78 -25.75 14.48
CA LYS M 464 29.75 -25.45 15.47
C LYS M 464 29.74 -23.95 15.72
N ARG M 465 28.53 -23.42 15.95
CA ARG M 465 28.20 -22.00 16.19
C ARG M 465 29.33 -20.97 16.07
N ALA M 485 36.31 -16.79 -9.75
CA ALA M 485 34.96 -16.61 -10.26
C ALA M 485 34.99 -15.77 -11.54
N VAL M 486 33.88 -15.79 -12.28
CA VAL M 486 33.72 -15.03 -13.51
C VAL M 486 32.58 -14.02 -13.41
N ARG M 487 32.11 -13.73 -12.20
CA ARG M 487 31.04 -12.76 -11.96
C ARG M 487 29.78 -13.09 -12.76
N ARG M 488 29.32 -14.33 -12.62
CA ARG M 488 28.06 -14.69 -13.26
C ARG M 488 26.94 -13.85 -12.67
N GLY M 489 25.96 -13.52 -13.50
CA GLY M 489 24.90 -12.62 -13.10
C GLY M 489 23.87 -13.30 -12.21
N PHE M 490 22.75 -12.60 -12.05
CA PHE M 490 21.69 -13.03 -11.15
C PHE M 490 21.23 -14.44 -11.46
N LEU M 491 21.24 -15.28 -10.42
CA LEU M 491 20.88 -16.70 -10.51
C LEU M 491 21.81 -17.48 -11.43
N GLY M 492 22.97 -16.94 -11.79
CA GLY M 492 23.88 -17.65 -12.67
C GLY M 492 24.43 -18.91 -12.06
N ALA M 493 24.39 -19.02 -10.73
CA ALA M 493 24.84 -20.18 -10.00
C ALA M 493 23.73 -21.20 -9.77
N ALA M 494 22.52 -20.95 -10.29
CA ALA M 494 21.39 -21.83 -10.03
C ALA M 494 21.68 -23.27 -10.46
N GLY M 495 22.42 -23.45 -11.55
CA GLY M 495 22.79 -24.77 -12.01
C GLY M 495 24.10 -25.27 -11.46
N SER M 496 24.78 -24.48 -10.63
CA SER M 496 26.05 -24.85 -10.07
C SER M 496 25.84 -25.72 -8.83
N THR M 497 26.92 -26.34 -8.37
CA THR M 497 26.83 -27.12 -7.15
C THR M 497 26.66 -26.16 -5.97
N MET M 498 26.30 -26.72 -4.81
CA MET M 498 26.13 -25.88 -3.62
C MET M 498 27.42 -25.13 -3.32
N GLY M 499 28.55 -25.82 -3.41
CA GLY M 499 29.82 -25.13 -3.37
C GLY M 499 30.01 -24.37 -4.66
N ALA M 500 30.71 -23.25 -4.56
CA ALA M 500 30.95 -22.27 -5.63
C ALA M 500 29.68 -21.42 -5.84
N ALA M 501 28.50 -22.04 -5.82
CA ALA M 501 27.27 -21.26 -5.83
C ALA M 501 27.17 -20.42 -4.56
N SER M 502 27.66 -20.96 -3.44
CA SER M 502 27.64 -20.23 -2.19
C SER M 502 28.56 -19.00 -2.21
N MET M 503 29.39 -18.85 -3.24
CA MET M 503 30.27 -17.69 -3.35
C MET M 503 29.59 -16.53 -4.09
N THR M 504 28.33 -16.68 -4.49
CA THR M 504 27.59 -15.66 -5.23
C THR M 504 26.34 -15.21 -4.51
N LEU M 505 26.30 -15.35 -3.18
CA LEU M 505 25.08 -15.05 -2.45
C LEU M 505 24.72 -13.57 -2.55
N THR M 506 25.74 -12.74 -2.71
CA THR M 506 25.46 -11.30 -2.74
C THR M 506 24.75 -10.96 -4.04
N VAL M 507 25.04 -11.67 -5.12
CA VAL M 507 24.51 -11.33 -6.42
C VAL M 507 22.99 -11.47 -6.39
N GLN M 508 22.50 -12.53 -5.76
CA GLN M 508 21.07 -12.71 -5.62
C GLN M 508 20.51 -11.78 -4.55
N ALA M 509 21.29 -11.52 -3.50
CA ALA M 509 20.82 -10.64 -2.43
C ALA M 509 20.53 -9.23 -2.94
N ARG M 510 21.34 -8.72 -3.89
CA ARG M 510 21.11 -7.34 -4.32
C ARG M 510 19.81 -7.10 -5.08
N ASN M 511 19.12 -8.15 -5.54
CA ASN M 511 17.94 -7.98 -6.38
C ASN M 511 16.63 -8.21 -5.65
N LEU M 512 16.63 -8.11 -4.32
CA LEU M 512 15.40 -8.29 -3.55
C LEU M 512 14.62 -6.98 -3.41
N LEU M 513 15.30 -5.84 -3.52
CA LEU M 513 14.67 -4.53 -3.53
C LEU M 513 14.91 -3.87 -4.88
N SER M 514 14.10 -2.84 -5.17
CA SER M 514 14.19 -2.09 -6.41
C SER M 514 14.05 -3.01 -7.63
N LEU M 536 -3.01 6.65 -9.27
CA LEU M 536 -4.29 6.12 -8.83
C LEU M 536 -4.99 5.25 -9.85
N GLY M 537 -4.31 4.91 -10.95
CA GLY M 537 -4.90 4.09 -11.98
C GLY M 537 -4.54 2.63 -11.83
N VAL M 538 -4.62 1.91 -12.95
CA VAL M 538 -4.40 0.47 -12.94
C VAL M 538 -2.96 0.16 -12.54
N TRP M 539 -1.99 0.87 -13.12
CA TRP M 539 -0.60 0.56 -12.84
C TRP M 539 -0.10 1.21 -11.55
N GLY M 540 -0.63 2.38 -11.18
CA GLY M 540 -0.12 3.05 -10.00
C GLY M 540 -0.33 2.24 -8.74
N ILE M 541 -1.58 1.80 -8.52
CA ILE M 541 -1.90 1.08 -7.29
C ILE M 541 -1.23 -0.28 -7.29
N LYS M 542 -1.24 -0.97 -8.44
CA LYS M 542 -0.58 -2.28 -8.52
C LYS M 542 0.91 -2.15 -8.23
N GLN M 543 1.56 -1.11 -8.76
CA GLN M 543 2.98 -0.90 -8.51
C GLN M 543 3.22 -0.61 -7.04
N LEU M 544 2.34 0.17 -6.41
CA LEU M 544 2.51 0.48 -5.01
C LEU M 544 2.36 -0.78 -4.16
N GLN M 545 1.39 -1.64 -4.53
CA GLN M 545 1.18 -2.89 -3.83
C GLN M 545 2.40 -3.80 -3.98
N ALA M 546 2.96 -3.86 -5.19
CA ALA M 546 4.14 -4.68 -5.41
C ALA M 546 5.32 -4.18 -4.59
N ARG M 547 5.49 -2.85 -4.51
CA ARG M 547 6.60 -2.31 -3.74
C ARG M 547 6.43 -2.61 -2.25
N VAL M 548 5.21 -2.44 -1.73
CA VAL M 548 4.99 -2.71 -0.32
C VAL M 548 5.18 -4.19 -0.02
N LEU M 549 4.70 -5.06 -0.90
CA LEU M 549 4.86 -6.49 -0.65
C LEU M 549 6.32 -6.92 -0.74
N ALA M 550 7.09 -6.34 -1.66
CA ALA M 550 8.52 -6.64 -1.71
C ALA M 550 9.22 -6.18 -0.43
N VAL M 551 8.82 -5.01 0.08
CA VAL M 551 9.38 -4.52 1.34
C VAL M 551 9.02 -5.49 2.46
N GLU M 552 7.77 -5.93 2.51
CA GLU M 552 7.37 -6.85 3.58
C GLU M 552 8.14 -8.15 3.50
N ARG M 553 8.38 -8.68 2.30
CA ARG M 553 9.13 -9.92 2.15
C ARG M 553 10.57 -9.75 2.65
N TYR M 554 11.22 -8.65 2.22
CA TYR M 554 12.59 -8.39 2.65
C TYR M 554 12.66 -8.24 4.17
N LEU M 555 11.73 -7.46 4.74
CA LEU M 555 11.75 -7.23 6.17
C LEU M 555 11.46 -8.50 6.95
N ARG M 556 10.59 -9.38 6.44
CA ARG M 556 10.34 -10.64 7.13
C ARG M 556 11.60 -11.51 7.14
N ASP M 557 12.34 -11.52 6.03
CA ASP M 557 13.57 -12.30 6.04
C ASP M 557 14.59 -11.69 7.00
N GLN M 558 14.64 -10.36 7.06
CA GLN M 558 15.56 -9.72 7.99
C GLN M 558 15.14 -9.96 9.44
N GLN M 559 13.83 -10.03 9.71
CA GLN M 559 13.39 -10.33 11.06
C GLN M 559 13.75 -11.75 11.47
N LEU M 560 13.64 -12.70 10.53
CA LEU M 560 14.02 -14.06 10.86
C LEU M 560 15.51 -14.14 11.15
N LEU M 561 16.32 -13.44 10.36
CA LEU M 561 17.76 -13.43 10.62
C LEU M 561 18.07 -12.74 11.95
N GLY M 562 17.37 -11.64 12.25
CA GLY M 562 17.60 -10.96 13.52
C GLY M 562 17.28 -11.83 14.72
N ILE M 563 16.22 -12.64 14.63
CA ILE M 563 15.93 -13.57 15.71
C ILE M 563 17.03 -14.61 15.79
N TRP M 564 17.47 -15.11 14.64
CA TRP M 564 18.57 -16.07 14.63
C TRP M 564 19.91 -15.43 14.96
N GLY M 565 19.98 -14.10 14.93
CA GLY M 565 21.23 -13.40 15.18
C GLY M 565 22.14 -13.33 13.99
N CYS M 566 21.58 -13.43 12.78
CA CYS M 566 22.33 -13.42 11.54
C CYS M 566 22.00 -12.21 10.67
N SER M 567 21.38 -11.17 11.25
CA SER M 567 20.90 -10.06 10.44
C SER M 567 22.03 -9.30 9.76
N GLY M 568 23.22 -9.31 10.35
CA GLY M 568 24.38 -8.67 9.77
C GLY M 568 25.29 -9.59 9.03
N LYS M 569 24.88 -10.85 8.79
CA LYS M 569 25.74 -11.88 8.25
C LYS M 569 25.10 -12.52 7.03
N LEU M 570 25.89 -12.86 6.02
CA LEU M 570 25.37 -13.53 4.80
C LEU M 570 25.35 -15.02 5.08
N ILE M 571 26.33 -15.52 5.81
CA ILE M 571 26.40 -16.92 6.18
C ILE M 571 26.68 -16.96 7.67
N CYS M 572 25.85 -17.70 8.41
CA CYS M 572 26.08 -17.87 9.84
C CYS M 572 25.91 -19.32 10.28
N THR M 573 26.81 -19.75 11.16
CA THR M 573 26.79 -21.11 11.71
C THR M 573 26.10 -21.08 13.06
N THR M 574 25.16 -22.00 13.26
CA THR M 574 24.40 -22.12 14.51
C THR M 574 24.89 -23.34 15.31
N ALA M 575 24.34 -23.47 16.50
CA ALA M 575 24.64 -24.57 17.42
C ALA M 575 23.80 -25.82 17.22
N VAL M 576 22.91 -25.88 16.22
CA VAL M 576 21.98 -26.99 16.06
C VAL M 576 22.68 -28.09 15.27
N PRO M 577 22.84 -29.30 15.81
CA PRO M 577 23.52 -30.35 15.04
C PRO M 577 22.64 -30.85 13.90
N TRP M 578 23.29 -31.43 12.89
CA TRP M 578 22.59 -32.02 11.77
C TRP M 578 22.04 -33.39 12.16
N ASN M 579 20.76 -33.61 11.89
CA ASN M 579 20.11 -34.88 12.18
C ASN M 579 20.19 -35.77 10.95
N ALA M 580 20.78 -36.95 11.11
CA ALA M 580 20.96 -37.88 9.98
C ALA M 580 19.64 -38.29 9.36
N SER M 581 18.52 -38.17 10.09
CA SER M 581 17.22 -38.51 9.52
C SER M 581 16.80 -37.51 8.46
N TRP M 582 17.38 -36.31 8.45
CA TRP M 582 17.06 -35.33 7.42
C TRP M 582 17.70 -35.68 6.10
N SER M 583 18.97 -36.06 6.14
CA SER M 583 19.68 -36.50 4.93
C SER M 583 20.92 -37.26 5.39
N ASN M 584 20.95 -38.57 5.14
CA ASN M 584 22.06 -39.42 5.56
C ASN M 584 23.16 -39.41 4.49
N LYS M 585 23.73 -38.21 4.33
CA LYS M 585 24.70 -37.93 3.29
C LYS M 585 25.89 -37.18 3.88
N SER M 586 27.08 -37.48 3.36
CA SER M 586 28.30 -36.79 3.72
C SER M 586 28.35 -35.43 3.04
N LEU M 587 29.31 -34.60 3.47
CA LEU M 587 29.42 -33.26 2.89
C LEU M 587 29.79 -33.33 1.42
N ASP M 588 30.59 -34.32 1.02
CA ASP M 588 30.90 -34.46 -0.40
C ASP M 588 29.65 -34.78 -1.19
N ARG M 589 28.69 -35.48 -0.56
CA ARG M 589 27.42 -35.79 -1.19
C ARG M 589 26.45 -34.62 -1.19
N ILE M 590 26.74 -33.55 -0.45
CA ILE M 590 25.87 -32.39 -0.34
C ILE M 590 26.48 -31.18 -1.05
N TRP M 591 27.74 -30.87 -0.76
CA TRP M 591 28.34 -29.66 -1.31
C TRP M 591 28.75 -29.80 -2.75
N ASN M 592 29.00 -31.02 -3.21
CA ASN M 592 29.20 -31.28 -4.63
C ASN M 592 27.95 -31.99 -5.13
N ASN M 593 27.87 -32.21 -6.43
CA ASN M 593 26.80 -32.97 -7.07
C ASN M 593 25.41 -32.31 -7.03
N MET M 594 25.00 -31.80 -5.87
CA MET M 594 23.67 -31.25 -5.70
C MET M 594 23.65 -29.77 -6.03
N THR M 595 22.55 -29.33 -6.63
CA THR M 595 22.26 -27.93 -6.81
C THR M 595 21.48 -27.43 -5.59
N TRP M 596 21.36 -26.12 -5.46
CA TRP M 596 20.57 -25.59 -4.36
C TRP M 596 19.10 -25.95 -4.54
N MET M 597 18.64 -26.07 -5.79
CA MET M 597 17.26 -26.45 -6.03
C MET M 597 16.98 -27.86 -5.57
N GLU M 598 17.88 -28.78 -5.90
CA GLU M 598 17.72 -30.15 -5.47
C GLU M 598 17.81 -30.25 -3.96
N TRP M 599 18.73 -29.51 -3.35
CA TRP M 599 18.86 -29.57 -1.89
C TRP M 599 17.60 -29.08 -1.21
N GLU M 600 17.04 -27.95 -1.64
CA GLU M 600 15.82 -27.48 -1.01
C GLU M 600 14.68 -28.46 -1.22
N ARG M 601 14.64 -29.13 -2.37
CA ARG M 601 13.62 -30.15 -2.57
C ARG M 601 13.78 -31.31 -1.59
N GLU M 602 15.01 -31.80 -1.41
CA GLU M 602 15.21 -32.99 -0.58
C GLU M 602 14.81 -32.75 0.87
N ILE M 603 15.02 -31.54 1.40
CA ILE M 603 14.66 -31.23 2.77
C ILE M 603 13.42 -30.35 2.85
N ASP M 604 12.60 -30.32 1.79
CA ASP M 604 11.42 -29.46 1.85
C ASP M 604 10.44 -29.91 2.93
N ASN M 605 10.29 -31.23 3.08
CA ASN M 605 9.32 -31.78 4.03
C ASN M 605 9.83 -31.70 5.45
N TYR M 606 11.10 -31.34 5.63
CA TYR M 606 11.71 -31.22 6.94
C TYR M 606 12.11 -29.78 7.20
N THR M 607 11.83 -28.86 6.24
CA THR M 607 12.34 -27.49 6.37
C THR M 607 11.80 -26.82 7.62
N SER M 608 10.51 -26.98 7.89
CA SER M 608 9.90 -26.33 9.04
C SER M 608 10.50 -26.84 10.34
N GLU M 609 11.00 -28.06 10.36
CA GLU M 609 11.61 -28.56 11.59
C GLU M 609 12.92 -27.84 11.88
N ILE M 610 13.73 -27.58 10.85
CA ILE M 610 15.05 -27.00 11.12
C ILE M 610 14.90 -25.61 11.74
N TYR M 611 14.00 -24.80 11.19
CA TYR M 611 13.82 -23.45 11.69
C TYR M 611 13.40 -23.49 13.15
N THR M 612 12.54 -24.46 13.51
CA THR M 612 12.06 -24.52 14.89
C THR M 612 13.25 -24.72 15.83
N LEU M 613 14.15 -25.63 15.45
CA LEU M 613 15.28 -25.91 16.34
C LEU M 613 16.14 -24.68 16.51
N ILE M 614 16.30 -23.90 15.43
CA ILE M 614 17.13 -22.71 15.52
C ILE M 614 16.51 -21.72 16.50
N GLU M 615 15.19 -21.53 16.44
CA GLU M 615 14.57 -20.65 17.42
C GLU M 615 14.55 -21.32 18.80
N GLU M 616 14.36 -22.64 18.86
CA GLU M 616 14.28 -23.29 20.17
C GLU M 616 15.62 -23.24 20.90
N SER M 617 16.71 -23.36 20.15
CA SER M 617 18.08 -23.35 20.65
C SER M 617 18.73 -22.03 20.24
N GLN M 618 20.07 -22.03 20.15
CA GLN M 618 20.86 -20.85 19.83
C GLN M 618 20.48 -19.66 20.71
N ASN M 619 20.01 -18.54 20.14
CA ASN M 619 19.83 -17.33 20.93
C ASN M 619 18.90 -17.52 22.12
N GLN M 620 17.87 -18.37 21.97
CA GLN M 620 16.89 -18.56 23.05
C GLN M 620 17.57 -19.03 24.32
N GLN M 621 18.68 -19.75 24.19
CA GLN M 621 19.50 -20.14 25.32
C GLN M 621 20.79 -19.35 25.39
N GLU M 622 21.35 -18.97 24.24
CA GLU M 622 22.65 -18.29 24.24
C GLU M 622 22.58 -16.96 24.95
N LYS M 623 21.46 -16.26 24.84
CA LYS M 623 21.27 -14.95 25.45
C LYS M 623 21.43 -15.02 26.97
#